data_7ZRV
#
_entry.id   7ZRV
#
_cell.length_a   1.00
_cell.length_b   1.00
_cell.length_c   1.00
_cell.angle_alpha   90.00
_cell.angle_beta   90.00
_cell.angle_gamma   90.00
#
_symmetry.space_group_name_H-M   'P 1'
#
loop_
_entity.id
_entity.type
_entity.pdbx_description
1 polymer 'Spike glycoprotein,Envelope glycoprotein'
2 polymer 'de novo designed binder'
3 branched 2-acetamido-2-deoxy-beta-D-glucopyranose-(1-4)-2-acetamido-2-deoxy-beta-D-glucopyranose
4 branched beta-D-mannopyranose-(1-4)-2-acetamido-2-deoxy-beta-D-glucopyranose-(1-4)-2-acetamido-2-deoxy-beta-D-glucopyranose
5 non-polymer 2-acetamido-2-deoxy-beta-D-glucopyranose
#
loop_
_entity_poly.entity_id
_entity_poly.type
_entity_poly.pdbx_seq_one_letter_code
_entity_poly.pdbx_strand_id
1 'polypeptide(L)'
;MFVFLVLLPLVSSQCVNLTTRTQLPPAYTNSFTRGVYYPDKVFRSSVLHSTQDLFLPFFSNVTWFHVISGTNGTKRFDNP
VLPFNDGVYFASIEKSNIIRGWIFGTTLDSKTQSLLIVNNATNVVIKVCEFQFCNDPFLDHKNNKSWMESEFRVYSSANN
CTFEYVSQPFLMDLEGKQGNFKNLREFVFKNIDGYFKIYSKHTPIIVREPEDLPQGFSALEPLVDLPIGINITRFQTLLA
LHRSYLTPGDSSSGWTAGAAAYYVGYLQPRTFLLKYNENGTITDAVDCALDPLSETKCTLKSFTVEKGIYQTSNFRVQPT
ESIVRFPNITNLCPFDEVFNATRFASVYAWNRKRISNCVADYSVLYNLAPFFTFKCYGVSPTKLNDLCFTNVYADSFVIR
GDEVRQIAPGQTGNIADYNYKLPDDFTGCVIAWNSNKLDSKVSGNYNYLYRLFRKSNLKPFERDISTEIYQAGNKPCNGV
AGFNCYFPLRSYSFRPTYGVGHQPYRVVVLSFELLHAPATVCGPKKSTNLVKNKCVNFNFNGLKGTGVLTESNKKFLPFQ
QFGRDIADTTDAVRDPQTLEILDITPCSFGGVSVITPGTNTSNQVAVLYQGVNCTEVPVAIHADQLTPTWRVYSTGSNVF
QTRAGCLIGAEYVNNSYECDIPIGAGICASYQTQTKSHGSASSVASQSIIAYTMSLGAENSVAYSNNSIAIPTNFTISVT
TEILPVSMTKTSVDCTMYICGDSTECSNLLLQYGSFCTQLKRALTGIAVEQDKNTQEVFAQVKQIYKTPPIKYFGGFNFS
QILPDPSKPSKRSFIEDLLFNKVTLADAGFIKQYGDCLGDIAARDLICAQKFKGLTVLPPLLTDEMIAQYTSALLAGTIT
SGWTFGAGAALQIPFAMQMAYRFNGIGVTQNVLYENQKLIANQFNSAIGKIQDSLSSTASALGKLQDVVNHNAQALNTLV
KQLSSKFGAISSVLNDIFSRLDPPEAEVQIDRLITGRLQSLQTYVTQQLIRAAEIRASANLAATKMSECVLGQSKRVDFC
GKGYHLMSFPQSAPHGVVFLHVTYVPAQEKNFTTAPAICHDGKAHFPREGVFVSNGTHWFVTQRNFYEPQIITTDNTFVS
GNCDVVIGIVNNTVYDPLQPELDSFKEELDKYFKNHTSPDVDLGDISGINASVVNIQKEIDRLNEVAKNLNESLIDLQEL
GKYEQGSGYIPEAPRDGQAYVRKDGEWVLLSTFLGRSLEVLFQGPGHHHHHHHHSAWSHPQFEKGGGSGGGGSGGSAWSH
PQFEK
;
A,B,C
2 'polypeptide(L)' ETGASSTNMLEALQQRLQFYHGQVARAALENNSGKARRFGRIVKQYEDAIKLYKAGKPVPYDELPVPPGFGGSENLYFQ E,F
#
# COMPACT_ATOMS: atom_id res chain seq x y z
N THR A 19 -5.53 -29.41 -66.77
CA THR A 19 -4.94 -29.14 -68.08
C THR A 19 -3.46 -28.79 -67.95
N THR A 20 -2.82 -28.50 -69.08
CA THR A 20 -1.42 -28.12 -69.09
C THR A 20 -1.24 -26.63 -68.84
N ARG A 21 -1.85 -26.14 -67.76
CA ARG A 21 -1.77 -24.71 -67.44
C ARG A 21 -0.35 -24.32 -67.07
N THR A 22 0.07 -23.15 -67.54
CA THR A 22 1.40 -22.62 -67.26
C THR A 22 1.37 -21.76 -66.00
N GLN A 23 2.39 -21.93 -65.16
CA GLN A 23 2.44 -21.21 -63.90
C GLN A 23 2.62 -19.71 -64.14
N LEU A 24 1.86 -18.92 -63.38
CA LEU A 24 1.92 -17.47 -63.47
C LEU A 24 2.66 -16.89 -62.28
N PRO A 25 3.43 -15.82 -62.47
CA PRO A 25 4.20 -15.25 -61.35
C PRO A 25 3.29 -14.57 -60.35
N PRO A 26 3.51 -14.80 -59.06
CA PRO A 26 2.71 -14.10 -58.05
C PRO A 26 2.98 -12.61 -58.05
N ALA A 27 1.96 -11.85 -57.70
CA ALA A 27 2.05 -10.40 -57.62
C ALA A 27 1.81 -9.95 -56.19
N TYR A 28 2.11 -8.67 -55.93
CA TYR A 28 1.98 -8.11 -54.59
C TYR A 28 1.34 -6.73 -54.68
N THR A 29 0.67 -6.34 -53.60
CA THR A 29 -0.02 -5.06 -53.54
C THR A 29 0.04 -4.55 -52.11
N ASN A 30 0.03 -3.22 -51.97
CA ASN A 30 0.02 -2.61 -50.64
C ASN A 30 -1.35 -2.78 -50.01
N SER A 31 -1.37 -3.25 -48.75
CA SER A 31 -2.63 -3.47 -48.06
C SER A 31 -3.32 -2.16 -47.68
N PHE A 32 -2.54 -1.10 -47.51
CA PHE A 32 -3.06 0.23 -47.13
C PHE A 32 -3.74 0.10 -45.76
N THR A 33 -4.70 0.99 -45.48
CA THR A 33 -5.40 0.98 -44.20
C THR A 33 -6.70 0.18 -44.30
N ARG A 34 -6.54 -1.10 -44.69
CA ARG A 34 -7.66 -2.00 -44.87
C ARG A 34 -7.46 -3.25 -44.03
N GLY A 35 -8.56 -3.91 -43.70
CA GLY A 35 -8.51 -5.15 -42.94
C GLY A 35 -8.71 -4.97 -41.46
N VAL A 36 -9.72 -4.19 -41.07
CA VAL A 36 -10.05 -3.95 -39.68
C VAL A 36 -11.49 -4.38 -39.44
N TYR A 37 -11.72 -5.04 -38.31
CA TYR A 37 -13.03 -5.58 -37.98
C TYR A 37 -13.33 -5.30 -36.51
N TYR A 38 -14.61 -5.30 -36.18
CA TYR A 38 -15.02 -5.12 -34.80
C TYR A 38 -14.58 -6.33 -33.98
N PRO A 39 -13.75 -6.16 -32.95
CA PRO A 39 -13.27 -7.32 -32.19
C PRO A 39 -14.28 -7.90 -31.23
N ASP A 40 -15.39 -7.22 -30.97
CA ASP A 40 -16.39 -7.71 -30.03
C ASP A 40 -17.74 -7.12 -30.38
N LYS A 41 -18.79 -7.73 -29.84
CA LYS A 41 -20.15 -7.28 -30.07
C LYS A 41 -20.52 -6.04 -29.27
N VAL A 42 -19.66 -5.61 -28.34
CA VAL A 42 -20.00 -4.51 -27.45
C VAL A 42 -19.95 -3.19 -28.21
N PHE A 43 -20.93 -2.34 -27.95
CA PHE A 43 -21.04 -1.05 -28.64
C PHE A 43 -20.26 0.02 -27.88
N ARG A 44 -19.40 0.74 -28.60
CA ARG A 44 -18.63 1.86 -28.06
C ARG A 44 -18.82 3.07 -28.96
N SER A 45 -18.97 4.24 -28.35
CA SER A 45 -19.20 5.47 -29.07
C SER A 45 -18.28 6.58 -28.57
N SER A 46 -17.68 7.31 -29.51
CA SER A 46 -16.86 8.49 -29.21
C SER A 46 -15.73 8.16 -28.24
N VAL A 47 -15.11 6.99 -28.42
CA VAL A 47 -14.01 6.56 -27.58
C VAL A 47 -12.89 6.04 -28.47
N LEU A 48 -11.66 6.14 -27.97
CA LEU A 48 -10.48 5.63 -28.67
C LEU A 48 -10.04 4.36 -27.96
N HIS A 49 -10.59 3.23 -28.38
CA HIS A 49 -10.33 1.95 -27.74
C HIS A 49 -9.13 1.26 -28.39
N SER A 50 -8.32 0.62 -27.55
CA SER A 50 -7.16 -0.14 -28.01
C SER A 50 -7.41 -1.62 -27.75
N THR A 51 -7.21 -2.45 -28.77
CA THR A 51 -7.47 -3.87 -28.69
C THR A 51 -6.24 -4.65 -29.13
N GLN A 52 -6.06 -5.83 -28.54
CA GLN A 52 -4.98 -6.75 -28.88
C GLN A 52 -5.63 -8.01 -29.44
N ASP A 53 -5.56 -8.17 -30.76
CA ASP A 53 -6.19 -9.30 -31.43
C ASP A 53 -5.52 -9.50 -32.78
N LEU A 54 -5.95 -10.54 -33.49
CA LEU A 54 -5.45 -10.79 -34.84
C LEU A 54 -5.89 -9.67 -35.77
N PHE A 55 -4.93 -9.10 -36.51
CA PHE A 55 -5.22 -7.98 -37.38
C PHE A 55 -4.27 -7.99 -38.57
N LEU A 56 -4.67 -7.32 -39.64
CA LEU A 56 -3.84 -7.17 -40.82
C LEU A 56 -2.98 -5.93 -40.70
N PRO A 57 -1.65 -6.06 -40.72
CA PRO A 57 -0.80 -4.88 -40.58
C PRO A 57 -1.02 -3.89 -41.73
N PHE A 58 -0.96 -2.60 -41.41
CA PHE A 58 -1.12 -1.58 -42.42
C PHE A 58 0.05 -1.59 -43.39
N PHE A 59 -0.24 -1.35 -44.67
CA PHE A 59 0.76 -1.31 -45.73
C PHE A 59 1.57 -2.60 -45.76
N SER A 60 0.86 -3.71 -45.99
CA SER A 60 1.46 -5.03 -46.06
C SER A 60 1.28 -5.61 -47.45
N ASN A 61 2.23 -6.44 -47.86
CA ASN A 61 2.14 -7.07 -49.17
C ASN A 61 1.02 -8.10 -49.18
N VAL A 62 0.15 -8.01 -50.18
CA VAL A 62 -0.95 -8.95 -50.35
C VAL A 62 -0.93 -9.47 -51.77
N THR A 63 -1.26 -10.74 -51.95
CA THR A 63 -1.22 -11.35 -53.26
C THR A 63 -2.30 -10.75 -54.16
N TRP A 64 -2.03 -10.77 -55.47
CA TRP A 64 -2.88 -10.12 -56.46
C TRP A 64 -3.35 -11.11 -57.50
N PHE A 65 -3.88 -12.25 -57.05
CA PHE A 65 -4.39 -13.25 -57.98
C PHE A 65 -5.49 -12.65 -58.85
N HIS A 66 -5.37 -12.87 -60.16
CA HIS A 66 -6.32 -12.37 -61.14
C HIS A 66 -6.72 -13.50 -62.06
N VAL A 67 -8.02 -13.76 -62.17
CA VAL A 67 -8.55 -14.85 -62.99
C VAL A 67 -9.15 -14.27 -64.26
N ILE A 68 -8.76 -14.84 -65.40
CA ILE A 68 -9.25 -14.40 -66.70
C ILE A 68 -9.04 -15.54 -67.68
N SER A 69 -9.76 -15.50 -68.80
CA SER A 69 -9.59 -16.52 -69.83
C SER A 69 -8.28 -16.28 -70.57
N GLY A 70 -7.22 -16.94 -70.13
CA GLY A 70 -5.92 -16.74 -70.76
C GLY A 70 -5.87 -17.33 -72.14
N THR A 71 -5.00 -16.76 -72.97
CA THR A 71 -4.77 -17.21 -74.36
C THR A 71 -6.08 -17.21 -75.16
N ASN A 72 -7.04 -16.39 -74.73
CA ASN A 72 -8.34 -16.26 -75.40
C ASN A 72 -9.04 -17.61 -75.53
N GLY A 73 -9.13 -18.32 -74.41
CA GLY A 73 -9.84 -19.59 -74.40
C GLY A 73 -9.13 -20.74 -73.71
N THR A 74 -8.04 -20.45 -72.99
CA THR A 74 -7.30 -21.45 -72.24
C THR A 74 -7.57 -21.27 -70.75
N LYS A 75 -7.89 -22.37 -70.08
CA LYS A 75 -8.21 -22.32 -68.66
C LYS A 75 -7.00 -21.87 -67.86
N ARG A 76 -7.24 -21.03 -66.86
CA ARG A 76 -6.20 -20.54 -65.95
C ARG A 76 -6.50 -21.09 -64.55
N PHE A 77 -5.64 -21.98 -64.08
CA PHE A 77 -5.82 -22.63 -62.78
C PHE A 77 -5.03 -21.87 -61.71
N ASP A 78 -5.45 -20.63 -61.48
CA ASP A 78 -4.83 -19.78 -60.47
C ASP A 78 -5.58 -19.92 -59.13
N ASN A 79 -5.67 -21.17 -58.68
CA ASN A 79 -6.32 -21.52 -57.42
C ASN A 79 -5.38 -22.38 -56.60
N PRO A 80 -4.31 -21.80 -56.07
CA PRO A 80 -3.33 -22.60 -55.34
C PRO A 80 -3.79 -22.88 -53.91
N VAL A 81 -3.10 -23.82 -53.27
CA VAL A 81 -3.40 -24.21 -51.90
C VAL A 81 -2.63 -23.26 -50.98
N LEU A 82 -3.24 -22.11 -50.71
CA LEU A 82 -2.62 -21.10 -49.88
C LEU A 82 -2.69 -21.52 -48.42
N PRO A 83 -1.56 -21.59 -47.71
CA PRO A 83 -1.60 -21.96 -46.30
C PRO A 83 -2.42 -20.98 -45.48
N PHE A 84 -3.21 -21.50 -44.54
CA PHE A 84 -4.09 -20.67 -43.74
C PHE A 84 -3.35 -19.92 -42.63
N ASN A 85 -2.36 -20.58 -42.00
CA ASN A 85 -1.62 -20.00 -40.88
C ASN A 85 -2.56 -19.54 -39.77
N ASP A 86 -2.76 -18.23 -39.66
CA ASP A 86 -3.60 -17.67 -38.60
C ASP A 86 -4.82 -16.92 -39.10
N GLY A 87 -4.94 -16.68 -40.40
CA GLY A 87 -6.08 -15.99 -40.95
C GLY A 87 -5.77 -15.41 -42.31
N VAL A 88 -6.84 -14.99 -42.99
CA VAL A 88 -6.75 -14.44 -44.33
C VAL A 88 -7.57 -13.16 -44.41
N TYR A 89 -7.32 -12.40 -45.47
CA TYR A 89 -8.03 -11.16 -45.77
C TYR A 89 -8.58 -11.22 -47.19
N PHE A 90 -9.31 -12.29 -47.50
CA PHE A 90 -9.86 -12.44 -48.84
C PHE A 90 -10.75 -11.25 -49.18
N ALA A 91 -10.50 -10.66 -50.35
CA ALA A 91 -11.25 -9.51 -50.82
C ALA A 91 -11.21 -9.51 -52.34
N SER A 92 -12.15 -8.77 -52.94
CA SER A 92 -12.26 -8.77 -54.39
C SER A 92 -12.90 -7.46 -54.86
N ILE A 93 -12.78 -7.20 -56.16
CA ILE A 93 -13.41 -6.06 -56.81
C ILE A 93 -14.41 -6.68 -57.78
N GLU A 94 -15.00 -7.79 -57.37
CA GLU A 94 -15.85 -8.60 -58.24
C GLU A 94 -17.06 -7.82 -58.71
N LYS A 95 -17.42 -8.03 -59.98
CA LYS A 95 -18.57 -7.36 -60.60
C LYS A 95 -19.83 -8.24 -60.52
N SER A 96 -19.76 -9.44 -61.10
CA SER A 96 -20.87 -10.37 -61.10
C SER A 96 -20.46 -11.66 -60.40
N ASN A 97 -21.45 -12.48 -60.08
CA ASN A 97 -21.19 -13.68 -59.29
C ASN A 97 -20.40 -14.76 -60.04
N ILE A 98 -19.08 -14.67 -59.95
CA ILE A 98 -18.19 -15.63 -60.60
C ILE A 98 -17.27 -16.24 -59.55
N ILE A 99 -17.09 -15.52 -58.44
CA ILE A 99 -16.23 -15.99 -57.35
C ILE A 99 -17.09 -16.69 -56.31
N ARG A 100 -16.73 -17.93 -55.99
CA ARG A 100 -17.44 -18.73 -55.01
C ARG A 100 -16.47 -19.70 -54.37
N GLY A 101 -16.83 -20.20 -53.19
CA GLY A 101 -16.08 -21.25 -52.56
C GLY A 101 -14.89 -20.78 -51.73
N TRP A 102 -14.84 -21.24 -50.48
CA TRP A 102 -13.73 -20.95 -49.58
C TRP A 102 -13.33 -22.23 -48.87
N ILE A 103 -13.19 -23.31 -49.65
CA ILE A 103 -12.92 -24.62 -49.07
C ILE A 103 -11.58 -24.63 -48.35
N PHE A 104 -11.55 -25.29 -47.19
CA PHE A 104 -10.35 -25.43 -46.38
C PHE A 104 -9.97 -26.91 -46.29
N GLY A 105 -8.80 -27.17 -45.73
CA GLY A 105 -8.35 -28.54 -45.56
C GLY A 105 -6.95 -28.65 -44.98
N THR A 106 -6.79 -29.57 -44.02
CA THR A 106 -5.46 -29.80 -43.45
C THR A 106 -4.53 -30.46 -44.46
N THR A 107 -5.01 -31.53 -45.11
CA THR A 107 -4.24 -32.22 -46.14
C THR A 107 -4.97 -32.28 -47.48
N LEU A 108 -6.24 -31.91 -47.54
CA LEU A 108 -7.03 -31.87 -48.77
C LEU A 108 -7.06 -33.25 -49.44
N ASP A 109 -7.62 -34.22 -48.71
CA ASP A 109 -7.88 -35.55 -49.26
C ASP A 109 -9.19 -36.06 -48.67
N SER A 110 -9.51 -37.32 -49.00
CA SER A 110 -10.73 -37.92 -48.47
C SER A 110 -10.66 -38.09 -46.96
N LYS A 111 -9.48 -38.46 -46.45
CA LYS A 111 -9.35 -38.76 -45.02
C LYS A 111 -9.59 -37.53 -44.15
N THR A 112 -9.09 -36.37 -44.57
CA THR A 112 -9.13 -35.18 -43.74
C THR A 112 -10.49 -34.51 -43.81
N GLN A 113 -11.06 -34.21 -42.64
CA GLN A 113 -12.28 -33.43 -42.56
C GLN A 113 -12.03 -32.00 -43.06
N SER A 114 -12.95 -31.48 -43.86
CA SER A 114 -12.73 -30.23 -44.56
C SER A 114 -14.01 -29.39 -44.57
N LEU A 115 -13.83 -28.08 -44.73
CA LEU A 115 -14.92 -27.14 -44.83
C LEU A 115 -15.47 -27.09 -46.25
N LEU A 116 -16.57 -26.35 -46.41
CA LEU A 116 -17.17 -26.16 -47.73
C LEU A 116 -18.16 -25.00 -47.63
N ILE A 117 -18.01 -24.00 -48.49
CA ILE A 117 -18.89 -22.83 -48.52
C ILE A 117 -19.22 -22.54 -49.98
N VAL A 118 -20.35 -23.07 -50.45
CA VAL A 118 -20.87 -22.73 -51.77
C VAL A 118 -21.73 -21.48 -51.68
N ASN A 119 -22.09 -20.90 -52.82
CA ASN A 119 -23.01 -19.78 -52.90
C ASN A 119 -24.05 -20.01 -53.99
N ASN A 120 -24.66 -21.20 -53.99
CA ASN A 120 -25.63 -21.54 -55.03
C ASN A 120 -26.85 -20.63 -54.93
N ALA A 121 -27.01 -19.76 -55.93
CA ALA A 121 -28.10 -18.79 -55.98
C ALA A 121 -28.16 -17.96 -54.70
N THR A 122 -29.02 -18.34 -53.76
CA THR A 122 -29.23 -17.60 -52.52
C THR A 122 -29.18 -18.53 -51.31
N ASN A 123 -28.16 -19.39 -51.26
CA ASN A 123 -27.97 -20.28 -50.12
C ASN A 123 -26.48 -20.50 -49.90
N VAL A 124 -26.04 -20.29 -48.65
CA VAL A 124 -24.64 -20.53 -48.32
C VAL A 124 -24.34 -22.02 -48.29
N VAL A 125 -25.21 -22.81 -47.67
CA VAL A 125 -25.05 -24.25 -47.54
C VAL A 125 -23.65 -24.55 -46.98
N ILE A 126 -23.43 -24.22 -45.72
CA ILE A 126 -22.15 -24.50 -45.08
C ILE A 126 -22.08 -25.98 -44.76
N LYS A 127 -21.07 -26.66 -45.29
CA LYS A 127 -20.94 -28.10 -45.20
C LYS A 127 -19.58 -28.47 -44.63
N VAL A 128 -19.58 -29.30 -43.60
CA VAL A 128 -18.35 -29.77 -42.97
C VAL A 128 -18.37 -31.29 -43.07
N CYS A 129 -17.78 -31.83 -44.13
CA CYS A 129 -17.78 -33.26 -44.38
C CYS A 129 -16.44 -33.66 -44.98
N GLU A 130 -16.07 -34.92 -44.80
CA GLU A 130 -14.81 -35.43 -45.32
C GLU A 130 -15.06 -36.23 -46.60
N PHE A 131 -14.34 -35.88 -47.66
CA PHE A 131 -14.58 -36.47 -48.97
C PHE A 131 -13.40 -36.13 -49.89
N GLN A 132 -13.40 -36.77 -51.05
CA GLN A 132 -12.39 -36.50 -52.07
C GLN A 132 -12.70 -35.20 -52.80
N PHE A 133 -11.64 -34.54 -53.27
CA PHE A 133 -11.75 -33.29 -54.01
C PHE A 133 -11.26 -33.48 -55.44
N CYS A 134 -11.92 -32.82 -56.37
CA CYS A 134 -11.51 -32.89 -57.77
C CYS A 134 -10.18 -32.17 -57.97
N ASN A 135 -9.51 -32.50 -59.08
CA ASN A 135 -8.23 -31.87 -59.38
C ASN A 135 -8.38 -30.37 -59.59
N ASP A 136 -9.42 -29.96 -60.31
CA ASP A 136 -9.70 -28.55 -60.57
C ASP A 136 -11.16 -28.28 -60.25
N PRO A 137 -11.51 -28.17 -58.96
CA PRO A 137 -12.90 -27.88 -58.59
C PRO A 137 -13.35 -26.53 -59.13
N PHE A 138 -14.61 -26.48 -59.57
CA PHE A 138 -15.18 -25.26 -60.09
C PHE A 138 -16.70 -25.36 -60.04
N LEU A 139 -17.35 -24.20 -60.10
CA LEU A 139 -18.80 -24.10 -60.13
C LEU A 139 -19.24 -23.60 -61.50
N ASP A 140 -20.53 -23.78 -61.79
CA ASP A 140 -21.14 -23.34 -63.04
C ASP A 140 -22.07 -22.16 -62.73
N HIS A 141 -21.74 -21.00 -63.29
CA HIS A 141 -22.55 -19.81 -63.03
C HIS A 141 -23.90 -19.90 -63.73
N LYS A 142 -23.94 -20.47 -64.93
CA LYS A 142 -25.19 -20.64 -65.65
C LYS A 142 -25.90 -21.91 -65.20
N ASN A 143 -27.21 -21.82 -65.01
CA ASN A 143 -28.00 -22.98 -64.64
C ASN A 143 -27.98 -24.02 -65.75
N ASN A 144 -27.89 -25.29 -65.36
CA ASN A 144 -27.88 -26.38 -66.33
C ASN A 144 -29.23 -26.48 -67.04
N LYS A 145 -29.18 -26.72 -68.34
CA LYS A 145 -30.40 -26.82 -69.13
C LYS A 145 -31.16 -28.09 -68.79
N SER A 146 -32.49 -28.00 -68.85
CA SER A 146 -33.39 -29.11 -68.55
C SER A 146 -33.12 -29.70 -67.18
N MET A 148 -29.75 -32.68 -61.05
CA MET A 148 -30.18 -31.94 -62.23
C MET A 148 -29.09 -31.00 -62.70
N GLU A 149 -28.33 -30.45 -61.74
CA GLU A 149 -27.26 -29.51 -62.02
C GLU A 149 -25.91 -30.19 -61.87
N SER A 150 -24.99 -29.86 -62.77
CA SER A 150 -23.63 -30.40 -62.74
C SER A 150 -22.69 -29.54 -61.91
N GLU A 151 -23.22 -28.60 -61.13
CA GLU A 151 -22.39 -27.72 -60.31
C GLU A 151 -21.68 -28.45 -59.18
N PHE A 152 -22.06 -29.68 -58.88
CA PHE A 152 -21.46 -30.45 -57.79
C PHE A 152 -20.19 -31.18 -58.23
N ARG A 153 -19.55 -30.74 -59.31
CA ARG A 153 -18.34 -31.39 -59.82
C ARG A 153 -17.13 -31.15 -58.93
N VAL A 154 -17.22 -30.28 -57.93
CA VAL A 154 -16.08 -29.99 -57.07
C VAL A 154 -15.69 -31.22 -56.26
N TYR A 155 -16.67 -32.01 -55.83
CA TYR A 155 -16.42 -33.18 -55.02
C TYR A 155 -17.33 -34.32 -55.48
N SER A 156 -16.91 -35.55 -55.16
CA SER A 156 -17.67 -36.72 -55.57
C SER A 156 -18.91 -36.92 -54.70
N SER A 157 -18.70 -37.16 -53.40
CA SER A 157 -19.80 -37.37 -52.46
C SER A 157 -19.26 -37.33 -51.05
N ALA A 158 -20.01 -36.70 -50.15
CA ALA A 158 -19.63 -36.64 -48.75
C ALA A 158 -19.79 -38.00 -48.09
N ASN A 159 -18.82 -38.36 -47.24
CA ASN A 159 -18.78 -39.68 -46.63
C ASN A 159 -19.30 -39.67 -45.18
N ASN A 160 -18.66 -38.89 -44.32
CA ASN A 160 -19.07 -38.76 -42.91
C ASN A 160 -19.25 -37.28 -42.63
N CYS A 161 -20.48 -36.88 -42.36
CA CYS A 161 -20.82 -35.47 -42.21
C CYS A 161 -21.02 -35.13 -40.75
N THR A 162 -20.36 -34.06 -40.30
CA THR A 162 -20.41 -33.62 -38.91
C THR A 162 -21.31 -32.41 -38.71
N PHE A 163 -21.23 -31.41 -39.58
CA PHE A 163 -21.99 -30.18 -39.41
C PHE A 163 -22.58 -29.75 -40.74
N GLU A 164 -23.77 -29.13 -40.67
CA GLU A 164 -24.43 -28.56 -41.84
C GLU A 164 -25.05 -27.23 -41.43
N TYR A 165 -25.16 -26.32 -42.40
CA TYR A 165 -25.73 -25.00 -42.14
C TYR A 165 -26.17 -24.40 -43.45
N VAL A 166 -27.45 -24.07 -43.56
CA VAL A 166 -28.01 -23.39 -44.73
C VAL A 166 -28.68 -22.11 -44.25
N SER A 167 -28.44 -21.01 -44.97
CA SER A 167 -28.98 -19.72 -44.59
C SER A 167 -29.01 -18.83 -45.83
N GLN A 168 -29.25 -17.54 -45.62
CA GLN A 168 -29.23 -16.58 -46.71
C GLN A 168 -27.81 -16.43 -47.24
N PRO A 169 -27.66 -16.02 -48.51
CA PRO A 169 -26.32 -15.90 -49.08
C PRO A 169 -25.47 -14.89 -48.33
N PHE A 170 -24.17 -15.15 -48.27
CA PHE A 170 -23.26 -14.28 -47.54
C PHE A 170 -23.17 -12.89 -48.16
N LEU A 171 -23.59 -12.74 -49.41
CA LEU A 171 -23.56 -11.45 -50.09
C LEU A 171 -24.98 -10.97 -50.34
N MET A 172 -25.25 -9.71 -50.00
CA MET A 172 -26.51 -9.06 -50.32
C MET A 172 -26.35 -8.01 -51.41
N ASP A 173 -25.21 -7.99 -52.08
CA ASP A 173 -24.96 -6.99 -53.11
C ASP A 173 -25.87 -7.20 -54.31
N LEU A 174 -26.35 -6.09 -54.86
CA LEU A 174 -27.19 -6.16 -56.06
C LEU A 174 -26.33 -6.47 -57.28
N GLU A 175 -26.97 -7.04 -58.29
CA GLU A 175 -26.29 -7.41 -59.53
C GLU A 175 -25.86 -6.13 -60.26
N GLY A 176 -24.84 -6.27 -61.12
CA GLY A 176 -24.22 -5.12 -61.72
C GLY A 176 -25.15 -4.28 -62.58
N LYS A 177 -26.21 -4.89 -63.10
CA LYS A 177 -27.21 -4.21 -63.94
C LYS A 177 -26.49 -3.66 -65.18
N GLN A 178 -26.61 -2.36 -65.49
CA GLN A 178 -25.92 -1.82 -66.66
C GLN A 178 -24.41 -1.90 -66.50
N GLY A 179 -23.90 -1.61 -65.31
CA GLY A 179 -22.48 -1.70 -65.05
C GLY A 179 -21.92 -0.49 -64.34
N ASN A 180 -20.65 -0.17 -64.60
CA ASN A 180 -19.91 0.97 -64.08
C ASN A 180 -19.64 0.87 -62.58
N PHE A 181 -20.13 -0.15 -61.89
CA PHE A 181 -19.92 -0.32 -60.47
C PHE A 181 -19.68 -1.78 -60.16
N LYS A 182 -18.70 -2.05 -59.31
CA LYS A 182 -18.35 -3.40 -58.88
C LYS A 182 -18.28 -3.46 -57.36
N ASN A 183 -18.61 -4.62 -56.82
CA ASN A 183 -18.60 -4.82 -55.38
C ASN A 183 -17.17 -4.94 -54.87
N LEU A 184 -17.01 -4.72 -53.56
CA LEU A 184 -15.72 -4.82 -52.88
C LEU A 184 -15.86 -5.73 -51.66
N ARG A 185 -16.42 -6.91 -51.88
CA ARG A 185 -16.63 -7.87 -50.82
C ARG A 185 -15.31 -8.24 -50.14
N GLU A 186 -15.15 -7.83 -48.88
CA GLU A 186 -13.95 -8.10 -48.10
C GLU A 186 -14.30 -9.07 -46.97
N PHE A 187 -13.50 -10.12 -46.84
CA PHE A 187 -13.77 -11.16 -45.85
C PHE A 187 -12.51 -11.45 -45.04
N VAL A 188 -12.69 -11.60 -43.73
CA VAL A 188 -11.62 -11.98 -42.82
C VAL A 188 -12.03 -13.28 -42.14
N PHE A 189 -11.21 -14.31 -42.30
CA PHE A 189 -11.49 -15.63 -41.74
C PHE A 189 -10.54 -15.87 -40.58
N LYS A 190 -11.09 -16.15 -39.40
CA LYS A 190 -10.31 -16.39 -38.20
C LYS A 190 -10.70 -17.72 -37.61
N ASN A 191 -9.71 -18.56 -37.30
CA ASN A 191 -9.92 -19.89 -36.75
C ASN A 191 -9.10 -20.02 -35.47
N ILE A 192 -9.75 -19.83 -34.33
CA ILE A 192 -9.11 -19.97 -33.02
C ILE A 192 -9.99 -20.85 -32.15
N ASP A 193 -9.36 -21.40 -31.10
CA ASP A 193 -9.97 -22.18 -30.01
C ASP A 193 -11.15 -23.02 -30.46
N GLY A 194 -10.97 -23.75 -31.57
CA GLY A 194 -12.05 -24.57 -32.11
C GLY A 194 -13.25 -23.79 -32.57
N TYR A 195 -13.04 -22.58 -33.10
CA TYR A 195 -14.13 -21.75 -33.58
C TYR A 195 -13.73 -21.11 -34.89
N PHE A 196 -14.72 -20.71 -35.68
CA PHE A 196 -14.50 -20.05 -36.95
C PHE A 196 -15.42 -18.83 -37.03
N LYS A 197 -14.88 -17.69 -37.47
CA LYS A 197 -15.62 -16.45 -37.50
C LYS A 197 -15.50 -15.80 -38.87
N ILE A 198 -16.55 -15.07 -39.26
CA ILE A 198 -16.66 -14.48 -40.58
C ILE A 198 -17.00 -13.00 -40.42
N TYR A 199 -16.30 -12.14 -41.14
CA TYR A 199 -16.59 -10.71 -41.20
C TYR A 199 -16.67 -10.28 -42.65
N SER A 200 -17.54 -9.30 -42.93
CA SER A 200 -17.74 -8.87 -44.30
C SER A 200 -18.14 -7.40 -44.34
N LYS A 201 -17.94 -6.79 -45.50
CA LYS A 201 -18.37 -5.43 -45.80
C LYS A 201 -18.21 -5.20 -47.30
N HIS A 202 -19.21 -4.55 -47.91
CA HIS A 202 -19.22 -4.31 -49.33
C HIS A 202 -19.41 -2.83 -49.61
N THR A 203 -18.85 -2.38 -50.75
CA THR A 203 -18.95 -0.99 -51.17
C THR A 203 -18.55 -0.91 -52.63
N PRO A 204 -19.12 0.02 -53.40
CA PRO A 204 -18.73 0.19 -54.80
C PRO A 204 -17.39 0.91 -54.92
N ILE A 205 -16.83 0.86 -56.12
CA ILE A 205 -15.57 1.50 -56.45
C ILE A 205 -15.77 2.39 -57.67
N ILE A 206 -15.19 3.59 -57.64
CA ILE A 206 -15.37 4.56 -58.70
C ILE A 206 -14.40 4.30 -59.84
N VAL A 207 -13.10 4.39 -59.56
CA VAL A 207 -12.05 4.25 -60.56
C VAL A 207 -11.19 3.05 -60.23
N ARG A 208 -10.83 2.27 -61.25
CA ARG A 208 -10.10 1.03 -61.07
C ARG A 208 -8.94 0.88 -62.05
N GLU A 209 -8.39 1.99 -62.53
CA GLU A 209 -7.29 1.90 -63.49
C GLU A 209 -6.05 1.20 -62.93
N PRO A 210 -5.61 1.41 -61.68
CA PRO A 210 -4.48 0.61 -61.18
C PRO A 210 -4.86 -0.80 -60.76
N GLU A 211 -6.16 -1.09 -60.61
CA GLU A 211 -6.64 -2.38 -60.09
C GLU A 211 -5.99 -2.68 -58.74
N ASP A 212 -6.15 -1.74 -57.81
CA ASP A 212 -5.60 -1.86 -56.47
C ASP A 212 -6.65 -1.48 -55.45
N LEU A 213 -6.44 -1.92 -54.21
CA LEU A 213 -7.38 -1.64 -53.14
C LEU A 213 -7.41 -0.14 -52.87
N PRO A 214 -8.59 0.47 -52.74
CA PRO A 214 -8.67 1.91 -52.52
C PRO A 214 -8.08 2.32 -51.18
N GLN A 215 -7.57 3.54 -51.12
CA GLN A 215 -6.99 4.09 -49.90
C GLN A 215 -8.12 4.68 -49.04
N GLY A 216 -8.95 3.78 -48.53
CA GLY A 216 -10.08 4.18 -47.70
C GLY A 216 -10.24 3.23 -46.52
N PHE A 217 -11.00 3.68 -45.55
CA PHE A 217 -11.24 2.93 -44.33
C PHE A 217 -12.58 2.23 -44.40
N SER A 218 -12.59 0.94 -44.08
CA SER A 218 -13.80 0.14 -44.09
C SER A 218 -13.80 -0.79 -42.88
N ALA A 219 -14.94 -0.87 -42.21
CA ALA A 219 -15.09 -1.68 -41.01
C ALA A 219 -15.83 -2.96 -41.35
N LEU A 220 -15.31 -4.09 -40.87
CA LEU A 220 -15.89 -5.40 -41.14
C LEU A 220 -16.69 -5.88 -39.94
N GLU A 221 -17.95 -6.26 -40.18
CA GLU A 221 -18.83 -6.70 -39.10
C GLU A 221 -19.02 -8.20 -39.14
N PRO A 222 -19.13 -8.84 -37.97
CA PRO A 222 -19.38 -10.29 -37.93
C PRO A 222 -20.75 -10.62 -38.49
N LEU A 223 -20.86 -11.82 -39.07
CA LEU A 223 -22.14 -12.31 -39.58
C LEU A 223 -22.47 -13.74 -39.19
N VAL A 224 -21.48 -14.57 -38.85
CA VAL A 224 -21.74 -15.92 -38.35
C VAL A 224 -20.49 -16.39 -37.62
N ASP A 225 -20.69 -17.28 -36.65
CA ASP A 225 -19.59 -17.96 -35.96
C ASP A 225 -19.79 -19.46 -36.10
N LEU A 226 -18.74 -20.16 -36.51
CA LEU A 226 -18.80 -21.60 -36.71
C LEU A 226 -18.09 -22.30 -35.56
N PRO A 227 -18.78 -23.16 -34.81
CA PRO A 227 -18.15 -23.79 -33.63
C PRO A 227 -17.37 -25.04 -33.96
N ILE A 228 -17.04 -25.24 -35.23
CA ILE A 228 -16.36 -26.46 -35.65
C ILE A 228 -14.91 -26.40 -35.19
N GLY A 229 -14.52 -27.37 -34.36
CA GLY A 229 -13.15 -27.48 -33.88
C GLY A 229 -12.29 -28.34 -34.76
N ILE A 230 -11.96 -27.86 -35.96
CA ILE A 230 -11.23 -28.63 -36.95
C ILE A 230 -9.86 -27.99 -37.18
N ASN A 231 -8.87 -28.84 -37.45
CA ASN A 231 -7.53 -28.38 -37.80
C ASN A 231 -7.52 -27.89 -39.25
N ILE A 232 -7.15 -26.63 -39.45
CA ILE A 232 -7.08 -26.02 -40.78
C ILE A 232 -5.66 -25.49 -40.97
N THR A 233 -5.04 -25.89 -42.08
CA THR A 233 -3.70 -25.42 -42.41
C THR A 233 -3.57 -24.88 -43.83
N ARG A 234 -4.52 -25.16 -44.71
CA ARG A 234 -4.47 -24.69 -46.09
C ARG A 234 -5.81 -24.10 -46.49
N PHE A 235 -5.77 -23.13 -47.40
CA PHE A 235 -6.95 -22.41 -47.85
C PHE A 235 -7.01 -22.47 -49.38
N GLN A 236 -8.18 -22.80 -49.91
CA GLN A 236 -8.40 -22.92 -51.34
C GLN A 236 -9.67 -22.19 -51.73
N THR A 237 -9.63 -21.51 -52.88
CA THR A 237 -10.78 -20.80 -53.42
C THR A 237 -11.20 -21.43 -54.74
N LEU A 238 -12.44 -21.18 -55.12
CA LEU A 238 -13.03 -21.76 -56.32
C LEU A 238 -13.55 -20.66 -57.24
N LEU A 239 -13.97 -21.05 -58.44
CA LEU A 239 -14.55 -20.16 -59.41
C LEU A 239 -15.87 -20.74 -59.92
N ALA A 240 -16.72 -19.85 -60.45
CA ALA A 240 -18.04 -20.23 -60.96
C ALA A 240 -18.08 -19.91 -62.45
N LEU A 241 -17.74 -20.89 -63.28
CA LEU A 241 -17.80 -20.75 -64.72
C LEU A 241 -18.51 -21.96 -65.31
N HIS A 242 -19.51 -21.71 -66.15
CA HIS A 242 -20.34 -22.80 -66.68
C HIS A 242 -19.69 -23.44 -67.89
N ARG A 243 -19.51 -22.68 -68.97
CA ARG A 243 -19.01 -23.23 -70.22
C ARG A 243 -18.52 -22.07 -71.09
N SER A 244 -17.73 -22.41 -72.10
CA SER A 244 -17.24 -21.40 -73.04
C SER A 244 -18.39 -20.74 -73.77
N TYR A 245 -18.28 -19.43 -73.96
CA TYR A 245 -19.33 -18.65 -74.60
C TYR A 245 -18.76 -17.64 -75.58
N SER A 253 -12.65 -22.00 -76.01
CA SER A 253 -13.02 -23.41 -75.94
C SER A 253 -12.87 -23.94 -74.52
N GLY A 254 -13.41 -25.13 -74.27
CA GLY A 254 -13.34 -25.71 -72.94
C GLY A 254 -14.15 -24.90 -71.95
N TRP A 255 -13.53 -24.53 -70.85
CA TRP A 255 -14.16 -23.75 -69.79
C TRP A 255 -13.50 -22.38 -69.74
N THR A 256 -14.30 -21.33 -69.86
CA THR A 256 -13.79 -19.96 -69.82
C THR A 256 -14.67 -19.12 -68.90
N ALA A 257 -14.09 -18.04 -68.39
CA ALA A 257 -14.79 -17.11 -67.52
C ALA A 257 -14.45 -15.69 -67.94
N GLY A 258 -14.89 -14.72 -67.16
CA GLY A 258 -14.64 -13.32 -67.43
C GLY A 258 -13.37 -12.83 -66.77
N ALA A 259 -13.33 -11.52 -66.53
CA ALA A 259 -12.19 -10.86 -65.91
C ALA A 259 -12.51 -10.58 -64.44
N ALA A 260 -11.66 -11.07 -63.55
CA ALA A 260 -11.86 -10.90 -62.12
C ALA A 260 -10.53 -11.02 -61.41
N ALA A 261 -10.49 -10.50 -60.19
CA ALA A 261 -9.28 -10.54 -59.38
C ALA A 261 -9.67 -10.51 -57.90
N TYR A 262 -8.92 -11.26 -57.09
CA TYR A 262 -9.13 -11.28 -55.65
C TYR A 262 -7.79 -11.15 -54.95
N TYR A 263 -7.83 -10.58 -53.74
CA TYR A 263 -6.65 -10.36 -52.93
C TYR A 263 -6.75 -11.17 -51.64
N VAL A 264 -5.60 -11.66 -51.17
CA VAL A 264 -5.52 -12.38 -49.91
C VAL A 264 -4.44 -11.75 -49.05
N GLY A 265 -4.74 -11.55 -47.77
CA GLY A 265 -3.78 -10.96 -46.84
C GLY A 265 -3.66 -11.78 -45.59
N TYR A 266 -2.43 -12.17 -45.25
CA TYR A 266 -2.22 -13.05 -44.10
C TYR A 266 -2.37 -12.26 -42.80
N LEU A 267 -2.65 -13.00 -41.73
CA LEU A 267 -3.05 -12.41 -40.47
C LEU A 267 -2.05 -12.79 -39.38
N GLN A 268 -1.63 -11.81 -38.59
CA GLN A 268 -0.70 -12.01 -37.49
C GLN A 268 -1.16 -11.20 -36.30
N PRO A 269 -0.82 -11.62 -35.07
CA PRO A 269 -1.24 -10.86 -33.89
C PRO A 269 -0.68 -9.45 -33.90
N ARG A 270 -1.51 -8.50 -33.47
CA ARG A 270 -1.16 -7.09 -33.50
C ARG A 270 -1.96 -6.36 -32.43
N THR A 271 -1.54 -5.13 -32.14
CA THR A 271 -2.26 -4.23 -31.24
C THR A 271 -2.75 -3.04 -32.05
N PHE A 272 -4.05 -2.78 -31.98
CA PHE A 272 -4.67 -1.75 -32.80
C PHE A 272 -5.44 -0.77 -31.92
N LEU A 273 -5.34 0.51 -32.23
CA LEU A 273 -6.11 1.55 -31.57
C LEU A 273 -7.27 1.94 -32.48
N LEU A 274 -8.49 1.71 -32.00
CA LEU A 274 -9.69 1.93 -32.78
C LEU A 274 -10.38 3.21 -32.34
N LYS A 275 -10.79 4.02 -33.32
CA LYS A 275 -11.46 5.29 -33.07
C LYS A 275 -12.93 5.16 -33.42
N TYR A 276 -13.79 5.11 -32.41
CA TYR A 276 -15.22 5.06 -32.61
C TYR A 276 -15.79 6.48 -32.73
N ASN A 277 -16.83 6.62 -33.54
CA ASN A 277 -17.48 7.90 -33.73
C ASN A 277 -18.69 7.99 -32.81
N GLU A 278 -19.51 9.03 -32.99
CA GLU A 278 -20.72 9.18 -32.19
C GLU A 278 -21.69 8.03 -32.46
N ASN A 279 -21.83 7.63 -33.71
CA ASN A 279 -22.76 6.57 -34.08
C ASN A 279 -22.21 5.18 -33.79
N GLY A 280 -20.93 5.05 -33.43
CA GLY A 280 -20.38 3.79 -33.02
C GLY A 280 -19.59 3.04 -34.08
N THR A 281 -19.40 3.62 -35.26
CA THR A 281 -18.62 2.97 -36.29
C THR A 281 -17.16 3.42 -36.23
N ILE A 282 -16.27 2.55 -36.69
CA ILE A 282 -14.83 2.81 -36.65
C ILE A 282 -14.49 3.69 -37.85
N THR A 283 -14.42 5.00 -37.63
CA THR A 283 -14.05 5.91 -38.72
C THR A 283 -12.63 5.69 -39.19
N ASP A 284 -11.70 5.48 -38.24
CA ASP A 284 -10.30 5.27 -38.58
C ASP A 284 -9.62 4.54 -37.44
N ALA A 285 -8.48 3.94 -37.74
CA ALA A 285 -7.69 3.24 -36.73
C ALA A 285 -6.22 3.38 -37.08
N VAL A 286 -5.38 3.20 -36.07
CA VAL A 286 -3.93 3.33 -36.21
C VAL A 286 -3.26 2.10 -35.62
N ASP A 287 -2.26 1.59 -36.33
CA ASP A 287 -1.49 0.47 -35.84
C ASP A 287 -0.57 0.92 -34.70
N CYS A 288 0.00 -0.05 -33.99
CA CYS A 288 0.89 0.23 -32.88
C CYS A 288 2.34 -0.14 -33.15
N ALA A 289 2.62 -0.90 -34.21
CA ALA A 289 3.97 -1.31 -34.53
C ALA A 289 4.37 -1.02 -35.97
N LEU A 290 3.53 -0.32 -36.73
CA LEU A 290 3.86 -0.03 -38.12
C LEU A 290 5.09 0.87 -38.24
N ASP A 291 5.15 1.92 -37.42
CA ASP A 291 6.25 2.88 -37.48
C ASP A 291 6.31 3.60 -36.14
N PRO A 292 7.43 4.28 -35.84
CA PRO A 292 7.53 4.97 -34.55
C PRO A 292 6.43 5.99 -34.30
N LEU A 293 5.96 6.67 -35.34
CA LEU A 293 4.84 7.60 -35.15
C LEU A 293 3.58 6.86 -34.73
N SER A 294 3.35 5.68 -35.30
CA SER A 294 2.20 4.88 -34.90
C SER A 294 2.29 4.44 -33.45
N GLU A 295 3.49 4.03 -33.01
CA GLU A 295 3.66 3.65 -31.61
C GLU A 295 3.48 4.85 -30.69
N THR A 296 3.94 6.04 -31.12
CA THR A 296 3.74 7.24 -30.34
C THR A 296 2.25 7.55 -30.20
N LYS A 297 1.49 7.39 -31.28
CA LYS A 297 0.05 7.59 -31.21
C LYS A 297 -0.60 6.57 -30.29
N CYS A 298 -0.16 5.31 -30.35
CA CYS A 298 -0.73 4.27 -29.52
C CYS A 298 -0.48 4.51 -28.05
N THR A 299 0.76 4.88 -27.69
CA THR A 299 1.09 5.08 -26.28
C THR A 299 0.47 6.37 -25.73
N LEU A 300 0.17 7.34 -26.59
CA LEU A 300 -0.50 8.56 -26.17
C LEU A 300 -2.02 8.45 -26.25
N LYS A 301 -2.54 7.38 -26.84
CA LYS A 301 -3.98 7.18 -27.01
C LYS A 301 -4.63 8.38 -27.69
N SER A 302 -3.96 8.90 -28.73
CA SER A 302 -4.47 10.02 -29.49
C SER A 302 -3.98 9.92 -30.92
N PHE A 303 -4.84 10.30 -31.86
CA PHE A 303 -4.47 10.30 -33.27
C PHE A 303 -3.66 11.51 -33.68
N THR A 304 -3.60 12.54 -32.85
CA THR A 304 -2.81 13.73 -33.10
C THR A 304 -1.73 13.84 -32.03
N VAL A 305 -0.49 14.01 -32.46
CA VAL A 305 0.65 14.07 -31.56
C VAL A 305 1.28 15.45 -31.69
N GLU A 306 1.39 16.16 -30.58
CA GLU A 306 2.01 17.47 -30.58
C GLU A 306 3.52 17.35 -30.71
N LYS A 307 4.15 18.45 -31.12
CA LYS A 307 5.59 18.48 -31.28
C LYS A 307 6.27 18.28 -29.93
N GLY A 308 7.22 17.36 -29.87
CA GLY A 308 7.94 17.11 -28.65
C GLY A 308 8.59 15.74 -28.67
N ILE A 309 9.20 15.41 -27.54
CA ILE A 309 9.85 14.11 -27.32
C ILE A 309 8.93 13.25 -26.47
N TYR A 310 8.79 11.99 -26.85
CA TYR A 310 7.93 11.05 -26.12
C TYR A 310 8.66 9.72 -25.97
N GLN A 311 8.48 9.10 -24.81
CA GLN A 311 9.02 7.78 -24.53
C GLN A 311 7.94 6.75 -24.80
N THR A 312 8.10 5.98 -25.88
CA THR A 312 7.05 5.07 -26.32
C THR A 312 7.11 3.74 -25.59
N SER A 313 8.23 3.04 -25.68
CA SER A 313 8.35 1.69 -25.12
C SER A 313 9.82 1.40 -24.88
N ASN A 314 10.15 0.13 -24.69
CA ASN A 314 11.52 -0.33 -24.54
C ASN A 314 11.75 -1.49 -25.48
N PHE A 315 13.00 -1.65 -25.93
CA PHE A 315 13.37 -2.71 -26.85
C PHE A 315 14.41 -3.62 -26.20
N ARG A 316 14.38 -4.89 -26.57
CA ARG A 316 15.37 -5.84 -26.11
C ARG A 316 15.44 -6.99 -27.09
N VAL A 317 16.56 -7.71 -27.04
CA VAL A 317 16.80 -8.84 -27.94
C VAL A 317 16.21 -10.10 -27.32
N GLN A 318 15.26 -10.72 -28.03
CA GLN A 318 14.69 -11.97 -27.54
C GLN A 318 15.71 -13.09 -27.67
N PRO A 319 15.63 -14.10 -26.81
CA PRO A 319 16.52 -15.26 -26.95
C PRO A 319 16.30 -15.97 -28.27
N THR A 320 17.39 -16.47 -28.86
CA THR A 320 17.33 -17.16 -30.13
C THR A 320 17.44 -18.68 -30.00
N GLU A 321 17.92 -19.17 -28.86
CA GLU A 321 18.06 -20.61 -28.64
C GLU A 321 17.73 -20.92 -27.19
N SER A 322 17.40 -22.19 -26.94
CA SER A 322 17.11 -22.70 -25.61
C SER A 322 18.21 -23.65 -25.19
N ILE A 323 18.82 -23.38 -24.04
CA ILE A 323 19.92 -24.19 -23.51
C ILE A 323 19.47 -24.80 -22.19
N VAL A 324 19.53 -26.13 -22.10
CA VAL A 324 19.22 -26.85 -20.87
C VAL A 324 20.45 -27.65 -20.49
N ARG A 325 20.96 -27.41 -19.28
CA ARG A 325 22.15 -28.09 -18.79
C ARG A 325 21.77 -28.97 -17.60
N PHE A 326 22.05 -30.26 -17.73
CA PHE A 326 21.69 -31.25 -16.73
C PHE A 326 22.85 -32.20 -16.49
N PRO A 327 22.93 -32.82 -15.31
CA PRO A 327 24.06 -33.69 -15.00
C PRO A 327 24.09 -34.95 -15.84
N ASN A 328 25.27 -35.57 -15.87
CA ASN A 328 25.52 -36.80 -16.62
C ASN A 328 24.89 -38.03 -15.97
N ILE A 329 24.33 -37.91 -14.76
CA ILE A 329 23.77 -39.07 -14.07
C ILE A 329 22.64 -39.66 -14.90
N THR A 330 22.60 -41.00 -14.97
CA THR A 330 21.57 -41.69 -15.73
C THR A 330 20.98 -42.88 -14.98
N ASN A 331 21.51 -43.22 -13.80
CA ASN A 331 20.97 -44.34 -13.03
C ASN A 331 19.64 -43.96 -12.40
N LEU A 332 18.66 -44.85 -12.51
CA LEU A 332 17.31 -44.55 -12.05
C LEU A 332 17.24 -44.59 -10.54
N CYS A 333 16.44 -43.67 -9.97
CA CYS A 333 16.23 -43.65 -8.54
C CYS A 333 15.41 -44.87 -8.11
N PRO A 334 15.69 -45.43 -6.93
CA PRO A 334 14.95 -46.62 -6.47
C PRO A 334 13.62 -46.27 -5.82
N PHE A 335 12.73 -45.64 -6.60
CA PHE A 335 11.40 -45.31 -6.11
C PHE A 335 10.58 -46.56 -5.81
N ASP A 336 10.70 -47.59 -6.65
CA ASP A 336 9.88 -48.78 -6.47
C ASP A 336 10.13 -49.45 -5.13
N GLU A 337 11.40 -49.58 -4.73
CA GLU A 337 11.73 -50.30 -3.50
C GLU A 337 11.07 -49.68 -2.29
N VAL A 338 10.71 -48.40 -2.37
CA VAL A 338 9.95 -47.74 -1.31
C VAL A 338 8.45 -47.82 -1.56
N PHE A 339 8.03 -47.61 -2.81
CA PHE A 339 6.61 -47.48 -3.11
C PHE A 339 5.87 -48.81 -2.98
N ASN A 340 6.42 -49.88 -3.54
CA ASN A 340 5.73 -51.17 -3.62
C ASN A 340 6.43 -52.22 -2.75
N ALA A 341 6.93 -51.79 -1.60
CA ALA A 341 7.63 -52.70 -0.71
C ALA A 341 6.67 -53.74 -0.14
N THR A 342 7.23 -54.87 0.28
CA THR A 342 6.41 -55.97 0.77
C THR A 342 5.64 -55.58 2.03
N ARG A 343 6.32 -54.93 2.97
CA ARG A 343 5.69 -54.47 4.20
C ARG A 343 6.23 -53.10 4.57
N PHE A 344 5.34 -52.23 5.02
CA PHE A 344 5.71 -50.87 5.42
C PHE A 344 5.87 -50.79 6.94
N ALA A 345 6.74 -49.88 7.36
CA ALA A 345 6.96 -49.67 8.78
C ALA A 345 5.74 -49.01 9.42
N SER A 346 5.66 -49.13 10.75
CA SER A 346 4.52 -48.59 11.47
C SER A 346 4.58 -47.06 11.49
N VAL A 347 3.46 -46.47 11.90
CA VAL A 347 3.33 -45.01 11.86
C VAL A 347 4.26 -44.35 12.87
N TYR A 348 4.44 -44.96 14.04
CA TYR A 348 5.32 -44.36 15.04
C TYR A 348 6.79 -44.56 14.68
N ALA A 349 7.10 -45.64 13.96
CA ALA A 349 8.47 -45.97 13.59
C ALA A 349 8.62 -45.89 12.08
N TRP A 350 8.10 -44.83 11.49
CA TRP A 350 8.13 -44.66 10.03
C TRP A 350 9.55 -44.74 9.50
N ASN A 351 9.73 -45.53 8.44
CA ASN A 351 11.03 -45.68 7.82
C ASN A 351 11.39 -44.44 7.01
N ARG A 352 12.66 -44.05 7.08
CA ARG A 352 13.19 -42.94 6.32
C ARG A 352 14.24 -43.46 5.33
N LYS A 353 14.02 -43.19 4.05
CA LYS A 353 14.90 -43.67 3.00
C LYS A 353 15.54 -42.48 2.30
N ARG A 354 16.84 -42.53 2.11
CA ARG A 354 17.60 -41.46 1.45
C ARG A 354 17.87 -41.86 0.01
N ILE A 355 17.46 -41.00 -0.92
CA ILE A 355 17.65 -41.20 -2.34
C ILE A 355 18.37 -39.96 -2.88
N SER A 356 19.43 -40.19 -3.65
CA SER A 356 20.23 -39.08 -4.19
C SER A 356 20.98 -39.57 -5.42
N ASN A 357 21.75 -38.66 -6.02
CA ASN A 357 22.63 -38.90 -7.16
C ASN A 357 22.02 -39.87 -8.18
N CYS A 358 20.79 -39.54 -8.61
CA CYS A 358 20.07 -40.38 -9.55
C CYS A 358 19.10 -39.52 -10.35
N VAL A 359 18.59 -40.10 -11.43
CA VAL A 359 17.60 -39.46 -12.29
C VAL A 359 16.22 -39.97 -11.90
N ALA A 360 15.26 -39.07 -11.78
CA ALA A 360 13.93 -39.39 -11.28
C ALA A 360 12.90 -39.23 -12.39
N ASP A 361 12.06 -40.25 -12.57
CA ASP A 361 10.95 -40.22 -13.50
C ASP A 361 9.67 -40.55 -12.72
N TYR A 362 8.75 -39.59 -12.66
CA TYR A 362 7.55 -39.73 -11.85
C TYR A 362 6.36 -40.24 -12.63
N SER A 363 6.53 -40.55 -13.92
CA SER A 363 5.43 -41.08 -14.72
C SER A 363 5.03 -42.49 -14.29
N VAL A 364 5.89 -43.17 -13.53
CA VAL A 364 5.56 -44.51 -13.05
C VAL A 364 4.35 -44.47 -12.13
N LEU A 365 4.32 -43.49 -11.21
CA LEU A 365 3.18 -43.34 -10.32
C LEU A 365 1.91 -42.97 -11.09
N TYR A 366 2.06 -42.32 -12.24
CA TYR A 366 0.92 -41.86 -13.03
C TYR A 366 0.31 -42.99 -13.85
N ASN A 367 1.12 -43.63 -14.71
CA ASN A 367 0.61 -44.67 -15.58
C ASN A 367 0.14 -45.88 -14.78
N LEU A 368 0.88 -46.27 -13.75
CA LEU A 368 0.56 -47.41 -12.93
C LEU A 368 -0.10 -46.96 -11.63
N ALA A 369 -0.36 -47.93 -10.74
CA ALA A 369 -1.06 -47.69 -9.48
C ALA A 369 -2.37 -46.98 -9.74
N PRO A 370 -3.37 -47.67 -10.28
CA PRO A 370 -4.61 -46.97 -10.70
C PRO A 370 -5.32 -46.24 -9.56
N PHE A 371 -5.25 -46.76 -8.34
CA PHE A 371 -5.87 -46.12 -7.19
C PHE A 371 -4.79 -45.47 -6.33
N PHE A 372 -4.99 -44.20 -5.99
CA PHE A 372 -4.03 -43.43 -5.21
C PHE A 372 -4.69 -42.12 -4.80
N THR A 373 -3.90 -41.26 -4.15
CA THR A 373 -4.33 -39.91 -3.80
C THR A 373 -3.09 -39.03 -3.91
N PHE A 374 -2.99 -38.29 -5.01
CA PHE A 374 -1.77 -37.54 -5.34
C PHE A 374 -1.87 -36.08 -4.94
N LYS A 375 -2.54 -35.78 -3.82
CA LYS A 375 -2.52 -34.43 -3.29
C LYS A 375 -1.09 -34.00 -2.99
N CYS A 376 -0.72 -32.82 -3.47
CA CYS A 376 0.65 -32.34 -3.32
C CYS A 376 0.63 -30.87 -2.93
N TYR A 377 1.68 -30.47 -2.20
CA TYR A 377 1.82 -29.12 -1.67
C TYR A 377 3.12 -28.51 -2.16
N GLY A 378 3.04 -27.28 -2.68
CA GLY A 378 4.22 -26.50 -3.00
C GLY A 378 4.85 -26.78 -4.34
N VAL A 379 4.33 -27.73 -5.12
CA VAL A 379 4.91 -28.04 -6.43
C VAL A 379 3.86 -28.74 -7.27
N SER A 380 3.79 -28.36 -8.54
CA SER A 380 2.87 -28.99 -9.48
C SER A 380 3.38 -30.40 -9.83
N PRO A 381 2.46 -31.33 -10.10
CA PRO A 381 2.91 -32.71 -10.41
C PRO A 381 3.80 -32.81 -11.64
N THR A 382 3.36 -32.26 -12.78
CA THR A 382 4.22 -32.25 -13.95
C THR A 382 5.49 -31.45 -13.69
N LYS A 383 5.37 -30.33 -12.98
CA LYS A 383 6.54 -29.56 -12.59
C LYS A 383 7.34 -30.26 -11.50
N LEU A 384 6.71 -31.14 -10.72
CA LEU A 384 7.46 -32.05 -9.87
C LEU A 384 8.35 -32.95 -10.70
N ASN A 385 7.83 -33.47 -11.80
CA ASN A 385 8.60 -34.35 -12.67
C ASN A 385 9.58 -33.60 -13.56
N ASP A 386 9.44 -32.28 -13.68
CA ASP A 386 10.23 -31.54 -14.67
C ASP A 386 11.55 -31.01 -14.12
N LEU A 387 11.51 -30.15 -13.11
CA LEU A 387 12.71 -29.40 -12.72
C LEU A 387 13.61 -30.22 -11.80
N CYS A 388 14.82 -29.71 -11.58
CA CYS A 388 15.83 -30.41 -10.80
C CYS A 388 15.63 -30.23 -9.31
N PHE A 389 15.78 -31.32 -8.57
CA PHE A 389 15.80 -31.36 -7.13
C PHE A 389 17.20 -31.70 -6.65
N THR A 390 17.40 -31.67 -5.33
CA THR A 390 18.64 -32.16 -4.75
C THR A 390 18.43 -33.27 -3.73
N ASN A 391 17.51 -33.08 -2.78
CA ASN A 391 17.32 -34.03 -1.70
C ASN A 391 15.87 -34.49 -1.66
N VAL A 392 15.68 -35.80 -1.58
CA VAL A 392 14.36 -36.40 -1.48
C VAL A 392 14.34 -37.37 -0.30
N TYR A 393 13.31 -37.27 0.53
CA TYR A 393 13.14 -38.12 1.69
C TYR A 393 11.84 -38.91 1.54
N ALA A 394 11.93 -40.23 1.73
CA ALA A 394 10.79 -41.13 1.58
C ALA A 394 10.41 -41.68 2.94
N ASP A 395 9.23 -41.31 3.42
CA ASP A 395 8.69 -41.80 4.68
C ASP A 395 7.41 -42.57 4.40
N SER A 396 7.38 -43.84 4.79
CA SER A 396 6.28 -44.74 4.49
C SER A 396 5.71 -45.32 5.77
N PHE A 397 4.38 -45.27 5.89
CA PHE A 397 3.69 -45.83 7.05
C PHE A 397 2.24 -46.09 6.67
N VAL A 398 1.56 -46.87 7.50
CA VAL A 398 0.20 -47.34 7.23
C VAL A 398 -0.73 -46.80 8.30
N ILE A 399 -1.83 -46.17 7.88
CA ILE A 399 -2.86 -45.66 8.78
C ILE A 399 -4.22 -45.97 8.17
N ARG A 400 -5.26 -45.80 8.99
CA ARG A 400 -6.63 -46.01 8.54
C ARG A 400 -7.07 -44.89 7.59
N GLY A 401 -8.20 -45.13 6.92
CA GLY A 401 -8.77 -44.15 6.03
C GLY A 401 -9.45 -42.99 6.73
N ASP A 402 -9.67 -43.11 8.04
CA ASP A 402 -10.25 -42.00 8.79
C ASP A 402 -9.24 -40.87 8.96
N GLU A 403 -7.96 -41.21 9.11
CA GLU A 403 -6.92 -40.22 9.39
C GLU A 403 -6.02 -39.97 8.19
N VAL A 404 -6.47 -40.29 6.97
CA VAL A 404 -5.68 -40.00 5.78
C VAL A 404 -5.51 -38.50 5.60
N ARG A 405 -6.45 -37.72 6.13
CA ARG A 405 -6.36 -36.27 6.07
C ARG A 405 -5.51 -35.68 7.18
N GLN A 406 -5.19 -36.47 8.21
CA GLN A 406 -4.39 -35.96 9.33
C GLN A 406 -2.93 -35.72 8.95
N ILE A 407 -2.45 -36.34 7.88
CA ILE A 407 -1.06 -36.14 7.43
C ILE A 407 -1.06 -34.86 6.59
N ALA A 408 -0.86 -33.73 7.26
CA ALA A 408 -0.84 -32.43 6.62
C ALA A 408 -0.06 -31.48 7.51
N PRO A 409 0.53 -30.41 6.93
CA PRO A 409 1.26 -29.44 7.75
C PRO A 409 0.33 -28.70 8.71
N GLY A 410 0.64 -28.81 10.00
CA GLY A 410 -0.10 -28.08 11.01
C GLY A 410 -1.57 -28.42 11.10
N GLN A 411 -1.91 -29.71 11.07
CA GLN A 411 -3.28 -30.16 11.24
C GLN A 411 -3.41 -30.93 12.55
N THR A 412 -4.48 -30.64 13.28
CA THR A 412 -4.73 -31.30 14.55
C THR A 412 -5.21 -32.73 14.32
N GLY A 413 -4.96 -33.58 15.30
CA GLY A 413 -5.32 -34.98 15.23
C GLY A 413 -4.35 -35.81 16.04
N ASN A 414 -4.83 -36.94 16.55
CA ASN A 414 -4.00 -37.81 17.38
C ASN A 414 -2.78 -38.31 16.61
N ILE A 415 -3.01 -38.81 15.39
CA ILE A 415 -1.91 -39.33 14.58
C ILE A 415 -0.92 -38.23 14.26
N ALA A 416 -1.42 -37.07 13.82
CA ALA A 416 -0.53 -35.97 13.45
C ALA A 416 0.26 -35.47 14.65
N ASP A 417 -0.39 -35.37 15.82
CA ASP A 417 0.28 -34.81 16.98
C ASP A 417 1.29 -35.77 17.60
N TYR A 418 0.95 -37.06 17.67
CA TYR A 418 1.76 -38.00 18.44
C TYR A 418 2.62 -38.94 17.61
N ASN A 419 2.25 -39.22 16.36
CA ASN A 419 3.00 -40.18 15.56
C ASN A 419 3.91 -39.49 14.55
N TYR A 420 3.36 -38.62 13.71
CA TYR A 420 4.14 -37.95 12.68
C TYR A 420 3.56 -36.56 12.46
N LYS A 421 4.37 -35.53 12.71
CA LYS A 421 3.96 -34.15 12.58
C LYS A 421 4.72 -33.50 11.43
N LEU A 422 3.99 -32.88 10.51
CA LEU A 422 4.62 -32.22 9.37
C LEU A 422 4.97 -30.78 9.73
N PRO A 423 6.07 -30.26 9.18
CA PRO A 423 6.40 -28.84 9.43
C PRO A 423 5.39 -27.91 8.78
N ASP A 424 5.25 -26.73 9.39
CA ASP A 424 4.27 -25.76 8.88
C ASP A 424 4.61 -25.34 7.46
N ASP A 425 5.89 -25.09 7.17
CA ASP A 425 6.36 -24.77 5.82
C ASP A 425 6.88 -26.06 5.21
N PHE A 426 5.99 -26.78 4.53
CA PHE A 426 6.32 -28.06 3.92
C PHE A 426 6.09 -28.00 2.43
N THR A 427 7.05 -28.49 1.65
CA THR A 427 6.93 -28.60 0.20
C THR A 427 7.14 -30.06 -0.18
N GLY A 428 6.09 -30.67 -0.74
CA GLY A 428 6.17 -32.07 -1.11
C GLY A 428 4.78 -32.61 -1.39
N CYS A 429 4.74 -33.88 -1.77
CA CYS A 429 3.50 -34.56 -2.12
C CYS A 429 3.23 -35.68 -1.12
N VAL A 430 1.95 -35.94 -0.87
CA VAL A 430 1.52 -37.04 -0.03
C VAL A 430 0.70 -37.99 -0.89
N ILE A 431 1.06 -39.28 -0.87
CA ILE A 431 0.40 -40.30 -1.68
C ILE A 431 -0.20 -41.34 -0.74
N ALA A 432 -1.51 -41.54 -0.83
CA ALA A 432 -2.22 -42.49 -0.01
C ALA A 432 -3.09 -43.37 -0.88
N TRP A 433 -2.99 -44.69 -0.68
CA TRP A 433 -3.82 -45.65 -1.40
C TRP A 433 -4.30 -46.72 -0.44
N ASN A 434 -5.46 -47.31 -0.75
CA ASN A 434 -6.02 -48.35 0.10
C ASN A 434 -5.12 -49.57 0.12
N SER A 435 -5.03 -50.21 1.29
CA SER A 435 -4.21 -51.39 1.48
C SER A 435 -5.00 -52.52 2.13
N ASN A 436 -6.31 -52.55 1.87
CA ASN A 436 -7.14 -53.62 2.42
C ASN A 436 -6.74 -54.98 1.85
N LYS A 437 -6.45 -55.03 0.55
CA LYS A 437 -6.05 -56.30 -0.05
C LYS A 437 -4.68 -56.73 0.44
N LEU A 438 -3.72 -55.81 0.49
CA LEU A 438 -2.34 -56.16 0.81
C LEU A 438 -2.14 -56.40 2.30
N ASP A 439 -2.77 -55.60 3.16
CA ASP A 439 -2.43 -55.56 4.58
C ASP A 439 -3.67 -55.76 5.44
N SER A 440 -4.47 -56.78 5.13
CA SER A 440 -5.60 -57.14 5.99
C SER A 440 -5.82 -58.65 5.83
N LYS A 441 -5.29 -59.43 6.76
CA LYS A 441 -5.49 -60.87 6.75
C LYS A 441 -6.93 -61.20 7.19
N VAL A 442 -7.34 -62.43 6.88
CA VAL A 442 -8.68 -62.89 7.27
C VAL A 442 -8.80 -62.90 8.79
N SER A 443 -7.81 -63.46 9.48
CA SER A 443 -7.79 -63.41 10.93
C SER A 443 -7.59 -61.98 11.43
N GLY A 444 -6.72 -61.23 10.77
CA GLY A 444 -6.43 -59.86 11.14
C GLY A 444 -4.94 -59.59 11.09
N ASN A 445 -4.59 -58.32 10.97
CA ASN A 445 -3.20 -57.88 10.93
C ASN A 445 -2.92 -57.04 12.17
N TYR A 446 -1.91 -57.43 12.94
CA TYR A 446 -1.54 -56.74 14.16
C TYR A 446 -0.10 -56.22 14.14
N ASN A 447 0.64 -56.43 13.06
CA ASN A 447 2.01 -55.93 12.99
C ASN A 447 2.08 -54.41 12.95
N TYR A 448 1.00 -53.75 12.51
CA TYR A 448 0.96 -52.30 12.49
C TYR A 448 0.49 -51.78 13.84
N LEU A 449 1.30 -50.89 14.43
CA LEU A 449 1.00 -50.32 15.74
C LEU A 449 0.99 -48.80 15.64
N TYR A 450 0.22 -48.16 16.52
CA TYR A 450 0.03 -46.73 16.47
C TYR A 450 -0.03 -46.18 17.89
N ARG A 451 0.49 -44.97 18.07
CA ARG A 451 0.54 -44.33 19.38
C ARG A 451 -0.46 -43.19 19.42
N LEU A 452 -1.35 -43.23 20.42
CA LEU A 452 -2.33 -42.18 20.65
C LEU A 452 -2.17 -41.51 21.99
N PHE A 453 -1.27 -41.98 22.85
CA PHE A 453 -1.15 -41.51 24.23
C PHE A 453 0.30 -41.14 24.50
N ARG A 454 0.53 -39.89 24.89
CA ARG A 454 1.86 -39.41 25.19
C ARG A 454 1.78 -38.11 25.96
N LYS A 455 2.91 -37.73 26.59
CA LYS A 455 2.93 -36.55 27.43
C LYS A 455 2.97 -35.26 26.61
N SER A 456 3.69 -35.25 25.49
CA SER A 456 3.90 -34.03 24.72
C SER A 456 3.83 -34.34 23.24
N ASN A 457 3.64 -33.28 22.45
CA ASN A 457 3.59 -33.39 21.00
C ASN A 457 4.98 -33.56 20.43
N LEU A 458 5.04 -34.00 19.17
CA LEU A 458 6.30 -34.20 18.47
C LEU A 458 6.69 -32.94 17.71
N LYS A 459 7.99 -32.64 17.71
CA LYS A 459 8.50 -31.61 16.83
C LYS A 459 8.40 -32.09 15.38
N PRO A 460 8.35 -31.17 14.42
CA PRO A 460 8.24 -31.58 13.01
C PRO A 460 9.41 -32.47 12.61
N PHE A 461 9.09 -33.51 11.85
CA PHE A 461 10.07 -34.47 11.34
C PHE A 461 10.89 -35.09 12.48
N GLU A 462 10.19 -35.49 13.54
CA GLU A 462 10.80 -36.17 14.67
C GLU A 462 10.11 -37.52 14.87
N ARG A 463 10.92 -38.55 15.11
CA ARG A 463 10.44 -39.91 15.28
C ARG A 463 10.55 -40.32 16.74
N ASP A 464 9.48 -40.89 17.29
CA ASP A 464 9.45 -41.41 18.65
C ASP A 464 9.31 -42.93 18.60
N ILE A 465 10.26 -43.64 19.19
CA ILE A 465 10.23 -45.09 19.22
C ILE A 465 10.24 -45.65 20.64
N SER A 466 10.42 -44.81 21.66
CA SER A 466 10.43 -45.30 23.02
C SER A 466 9.05 -45.80 23.43
N THR A 467 9.03 -46.94 24.10
CA THR A 467 7.78 -47.57 24.57
C THR A 467 7.77 -47.51 26.09
N GLU A 468 7.27 -46.39 26.62
CA GLU A 468 7.14 -46.19 28.06
C GLU A 468 5.67 -45.96 28.38
N ILE A 469 5.14 -46.73 29.34
CA ILE A 469 3.72 -46.65 29.67
C ILE A 469 3.41 -45.28 30.23
N TYR A 470 2.36 -44.66 29.71
CA TYR A 470 1.95 -43.33 30.15
C TYR A 470 0.99 -43.46 31.33
N GLN A 471 1.20 -42.62 32.35
CA GLN A 471 0.46 -42.70 33.60
C GLN A 471 -0.59 -41.60 33.62
N ALA A 472 -1.86 -41.99 33.43
CA ALA A 472 -2.94 -41.03 33.52
C ALA A 472 -3.12 -40.52 34.95
N GLY A 473 -2.97 -41.41 35.93
CA GLY A 473 -3.09 -41.02 37.31
C GLY A 473 -1.88 -40.23 37.80
N ASN A 474 -2.05 -39.60 38.96
CA ASN A 474 -0.98 -38.81 39.55
C ASN A 474 0.22 -39.68 39.92
N LYS A 475 -0.04 -40.84 40.51
CA LYS A 475 1.04 -41.71 40.96
C LYS A 475 1.59 -42.52 39.78
N PRO A 476 2.89 -42.44 39.49
CA PRO A 476 3.49 -43.27 38.44
C PRO A 476 3.72 -44.71 38.91
N CYS A 477 2.65 -45.50 38.85
CA CYS A 477 2.70 -46.86 39.35
C CYS A 477 3.64 -47.75 38.54
N ASN A 478 3.89 -47.41 37.27
CA ASN A 478 4.82 -48.14 36.42
C ASN A 478 4.46 -49.63 36.31
N GLY A 479 3.17 -49.90 36.20
CA GLY A 479 2.70 -51.27 36.07
C GLY A 479 1.45 -51.39 35.21
N VAL A 480 1.44 -52.36 34.31
CA VAL A 480 0.33 -52.49 33.36
C VAL A 480 -0.97 -52.77 34.12
N ALA A 481 -2.03 -52.07 33.74
CA ALA A 481 -3.33 -52.23 34.38
C ALA A 481 -4.41 -51.74 33.42
N GLY A 482 -5.66 -51.85 33.85
CA GLY A 482 -6.76 -51.39 33.02
C GLY A 482 -6.72 -49.89 32.76
N PHE A 483 -6.44 -49.11 33.80
CA PHE A 483 -6.37 -47.65 33.70
C PHE A 483 -4.99 -47.10 34.03
N ASN A 484 -4.44 -47.49 35.18
CA ASN A 484 -3.18 -46.90 35.63
C ASN A 484 -1.99 -47.47 34.88
N CYS A 485 -1.09 -46.59 34.45
CA CYS A 485 0.17 -46.97 33.80
C CYS A 485 -0.09 -47.86 32.57
N TYR A 486 -1.01 -47.39 31.74
CA TYR A 486 -1.42 -48.09 30.54
C TYR A 486 -0.39 -47.94 29.43
N PHE A 487 -0.34 -48.95 28.56
CA PHE A 487 0.64 -48.99 27.49
C PHE A 487 0.34 -47.88 26.47
N PRO A 488 1.36 -47.16 25.99
CA PRO A 488 1.06 -45.93 25.23
C PRO A 488 0.55 -46.17 23.83
N LEU A 489 1.14 -47.08 23.08
CA LEU A 489 0.80 -47.31 21.68
C LEU A 489 -0.05 -48.55 21.51
N ARG A 490 -1.06 -48.46 20.66
CA ARG A 490 -2.01 -49.53 20.39
C ARG A 490 -1.71 -50.18 19.04
N SER A 491 -2.37 -51.31 18.81
CA SER A 491 -2.22 -52.08 17.58
C SER A 491 -3.56 -52.22 16.89
N TYR A 492 -3.57 -52.06 15.57
CA TYR A 492 -4.79 -52.19 14.79
C TYR A 492 -5.07 -53.66 14.49
N SER A 493 -6.28 -53.91 13.99
CA SER A 493 -6.76 -55.26 13.70
C SER A 493 -7.44 -55.30 12.34
N PHE A 494 -6.75 -54.78 11.32
CA PHE A 494 -7.33 -54.67 9.98
C PHE A 494 -7.85 -56.01 9.50
N ARG A 495 -9.10 -56.01 9.03
CA ARG A 495 -9.76 -57.19 8.49
C ARG A 495 -10.65 -56.78 7.33
N PRO A 496 -10.93 -57.69 6.39
CA PRO A 496 -11.76 -57.32 5.24
C PRO A 496 -13.17 -56.87 5.61
N THR A 497 -13.72 -57.37 6.71
CA THR A 497 -15.09 -57.02 7.09
C THR A 497 -15.22 -55.57 7.57
N TYR A 498 -14.11 -54.88 7.81
CA TYR A 498 -14.17 -53.50 8.26
C TYR A 498 -14.69 -52.59 7.15
N GLY A 499 -15.23 -51.44 7.56
CA GLY A 499 -15.75 -50.48 6.61
C GLY A 499 -14.66 -49.76 5.86
N VAL A 500 -15.07 -48.98 4.86
CA VAL A 500 -14.12 -48.27 4.01
C VAL A 500 -13.31 -47.27 4.82
N GLY A 501 -13.96 -46.62 5.80
CA GLY A 501 -13.22 -45.72 6.67
C GLY A 501 -12.29 -46.44 7.61
N HIS A 502 -12.55 -47.72 7.88
CA HIS A 502 -11.72 -48.53 8.74
C HIS A 502 -10.62 -49.27 7.97
N GLN A 503 -10.65 -49.24 6.65
CA GLN A 503 -9.65 -49.97 5.87
C GLN A 503 -8.29 -49.29 6.01
N PRO A 504 -7.22 -50.08 6.14
CA PRO A 504 -5.88 -49.48 6.21
C PRO A 504 -5.49 -48.83 4.89
N TYR A 505 -4.69 -47.77 4.98
CA TYR A 505 -4.22 -47.03 3.82
C TYR A 505 -2.70 -46.94 3.89
N ARG A 506 -2.04 -47.38 2.82
CA ARG A 506 -0.59 -47.28 2.71
C ARG A 506 -0.26 -45.88 2.20
N VAL A 507 0.15 -44.99 3.10
CA VAL A 507 0.37 -43.59 2.80
C VAL A 507 1.86 -43.29 2.89
N VAL A 508 2.38 -42.59 1.89
CA VAL A 508 3.79 -42.21 1.83
C VAL A 508 3.88 -40.71 1.60
N VAL A 509 4.81 -40.06 2.31
CA VAL A 509 5.01 -38.62 2.21
C VAL A 509 6.42 -38.37 1.66
N LEU A 510 6.50 -37.50 0.66
CA LEU A 510 7.78 -37.10 0.08
C LEU A 510 8.06 -35.65 0.45
N SER A 511 9.24 -35.41 1.04
CA SER A 511 9.65 -34.08 1.46
C SER A 511 10.84 -33.64 0.63
N PHE A 512 10.86 -32.35 0.29
CA PHE A 512 11.86 -31.82 -0.62
C PHE A 512 12.41 -30.50 -0.08
N GLU A 513 13.59 -30.13 -0.55
CA GLU A 513 14.17 -28.82 -0.28
C GLU A 513 14.46 -28.13 -1.60
N LEU A 514 14.15 -26.83 -1.66
CA LEU A 514 14.17 -26.08 -2.91
C LEU A 514 15.40 -25.19 -3.07
N LEU A 515 16.40 -25.33 -2.19
CA LEU A 515 17.59 -24.51 -2.31
C LEU A 515 18.47 -24.99 -3.47
N HIS A 516 18.55 -26.32 -3.64
CA HIS A 516 19.16 -26.97 -4.82
C HIS A 516 20.54 -26.39 -5.16
N ALA A 517 21.41 -26.31 -4.16
CA ALA A 517 22.78 -25.87 -4.41
C ALA A 517 23.57 -26.83 -5.30
N PRO A 518 23.67 -28.13 -5.01
CA PRO A 518 24.46 -29.01 -5.89
C PRO A 518 23.65 -29.62 -7.02
N ALA A 519 22.33 -29.72 -6.85
CA ALA A 519 21.43 -30.23 -7.88
C ALA A 519 21.85 -31.64 -8.34
N THR A 520 21.77 -32.59 -7.41
CA THR A 520 22.31 -33.92 -7.63
C THR A 520 21.27 -34.96 -8.06
N VAL A 521 19.98 -34.66 -7.98
CA VAL A 521 18.96 -35.65 -8.32
C VAL A 521 18.06 -35.08 -9.43
N CYS A 522 18.66 -34.32 -10.34
CA CYS A 522 17.95 -33.72 -11.46
C CYS A 522 17.14 -34.73 -12.28
N GLY A 523 16.20 -34.23 -13.07
CA GLY A 523 15.35 -35.07 -13.89
C GLY A 523 16.04 -35.53 -15.16
N PRO A 524 15.28 -36.15 -16.06
CA PRO A 524 15.85 -36.75 -17.27
C PRO A 524 16.00 -35.81 -18.47
N LYS A 525 15.82 -34.50 -18.29
CA LYS A 525 15.95 -33.58 -19.40
C LYS A 525 17.41 -33.35 -19.76
N LYS A 526 17.64 -32.94 -21.00
CA LYS A 526 18.97 -32.63 -21.51
C LYS A 526 18.82 -31.89 -22.82
N SER A 527 19.85 -31.13 -23.18
CA SER A 527 19.83 -30.33 -24.40
C SER A 527 21.21 -30.39 -25.05
N THR A 528 21.40 -29.54 -26.06
CA THR A 528 22.61 -29.55 -26.87
C THR A 528 23.72 -28.77 -26.15
N ASN A 529 24.81 -28.51 -26.88
CA ASN A 529 25.93 -27.78 -26.32
C ASN A 529 25.53 -26.36 -25.97
N LEU A 530 26.04 -25.85 -24.86
CA LEU A 530 25.76 -24.49 -24.43
C LEU A 530 26.48 -23.51 -25.35
N VAL A 531 25.80 -22.41 -25.68
CA VAL A 531 26.33 -21.38 -26.57
C VAL A 531 26.68 -20.16 -25.74
N LYS A 532 27.74 -19.47 -26.14
CA LYS A 532 28.22 -18.29 -25.44
C LYS A 532 28.11 -17.06 -26.33
N ASN A 533 28.19 -15.89 -25.68
CA ASN A 533 28.15 -14.58 -26.36
C ASN A 533 26.86 -14.38 -27.13
N LYS A 534 25.76 -14.98 -26.65
CA LYS A 534 24.47 -14.86 -27.32
C LYS A 534 23.37 -14.86 -26.28
N CYS A 535 22.40 -13.97 -26.45
CA CYS A 535 21.23 -13.93 -25.57
C CYS A 535 20.36 -15.15 -25.86
N VAL A 536 20.40 -16.12 -24.95
CA VAL A 536 19.68 -17.38 -25.12
C VAL A 536 19.01 -17.74 -23.80
N ASN A 537 18.09 -18.71 -23.87
CA ASN A 537 17.41 -19.21 -22.69
C ASN A 537 18.25 -20.32 -22.06
N PHE A 538 18.70 -20.09 -20.83
CA PHE A 538 19.48 -21.06 -20.09
C PHE A 538 18.62 -21.75 -19.05
N ASN A 539 18.90 -23.03 -18.82
CA ASN A 539 18.19 -23.85 -17.84
C ASN A 539 19.18 -24.59 -16.97
N PHE A 540 20.18 -23.86 -16.45
CA PHE A 540 21.22 -24.45 -15.62
C PHE A 540 20.62 -25.02 -14.34
N ASN A 541 20.69 -26.34 -14.17
CA ASN A 541 20.18 -27.03 -12.98
C ASN A 541 18.72 -26.69 -12.73
N GLY A 542 17.92 -26.64 -13.79
CA GLY A 542 16.51 -26.33 -13.67
C GLY A 542 16.23 -24.90 -13.23
N LEU A 543 16.95 -23.93 -13.79
CA LEU A 543 16.74 -22.52 -13.49
C LEU A 543 16.49 -21.78 -14.81
N LYS A 544 15.24 -21.42 -15.06
CA LYS A 544 14.90 -20.69 -16.26
C LYS A 544 15.50 -19.29 -16.21
N GLY A 545 15.75 -18.73 -17.39
CA GLY A 545 16.30 -17.39 -17.47
C GLY A 545 16.62 -17.04 -18.91
N THR A 546 17.08 -15.80 -19.08
CA THR A 546 17.46 -15.29 -20.39
C THR A 546 18.58 -14.29 -20.21
N GLY A 547 19.67 -14.48 -20.95
CA GLY A 547 20.79 -13.58 -20.85
C GLY A 547 21.93 -14.03 -21.73
N VAL A 548 23.04 -13.31 -21.63
CA VAL A 548 24.24 -13.59 -22.42
C VAL A 548 25.25 -14.29 -21.51
N LEU A 549 25.70 -15.47 -21.94
CA LEU A 549 26.66 -16.26 -21.18
C LEU A 549 28.06 -16.04 -21.74
N THR A 550 28.98 -15.62 -20.88
CA THR A 550 30.36 -15.35 -21.26
C THR A 550 31.31 -15.99 -20.25
N GLU A 551 32.59 -15.91 -20.53
CA GLU A 551 33.60 -16.35 -19.58
C GLU A 551 33.63 -15.40 -18.38
N SER A 552 33.88 -15.95 -17.20
CA SER A 552 33.91 -15.19 -15.96
C SER A 552 35.25 -15.37 -15.26
N ASN A 553 35.78 -14.28 -14.74
CA ASN A 553 36.99 -14.30 -13.94
C ASN A 553 36.71 -14.44 -12.45
N LYS A 554 35.44 -14.49 -12.05
CA LYS A 554 35.08 -14.62 -10.64
C LYS A 554 35.45 -16.03 -10.16
N LYS A 555 36.47 -16.10 -9.32
CA LYS A 555 37.04 -17.39 -8.90
C LYS A 555 36.05 -18.09 -7.97
N PHE A 556 35.36 -19.10 -8.51
CA PHE A 556 34.49 -19.92 -7.69
C PHE A 556 35.31 -20.93 -6.90
N LEU A 557 35.07 -20.99 -5.60
CA LEU A 557 35.70 -22.00 -4.77
C LEU A 557 35.09 -23.36 -5.07
N PRO A 558 35.79 -24.45 -4.74
CA PRO A 558 35.27 -25.78 -5.09
C PRO A 558 33.87 -26.06 -4.57
N PHE A 559 33.54 -25.60 -3.36
CA PHE A 559 32.18 -25.78 -2.85
C PHE A 559 31.20 -24.83 -3.51
N GLN A 560 31.68 -23.69 -4.01
CA GLN A 560 30.79 -22.69 -4.58
C GLN A 560 30.21 -23.16 -5.90
N GLN A 561 28.90 -22.96 -6.07
CA GLN A 561 28.20 -23.33 -7.30
C GLN A 561 27.62 -22.12 -8.02
N PHE A 562 26.89 -21.27 -7.32
CA PHE A 562 26.22 -20.14 -7.94
C PHE A 562 26.98 -18.86 -7.65
N GLY A 563 26.44 -17.74 -8.14
CA GLY A 563 27.03 -16.44 -7.92
C GLY A 563 26.02 -15.32 -8.08
N ARG A 564 25.97 -14.42 -7.10
CA ARG A 564 25.03 -13.31 -7.10
C ARG A 564 25.79 -11.98 -7.12
N ASP A 565 25.05 -10.89 -7.01
CA ASP A 565 25.62 -9.56 -7.07
C ASP A 565 24.98 -8.71 -5.98
N ILE A 566 25.22 -7.40 -6.02
CA ILE A 566 24.62 -6.48 -5.06
C ILE A 566 23.11 -6.47 -5.21
N ALA A 567 22.61 -6.77 -6.41
CA ALA A 567 21.19 -6.74 -6.71
C ALA A 567 20.46 -8.03 -6.30
N ASP A 568 21.03 -8.78 -5.36
CA ASP A 568 20.43 -10.00 -4.78
C ASP A 568 19.81 -10.91 -5.82
N THR A 569 20.43 -11.03 -6.99
CA THR A 569 19.97 -11.90 -8.04
C THR A 569 21.15 -12.68 -8.61
N THR A 570 20.85 -13.82 -9.22
CA THR A 570 21.91 -14.66 -9.79
C THR A 570 22.66 -13.90 -10.87
N ASP A 571 23.98 -13.99 -10.81
CA ASP A 571 24.83 -13.28 -11.76
C ASP A 571 25.81 -14.24 -12.43
N ALA A 572 26.20 -15.29 -11.70
CA ALA A 572 27.13 -16.28 -12.21
C ALA A 572 26.62 -17.67 -11.86
N VAL A 573 26.91 -18.63 -12.72
CA VAL A 573 26.52 -20.02 -12.53
C VAL A 573 27.61 -20.92 -13.10
N ARG A 574 27.84 -22.05 -12.45
CA ARG A 574 28.81 -23.03 -12.89
C ARG A 574 28.12 -24.12 -13.70
N ASP A 575 28.74 -24.54 -14.78
CA ASP A 575 28.14 -25.52 -15.67
C ASP A 575 27.95 -26.84 -14.95
N PRO A 576 26.76 -27.43 -14.97
CA PRO A 576 26.54 -28.70 -14.26
C PRO A 576 27.35 -29.86 -14.81
N GLN A 577 27.80 -29.79 -16.06
CA GLN A 577 28.55 -30.87 -16.68
C GLN A 577 30.06 -30.66 -16.58
N THR A 578 30.56 -29.55 -17.09
CA THR A 578 31.98 -29.23 -17.03
C THR A 578 32.24 -28.21 -15.93
N LEU A 579 33.42 -28.29 -15.32
CA LEU A 579 33.80 -27.40 -14.24
C LEU A 579 34.25 -26.06 -14.83
N GLU A 580 33.29 -25.36 -15.41
CA GLU A 580 33.51 -24.06 -16.02
C GLU A 580 32.60 -23.02 -15.38
N ILE A 581 33.17 -21.86 -15.08
CA ILE A 581 32.46 -20.77 -14.42
C ILE A 581 31.98 -19.79 -15.48
N LEU A 582 30.71 -19.42 -15.41
CA LEU A 582 30.11 -18.49 -16.35
C LEU A 582 29.34 -17.42 -15.59
N ASP A 583 29.33 -16.21 -16.14
CA ASP A 583 28.56 -15.10 -15.58
C ASP A 583 27.44 -14.76 -16.56
N ILE A 584 26.20 -14.76 -16.07
CA ILE A 584 25.03 -14.52 -16.90
C ILE A 584 24.64 -13.06 -16.78
N THR A 585 24.58 -12.37 -17.90
CA THR A 585 24.14 -10.98 -17.96
C THR A 585 23.06 -10.84 -19.03
N PRO A 586 22.00 -10.08 -18.75
CA PRO A 586 20.96 -9.88 -19.76
C PRO A 586 21.51 -9.15 -20.96
N CYS A 587 21.03 -9.54 -22.15
CA CYS A 587 21.43 -8.85 -23.37
C CYS A 587 20.89 -7.41 -23.35
N SER A 588 21.68 -6.50 -23.92
CA SER A 588 21.42 -5.08 -23.78
C SER A 588 20.03 -4.71 -24.29
N PHE A 589 19.30 -3.94 -23.48
CA PHE A 589 17.96 -3.52 -23.83
C PHE A 589 17.83 -2.00 -23.96
N GLY A 590 18.23 -1.24 -22.94
CA GLY A 590 18.12 0.20 -23.03
C GLY A 590 16.68 0.67 -23.13
N GLY A 591 16.49 1.82 -23.77
CA GLY A 591 15.17 2.38 -23.98
C GLY A 591 15.14 3.19 -25.25
N VAL A 592 13.94 3.38 -25.77
CA VAL A 592 13.73 4.07 -27.04
C VAL A 592 12.78 5.25 -26.81
N SER A 593 13.14 6.39 -27.39
CA SER A 593 12.29 7.58 -27.40
C SER A 593 12.20 8.12 -28.82
N VAL A 594 11.08 8.76 -29.12
CA VAL A 594 10.81 9.22 -30.47
C VAL A 594 10.86 10.75 -30.50
N ILE A 595 11.31 11.28 -31.64
CA ILE A 595 11.37 12.72 -31.87
C ILE A 595 10.38 13.04 -32.97
N THR A 596 9.40 13.89 -32.67
CA THR A 596 8.41 14.24 -33.68
C THR A 596 8.19 15.74 -33.73
N PRO A 597 8.08 16.32 -34.92
CA PRO A 597 7.75 17.74 -35.04
C PRO A 597 6.28 18.07 -34.94
N GLY A 598 5.44 17.10 -34.58
CA GLY A 598 4.01 17.30 -34.53
C GLY A 598 3.32 16.76 -35.77
N THR A 599 2.27 15.96 -35.58
CA THR A 599 1.55 15.40 -36.71
C THR A 599 0.91 16.48 -37.57
N ASN A 600 0.61 17.64 -36.99
CA ASN A 600 0.04 18.74 -37.77
C ASN A 600 1.02 19.29 -38.80
N THR A 601 2.33 19.11 -38.58
CA THR A 601 3.35 19.63 -39.49
C THR A 601 3.92 18.56 -40.41
N SER A 602 4.42 17.46 -39.85
CA SER A 602 5.01 16.41 -40.65
C SER A 602 4.84 15.07 -39.94
N ASN A 603 4.96 13.99 -40.70
CA ASN A 603 4.82 12.65 -40.17
C ASN A 603 6.13 11.92 -39.96
N GLN A 604 7.21 12.36 -40.60
CA GLN A 604 8.51 11.74 -40.39
C GLN A 604 9.02 12.04 -38.98
N VAL A 605 9.64 11.04 -38.36
CA VAL A 605 10.08 11.14 -36.98
C VAL A 605 11.52 10.66 -36.88
N ALA A 606 12.17 11.06 -35.80
CA ALA A 606 13.53 10.62 -35.46
C ALA A 606 13.48 9.76 -34.21
N VAL A 607 14.27 8.69 -34.20
CA VAL A 607 14.27 7.71 -33.13
C VAL A 607 15.54 7.88 -32.31
N LEU A 608 15.37 7.99 -30.99
CA LEU A 608 16.48 8.10 -30.07
C LEU A 608 16.55 6.85 -29.22
N TYR A 609 17.68 6.16 -29.24
CA TYR A 609 17.94 4.99 -28.43
C TYR A 609 18.72 5.42 -27.19
N GLN A 610 18.15 5.23 -26.01
CA GLN A 610 18.70 5.81 -24.80
C GLN A 610 19.86 4.98 -24.28
N GLY A 611 21.02 5.62 -24.13
CA GLY A 611 22.15 5.01 -23.44
C GLY A 611 22.71 3.76 -24.08
N VAL A 612 22.82 3.73 -25.40
CA VAL A 612 23.44 2.62 -26.11
C VAL A 612 24.37 3.18 -27.18
N ASN A 613 25.55 2.57 -27.29
CA ASN A 613 26.50 2.94 -28.32
C ASN A 613 26.05 2.38 -29.67
N CYS A 614 26.04 3.24 -30.69
CA CYS A 614 25.55 2.81 -32.00
C CYS A 614 26.41 1.70 -32.58
N THR A 615 27.72 1.91 -32.65
CA THR A 615 28.61 0.91 -33.23
C THR A 615 28.72 -0.32 -32.34
N GLU A 616 28.88 -0.11 -31.03
CA GLU A 616 29.04 -1.23 -30.11
C GLU A 616 27.78 -2.08 -30.02
N VAL A 617 26.61 -1.50 -30.29
CA VAL A 617 25.35 -2.25 -30.27
C VAL A 617 24.73 -2.20 -31.65
N PRO A 618 25.05 -3.14 -32.53
CA PRO A 618 24.41 -3.16 -33.86
C PRO A 618 22.95 -3.56 -33.77
N VAL A 619 22.11 -2.61 -33.35
CA VAL A 619 20.69 -2.88 -33.09
C VAL A 619 19.95 -3.33 -34.34
N ALA A 620 20.54 -3.16 -35.52
CA ALA A 620 19.88 -3.53 -36.78
C ALA A 620 20.07 -5.03 -37.04
N ILE A 621 19.44 -5.84 -36.19
CA ILE A 621 19.39 -7.27 -36.39
C ILE A 621 18.21 -7.57 -37.32
N HIS A 622 18.25 -8.72 -38.00
CA HIS A 622 17.34 -9.01 -39.10
C HIS A 622 15.86 -8.97 -38.70
N ALA A 623 15.41 -9.89 -37.85
CA ALA A 623 13.96 -10.01 -37.71
C ALA A 623 13.46 -10.00 -36.27
N ASP A 624 14.17 -10.63 -35.33
CA ASP A 624 13.61 -10.96 -34.02
C ASP A 624 13.96 -9.90 -32.99
N GLN A 625 13.24 -8.78 -33.04
CA GLN A 625 13.35 -7.72 -32.04
C GLN A 625 11.96 -7.23 -31.69
N LEU A 626 11.86 -6.54 -30.55
CA LEU A 626 10.63 -5.82 -30.25
C LEU A 626 10.38 -4.75 -31.29
N THR A 627 9.11 -4.54 -31.63
CA THR A 627 8.71 -3.78 -32.80
C THR A 627 9.42 -4.32 -34.05
N PRO A 628 9.16 -5.58 -34.41
CA PRO A 628 9.92 -6.20 -35.51
C PRO A 628 9.70 -5.53 -36.86
N THR A 629 8.57 -4.86 -37.07
CA THR A 629 8.34 -4.16 -38.31
C THR A 629 9.32 -3.00 -38.48
N TRP A 630 9.81 -2.44 -37.38
CA TRP A 630 10.80 -1.38 -37.44
C TRP A 630 12.11 -1.91 -38.01
N ARG A 631 12.65 -1.19 -38.98
CA ARG A 631 13.96 -1.51 -39.54
C ARG A 631 14.99 -0.42 -39.30
N VAL A 632 14.67 0.82 -39.66
CA VAL A 632 15.52 2.01 -39.54
C VAL A 632 17.00 1.67 -39.67
N TYR A 633 17.36 0.96 -40.74
CA TYR A 633 18.77 0.67 -41.00
C TYR A 633 19.56 1.95 -41.19
N SER A 634 18.99 2.90 -41.93
CA SER A 634 19.57 4.24 -42.10
C SER A 634 21.00 4.16 -42.64
N THR A 635 21.18 3.43 -43.73
CA THR A 635 22.48 3.42 -44.40
C THR A 635 22.72 4.71 -45.16
N GLY A 636 21.67 5.34 -45.68
CA GLY A 636 21.83 6.63 -46.34
C GLY A 636 21.75 7.79 -45.37
N SER A 637 20.70 7.84 -44.58
CA SER A 637 20.57 8.88 -43.56
C SER A 637 21.56 8.64 -42.44
N ASN A 638 22.28 9.68 -42.04
CA ASN A 638 23.34 9.53 -41.06
C ASN A 638 22.79 9.18 -39.69
N VAL A 639 23.63 8.55 -38.87
CA VAL A 639 23.32 8.21 -37.50
C VAL A 639 24.25 9.01 -36.59
N PHE A 640 23.68 9.79 -35.69
CA PHE A 640 24.44 10.63 -34.79
C PHE A 640 24.46 9.99 -33.40
N GLN A 641 25.66 9.79 -32.86
CA GLN A 641 25.83 9.24 -31.53
C GLN A 641 26.00 10.39 -30.54
N THR A 642 25.06 10.53 -29.63
CA THR A 642 25.08 11.59 -28.63
C THR A 642 25.42 11.02 -27.26
N ARG A 643 25.70 11.93 -26.33
CA ARG A 643 25.98 11.51 -24.95
C ARG A 643 24.74 10.85 -24.33
N ALA A 644 23.56 11.37 -24.64
CA ALA A 644 22.33 10.76 -24.14
C ALA A 644 22.14 9.36 -24.70
N GLY A 645 22.45 9.17 -25.98
CA GLY A 645 22.31 7.86 -26.59
C GLY A 645 22.46 7.93 -28.09
N CYS A 646 21.98 6.89 -28.76
CA CYS A 646 22.05 6.81 -30.21
C CYS A 646 20.81 7.44 -30.82
N LEU A 647 21.01 8.38 -31.75
CA LEU A 647 19.93 9.08 -32.41
C LEU A 647 19.88 8.67 -33.87
N ILE A 648 18.71 8.23 -34.33
CA ILE A 648 18.52 7.74 -35.69
C ILE A 648 17.36 8.49 -36.31
N GLY A 649 17.55 8.99 -37.53
CA GLY A 649 16.52 9.73 -38.24
C GLY A 649 16.73 11.22 -38.29
N ALA A 650 17.83 11.73 -37.72
CA ALA A 650 18.14 13.15 -37.75
C ALA A 650 19.60 13.34 -38.13
N GLU A 651 19.90 14.48 -38.74
CA GLU A 651 21.24 14.81 -39.18
C GLU A 651 21.84 15.88 -38.27
N TYR A 652 23.08 15.68 -37.88
CA TYR A 652 23.79 16.64 -37.04
C TYR A 652 24.48 17.67 -37.91
N VAL A 653 24.35 18.94 -37.55
CA VAL A 653 24.93 20.03 -38.31
C VAL A 653 25.83 20.84 -37.39
N ASN A 654 26.85 21.46 -37.98
CA ASN A 654 27.76 22.32 -37.23
C ASN A 654 27.17 23.72 -37.10
N ASN A 655 25.95 23.81 -36.59
CA ASN A 655 25.25 25.07 -36.42
C ASN A 655 24.60 25.09 -35.04
N SER A 656 24.32 26.30 -34.55
CA SER A 656 23.75 26.50 -33.24
C SER A 656 22.42 27.23 -33.35
N TYR A 657 21.39 26.71 -32.69
CA TYR A 657 20.08 27.33 -32.65
C TYR A 657 19.51 27.19 -31.25
N GLU A 658 18.39 27.86 -31.01
CA GLU A 658 17.68 27.69 -29.75
C GLU A 658 17.10 26.28 -29.67
N CYS A 659 17.06 25.75 -28.45
CA CYS A 659 16.60 24.38 -28.23
C CYS A 659 15.10 24.29 -28.48
N ASP A 660 14.71 23.46 -29.45
CA ASP A 660 13.30 23.22 -29.75
C ASP A 660 12.81 21.93 -29.12
N ILE A 661 13.45 20.80 -29.43
CA ILE A 661 13.12 19.52 -28.84
C ILE A 661 14.31 19.04 -28.01
N PRO A 662 14.24 19.12 -26.68
CA PRO A 662 15.40 18.76 -25.85
C PRO A 662 15.68 17.27 -25.93
N ILE A 663 16.85 16.92 -26.46
CA ILE A 663 17.28 15.52 -26.52
C ILE A 663 18.06 15.14 -25.27
N GLY A 664 18.96 16.01 -24.83
CA GLY A 664 19.77 15.76 -23.65
C GLY A 664 21.24 16.02 -23.92
N ALA A 665 21.97 16.38 -22.86
CA ALA A 665 23.40 16.63 -22.93
C ALA A 665 23.75 17.71 -23.94
N GLY A 666 22.88 18.71 -24.05
CA GLY A 666 23.14 19.86 -24.90
C GLY A 666 22.75 19.69 -26.36
N ILE A 667 22.14 18.57 -26.73
CA ILE A 667 21.68 18.35 -28.10
C ILE A 667 20.17 18.56 -28.14
N CYS A 668 19.70 19.31 -29.13
CA CYS A 668 18.28 19.51 -29.34
C CYS A 668 17.96 19.38 -30.82
N ALA A 669 16.74 18.97 -31.12
CA ALA A 669 16.30 18.72 -32.49
C ALA A 669 15.18 19.67 -32.87
N SER A 670 15.03 19.89 -34.16
CA SER A 670 13.99 20.78 -34.67
C SER A 670 13.71 20.42 -36.12
N TYR A 671 12.58 20.91 -36.61
CA TYR A 671 12.15 20.72 -38.00
C TYR A 671 12.47 21.99 -38.77
N GLN A 672 13.54 21.96 -39.56
CA GLN A 672 14.00 23.13 -40.29
C GLN A 672 14.54 22.70 -41.64
N THR A 673 14.63 23.67 -42.56
CA THR A 673 15.16 23.42 -43.89
C THR A 673 16.64 23.08 -43.85
N SER A 686 14.44 18.93 -48.62
CA SER A 686 14.03 20.28 -48.27
C SER A 686 13.88 20.43 -46.76
N GLN A 687 12.82 19.85 -46.22
CA GLN A 687 12.55 19.90 -44.78
C GLN A 687 12.90 18.57 -44.15
N SER A 688 13.65 18.61 -43.05
CA SER A 688 14.08 17.41 -42.36
C SER A 688 14.35 17.74 -40.90
N ILE A 689 14.41 16.70 -40.09
CA ILE A 689 14.70 16.85 -38.66
C ILE A 689 16.22 16.94 -38.49
N ILE A 690 16.68 18.01 -37.85
CA ILE A 690 18.10 18.28 -37.68
C ILE A 690 18.43 18.32 -36.20
N ALA A 691 19.53 17.70 -35.83
CA ALA A 691 20.05 17.74 -34.47
C ALA A 691 21.23 18.71 -34.42
N TYR A 692 21.36 19.44 -33.33
CA TYR A 692 22.39 20.45 -33.20
C TYR A 692 22.71 20.66 -31.73
N THR A 693 23.67 21.53 -31.46
CA THR A 693 24.03 21.92 -30.11
C THR A 693 23.35 23.24 -29.76
N MET A 694 22.87 23.35 -28.53
CA MET A 694 22.11 24.53 -28.13
C MET A 694 22.96 25.78 -28.22
N SER A 695 22.33 26.89 -28.61
CA SER A 695 22.95 28.20 -28.63
C SER A 695 22.54 28.91 -27.35
N LEU A 696 23.51 29.11 -26.45
CA LEU A 696 23.21 29.78 -25.18
C LEU A 696 22.76 31.21 -25.39
N GLY A 697 23.37 31.91 -26.33
CA GLY A 697 22.98 33.28 -26.64
C GLY A 697 23.99 33.92 -27.55
N ALA A 698 23.64 35.12 -28.00
CA ALA A 698 24.52 35.88 -28.87
C ALA A 698 25.75 36.34 -28.09
N GLU A 699 26.93 36.11 -28.66
CA GLU A 699 28.16 36.53 -28.02
C GLU A 699 28.21 38.05 -27.89
N ASN A 700 28.58 38.54 -26.72
CA ASN A 700 28.63 39.97 -26.46
C ASN A 700 29.92 40.31 -25.74
N SER A 701 30.47 41.47 -26.07
CA SER A 701 31.67 41.99 -25.42
C SER A 701 31.39 43.41 -24.96
N VAL A 702 31.68 43.70 -23.69
CA VAL A 702 31.41 45.00 -23.10
C VAL A 702 32.67 45.84 -23.20
N ALA A 703 32.53 47.07 -23.72
CA ALA A 703 33.67 47.96 -23.93
C ALA A 703 34.08 48.57 -22.59
N TYR A 704 34.60 47.70 -21.72
CA TYR A 704 35.08 48.14 -20.42
C TYR A 704 36.38 48.92 -20.55
N SER A 705 36.54 49.94 -19.72
CA SER A 705 37.74 50.76 -19.74
C SER A 705 37.87 51.45 -18.39
N ASN A 706 39.06 52.01 -18.15
CA ASN A 706 39.31 52.72 -16.90
C ASN A 706 38.39 53.94 -16.78
N ASN A 707 38.21 54.68 -17.88
CA ASN A 707 37.36 55.88 -17.90
C ASN A 707 36.40 55.75 -19.07
N SER A 708 35.27 55.07 -18.85
CA SER A 708 34.27 54.90 -19.88
C SER A 708 32.97 54.43 -19.22
N ILE A 709 31.89 55.17 -19.45
CA ILE A 709 30.58 54.84 -18.91
C ILE A 709 29.54 55.02 -20.01
N ALA A 710 28.47 54.25 -19.93
CA ALA A 710 27.38 54.30 -20.91
C ALA A 710 26.11 54.76 -20.20
N ILE A 711 25.74 56.01 -20.42
CA ILE A 711 24.55 56.61 -19.82
C ILE A 711 23.44 56.60 -20.86
N PRO A 712 22.33 55.92 -20.61
CA PRO A 712 21.24 55.91 -21.60
C PRO A 712 20.67 57.31 -21.81
N THR A 713 20.32 57.60 -23.07
CA THR A 713 19.73 58.88 -23.43
C THR A 713 18.23 58.81 -23.64
N ASN A 714 17.65 57.61 -23.63
CA ASN A 714 16.22 57.42 -23.84
C ASN A 714 15.77 56.27 -22.96
N PHE A 715 14.51 55.86 -23.13
CA PHE A 715 13.97 54.78 -22.32
C PHE A 715 12.81 54.13 -23.07
N THR A 716 12.45 52.94 -22.61
CA THR A 716 11.32 52.20 -23.17
C THR A 716 10.45 51.70 -22.02
N ILE A 717 9.16 52.01 -22.08
CA ILE A 717 8.20 51.50 -21.11
C ILE A 717 7.73 50.14 -21.58
N SER A 718 8.03 49.11 -20.80
CA SER A 718 7.77 47.73 -21.18
C SER A 718 6.72 47.13 -20.27
N VAL A 719 5.70 46.50 -20.86
CA VAL A 719 4.66 45.81 -20.14
C VAL A 719 4.77 44.32 -20.47
N THR A 720 4.99 43.50 -19.46
CA THR A 720 5.16 42.07 -19.63
C THR A 720 4.16 41.33 -18.74
N THR A 721 3.54 40.30 -19.31
CA THR A 721 2.59 39.51 -18.55
C THR A 721 3.29 38.49 -17.67
N GLU A 722 2.56 37.98 -16.69
CA GLU A 722 3.08 36.94 -15.79
C GLU A 722 1.90 36.15 -15.27
N ILE A 723 1.89 34.84 -15.55
CA ILE A 723 0.77 33.96 -15.21
C ILE A 723 1.21 33.08 -14.05
N LEU A 724 0.38 33.03 -13.01
CA LEU A 724 0.66 32.22 -11.83
C LEU A 724 -0.60 31.47 -11.43
N PRO A 725 -0.56 30.14 -11.32
CA PRO A 725 -1.71 29.41 -10.80
C PRO A 725 -1.97 29.78 -9.35
N VAL A 726 -3.25 29.78 -8.96
CA VAL A 726 -3.67 30.16 -7.61
C VAL A 726 -4.42 29.00 -6.94
N SER A 727 -5.40 28.42 -7.64
CA SER A 727 -6.17 27.31 -7.11
C SER A 727 -6.46 26.34 -8.25
N MET A 728 -6.79 25.11 -7.87
CA MET A 728 -7.14 24.10 -8.86
C MET A 728 -8.59 23.64 -8.63
N THR A 729 -8.97 22.60 -9.34
CA THR A 729 -10.32 22.07 -9.22
C THR A 729 -10.50 21.37 -7.87
N LYS A 730 -11.58 21.72 -7.17
CA LYS A 730 -11.93 21.06 -5.93
C LYS A 730 -12.78 19.83 -6.24
N THR A 731 -12.37 18.69 -5.71
CA THR A 731 -13.01 17.42 -6.03
C THR A 731 -13.29 16.61 -4.77
N SER A 732 -14.29 15.74 -4.86
CA SER A 732 -14.61 14.81 -3.79
C SER A 732 -14.86 13.44 -4.41
N VAL A 733 -14.61 12.40 -3.63
CA VAL A 733 -14.72 11.02 -4.10
C VAL A 733 -15.63 10.26 -3.14
N ASP A 734 -16.48 9.41 -3.71
CA ASP A 734 -17.39 8.56 -2.93
C ASP A 734 -16.85 7.13 -3.00
N CYS A 735 -16.27 6.66 -1.89
CA CYS A 735 -15.74 5.30 -1.85
C CYS A 735 -16.83 4.26 -2.02
N THR A 736 -17.97 4.46 -1.35
CA THR A 736 -19.02 3.44 -1.34
C THR A 736 -19.53 3.14 -2.75
N MET A 737 -19.38 4.09 -3.68
CA MET A 737 -19.78 3.87 -5.06
C MET A 737 -18.61 3.57 -5.98
N TYR A 738 -17.45 4.19 -5.76
CA TYR A 738 -16.30 3.92 -6.62
C TYR A 738 -15.79 2.51 -6.42
N ILE A 739 -15.60 2.09 -5.17
CA ILE A 739 -15.08 0.74 -4.91
C ILE A 739 -16.11 -0.32 -5.26
N CYS A 740 -17.35 -0.13 -4.82
CA CYS A 740 -18.42 -1.12 -4.98
C CYS A 740 -19.65 -0.44 -5.56
N GLY A 741 -19.72 -0.36 -6.89
CA GLY A 741 -20.86 0.26 -7.54
C GLY A 741 -22.10 -0.62 -7.51
N ASP A 742 -23.09 -0.23 -6.71
CA ASP A 742 -24.39 -0.91 -6.64
C ASP A 742 -24.22 -2.38 -6.25
N SER A 743 -23.70 -2.59 -5.03
CA SER A 743 -23.52 -3.95 -4.51
C SER A 743 -23.57 -3.87 -2.99
N THR A 744 -24.69 -4.32 -2.41
CA THR A 744 -24.85 -4.25 -0.96
C THR A 744 -23.82 -5.10 -0.24
N GLU A 745 -23.58 -6.32 -0.73
CA GLU A 745 -22.61 -7.19 -0.10
C GLU A 745 -21.17 -6.67 -0.25
N CYS A 746 -20.87 -6.03 -1.38
CA CYS A 746 -19.56 -5.38 -1.50
C CYS A 746 -19.44 -4.24 -0.50
N SER A 747 -20.51 -3.49 -0.27
CA SER A 747 -20.49 -2.46 0.76
C SER A 747 -20.29 -3.08 2.14
N ASN A 748 -20.90 -4.22 2.40
CA ASN A 748 -20.70 -4.91 3.67
C ASN A 748 -19.25 -5.33 3.84
N LEU A 749 -18.63 -5.82 2.77
CA LEU A 749 -17.21 -6.13 2.82
C LEU A 749 -16.38 -4.89 3.11
N LEU A 750 -16.75 -3.76 2.50
CA LEU A 750 -16.03 -2.52 2.75
C LEU A 750 -16.14 -2.10 4.22
N LEU A 751 -17.33 -2.21 4.80
CA LEU A 751 -17.48 -1.91 6.22
C LEU A 751 -16.65 -2.87 7.07
N GLN A 752 -16.63 -4.15 6.68
CA GLN A 752 -15.78 -5.12 7.37
C GLN A 752 -14.32 -4.72 7.31
N TYR A 753 -13.91 -4.05 6.22
CA TYR A 753 -12.54 -3.57 6.13
C TYR A 753 -12.25 -2.43 7.10
N GLY A 754 -13.27 -1.85 7.73
CA GLY A 754 -13.06 -0.77 8.67
C GLY A 754 -13.36 0.60 8.09
N SER A 755 -12.74 1.64 8.65
CA SER A 755 -12.95 3.02 8.21
C SER A 755 -11.64 3.51 7.61
N PHE A 756 -11.45 3.28 6.31
CA PHE A 756 -10.27 3.72 5.61
C PHE A 756 -10.51 4.96 4.75
N CYS A 757 -11.74 5.19 4.32
CA CYS A 757 -12.06 6.31 3.45
C CYS A 757 -12.48 7.56 4.22
N THR A 758 -12.59 7.50 5.54
CA THR A 758 -12.84 8.71 6.32
C THR A 758 -11.67 9.68 6.18
N GLN A 759 -10.45 9.17 6.25
CA GLN A 759 -9.28 10.04 6.10
C GLN A 759 -9.14 10.53 4.66
N LEU A 760 -9.56 9.72 3.68
CA LEU A 760 -9.55 10.19 2.29
C LEU A 760 -10.49 11.38 2.11
N LYS A 761 -11.70 11.28 2.64
CA LYS A 761 -12.64 12.39 2.56
C LYS A 761 -12.12 13.60 3.32
N ARG A 762 -11.50 13.37 4.48
CA ARG A 762 -10.92 14.47 5.24
C ARG A 762 -9.83 15.17 4.44
N ALA A 763 -8.96 14.40 3.79
CA ALA A 763 -7.89 15.01 2.99
C ALA A 763 -8.44 15.79 1.81
N LEU A 764 -9.45 15.25 1.13
CA LEU A 764 -10.03 15.97 0.00
C LEU A 764 -10.72 17.25 0.45
N THR A 765 -11.44 17.21 1.58
CA THR A 765 -12.07 18.43 2.10
C THR A 765 -11.01 19.45 2.50
N GLY A 766 -9.92 18.99 3.10
CA GLY A 766 -8.83 19.90 3.43
C GLY A 766 -8.22 20.54 2.20
N ILE A 767 -8.07 19.76 1.13
CA ILE A 767 -7.55 20.31 -0.12
C ILE A 767 -8.49 21.36 -0.69
N ALA A 768 -9.79 21.08 -0.67
CA ALA A 768 -10.76 22.03 -1.20
C ALA A 768 -10.76 23.34 -0.41
N VAL A 769 -10.78 23.23 0.92
CA VAL A 769 -10.78 24.45 1.73
C VAL A 769 -9.45 25.18 1.58
N GLU A 770 -8.35 24.45 1.36
CA GLU A 770 -7.07 25.10 1.10
C GLU A 770 -7.11 25.88 -0.21
N GLN A 771 -7.74 25.31 -1.25
CA GLN A 771 -7.88 26.04 -2.50
C GLN A 771 -8.69 27.31 -2.32
N ASP A 772 -9.79 27.22 -1.58
CA ASP A 772 -10.60 28.41 -1.31
C ASP A 772 -9.80 29.46 -0.55
N LYS A 773 -9.03 29.03 0.44
CA LYS A 773 -8.20 29.95 1.21
C LYS A 773 -7.13 30.59 0.33
N ASN A 774 -6.56 29.82 -0.59
CA ASN A 774 -5.56 30.36 -1.50
C ASN A 774 -6.15 31.45 -2.37
N THR A 775 -7.33 31.20 -2.94
CA THR A 775 -7.97 32.21 -3.76
C THR A 775 -8.27 33.46 -2.95
N GLN A 776 -8.81 33.29 -1.73
CA GLN A 776 -9.14 34.44 -0.91
C GLN A 776 -7.89 35.25 -0.55
N GLU A 777 -6.80 34.56 -0.19
CA GLU A 777 -5.59 35.26 0.18
C GLU A 777 -4.98 36.00 -0.99
N VAL A 778 -5.00 35.38 -2.18
CA VAL A 778 -4.42 36.03 -3.35
C VAL A 778 -5.22 37.26 -3.74
N PHE A 779 -6.55 37.15 -3.73
CA PHE A 779 -7.38 38.22 -4.28
C PHE A 779 -7.95 39.17 -3.22
N ALA A 780 -8.56 38.63 -2.18
CA ALA A 780 -9.22 39.47 -1.17
C ALA A 780 -8.16 40.10 -0.28
N GLN A 781 -7.63 41.24 -0.73
CA GLN A 781 -6.61 41.97 0.00
C GLN A 781 -6.99 43.41 0.31
N VAL A 782 -8.19 43.85 -0.08
CA VAL A 782 -8.66 45.21 0.18
C VAL A 782 -9.98 45.13 0.93
N LYS A 783 -10.13 46.00 1.93
CA LYS A 783 -11.36 46.08 2.69
C LYS A 783 -12.40 46.99 2.04
N GLN A 784 -12.02 47.75 1.02
CA GLN A 784 -12.92 48.66 0.34
C GLN A 784 -12.92 48.34 -1.15
N ILE A 785 -14.11 48.22 -1.74
CA ILE A 785 -14.25 47.97 -3.17
C ILE A 785 -14.23 49.32 -3.86
N TYR A 786 -13.02 49.77 -4.21
CA TYR A 786 -12.86 51.07 -4.84
C TYR A 786 -13.43 51.07 -6.26
N LYS A 787 -13.98 52.21 -6.66
CA LYS A 787 -14.56 52.38 -7.97
C LYS A 787 -13.87 53.54 -8.68
N THR A 788 -13.55 53.34 -9.96
CA THR A 788 -12.95 54.40 -10.73
C THR A 788 -13.96 55.52 -10.98
N PRO A 789 -13.50 56.77 -11.09
CA PRO A 789 -14.41 57.88 -11.38
C PRO A 789 -15.02 57.74 -12.76
N PRO A 790 -16.17 58.36 -13.01
CA PRO A 790 -16.79 58.25 -14.34
C PRO A 790 -15.88 58.74 -15.46
N ILE A 791 -15.08 59.77 -15.21
CA ILE A 791 -14.09 60.20 -16.20
C ILE A 791 -12.97 59.17 -16.27
N LYS A 792 -12.44 58.96 -17.47
CA LYS A 792 -11.41 57.95 -17.70
C LYS A 792 -10.15 58.56 -18.31
N TYR A 793 -9.75 59.72 -17.82
CA TYR A 793 -8.54 60.40 -18.27
C TYR A 793 -7.54 60.37 -17.12
N PHE A 794 -6.44 59.63 -17.31
CA PHE A 794 -5.39 59.49 -16.30
C PHE A 794 -4.07 59.91 -16.93
N GLY A 795 -3.81 61.21 -16.93
CA GLY A 795 -2.55 61.73 -17.43
C GLY A 795 -2.24 61.33 -18.87
N GLY A 796 -3.26 61.11 -19.68
CA GLY A 796 -3.07 60.67 -21.04
C GLY A 796 -2.92 59.17 -21.22
N PHE A 797 -2.90 58.41 -20.13
CA PHE A 797 -2.78 56.97 -20.22
C PHE A 797 -4.13 56.36 -20.60
N ASN A 798 -4.09 55.13 -21.11
CA ASN A 798 -5.28 54.42 -21.55
C ASN A 798 -5.40 53.12 -20.77
N PHE A 799 -6.49 52.99 -20.02
CA PHE A 799 -6.74 51.80 -19.21
C PHE A 799 -8.04 51.10 -19.59
N SER A 800 -8.57 51.39 -20.78
CA SER A 800 -9.85 50.80 -21.18
C SER A 800 -9.74 49.30 -21.38
N GLN A 801 -8.54 48.78 -21.69
CA GLN A 801 -8.37 47.36 -21.94
C GLN A 801 -8.29 46.54 -20.66
N ILE A 802 -8.13 47.17 -19.50
CA ILE A 802 -8.06 46.46 -18.24
C ILE A 802 -9.16 46.87 -17.26
N LEU A 803 -9.80 48.02 -17.44
CA LEU A 803 -10.93 48.38 -16.61
C LEU A 803 -12.17 47.59 -17.05
N PRO A 804 -13.03 47.21 -16.11
CA PRO A 804 -14.25 46.51 -16.50
C PRO A 804 -15.19 47.41 -17.29
N ASP A 805 -15.94 46.78 -18.21
CA ASP A 805 -16.90 47.50 -19.01
C ASP A 805 -18.31 47.19 -18.52
N PRO A 806 -19.06 48.18 -18.02
CA PRO A 806 -20.41 47.90 -17.52
C PRO A 806 -21.38 47.42 -18.59
N SER A 807 -21.09 47.65 -19.87
CA SER A 807 -21.99 47.23 -20.92
C SER A 807 -22.14 45.71 -20.95
N LYS A 808 -21.04 44.98 -20.80
CA LYS A 808 -21.10 43.53 -20.75
C LYS A 808 -21.74 43.09 -19.44
N PRO A 809 -22.66 42.11 -19.48
CA PRO A 809 -23.29 41.65 -18.23
C PRO A 809 -22.32 41.11 -17.21
N SER A 810 -21.22 40.48 -17.64
CA SER A 810 -20.19 40.01 -16.74
C SER A 810 -19.11 41.07 -16.63
N LYS A 811 -18.86 41.55 -15.41
CA LYS A 811 -17.95 42.67 -15.19
C LYS A 811 -16.50 42.20 -15.30
N ARG A 812 -16.10 41.88 -16.53
CA ARG A 812 -14.75 41.46 -16.84
C ARG A 812 -14.18 42.33 -17.94
N SER A 813 -12.89 42.65 -17.83
CA SER A 813 -12.25 43.50 -18.82
C SER A 813 -11.98 42.72 -20.10
N PHE A 814 -11.49 43.43 -21.12
CA PHE A 814 -11.20 42.80 -22.40
C PHE A 814 -10.11 41.76 -22.27
N ILE A 815 -9.05 42.08 -21.52
CA ILE A 815 -7.96 41.12 -21.34
C ILE A 815 -8.43 39.92 -20.52
N GLU A 816 -9.26 40.16 -19.51
CA GLU A 816 -9.81 39.05 -18.73
C GLU A 816 -10.68 38.17 -19.60
N ASP A 817 -11.48 38.77 -20.50
CA ASP A 817 -12.28 37.98 -21.42
C ASP A 817 -11.40 37.15 -22.35
N LEU A 818 -10.30 37.74 -22.84
CA LEU A 818 -9.39 36.99 -23.68
C LEU A 818 -8.78 35.81 -22.94
N LEU A 819 -8.38 36.03 -21.68
CA LEU A 819 -7.84 34.93 -20.88
C LEU A 819 -8.86 33.83 -20.67
N PHE A 820 -10.10 34.21 -20.36
CA PHE A 820 -11.15 33.21 -20.16
C PHE A 820 -11.40 32.42 -21.44
N ASN A 821 -11.45 33.10 -22.58
CA ASN A 821 -11.68 32.41 -23.84
C ASN A 821 -10.51 31.49 -24.21
N LYS A 822 -9.29 31.89 -23.85
CA LYS A 822 -8.14 31.03 -24.13
C LYS A 822 -8.16 29.78 -23.24
N VAL A 823 -8.52 29.95 -21.97
CA VAL A 823 -8.50 28.79 -21.07
C VAL A 823 -9.69 27.86 -21.31
N THR A 824 -10.85 28.40 -21.72
CA THR A 824 -12.05 27.59 -21.86
C THR A 824 -11.97 26.58 -22.99
N LEU A 825 -10.87 26.52 -23.74
CA LEU A 825 -10.72 25.49 -24.76
C LEU A 825 -10.71 24.10 -24.15
N ALA A 826 -10.32 23.98 -22.89
CA ALA A 826 -10.35 22.71 -22.17
C ALA A 826 -10.78 23.02 -20.73
N ASP A 827 -12.06 22.76 -20.43
CA ASP A 827 -12.63 23.01 -19.11
C ASP A 827 -13.47 21.81 -18.71
N ALA A 828 -12.90 20.93 -17.88
CA ALA A 828 -13.61 19.76 -17.38
C ALA A 828 -14.41 20.05 -16.11
N GLY A 829 -14.26 21.24 -15.53
CA GLY A 829 -15.00 21.59 -14.33
C GLY A 829 -16.42 22.04 -14.63
N PHE A 830 -17.27 21.11 -15.06
CA PHE A 830 -18.65 21.42 -15.40
C PHE A 830 -19.52 21.29 -14.15
N ILE A 831 -19.43 22.32 -13.29
CA ILE A 831 -20.24 22.34 -12.08
C ILE A 831 -21.71 22.56 -12.40
N LYS A 832 -22.03 23.07 -13.59
CA LYS A 832 -23.41 23.31 -13.97
C LYS A 832 -24.18 22.02 -14.23
N GLN A 833 -23.50 20.89 -14.40
CA GLN A 833 -24.17 19.62 -14.62
C GLN A 833 -24.74 19.09 -13.31
N TYR A 834 -25.88 18.40 -13.42
CA TYR A 834 -26.57 17.84 -12.26
C TYR A 834 -27.12 16.48 -12.65
N GLY A 835 -28.03 15.97 -11.83
CA GLY A 835 -28.67 14.69 -12.10
C GLY A 835 -29.52 14.67 -13.36
N ASP A 836 -29.85 15.85 -13.92
CA ASP A 836 -30.60 15.91 -15.16
C ASP A 836 -29.82 15.41 -16.37
N CYS A 837 -28.51 15.20 -16.22
CA CYS A 837 -27.66 14.73 -17.31
C CYS A 837 -27.93 13.25 -17.54
N LEU A 838 -29.00 12.97 -18.29
CA LEU A 838 -29.39 11.61 -18.61
C LEU A 838 -29.65 11.43 -20.10
N GLY A 839 -29.06 12.27 -20.95
CA GLY A 839 -29.24 12.17 -22.39
C GLY A 839 -28.17 11.30 -23.02
N ALA A 843 -22.72 9.88 -26.28
CA ALA A 843 -22.04 11.12 -25.97
C ALA A 843 -21.93 11.31 -24.45
N ARG A 844 -22.88 12.04 -23.88
CA ARG A 844 -22.96 12.30 -22.44
C ARG A 844 -21.72 13.01 -21.90
N ASP A 845 -20.99 13.71 -22.78
CA ASP A 845 -19.81 14.48 -22.40
C ASP A 845 -18.77 13.63 -21.67
N LEU A 846 -17.84 14.28 -20.99
CA LEU A 846 -16.83 13.60 -20.19
C LEU A 846 -16.95 13.91 -18.70
N ILE A 847 -17.28 15.14 -18.33
CA ILE A 847 -17.49 15.47 -16.93
C ILE A 847 -18.69 14.73 -16.36
N CYS A 848 -19.76 14.60 -17.16
CA CYS A 848 -20.93 13.85 -16.71
C CYS A 848 -20.59 12.38 -16.51
N ALA A 849 -19.76 11.82 -17.39
CA ALA A 849 -19.33 10.43 -17.22
C ALA A 849 -18.53 10.26 -15.95
N GLN A 850 -17.63 11.20 -15.65
CA GLN A 850 -16.88 11.15 -14.41
C GLN A 850 -17.76 11.39 -13.19
N LYS A 851 -18.90 12.07 -13.36
CA LYS A 851 -19.79 12.31 -12.24
C LYS A 851 -20.29 11.00 -11.64
N PHE A 852 -20.62 10.03 -12.49
CA PHE A 852 -20.93 8.70 -12.01
C PHE A 852 -19.71 8.09 -11.32
N LYS A 853 -19.93 6.97 -10.65
CA LYS A 853 -18.91 6.29 -9.85
C LYS A 853 -18.38 7.17 -8.72
N GLY A 854 -19.20 8.13 -8.26
CA GLY A 854 -18.87 8.92 -7.09
C GLY A 854 -17.63 9.78 -7.21
N LEU A 855 -17.48 10.49 -8.32
CA LEU A 855 -16.33 11.35 -8.57
C LEU A 855 -16.86 12.71 -9.01
N THR A 856 -17.13 13.58 -8.04
CA THR A 856 -17.80 14.86 -8.27
C THR A 856 -16.78 15.99 -8.20
N VAL A 857 -17.27 17.20 -8.46
CA VAL A 857 -16.47 18.42 -8.43
C VAL A 857 -17.17 19.45 -7.56
N LEU A 858 -16.46 19.98 -6.58
CA LEU A 858 -17.01 21.01 -5.69
C LEU A 858 -16.79 22.39 -6.30
N PRO A 859 -17.84 23.19 -6.47
CA PRO A 859 -17.66 24.51 -7.07
C PRO A 859 -16.86 25.41 -6.16
N PRO A 860 -16.09 26.35 -6.71
CA PRO A 860 -15.31 27.26 -5.87
C PRO A 860 -16.21 28.16 -5.04
N LEU A 861 -15.74 28.50 -3.84
CA LEU A 861 -16.50 29.39 -2.97
C LEU A 861 -16.63 30.78 -3.56
N LEU A 862 -15.57 31.28 -4.18
CA LEU A 862 -15.55 32.61 -4.78
C LEU A 862 -15.86 32.49 -6.26
N THR A 863 -16.93 33.13 -6.70
CA THR A 863 -17.32 33.06 -8.10
C THR A 863 -16.36 33.89 -8.96
N ASP A 864 -16.42 33.64 -10.27
CA ASP A 864 -15.58 34.38 -11.19
C ASP A 864 -15.95 35.86 -11.20
N GLU A 865 -17.24 36.17 -11.03
CA GLU A 865 -17.66 37.57 -10.95
C GLU A 865 -17.05 38.25 -9.74
N MET A 866 -17.01 37.57 -8.60
CA MET A 866 -16.43 38.16 -7.40
C MET A 866 -14.92 38.36 -7.55
N ILE A 867 -14.24 37.41 -8.19
CA ILE A 867 -12.82 37.57 -8.46
C ILE A 867 -12.59 38.77 -9.38
N ALA A 868 -13.45 38.92 -10.39
CA ALA A 868 -13.34 40.07 -11.29
C ALA A 868 -13.57 41.37 -10.53
N GLN A 869 -14.52 41.37 -9.60
CA GLN A 869 -14.76 42.57 -8.79
C GLN A 869 -13.56 42.90 -7.92
N TYR A 870 -12.93 41.88 -7.32
CA TYR A 870 -11.71 42.10 -6.56
C TYR A 870 -10.61 42.70 -7.44
N THR A 871 -10.44 42.15 -8.64
CA THR A 871 -9.42 42.66 -9.54
C THR A 871 -9.71 44.10 -9.95
N SER A 872 -10.98 44.41 -10.22
CA SER A 872 -11.35 45.77 -10.60
C SER A 872 -11.11 46.74 -9.44
N ALA A 873 -11.43 46.32 -8.22
CA ALA A 873 -11.18 47.18 -7.06
C ALA A 873 -9.70 47.43 -6.86
N LEU A 874 -8.87 46.39 -7.00
CA LEU A 874 -7.43 46.55 -6.89
C LEU A 874 -6.90 47.48 -7.97
N LEU A 875 -7.38 47.32 -9.21
CA LEU A 875 -6.93 48.16 -10.30
C LEU A 875 -7.32 49.62 -10.09
N ALA A 876 -8.57 49.84 -9.64
CA ALA A 876 -9.02 51.20 -9.39
C ALA A 876 -8.22 51.85 -8.26
N GLY A 877 -7.95 51.08 -7.20
CA GLY A 877 -7.13 51.62 -6.11
C GLY A 877 -5.74 51.98 -6.57
N THR A 878 -5.10 51.11 -7.36
CA THR A 878 -3.76 51.40 -7.87
C THR A 878 -3.78 52.62 -8.77
N ILE A 879 -4.79 52.74 -9.63
CA ILE A 879 -4.83 53.85 -10.58
C ILE A 879 -5.06 55.18 -9.86
N THR A 880 -6.02 55.21 -8.94
CA THR A 880 -6.38 56.47 -8.30
C THR A 880 -5.42 56.82 -7.16
N SER A 881 -5.32 55.95 -6.15
CA SER A 881 -4.58 56.25 -4.95
C SER A 881 -3.13 55.80 -5.00
N GLY A 882 -2.69 55.19 -6.09
CA GLY A 882 -1.32 54.71 -6.15
C GLY A 882 -1.12 53.56 -5.18
N TRP A 883 -0.02 53.62 -4.41
CA TRP A 883 0.26 52.61 -3.42
C TRP A 883 -0.22 52.99 -2.02
N THR A 884 -0.87 54.15 -1.88
CA THR A 884 -1.30 54.60 -0.57
C THR A 884 -2.37 53.70 0.01
N PHE A 885 -3.29 53.21 -0.82
CA PHE A 885 -4.38 52.38 -0.32
C PHE A 885 -3.89 51.04 0.21
N GLY A 886 -2.68 50.63 -0.14
CA GLY A 886 -2.12 49.41 0.40
C GLY A 886 -1.56 49.52 1.79
N ALA A 887 -1.46 50.75 2.31
CA ALA A 887 -0.93 50.99 3.65
C ALA A 887 -1.92 51.75 4.53
N GLY A 888 -3.18 51.78 4.14
CA GLY A 888 -4.20 52.50 4.88
C GLY A 888 -5.33 52.91 3.95
N ALA A 889 -5.96 54.03 4.28
CA ALA A 889 -7.03 54.57 3.45
C ALA A 889 -6.48 55.05 2.12
N ALA A 890 -7.33 55.02 1.10
CA ALA A 890 -6.94 55.48 -0.22
C ALA A 890 -6.76 56.99 -0.22
N LEU A 891 -5.72 57.45 -0.92
CA LEU A 891 -5.38 58.87 -1.00
C LEU A 891 -5.31 59.25 -2.47
N GLN A 892 -6.28 60.02 -2.94
CA GLN A 892 -6.34 60.38 -4.35
C GLN A 892 -5.13 61.20 -4.75
N ILE A 893 -4.67 60.98 -5.98
CA ILE A 893 -3.48 61.65 -6.50
C ILE A 893 -3.54 61.62 -8.03
N PRO A 894 -3.19 62.70 -8.72
CA PRO A 894 -3.13 62.65 -10.18
C PRO A 894 -2.14 61.60 -10.65
N PHE A 895 -2.48 60.95 -11.77
CA PHE A 895 -1.65 59.84 -12.25
C PHE A 895 -0.25 60.31 -12.63
N ALA A 896 -0.12 61.53 -13.14
CA ALA A 896 1.20 62.05 -13.46
C ALA A 896 2.07 62.17 -12.22
N MET A 897 1.50 62.65 -11.11
CA MET A 897 2.26 62.73 -9.87
C MET A 897 2.67 61.34 -9.39
N GLN A 898 1.78 60.37 -9.50
CA GLN A 898 2.11 59.01 -9.08
C GLN A 898 3.24 58.43 -9.92
N MET A 899 3.20 58.64 -11.24
CA MET A 899 4.27 58.16 -12.10
C MET A 899 5.58 58.88 -11.81
N ALA A 900 5.51 60.16 -11.47
CA ALA A 900 6.73 60.89 -11.10
C ALA A 900 7.32 60.32 -9.81
N TYR A 901 6.47 60.00 -8.84
CA TYR A 901 6.97 59.39 -7.61
C TYR A 901 7.58 58.03 -7.87
N ARG A 902 6.98 57.25 -8.77
CA ARG A 902 7.56 55.96 -9.12
C ARG A 902 8.91 56.12 -9.84
N PHE A 903 9.02 57.14 -10.70
CA PHE A 903 10.31 57.42 -11.32
C PHE A 903 11.35 57.81 -10.28
N ASN A 904 10.96 58.60 -9.28
CA ASN A 904 11.85 58.89 -8.17
C ASN A 904 12.26 57.60 -7.46
N GLY A 905 11.31 56.68 -7.32
CA GLY A 905 11.63 55.39 -6.71
C GLY A 905 12.65 54.61 -7.49
N ILE A 906 12.60 54.69 -8.82
CA ILE A 906 13.55 53.96 -9.65
C ILE A 906 14.77 54.82 -9.92
N GLY A 907 14.87 55.96 -9.23
CA GLY A 907 16.04 56.81 -9.33
C GLY A 907 16.08 57.75 -10.52
N VAL A 908 14.93 58.13 -11.07
CA VAL A 908 14.85 59.07 -12.18
C VAL A 908 14.09 60.29 -11.70
N THR A 909 14.62 61.47 -12.00
CA THR A 909 14.00 62.72 -11.56
C THR A 909 12.63 62.91 -12.21
N GLN A 910 11.76 63.65 -11.53
CA GLN A 910 10.39 63.81 -11.97
C GLN A 910 10.29 64.54 -13.31
N ASN A 911 11.25 65.42 -13.60
CA ASN A 911 11.16 66.22 -14.82
C ASN A 911 11.19 65.36 -16.07
N VAL A 912 11.84 64.19 -16.02
CA VAL A 912 11.87 63.30 -17.17
C VAL A 912 10.44 62.95 -17.58
N LEU A 913 9.62 62.52 -16.63
CA LEU A 913 8.21 62.29 -16.93
C LEU A 913 7.50 63.59 -17.26
N TYR A 914 7.78 64.66 -16.52
CA TYR A 914 6.97 65.86 -16.67
C TYR A 914 7.16 66.55 -18.02
N GLU A 915 8.23 66.24 -18.75
CA GLU A 915 8.30 66.65 -20.16
C GLU A 915 8.53 65.47 -21.10
N ASN A 916 8.20 64.24 -20.70
CA ASN A 916 8.06 63.14 -21.65
C ASN A 916 6.75 62.40 -21.41
N GLN A 917 5.75 63.08 -20.83
CA GLN A 917 4.49 62.44 -20.50
C GLN A 917 3.77 61.90 -21.73
N LYS A 918 3.74 62.69 -22.81
CA LYS A 918 3.06 62.24 -24.02
C LYS A 918 3.71 60.99 -24.57
N LEU A 919 5.04 60.98 -24.64
CA LEU A 919 5.76 59.81 -25.15
C LEU A 919 5.55 58.60 -24.25
N ILE A 920 5.57 58.80 -22.93
CA ILE A 920 5.41 57.69 -22.01
C ILE A 920 4.00 57.10 -22.12
N ALA A 921 2.99 57.96 -22.21
CA ALA A 921 1.62 57.47 -22.39
C ALA A 921 1.46 56.72 -23.70
N ASN A 922 2.06 57.24 -24.78
CA ASN A 922 1.99 56.55 -26.06
C ASN A 922 2.66 55.19 -25.99
N GLN A 923 3.82 55.12 -25.33
CA GLN A 923 4.52 53.84 -25.21
C GLN A 923 3.72 52.86 -24.37
N PHE A 924 3.10 53.32 -23.29
CA PHE A 924 2.29 52.43 -22.46
C PHE A 924 1.08 51.92 -23.23
N ASN A 925 0.41 52.79 -23.99
CA ASN A 925 -0.73 52.35 -24.78
C ASN A 925 -0.31 51.35 -25.84
N SER A 926 0.83 51.60 -26.50
CA SER A 926 1.33 50.65 -27.50
C SER A 926 1.66 49.31 -26.86
N ALA A 927 2.25 49.33 -25.67
CA ALA A 927 2.55 48.08 -24.98
C ALA A 927 1.29 47.31 -24.62
N ILE A 928 0.25 48.03 -24.16
CA ILE A 928 -1.02 47.37 -23.86
C ILE A 928 -1.62 46.75 -25.12
N GLY A 929 -1.56 47.49 -26.24
CA GLY A 929 -2.05 46.93 -27.50
C GLY A 929 -1.27 45.71 -27.93
N LYS A 930 0.05 45.73 -27.71
CA LYS A 930 0.87 44.56 -28.04
C LYS A 930 0.51 43.36 -27.17
N ILE A 931 0.22 43.60 -25.89
CA ILE A 931 -0.24 42.51 -25.01
C ILE A 931 -1.56 41.95 -25.52
N GLN A 932 -2.47 42.84 -25.92
CA GLN A 932 -3.75 42.37 -26.46
C GLN A 932 -3.54 41.53 -27.71
N ASP A 933 -2.67 41.97 -28.62
CA ASP A 933 -2.43 41.22 -29.84
C ASP A 933 -1.77 39.88 -29.55
N SER A 934 -0.81 39.85 -28.61
CA SER A 934 -0.15 38.60 -28.26
C SER A 934 -1.13 37.61 -27.64
N LEU A 935 -2.01 38.10 -26.76
CA LEU A 935 -2.98 37.20 -26.14
C LEU A 935 -4.00 36.71 -27.15
N SER A 936 -4.46 37.59 -28.04
CA SER A 936 -5.43 37.19 -29.06
C SER A 936 -4.83 36.26 -30.10
N SER A 937 -3.50 36.23 -30.23
CA SER A 937 -2.86 35.37 -31.20
C SER A 937 -2.91 33.92 -30.75
N THR A 938 -2.64 33.01 -31.69
CA THR A 938 -2.67 31.58 -31.41
C THR A 938 -1.55 31.14 -30.48
N ALA A 939 -0.55 31.99 -30.24
CA ALA A 939 0.54 31.64 -29.32
C ALA A 939 0.05 31.70 -27.89
N SER A 940 -0.44 30.56 -27.37
CA SER A 940 -0.99 30.52 -26.02
C SER A 940 0.13 30.59 -24.99
N ALA A 941 0.20 31.72 -24.29
CA ALA A 941 1.18 31.91 -23.22
C ALA A 941 0.68 31.43 -21.86
N LEU A 942 -0.59 31.04 -21.76
CA LEU A 942 -1.15 30.60 -20.50
C LEU A 942 -0.90 29.10 -20.31
N GLY A 943 0.37 28.69 -20.41
CA GLY A 943 0.68 27.28 -20.29
C GLY A 943 0.43 26.71 -18.92
N LYS A 944 0.62 27.51 -17.87
CA LYS A 944 0.55 26.98 -16.50
C LYS A 944 -0.88 26.64 -16.11
N LEU A 945 -1.84 27.53 -16.39
CA LEU A 945 -3.22 27.27 -16.01
C LEU A 945 -3.80 26.10 -16.77
N GLN A 946 -3.61 26.08 -18.09
CA GLN A 946 -4.06 24.95 -18.89
C GLN A 946 -3.35 23.67 -18.49
N ASP A 947 -2.08 23.79 -18.06
CA ASP A 947 -1.32 22.61 -17.63
C ASP A 947 -1.91 22.04 -16.35
N VAL A 948 -2.29 22.91 -15.41
CA VAL A 948 -2.93 22.47 -14.18
C VAL A 948 -4.28 21.81 -14.47
N VAL A 949 -5.07 22.43 -15.36
CA VAL A 949 -6.36 21.85 -15.73
C VAL A 949 -6.16 20.48 -16.36
N ASN A 950 -5.14 20.35 -17.22
CA ASN A 950 -4.86 19.06 -17.86
C ASN A 950 -4.44 18.03 -16.83
N HIS A 951 -3.64 18.43 -15.83
CA HIS A 951 -3.27 17.49 -14.77
C HIS A 951 -4.50 17.00 -14.03
N ASN A 952 -5.41 17.91 -13.66
CA ASN A 952 -6.60 17.48 -12.93
C ASN A 952 -7.47 16.56 -13.78
N ALA A 953 -7.68 16.91 -15.04
CA ALA A 953 -8.50 16.09 -15.92
C ALA A 953 -7.85 14.72 -16.13
N GLN A 954 -6.54 14.68 -16.32
CA GLN A 954 -5.85 13.41 -16.53
C GLN A 954 -5.89 12.55 -15.29
N ALA A 955 -5.76 13.15 -14.11
CA ALA A 955 -5.86 12.38 -12.87
C ALA A 955 -7.25 11.77 -12.73
N LEU A 956 -8.29 12.55 -12.99
CA LEU A 956 -9.64 12.02 -12.91
C LEU A 956 -9.87 10.92 -13.93
N ASN A 957 -9.37 11.11 -15.16
CA ASN A 957 -9.54 10.11 -16.19
C ASN A 957 -8.80 8.82 -15.86
N THR A 958 -7.59 8.92 -15.32
CA THR A 958 -6.86 7.73 -14.91
C THR A 958 -7.59 7.02 -13.77
N LEU A 959 -8.12 7.79 -12.81
CA LEU A 959 -8.83 7.17 -11.69
C LEU A 959 -10.09 6.45 -12.16
N VAL A 960 -10.81 7.03 -13.13
CA VAL A 960 -12.03 6.37 -13.60
C VAL A 960 -11.71 5.19 -14.52
N LYS A 961 -10.62 5.27 -15.30
CA LYS A 961 -10.25 4.17 -16.18
C LYS A 961 -9.56 3.04 -15.45
N GLN A 962 -9.07 3.28 -14.23
CA GLN A 962 -8.42 2.23 -13.46
C GLN A 962 -9.40 1.12 -13.10
N LEU A 963 -10.70 1.38 -13.19
CA LEU A 963 -11.70 0.34 -12.94
C LEU A 963 -11.60 -0.80 -13.94
N SER A 964 -11.00 -0.56 -15.11
CA SER A 964 -10.81 -1.62 -16.09
C SER A 964 -9.75 -2.63 -15.67
N SER A 965 -8.99 -2.34 -14.62
CA SER A 965 -7.94 -3.25 -14.20
C SER A 965 -8.55 -4.52 -13.61
N LYS A 966 -8.15 -5.67 -14.13
CA LYS A 966 -8.57 -6.93 -13.55
C LYS A 966 -7.86 -7.20 -12.24
N PHE A 967 -6.63 -6.71 -12.09
CA PHE A 967 -5.80 -6.97 -10.91
C PHE A 967 -5.56 -8.45 -10.70
N GLY A 968 -5.74 -9.26 -11.75
CA GLY A 968 -5.71 -10.70 -11.61
C GLY A 968 -7.04 -11.34 -11.29
N ALA A 969 -8.14 -10.60 -11.33
CA ALA A 969 -9.46 -11.16 -11.05
C ALA A 969 -10.03 -11.85 -12.29
N ILE A 970 -11.05 -12.68 -12.06
CA ILE A 970 -11.71 -13.36 -13.16
C ILE A 970 -12.49 -12.37 -14.02
N SER A 971 -12.97 -11.28 -13.43
CA SER A 971 -13.69 -10.25 -14.18
C SER A 971 -13.59 -8.94 -13.42
N SER A 972 -13.84 -7.85 -14.14
CA SER A 972 -13.78 -6.51 -13.57
C SER A 972 -15.14 -6.00 -13.13
N VAL A 973 -16.18 -6.83 -13.22
CA VAL A 973 -17.54 -6.44 -12.84
C VAL A 973 -17.92 -7.24 -11.60
N LEU A 974 -18.28 -6.53 -10.52
CA LEU A 974 -18.63 -7.21 -9.27
C LEU A 974 -19.91 -8.01 -9.43
N ASN A 975 -20.89 -7.48 -10.18
CA ASN A 975 -22.17 -8.14 -10.31
C ASN A 975 -22.03 -9.50 -11.00
N ASP A 976 -21.21 -9.56 -12.05
CA ASP A 976 -21.01 -10.84 -12.75
C ASP A 976 -20.39 -11.88 -11.82
N ILE A 977 -19.37 -11.48 -11.06
CA ILE A 977 -18.71 -12.41 -10.15
C ILE A 977 -19.68 -12.89 -9.08
N PHE A 978 -20.45 -11.97 -8.50
CA PHE A 978 -21.45 -12.36 -7.51
C PHE A 978 -22.54 -13.21 -8.13
N SER A 979 -22.73 -13.13 -9.44
CA SER A 979 -23.73 -13.94 -10.13
C SER A 979 -23.18 -15.27 -10.63
N ARG A 980 -21.87 -15.50 -10.56
CA ARG A 980 -21.31 -16.76 -11.04
C ARG A 980 -20.45 -17.51 -10.03
N LEU A 981 -19.79 -16.83 -9.09
CA LEU A 981 -18.98 -17.51 -8.08
C LEU A 981 -19.74 -17.66 -6.77
N ASP A 982 -19.46 -18.74 -6.06
CA ASP A 982 -19.99 -18.94 -4.73
C ASP A 982 -19.32 -17.98 -3.75
N PRO A 983 -20.02 -17.63 -2.66
CA PRO A 983 -19.45 -16.69 -1.68
C PRO A 983 -18.11 -17.13 -1.13
N PRO A 984 -17.88 -18.43 -0.88
CA PRO A 984 -16.54 -18.82 -0.38
C PRO A 984 -15.39 -18.36 -1.26
N GLU A 985 -15.54 -18.40 -2.59
CA GLU A 985 -14.52 -17.89 -3.48
C GLU A 985 -14.77 -16.45 -3.92
N ALA A 986 -16.04 -16.04 -4.00
CA ALA A 986 -16.35 -14.66 -4.34
C ALA A 986 -15.79 -13.69 -3.31
N GLU A 987 -15.65 -14.13 -2.06
CA GLU A 987 -15.09 -13.25 -1.03
C GLU A 987 -13.69 -12.79 -1.41
N VAL A 988 -12.78 -13.73 -1.70
CA VAL A 988 -11.44 -13.35 -2.09
C VAL A 988 -11.44 -12.72 -3.48
N GLN A 989 -12.36 -13.15 -4.35
CA GLN A 989 -12.39 -12.62 -5.71
C GLN A 989 -12.69 -11.13 -5.71
N ILE A 990 -13.62 -10.69 -4.87
CA ILE A 990 -13.89 -9.26 -4.71
C ILE A 990 -12.86 -8.61 -3.79
N ASP A 991 -12.25 -9.39 -2.90
CA ASP A 991 -11.18 -8.83 -2.07
C ASP A 991 -10.05 -8.29 -2.94
N ARG A 992 -9.68 -9.03 -3.97
CA ARG A 992 -8.59 -8.59 -4.83
C ARG A 992 -8.93 -7.27 -5.52
N LEU A 993 -10.13 -7.17 -6.11
CA LEU A 993 -10.53 -5.95 -6.78
C LEU A 993 -10.64 -4.78 -5.82
N ILE A 994 -11.18 -5.04 -4.62
CA ILE A 994 -11.34 -3.97 -3.64
C ILE A 994 -9.99 -3.44 -3.21
N THR A 995 -9.03 -4.34 -2.97
CA THR A 995 -7.68 -3.90 -2.61
C THR A 995 -7.05 -3.09 -3.72
N GLY A 996 -7.21 -3.54 -4.97
CA GLY A 996 -6.65 -2.78 -6.08
C GLY A 996 -7.24 -1.39 -6.20
N ARG A 997 -8.57 -1.29 -6.10
CA ARG A 997 -9.22 0.00 -6.22
C ARG A 997 -8.89 0.91 -5.04
N LEU A 998 -8.77 0.35 -3.84
CA LEU A 998 -8.38 1.14 -2.68
C LEU A 998 -6.97 1.67 -2.83
N GLN A 999 -6.05 0.85 -3.33
CA GLN A 999 -4.70 1.33 -3.59
C GLN A 999 -4.70 2.44 -4.63
N SER A 1000 -5.52 2.29 -5.67
CA SER A 1000 -5.61 3.33 -6.69
C SER A 1000 -6.14 4.64 -6.11
N LEU A 1001 -7.16 4.55 -5.26
CA LEU A 1001 -7.69 5.75 -4.61
C LEU A 1001 -6.66 6.41 -3.71
N GLN A 1002 -5.89 5.60 -2.96
CA GLN A 1002 -4.84 6.16 -2.13
C GLN A 1002 -3.78 6.85 -2.96
N THR A 1003 -3.40 6.25 -4.09
CA THR A 1003 -2.43 6.89 -4.98
C THR A 1003 -2.97 8.21 -5.51
N TYR A 1004 -4.24 8.24 -5.91
CA TYR A 1004 -4.84 9.48 -6.39
C TYR A 1004 -4.85 10.55 -5.31
N VAL A 1005 -5.16 10.17 -4.07
CA VAL A 1005 -5.20 11.13 -2.98
C VAL A 1005 -3.79 11.67 -2.71
N THR A 1006 -2.79 10.81 -2.76
CA THR A 1006 -1.41 11.27 -2.56
C THR A 1006 -0.98 12.23 -3.66
N GLN A 1007 -1.31 11.93 -4.91
CA GLN A 1007 -1.00 12.84 -6.00
C GLN A 1007 -1.72 14.16 -5.83
N GLN A 1008 -2.97 14.12 -5.41
CA GLN A 1008 -3.72 15.35 -5.16
C GLN A 1008 -3.09 16.18 -4.06
N LEU A 1009 -2.61 15.52 -3.00
CA LEU A 1009 -1.93 16.25 -1.93
C LEU A 1009 -0.64 16.89 -2.41
N ILE A 1010 0.12 16.17 -3.24
CA ILE A 1010 1.36 16.74 -3.80
C ILE A 1010 1.04 17.97 -4.64
N ARG A 1011 0.04 17.86 -5.51
CA ARG A 1011 -0.35 19.00 -6.33
C ARG A 1011 -0.91 20.13 -5.49
N ALA A 1012 -1.58 19.80 -4.38
CA ALA A 1012 -2.09 20.82 -3.48
C ALA A 1012 -0.96 21.59 -2.83
N ALA A 1013 0.11 20.89 -2.42
CA ALA A 1013 1.27 21.59 -1.88
C ALA A 1013 1.91 22.48 -2.92
N GLU A 1014 2.03 21.99 -4.16
CA GLU A 1014 2.62 22.81 -5.23
C GLU A 1014 1.77 24.05 -5.50
N ILE A 1015 0.45 23.88 -5.57
CA ILE A 1015 -0.44 25.01 -5.80
C ILE A 1015 -0.44 25.96 -4.62
N ARG A 1016 -0.30 25.45 -3.40
CA ARG A 1016 -0.18 26.31 -2.23
C ARG A 1016 1.05 27.19 -2.32
N ALA A 1017 2.18 26.59 -2.71
CA ALA A 1017 3.40 27.39 -2.88
C ALA A 1017 3.22 28.43 -3.98
N SER A 1018 2.62 28.03 -5.11
CA SER A 1018 2.41 28.97 -6.21
C SER A 1018 1.49 30.10 -5.80
N ALA A 1019 0.43 29.80 -5.04
CA ALA A 1019 -0.51 30.82 -4.61
C ALA A 1019 0.12 31.75 -3.58
N ASN A 1020 0.97 31.22 -2.71
CA ASN A 1020 1.70 32.08 -1.78
C ASN A 1020 2.62 33.04 -2.54
N LEU A 1021 3.31 32.52 -3.55
CA LEU A 1021 4.15 33.39 -4.37
C LEU A 1021 3.32 34.44 -5.09
N ALA A 1022 2.15 34.03 -5.61
CA ALA A 1022 1.29 34.97 -6.31
C ALA A 1022 0.77 36.05 -5.38
N ALA A 1023 0.40 35.68 -4.15
CA ALA A 1023 -0.05 36.68 -3.18
C ALA A 1023 1.08 37.63 -2.81
N THR A 1024 2.29 37.11 -2.63
CA THR A 1024 3.43 37.97 -2.32
C THR A 1024 3.69 38.95 -3.47
N LYS A 1025 3.65 38.46 -4.71
CA LYS A 1025 3.85 39.34 -5.85
C LYS A 1025 2.74 40.36 -5.96
N MET A 1026 1.50 39.95 -5.71
CA MET A 1026 0.38 40.88 -5.70
C MET A 1026 0.62 42.01 -4.71
N SER A 1027 0.96 41.66 -3.47
CA SER A 1027 1.17 42.65 -2.43
C SER A 1027 2.35 43.57 -2.76
N GLU A 1028 3.44 43.00 -3.28
CA GLU A 1028 4.67 43.78 -3.45
C GLU A 1028 4.78 44.48 -4.79
N CYS A 1029 3.89 44.20 -5.74
CA CYS A 1029 3.93 44.88 -7.04
C CYS A 1029 2.69 45.70 -7.33
N VAL A 1030 1.51 45.21 -6.95
CA VAL A 1030 0.29 45.95 -7.23
C VAL A 1030 0.02 46.99 -6.15
N LEU A 1031 0.17 46.60 -4.89
CA LEU A 1031 -0.07 47.51 -3.77
C LEU A 1031 1.12 48.40 -3.46
N GLY A 1032 2.22 48.25 -4.18
CA GLY A 1032 3.37 49.11 -3.95
C GLY A 1032 4.44 48.87 -5.00
N GLN A 1033 5.51 49.66 -4.89
CA GLN A 1033 6.65 49.54 -5.78
C GLN A 1033 7.73 48.70 -5.12
N SER A 1034 8.22 47.70 -5.85
CA SER A 1034 9.20 46.76 -5.33
C SER A 1034 10.58 47.07 -5.90
N LYS A 1035 11.56 47.21 -5.01
CA LYS A 1035 12.93 47.43 -5.42
C LYS A 1035 13.66 46.14 -5.76
N ARG A 1036 13.03 44.99 -5.54
CA ARG A 1036 13.65 43.71 -5.87
C ARG A 1036 13.77 43.58 -7.38
N VAL A 1037 15.01 43.55 -7.87
CA VAL A 1037 15.25 43.53 -9.31
C VAL A 1037 14.76 42.22 -9.91
N ASP A 1038 14.10 42.33 -11.06
CA ASP A 1038 13.59 41.17 -11.80
C ASP A 1038 12.64 40.34 -10.95
N PHE A 1039 11.83 41.01 -10.12
CA PHE A 1039 10.76 40.38 -9.37
C PHE A 1039 9.39 40.71 -9.94
N CYS A 1040 9.08 42.00 -10.08
CA CYS A 1040 7.85 42.43 -10.74
C CYS A 1040 8.15 42.77 -12.20
N GLY A 1041 8.36 41.71 -12.98
CA GLY A 1041 8.73 41.86 -14.37
C GLY A 1041 10.21 42.07 -14.54
N LYS A 1042 10.61 42.31 -15.80
CA LYS A 1042 12.00 42.49 -16.15
C LYS A 1042 12.28 43.97 -16.39
N GLY A 1043 13.29 44.49 -15.71
CA GLY A 1043 13.63 45.89 -15.75
C GLY A 1043 13.38 46.60 -14.44
N TYR A 1044 13.36 47.92 -14.50
CA TYR A 1044 13.06 48.74 -13.33
C TYR A 1044 11.55 48.81 -13.16
N HIS A 1045 11.04 48.15 -12.13
CA HIS A 1045 9.60 48.05 -11.94
C HIS A 1045 8.99 49.41 -11.61
N LEU A 1046 7.84 49.68 -12.21
CA LEU A 1046 7.07 50.90 -11.93
C LEU A 1046 5.74 50.59 -11.26
N MET A 1047 4.92 49.76 -11.89
CA MET A 1047 3.61 49.39 -11.34
C MET A 1047 3.17 48.10 -12.00
N SER A 1048 2.22 47.43 -11.35
CA SER A 1048 1.67 46.17 -11.85
C SER A 1048 0.16 46.20 -11.77
N PHE A 1049 -0.50 45.74 -12.82
CA PHE A 1049 -1.95 45.67 -12.89
C PHE A 1049 -2.39 44.22 -12.90
N PRO A 1050 -3.14 43.76 -11.90
CA PRO A 1050 -3.60 42.37 -11.89
C PRO A 1050 -4.75 42.15 -12.85
N GLN A 1051 -4.85 40.91 -13.33
CA GLN A 1051 -5.95 40.49 -14.19
C GLN A 1051 -6.39 39.09 -13.78
N SER A 1052 -7.68 38.92 -13.59
CA SER A 1052 -8.21 37.62 -13.17
C SER A 1052 -8.13 36.63 -14.32
N ALA A 1053 -7.82 35.39 -13.99
CA ALA A 1053 -7.70 34.30 -14.94
C ALA A 1053 -8.33 33.06 -14.35
N PRO A 1054 -8.76 32.11 -15.18
CA PRO A 1054 -9.34 30.87 -14.63
C PRO A 1054 -8.29 30.06 -13.90
N HIS A 1055 -8.55 29.80 -12.61
CA HIS A 1055 -7.66 29.01 -11.76
C HIS A 1055 -6.27 29.64 -11.69
N GLY A 1056 -6.21 30.96 -11.65
CA GLY A 1056 -4.94 31.64 -11.58
C GLY A 1056 -5.11 33.14 -11.64
N VAL A 1057 -3.97 33.84 -11.68
CA VAL A 1057 -3.94 35.29 -11.78
C VAL A 1057 -2.91 35.68 -12.82
N VAL A 1058 -3.10 36.86 -13.42
CA VAL A 1058 -2.19 37.39 -14.43
C VAL A 1058 -1.78 38.80 -14.02
N PHE A 1059 -0.48 39.06 -14.04
CA PHE A 1059 0.07 40.36 -13.68
C PHE A 1059 0.60 41.06 -14.93
N LEU A 1060 0.29 42.34 -15.05
CA LEU A 1060 0.81 43.17 -16.14
C LEU A 1060 1.87 44.10 -15.52
N HIS A 1061 3.12 43.66 -15.55
CA HIS A 1061 4.21 44.40 -14.93
C HIS A 1061 4.68 45.51 -15.87
N VAL A 1062 4.51 46.76 -15.46
CA VAL A 1062 5.01 47.90 -16.21
C VAL A 1062 6.40 48.23 -15.70
N THR A 1063 7.39 48.18 -16.60
CA THR A 1063 8.78 48.36 -16.22
C THR A 1063 9.43 49.45 -17.05
N TYR A 1064 10.46 50.07 -16.49
CA TYR A 1064 11.21 51.13 -17.14
C TYR A 1064 12.51 50.52 -17.66
N VAL A 1065 12.65 50.45 -18.97
CA VAL A 1065 13.81 49.85 -19.62
C VAL A 1065 14.63 50.96 -20.27
N PRO A 1066 15.85 51.23 -19.82
CA PRO A 1066 16.68 52.23 -20.49
C PRO A 1066 17.07 51.78 -21.90
N ALA A 1067 17.28 52.75 -22.78
CA ALA A 1067 17.62 52.45 -24.16
C ALA A 1067 18.38 53.63 -24.74
N GLN A 1068 19.04 53.38 -25.88
CA GLN A 1068 19.80 54.38 -26.62
C GLN A 1068 20.91 54.99 -25.74
N GLU A 1069 21.85 54.13 -25.34
CA GLU A 1069 22.98 54.57 -24.54
C GLU A 1069 24.03 55.23 -25.44
N LYS A 1070 25.06 55.77 -24.81
CA LYS A 1070 26.11 56.48 -25.54
C LYS A 1070 27.40 56.43 -24.73
N ASN A 1071 28.52 56.36 -25.44
CA ASN A 1071 29.82 56.37 -24.80
C ASN A 1071 30.07 57.71 -24.13
N PHE A 1072 30.73 57.68 -22.97
CA PHE A 1072 31.04 58.89 -22.22
C PHE A 1072 32.27 58.65 -21.38
N THR A 1073 33.31 59.46 -21.59
CA THR A 1073 34.46 59.43 -20.71
C THR A 1073 34.07 59.99 -19.34
N THR A 1074 34.52 59.33 -18.29
CA THR A 1074 34.07 59.65 -16.94
C THR A 1074 35.24 59.65 -15.97
N ALA A 1075 35.11 60.43 -14.90
CA ALA A 1075 36.11 60.50 -13.85
C ALA A 1075 35.44 60.39 -12.49
N PRO A 1076 36.10 59.73 -11.52
CA PRO A 1076 35.45 59.56 -10.22
C PRO A 1076 35.36 60.83 -9.39
N ALA A 1077 36.27 61.78 -9.60
CA ALA A 1077 36.28 62.99 -8.80
C ALA A 1077 36.81 64.15 -9.63
N ILE A 1078 36.51 65.37 -9.17
CA ILE A 1078 36.93 66.59 -9.83
C ILE A 1078 37.72 67.42 -8.84
N CYS A 1079 38.90 67.89 -9.27
CA CYS A 1079 39.77 68.74 -8.46
C CYS A 1079 39.66 70.17 -8.94
N HIS A 1080 39.34 71.08 -8.01
CA HIS A 1080 39.16 72.49 -8.35
C HIS A 1080 40.21 73.38 -7.69
N ASP A 1081 40.34 73.32 -6.36
CA ASP A 1081 41.29 74.14 -5.61
C ASP A 1081 42.06 73.27 -4.62
N GLY A 1082 42.56 72.14 -5.09
CA GLY A 1082 43.28 71.23 -4.24
C GLY A 1082 42.40 70.34 -3.39
N LYS A 1083 41.09 70.40 -3.56
CA LYS A 1083 40.15 69.56 -2.82
C LYS A 1083 39.29 68.79 -3.81
N ALA A 1084 39.08 67.51 -3.52
CA ALA A 1084 38.33 66.65 -4.40
C ALA A 1084 36.83 66.90 -4.29
N HIS A 1085 36.13 66.74 -5.41
CA HIS A 1085 34.68 66.90 -5.47
C HIS A 1085 34.05 65.62 -5.98
N PHE A 1086 32.93 65.25 -5.37
CA PHE A 1086 32.21 64.04 -5.73
C PHE A 1086 30.77 64.37 -6.05
N PRO A 1087 30.14 63.63 -6.97
CA PRO A 1087 28.74 63.92 -7.31
C PRO A 1087 27.81 63.65 -6.14
N ARG A 1088 26.74 64.44 -6.07
CA ARG A 1088 25.73 64.23 -5.03
C ARG A 1088 24.96 62.94 -5.27
N GLU A 1089 24.31 62.83 -6.42
CA GLU A 1089 23.55 61.63 -6.75
C GLU A 1089 23.71 61.23 -8.21
N GLY A 1090 24.72 61.72 -8.90
CA GLY A 1090 24.89 61.41 -10.31
C GLY A 1090 26.28 60.92 -10.68
N VAL A 1091 26.65 61.09 -11.94
CA VAL A 1091 27.96 60.69 -12.45
C VAL A 1091 28.64 61.92 -13.03
N PHE A 1092 29.95 61.80 -13.23
CA PHE A 1092 30.74 62.82 -13.93
C PHE A 1092 30.99 62.34 -15.34
N VAL A 1093 30.55 63.11 -16.33
CA VAL A 1093 30.70 62.75 -17.73
C VAL A 1093 31.23 63.94 -18.50
N SER A 1094 31.86 63.64 -19.64
CA SER A 1094 32.38 64.67 -20.53
C SER A 1094 32.17 64.24 -21.97
N ASN A 1095 31.76 65.19 -22.82
CA ASN A 1095 31.58 64.92 -24.24
C ASN A 1095 32.88 65.11 -25.03
N GLY A 1096 34.03 65.06 -24.36
CA GLY A 1096 35.31 65.22 -24.99
C GLY A 1096 35.94 66.59 -24.81
N THR A 1097 35.14 67.61 -24.52
CA THR A 1097 35.65 68.96 -24.31
C THR A 1097 35.39 69.48 -22.92
N HIS A 1098 34.14 69.42 -22.45
CA HIS A 1098 33.76 69.95 -21.14
C HIS A 1098 33.09 68.86 -20.33
N TRP A 1099 33.33 68.91 -19.02
CA TRP A 1099 32.78 67.93 -18.09
C TRP A 1099 31.39 68.35 -17.62
N PHE A 1100 30.55 67.36 -17.33
CA PHE A 1100 29.19 67.60 -16.87
C PHE A 1100 28.84 66.56 -15.81
N VAL A 1101 27.81 66.87 -15.03
CA VAL A 1101 27.26 65.97 -14.04
C VAL A 1101 25.82 65.66 -14.43
N THR A 1102 25.45 64.38 -14.39
CA THR A 1102 24.12 63.97 -14.79
C THR A 1102 23.68 62.78 -13.95
N GLN A 1103 22.36 62.57 -13.90
CA GLN A 1103 21.82 61.42 -13.19
C GLN A 1103 22.23 60.12 -13.87
N ARG A 1104 22.31 59.06 -13.07
CA ARG A 1104 22.90 57.81 -13.54
C ARG A 1104 22.02 57.07 -14.53
N ASN A 1105 20.71 57.33 -14.55
CA ASN A 1105 19.79 56.58 -15.38
C ASN A 1105 19.25 57.37 -16.57
N PHE A 1106 19.74 58.58 -16.79
CA PHE A 1106 19.27 59.41 -17.91
C PHE A 1106 20.30 60.49 -18.17
N TYR A 1107 20.67 60.67 -19.44
CA TYR A 1107 21.68 61.66 -19.80
C TYR A 1107 21.03 63.04 -19.75
N GLU A 1108 21.22 63.73 -18.63
CA GLU A 1108 20.77 65.11 -18.45
C GLU A 1108 21.95 65.91 -17.94
N PRO A 1109 22.86 66.29 -18.83
CA PRO A 1109 24.09 66.96 -18.39
C PRO A 1109 23.81 68.32 -17.75
N GLN A 1110 24.65 68.68 -16.80
CA GLN A 1110 24.52 69.94 -16.10
C GLN A 1110 25.91 70.46 -15.74
N ILE A 1111 25.98 71.77 -15.49
CA ILE A 1111 27.25 72.38 -15.12
C ILE A 1111 27.64 71.94 -13.71
N ILE A 1112 28.92 71.65 -13.52
CA ILE A 1112 29.42 71.28 -12.20
C ILE A 1112 29.30 72.50 -11.28
N THR A 1113 28.56 72.35 -10.19
CA THR A 1113 28.28 73.45 -9.28
C THR A 1113 28.47 72.97 -7.85
N THR A 1114 28.79 73.92 -6.96
CA THR A 1114 29.06 73.56 -5.57
C THR A 1114 27.87 72.91 -4.89
N ASP A 1115 26.65 73.22 -5.35
CA ASP A 1115 25.48 72.56 -4.79
C ASP A 1115 25.23 71.19 -5.41
N ASN A 1116 25.88 70.87 -6.52
CA ASN A 1116 25.78 69.57 -7.16
C ASN A 1116 26.86 68.60 -6.70
N THR A 1117 27.80 69.05 -5.87
CA THR A 1117 28.92 68.23 -5.43
C THR A 1117 29.21 68.51 -3.96
N PHE A 1118 29.89 67.55 -3.33
CA PHE A 1118 30.34 67.72 -1.95
C PHE A 1118 31.83 67.47 -1.87
N VAL A 1119 32.51 68.31 -1.10
CA VAL A 1119 33.96 68.29 -0.99
C VAL A 1119 34.38 67.28 0.07
N SER A 1120 35.39 66.48 -0.25
CA SER A 1120 35.94 65.52 0.70
C SER A 1120 37.41 65.29 0.38
N GLY A 1121 38.30 65.75 1.27
CA GLY A 1121 39.71 65.50 1.11
C GLY A 1121 40.36 66.35 0.03
N ASN A 1122 41.58 65.96 -0.31
CA ASN A 1122 42.39 66.61 -1.33
C ASN A 1122 42.50 65.72 -2.56
N CYS A 1123 43.31 66.15 -3.53
CA CYS A 1123 43.38 65.51 -4.84
C CYS A 1123 44.62 64.64 -5.00
N ASP A 1124 45.03 63.93 -3.94
CA ASP A 1124 46.19 63.06 -4.07
C ASP A 1124 45.96 61.71 -3.39
N VAL A 1125 44.71 61.30 -3.19
CA VAL A 1125 44.40 60.04 -2.53
C VAL A 1125 43.39 59.27 -3.40
N VAL A 1126 42.80 59.95 -4.38
CA VAL A 1126 41.81 59.37 -5.26
C VAL A 1126 42.46 59.09 -6.61
N ILE A 1127 42.28 57.87 -7.11
CA ILE A 1127 42.87 57.44 -8.37
C ILE A 1127 41.92 57.81 -9.50
N GLY A 1128 42.47 58.45 -10.53
CA GLY A 1128 41.68 58.84 -11.69
C GLY A 1128 41.02 60.19 -11.59
N ILE A 1129 41.32 60.98 -10.55
CA ILE A 1129 40.72 62.30 -10.42
C ILE A 1129 41.18 63.19 -11.57
N VAL A 1130 40.24 63.99 -12.08
CA VAL A 1130 40.49 64.86 -13.24
C VAL A 1130 40.25 66.30 -12.81
N ASN A 1131 41.22 67.17 -13.08
CA ASN A 1131 41.10 68.57 -12.72
C ASN A 1131 40.08 69.27 -13.61
N ASN A 1132 39.22 70.09 -12.99
CA ASN A 1132 38.23 70.87 -13.70
C ASN A 1132 37.64 71.90 -12.74
N THR A 1133 37.15 72.98 -13.31
CA THR A 1133 36.57 74.05 -12.52
C THR A 1133 35.19 73.66 -12.00
N VAL A 1134 34.86 74.16 -10.81
CA VAL A 1134 33.55 73.96 -10.20
C VAL A 1134 32.92 75.34 -10.05
N TYR A 1135 31.76 75.53 -10.67
CA TYR A 1135 31.13 76.84 -10.70
C TYR A 1135 30.51 77.17 -9.34
N ASP A 1136 30.81 78.36 -8.83
CA ASP A 1136 30.22 78.87 -7.60
C ASP A 1136 29.22 79.95 -7.96
N PRO A 1137 27.93 79.79 -7.65
CA PRO A 1137 26.93 80.73 -8.16
C PRO A 1137 26.77 81.99 -7.34
N LEU A 1138 27.74 82.32 -6.49
CA LEU A 1138 27.61 83.48 -5.61
C LEU A 1138 28.56 84.61 -5.96
N GLN A 1139 29.87 84.38 -5.96
CA GLN A 1139 30.79 85.50 -6.09
C GLN A 1139 30.83 86.14 -7.48
N PRO A 1140 30.79 85.40 -8.60
CA PRO A 1140 31.00 86.07 -9.90
C PRO A 1140 29.96 87.13 -10.24
N GLU A 1141 28.70 86.96 -9.83
CA GLU A 1141 27.70 87.99 -10.10
C GLU A 1141 27.14 88.64 -8.85
N LEU A 1142 26.92 87.89 -7.78
CA LEU A 1142 26.37 88.45 -6.54
C LEU A 1142 27.51 89.03 -5.68
N ASP A 1143 28.20 90.01 -6.26
CA ASP A 1143 29.31 90.67 -5.60
C ASP A 1143 28.89 91.92 -4.85
N SER A 1144 27.61 92.29 -4.88
CA SER A 1144 27.13 93.47 -4.18
C SER A 1144 26.67 93.13 -2.76
N THR B 19 -63.57 -15.39 28.83
CA THR B 19 -64.71 -14.63 28.34
C THR B 19 -64.48 -14.18 26.90
N THR B 20 -65.56 -13.90 26.18
CA THR B 20 -65.49 -13.44 24.80
C THR B 20 -65.61 -11.92 24.76
N ARG B 21 -64.56 -11.26 25.27
CA ARG B 21 -64.54 -9.81 25.30
C ARG B 21 -64.19 -9.25 23.92
N THR B 22 -64.47 -7.96 23.74
CA THR B 22 -64.15 -7.29 22.50
C THR B 22 -62.69 -6.84 22.49
N GLN B 23 -62.13 -6.73 21.29
CA GLN B 23 -60.75 -6.31 21.14
C GLN B 23 -60.58 -4.83 21.44
N LEU B 24 -59.34 -4.42 21.69
CA LEU B 24 -59.01 -3.04 21.98
C LEU B 24 -57.95 -2.56 21.00
N PRO B 25 -58.09 -1.36 20.45
CA PRO B 25 -57.09 -0.86 19.50
C PRO B 25 -55.81 -0.45 20.20
N PRO B 26 -54.68 -1.07 19.86
CA PRO B 26 -53.41 -0.71 20.50
C PRO B 26 -52.84 0.56 19.91
N ALA B 27 -52.89 1.65 20.67
CA ALA B 27 -52.29 2.90 20.25
C ALA B 27 -50.80 2.89 20.58
N TYR B 28 -50.13 4.01 20.31
CA TYR B 28 -48.69 4.09 20.46
C TYR B 28 -48.32 5.37 21.21
N THR B 29 -47.13 5.33 21.83
CA THR B 29 -46.56 6.47 22.52
C THR B 29 -45.11 6.62 22.10
N ASN B 30 -44.51 7.75 22.48
CA ASN B 30 -43.13 8.05 22.08
C ASN B 30 -42.15 7.43 23.05
N SER B 31 -41.11 6.78 22.51
CA SER B 31 -40.09 6.16 23.34
C SER B 31 -39.14 7.17 23.96
N PHE B 32 -38.97 8.33 23.32
CA PHE B 32 -38.07 9.39 23.79
C PHE B 32 -36.65 8.84 23.83
N THR B 33 -35.81 9.40 24.71
CA THR B 33 -34.41 9.01 24.81
C THR B 33 -34.22 7.92 25.86
N ARG B 34 -34.93 6.81 25.65
CA ARG B 34 -34.88 5.67 26.54
C ARG B 34 -34.52 4.42 25.76
N GLY B 35 -33.99 3.43 26.47
CA GLY B 35 -33.67 2.15 25.88
C GLY B 35 -32.24 2.02 25.41
N VAL B 36 -31.29 2.36 26.28
CA VAL B 36 -29.87 2.25 25.99
C VAL B 36 -29.26 1.29 27.00
N TYR B 37 -28.60 0.26 26.51
CA TYR B 37 -28.01 -0.78 27.35
C TYR B 37 -26.54 -0.96 27.00
N TYR B 38 -25.79 -1.50 27.93
CA TYR B 38 -24.37 -1.75 27.71
C TYR B 38 -24.19 -2.87 26.72
N PRO B 39 -23.53 -2.65 25.58
CA PRO B 39 -23.38 -3.72 24.59
C PRO B 39 -22.32 -4.74 24.98
N ASP B 40 -21.34 -4.31 25.76
CA ASP B 40 -20.24 -5.19 26.16
C ASP B 40 -19.94 -4.95 27.63
N LYS B 41 -19.32 -5.97 28.25
CA LYS B 41 -18.99 -5.94 29.67
C LYS B 41 -17.57 -5.41 29.88
N VAL B 42 -17.34 -4.18 29.42
CA VAL B 42 -16.05 -3.52 29.55
C VAL B 42 -16.27 -2.16 30.20
N PHE B 43 -15.19 -1.63 30.78
CA PHE B 43 -15.22 -0.36 31.49
C PHE B 43 -14.52 0.70 30.66
N ARG B 44 -15.18 1.85 30.49
CA ARG B 44 -14.62 2.97 29.76
C ARG B 44 -14.83 4.24 30.57
N SER B 45 -13.80 5.07 30.64
CA SER B 45 -13.81 6.28 31.47
C SER B 45 -13.54 7.50 30.61
N SER B 46 -14.50 8.43 30.58
CA SER B 46 -14.34 9.72 29.91
C SER B 46 -13.96 9.55 28.44
N VAL B 47 -14.69 8.67 27.75
CA VAL B 47 -14.48 8.45 26.32
C VAL B 47 -15.84 8.55 25.62
N LEU B 48 -15.78 8.76 24.31
CA LEU B 48 -16.97 8.85 23.47
C LEU B 48 -16.91 7.65 22.50
N HIS B 49 -17.48 6.54 22.93
CA HIS B 49 -17.43 5.30 22.17
C HIS B 49 -18.67 5.16 21.29
N SER B 50 -18.46 4.66 20.08
CA SER B 50 -19.54 4.42 19.12
C SER B 50 -19.68 2.91 18.91
N THR B 51 -20.91 2.42 19.04
CA THR B 51 -21.19 0.99 18.92
C THR B 51 -22.32 0.78 17.92
N GLN B 52 -22.16 -0.23 17.06
CA GLN B 52 -23.18 -0.62 16.10
C GLN B 52 -23.76 -1.95 16.57
N ASP B 53 -24.99 -1.92 17.05
CA ASP B 53 -25.64 -3.10 17.61
C ASP B 53 -27.15 -2.85 17.59
N LEU B 54 -27.92 -3.81 18.10
CA LEU B 54 -29.37 -3.64 18.19
C LEU B 54 -29.70 -2.63 19.28
N PHE B 55 -30.53 -1.64 18.93
CA PHE B 55 -30.89 -0.59 19.86
C PHE B 55 -32.30 -0.10 19.54
N LEU B 56 -32.90 0.58 20.51
CA LEU B 56 -34.19 1.22 20.31
C LEU B 56 -33.99 2.63 19.79
N PRO B 57 -34.51 2.96 18.62
CA PRO B 57 -34.33 4.32 18.10
C PRO B 57 -34.98 5.35 19.01
N PHE B 58 -34.33 6.51 19.13
CA PHE B 58 -34.88 7.60 19.92
C PHE B 58 -36.13 8.15 19.24
N PHE B 59 -37.10 8.53 20.06
CA PHE B 59 -38.38 9.08 19.59
C PHE B 59 -39.05 8.12 18.61
N SER B 60 -39.27 6.90 19.08
CA SER B 60 -39.88 5.85 18.27
C SER B 60 -41.23 5.46 18.85
N ASN B 61 -42.13 5.04 17.96
CA ASN B 61 -43.45 4.62 18.38
C ASN B 61 -43.38 3.29 19.14
N VAL B 62 -43.91 3.28 20.36
CA VAL B 62 -43.96 2.08 21.17
C VAL B 62 -45.37 1.93 21.73
N THR B 63 -45.90 0.71 21.71
CA THR B 63 -47.25 0.47 22.19
C THR B 63 -47.30 0.58 23.71
N TRP B 64 -48.46 0.94 24.23
CA TRP B 64 -48.66 1.22 25.65
C TRP B 64 -49.79 0.37 26.21
N PHE B 65 -49.73 -0.94 25.98
CA PHE B 65 -50.72 -1.88 26.50
C PHE B 65 -51.04 -1.60 27.96
N HIS B 66 -52.31 -1.28 28.21
CA HIS B 66 -52.78 -0.85 29.52
C HIS B 66 -53.75 -1.88 30.06
N VAL B 67 -53.47 -2.38 31.26
CA VAL B 67 -54.33 -3.37 31.92
C VAL B 67 -55.21 -2.64 32.91
N ILE B 68 -56.52 -2.66 32.67
CA ILE B 68 -57.49 -2.00 33.52
C ILE B 68 -58.66 -2.95 33.76
N SER B 69 -59.39 -2.69 34.84
CA SER B 69 -60.58 -3.48 35.18
C SER B 69 -61.72 -3.05 34.25
N GLY B 70 -61.72 -3.62 33.05
CA GLY B 70 -62.72 -3.26 32.07
C GLY B 70 -64.11 -3.69 32.47
N THR B 71 -65.10 -2.89 32.04
CA THR B 71 -66.51 -3.14 32.31
C THR B 71 -66.78 -3.24 33.82
N ASN B 72 -65.97 -2.52 34.60
CA ASN B 72 -66.13 -2.43 36.05
C ASN B 72 -66.15 -3.82 36.70
N GLY B 73 -65.03 -4.52 36.57
CA GLY B 73 -64.84 -5.81 37.21
C GLY B 73 -64.80 -7.02 36.30
N THR B 74 -64.69 -6.83 34.99
CA THR B 74 -64.61 -7.93 34.03
C THR B 74 -63.18 -8.12 33.57
N LYS B 75 -62.79 -9.38 33.38
CA LYS B 75 -61.42 -9.70 33.00
C LYS B 75 -61.09 -9.16 31.62
N ARG B 76 -59.84 -8.69 31.47
CA ARG B 76 -59.34 -8.16 30.20
C ARG B 76 -58.01 -8.87 29.90
N PHE B 77 -58.05 -9.84 28.99
CA PHE B 77 -56.86 -10.61 28.63
C PHE B 77 -56.13 -9.96 27.46
N ASP B 78 -55.75 -8.70 27.65
CA ASP B 78 -55.03 -7.93 26.63
C ASP B 78 -53.55 -8.32 26.59
N ASN B 79 -53.32 -9.58 26.23
CA ASN B 79 -51.97 -10.15 26.16
C ASN B 79 -51.78 -10.79 24.79
N PRO B 80 -51.59 -9.98 23.76
CA PRO B 80 -51.41 -10.53 22.42
C PRO B 80 -50.08 -11.24 22.27
N VAL B 81 -50.00 -12.10 21.26
CA VAL B 81 -48.75 -12.81 20.95
C VAL B 81 -47.92 -11.88 20.07
N LEU B 82 -47.16 -11.03 20.73
CA LEU B 82 -46.36 -10.02 20.03
C LEU B 82 -45.20 -10.69 19.30
N PRO B 83 -44.91 -10.29 18.06
CA PRO B 83 -43.74 -10.85 17.38
C PRO B 83 -42.45 -10.42 18.06
N PHE B 84 -41.51 -11.36 18.17
CA PHE B 84 -40.23 -11.04 18.80
C PHE B 84 -39.33 -10.24 17.86
N ASN B 85 -39.38 -10.54 16.55
CA ASN B 85 -38.55 -9.89 15.56
C ASN B 85 -37.07 -10.02 15.91
N ASP B 86 -36.49 -8.96 16.46
CA ASP B 86 -35.08 -8.96 16.83
C ASP B 86 -34.85 -8.62 18.30
N GLY B 87 -35.67 -7.74 18.88
CA GLY B 87 -35.49 -7.36 20.26
C GLY B 87 -36.78 -6.82 20.84
N VAL B 88 -36.79 -6.69 22.17
CA VAL B 88 -37.94 -6.22 22.92
C VAL B 88 -37.48 -5.12 23.87
N TYR B 89 -38.34 -4.13 24.08
CA TYR B 89 -38.09 -3.08 25.06
C TYR B 89 -39.19 -3.07 26.11
N PHE B 90 -39.48 -4.24 26.68
CA PHE B 90 -40.51 -4.33 27.71
C PHE B 90 -40.25 -3.35 28.83
N ALA B 91 -41.28 -2.62 29.23
CA ALA B 91 -41.21 -1.64 30.30
C ALA B 91 -42.48 -1.71 31.12
N SER B 92 -42.45 -1.13 32.32
CA SER B 92 -43.60 -1.14 33.19
C SER B 92 -43.63 0.14 34.03
N ILE B 93 -44.83 0.53 34.42
CA ILE B 93 -45.03 1.74 35.23
C ILE B 93 -45.91 1.37 36.42
N GLU B 94 -45.93 0.09 36.77
CA GLU B 94 -46.86 -0.41 37.77
C GLU B 94 -46.55 0.14 39.16
N LYS B 95 -47.60 0.43 39.92
CA LYS B 95 -47.44 0.80 41.32
C LYS B 95 -46.89 -0.35 42.15
N SER B 96 -47.45 -1.56 41.96
CA SER B 96 -47.00 -2.74 42.69
C SER B 96 -46.70 -3.86 41.70
N ASN B 97 -46.48 -5.07 42.22
CA ASN B 97 -46.17 -6.23 41.38
C ASN B 97 -47.47 -6.83 40.87
N ILE B 98 -47.80 -6.54 39.61
CA ILE B 98 -48.96 -7.12 38.94
C ILE B 98 -48.54 -8.00 37.78
N ILE B 99 -47.72 -7.47 36.88
CA ILE B 99 -47.28 -8.22 35.70
C ILE B 99 -46.07 -9.06 36.08
N ARG B 100 -46.18 -10.37 35.87
CA ARG B 100 -45.11 -11.31 36.23
C ARG B 100 -45.17 -12.46 35.24
N GLY B 101 -44.22 -12.52 34.32
CA GLY B 101 -44.21 -13.58 33.33
C GLY B 101 -43.82 -13.11 31.94
N TRP B 102 -42.84 -13.80 31.35
CA TRP B 102 -42.32 -13.50 30.01
C TRP B 102 -42.19 -14.78 29.21
N ILE B 103 -43.27 -15.57 29.16
CA ILE B 103 -43.23 -16.85 28.47
C ILE B 103 -42.88 -16.64 27.00
N PHE B 104 -41.96 -17.46 26.50
CA PHE B 104 -41.43 -17.36 25.15
C PHE B 104 -41.74 -18.64 24.39
N GLY B 105 -41.66 -18.56 23.05
CA GLY B 105 -41.85 -19.72 22.22
C GLY B 105 -42.22 -19.40 20.78
N THR B 106 -41.78 -20.25 19.86
CA THR B 106 -42.13 -20.05 18.45
C THR B 106 -43.61 -20.33 18.20
N THR B 107 -44.11 -21.46 18.71
CA THR B 107 -45.51 -21.82 18.55
C THR B 107 -46.29 -21.86 19.85
N LEU B 108 -45.62 -21.89 21.00
CA LEU B 108 -46.27 -21.83 22.32
C LEU B 108 -47.24 -23.00 22.50
N ASP B 109 -46.74 -24.20 22.28
CA ASP B 109 -47.53 -25.42 22.46
C ASP B 109 -46.58 -26.55 22.86
N SER B 110 -47.05 -27.79 22.74
CA SER B 110 -46.31 -28.95 23.21
C SER B 110 -45.34 -29.51 22.18
N LYS B 111 -45.19 -28.86 21.03
CA LYS B 111 -44.29 -29.35 19.98
C LYS B 111 -43.14 -28.37 19.71
N THR B 112 -42.94 -27.38 20.57
CA THR B 112 -41.87 -26.42 20.39
C THR B 112 -41.34 -25.99 21.75
N GLN B 113 -40.02 -25.85 21.85
CA GLN B 113 -39.40 -25.43 23.09
C GLN B 113 -39.87 -24.03 23.49
N SER B 114 -40.14 -23.86 24.77
CA SER B 114 -40.68 -22.61 25.30
C SER B 114 -39.88 -22.19 26.52
N LEU B 115 -39.61 -20.88 26.62
CA LEU B 115 -38.84 -20.32 27.71
C LEU B 115 -39.77 -19.61 28.68
N LEU B 116 -39.73 -20.01 29.95
CA LEU B 116 -40.67 -19.53 30.96
C LEU B 116 -39.91 -18.66 31.97
N ILE B 117 -40.39 -17.43 32.17
CA ILE B 117 -39.72 -16.46 33.03
C ILE B 117 -40.67 -16.02 34.14
N VAL B 118 -41.53 -16.92 34.60
CA VAL B 118 -42.44 -16.59 35.70
C VAL B 118 -41.62 -16.31 36.95
N ASN B 119 -41.81 -15.12 37.53
CA ASN B 119 -41.11 -14.70 38.73
C ASN B 119 -42.08 -14.71 39.91
N ASN B 120 -41.64 -15.27 41.03
CA ASN B 120 -42.47 -15.33 42.23
C ASN B 120 -41.57 -15.27 43.46
N ALA B 121 -42.15 -14.77 44.55
CA ALA B 121 -41.51 -14.78 45.87
C ALA B 121 -40.05 -14.34 45.82
N THR B 122 -39.13 -15.31 45.92
CA THR B 122 -37.70 -15.03 45.92
C THR B 122 -36.95 -15.85 44.88
N ASN B 123 -37.63 -16.33 43.85
CA ASN B 123 -37.00 -17.13 42.80
C ASN B 123 -37.52 -16.72 41.44
N VAL B 124 -36.61 -16.59 40.47
CA VAL B 124 -37.03 -16.35 39.10
C VAL B 124 -37.46 -17.63 38.39
N VAL B 125 -37.04 -18.79 38.90
CA VAL B 125 -37.39 -20.12 38.41
C VAL B 125 -37.52 -20.15 36.90
N ILE B 126 -36.38 -20.12 36.20
CA ILE B 126 -36.35 -20.11 34.74
C ILE B 126 -36.36 -21.56 34.28
N LYS B 127 -37.51 -22.01 33.77
CA LYS B 127 -37.67 -23.37 33.26
C LYS B 127 -37.98 -23.29 31.77
N VAL B 128 -36.98 -23.55 30.94
CA VAL B 128 -37.17 -23.60 29.49
C VAL B 128 -37.56 -25.04 29.14
N CYS B 129 -38.85 -25.31 29.18
CA CYS B 129 -39.40 -26.64 28.98
C CYS B 129 -40.57 -26.57 28.02
N GLU B 130 -40.75 -27.64 27.25
CA GLU B 130 -41.87 -27.73 26.32
C GLU B 130 -43.17 -27.86 27.12
N PHE B 131 -43.92 -26.77 27.21
CA PHE B 131 -45.12 -26.71 28.03
C PHE B 131 -46.32 -26.36 27.17
N GLN B 132 -47.48 -26.89 27.54
CA GLN B 132 -48.74 -26.56 26.88
C GLN B 132 -49.38 -25.38 27.59
N PHE B 133 -49.78 -24.37 26.82
CA PHE B 133 -50.28 -23.11 27.36
C PHE B 133 -51.74 -22.94 26.97
N CYS B 134 -52.56 -22.57 27.95
CA CYS B 134 -53.96 -22.28 27.70
C CYS B 134 -54.11 -20.95 26.96
N ASN B 135 -55.33 -20.68 26.49
CA ASN B 135 -55.60 -19.46 25.74
C ASN B 135 -55.41 -18.22 26.61
N ASP B 136 -55.67 -18.33 27.91
CA ASP B 136 -55.57 -17.21 28.83
C ASP B 136 -54.72 -17.63 30.02
N PRO B 137 -53.39 -17.69 29.85
CA PRO B 137 -52.53 -18.02 30.99
C PRO B 137 -52.32 -16.82 31.90
N PHE B 138 -52.39 -17.07 33.20
CA PHE B 138 -52.29 -16.00 34.19
C PHE B 138 -51.83 -16.60 35.52
N LEU B 139 -51.73 -15.74 36.52
CA LEU B 139 -51.31 -16.14 37.86
C LEU B 139 -52.27 -15.54 38.88
N ASP B 140 -52.15 -16.02 40.12
CA ASP B 140 -52.94 -15.51 41.24
C ASP B 140 -52.00 -14.78 42.19
N HIS B 141 -52.10 -13.45 42.24
CA HIS B 141 -51.23 -12.68 43.12
C HIS B 141 -51.54 -12.95 44.58
N LYS B 142 -52.82 -13.11 44.92
CA LYS B 142 -53.21 -13.47 46.28
C LYS B 142 -53.10 -14.98 46.44
N ASN B 143 -52.16 -15.41 47.27
CA ASN B 143 -51.95 -16.85 47.47
C ASN B 143 -53.15 -17.48 48.17
N ASN B 144 -53.47 -18.70 47.76
CA ASN B 144 -54.62 -19.41 48.34
C ASN B 144 -54.36 -19.74 49.80
N LYS B 145 -55.39 -19.61 50.62
CA LYS B 145 -55.27 -19.92 52.04
C LYS B 145 -55.10 -21.43 52.24
N SER B 146 -54.17 -21.79 53.12
CA SER B 146 -53.87 -23.18 53.42
C SER B 146 -53.55 -24.00 52.16
N MET B 148 -49.14 -25.87 48.91
CA MET B 148 -48.78 -25.62 47.52
C MET B 148 -49.96 -25.01 46.75
N GLU B 149 -49.80 -23.73 46.41
CA GLU B 149 -50.83 -23.04 45.63
C GLU B 149 -50.88 -23.58 44.21
N SER B 150 -52.08 -23.55 43.62
CA SER B 150 -52.31 -24.01 42.25
C SER B 150 -52.26 -22.87 41.24
N GLU B 151 -51.44 -21.85 41.50
CA GLU B 151 -51.36 -20.69 40.62
C GLU B 151 -50.72 -20.99 39.27
N PHE B 152 -50.13 -22.18 39.10
CA PHE B 152 -49.43 -22.53 37.87
C PHE B 152 -50.42 -22.96 36.78
N ARG B 153 -51.38 -22.07 36.52
CA ARG B 153 -52.37 -22.30 35.49
C ARG B 153 -51.86 -21.97 34.09
N VAL B 154 -50.67 -21.40 33.98
CA VAL B 154 -50.12 -21.04 32.67
C VAL B 154 -49.80 -22.29 31.86
N TYR B 155 -49.32 -23.34 32.52
CA TYR B 155 -48.95 -24.58 31.85
C TYR B 155 -49.66 -25.75 32.52
N SER B 156 -49.97 -26.77 31.71
CA SER B 156 -50.69 -27.93 32.19
C SER B 156 -49.98 -29.23 31.83
N SER B 157 -49.20 -29.20 30.74
CA SER B 157 -48.48 -30.36 30.27
C SER B 157 -46.98 -30.12 30.34
N ALA B 158 -46.23 -31.18 30.56
CA ALA B 158 -44.79 -31.11 30.71
C ALA B 158 -44.10 -31.97 29.65
N ASN B 159 -42.78 -31.87 29.60
CA ASN B 159 -41.96 -32.58 28.64
C ASN B 159 -40.53 -32.59 29.17
N ASN B 160 -39.58 -33.04 28.33
CA ASN B 160 -38.18 -33.01 28.72
C ASN B 160 -37.70 -31.59 28.92
N CYS B 161 -36.99 -31.34 30.01
CA CYS B 161 -36.47 -30.03 30.35
C CYS B 161 -34.98 -29.96 30.04
N THR B 162 -34.49 -28.75 29.83
CA THR B 162 -33.11 -28.54 29.40
C THR B 162 -32.31 -27.58 30.27
N PHE B 163 -32.95 -26.70 31.04
CA PHE B 163 -32.22 -25.68 31.78
C PHE B 163 -33.13 -25.16 32.89
N GLU B 164 -32.62 -25.15 34.13
CA GLU B 164 -33.43 -24.94 35.32
C GLU B 164 -32.77 -23.95 36.26
N TYR B 165 -32.34 -22.81 35.74
CA TYR B 165 -31.68 -21.80 36.57
C TYR B 165 -32.68 -21.07 37.45
N VAL B 166 -32.29 -20.82 38.69
CA VAL B 166 -33.04 -19.98 39.62
C VAL B 166 -32.09 -18.97 40.24
N SER B 167 -32.65 -17.85 40.69
CA SER B 167 -31.84 -16.78 41.27
C SER B 167 -32.76 -15.81 41.99
N GLN B 168 -32.18 -14.69 42.45
CA GLN B 168 -32.94 -13.65 43.12
C GLN B 168 -33.93 -13.01 42.15
N PRO B 169 -35.14 -12.69 42.61
CA PRO B 169 -36.16 -12.16 41.70
C PRO B 169 -35.73 -10.86 41.04
N PHE B 170 -36.11 -10.71 39.77
CA PHE B 170 -35.74 -9.56 38.97
C PHE B 170 -36.43 -8.27 39.41
N LEU B 171 -37.49 -8.38 40.21
CA LEU B 171 -38.25 -7.22 40.68
C LEU B 171 -38.04 -7.10 42.18
N MET B 172 -36.98 -6.40 42.57
CA MET B 172 -36.65 -6.22 43.97
C MET B 172 -37.26 -4.98 44.58
N ASP B 173 -37.98 -4.17 43.81
CA ASP B 173 -38.64 -3.00 44.35
C ASP B 173 -39.75 -3.42 45.31
N LEU B 174 -39.82 -2.72 46.45
CA LEU B 174 -40.78 -3.04 47.51
C LEU B 174 -41.69 -1.84 47.74
N GLU B 175 -42.98 -2.09 47.84
CA GLU B 175 -43.97 -1.07 48.13
C GLU B 175 -44.23 -0.91 49.62
N GLY B 176 -43.58 -1.72 50.46
CA GLY B 176 -43.84 -1.69 51.89
C GLY B 176 -43.40 -0.41 52.58
N LYS B 177 -42.49 0.34 51.96
CA LYS B 177 -42.03 1.59 52.56
C LYS B 177 -43.19 2.59 52.67
N GLN B 178 -43.72 3.02 51.53
CA GLN B 178 -44.86 3.93 51.48
C GLN B 178 -45.33 4.00 50.02
N GLY B 179 -46.38 4.77 49.80
CA GLY B 179 -46.92 4.98 48.48
C GLY B 179 -46.41 6.28 47.85
N ASN B 180 -47.21 6.81 46.91
CA ASN B 180 -47.00 8.07 46.21
C ASN B 180 -45.87 8.00 45.19
N PHE B 181 -45.18 6.87 45.03
CA PHE B 181 -44.23 6.70 43.94
C PHE B 181 -44.48 5.36 43.27
N LYS B 182 -44.12 5.29 42.00
CA LYS B 182 -44.34 4.09 41.19
C LYS B 182 -43.02 3.55 40.68
N ASN B 183 -43.06 2.32 40.19
CA ASN B 183 -41.88 1.65 39.65
C ASN B 183 -41.77 1.91 38.14
N LEU B 184 -40.56 1.72 37.63
CA LEU B 184 -40.27 1.95 36.22
C LEU B 184 -39.45 0.76 35.69
N ARG B 185 -39.98 -0.44 35.89
CA ARG B 185 -39.30 -1.65 35.42
C ARG B 185 -39.07 -1.58 33.91
N GLU B 186 -37.85 -1.91 33.50
CA GLU B 186 -37.48 -1.97 32.09
C GLU B 186 -36.85 -3.32 31.80
N PHE B 187 -37.02 -3.80 30.57
CA PHE B 187 -36.48 -5.08 30.17
C PHE B 187 -36.18 -5.08 28.68
N VAL B 188 -34.97 -5.48 28.31
CA VAL B 188 -34.57 -5.64 26.93
C VAL B 188 -34.14 -7.09 26.73
N PHE B 189 -34.74 -7.75 25.74
CA PHE B 189 -34.48 -9.15 25.46
C PHE B 189 -33.80 -9.27 24.10
N LYS B 190 -32.64 -9.94 24.08
CA LYS B 190 -31.87 -10.12 22.86
C LYS B 190 -31.50 -11.60 22.74
N ASN B 191 -31.76 -12.18 21.57
CA ASN B 191 -31.51 -13.60 21.31
C ASN B 191 -30.70 -13.73 20.04
N ILE B 192 -29.38 -13.80 20.17
CA ILE B 192 -28.47 -13.93 19.04
C ILE B 192 -27.43 -15.00 19.33
N ASP B 193 -26.90 -15.58 18.26
CA ASP B 193 -25.88 -16.65 18.27
C ASP B 193 -26.17 -17.68 19.36
N GLY B 194 -27.43 -18.08 19.46
CA GLY B 194 -27.81 -19.09 20.43
C GLY B 194 -27.60 -18.67 21.87
N TYR B 195 -27.92 -17.42 22.20
CA TYR B 195 -27.77 -16.89 23.54
C TYR B 195 -28.94 -15.98 23.84
N PHE B 196 -29.06 -15.59 25.11
CA PHE B 196 -30.13 -14.70 25.53
C PHE B 196 -29.63 -13.79 26.64
N LYS B 197 -29.99 -12.52 26.58
CA LYS B 197 -29.51 -11.52 27.54
C LYS B 197 -30.69 -10.80 28.16
N ILE B 198 -30.49 -10.34 29.41
CA ILE B 198 -31.51 -9.63 30.16
C ILE B 198 -30.90 -8.34 30.70
N TYR B 199 -31.59 -7.22 30.51
CA TYR B 199 -31.17 -5.92 31.02
C TYR B 199 -32.34 -5.27 31.73
N SER B 200 -32.08 -4.64 32.88
CA SER B 200 -33.17 -4.07 33.66
C SER B 200 -32.65 -2.98 34.58
N LYS B 201 -33.49 -1.96 34.77
CA LYS B 201 -33.26 -0.90 35.74
C LYS B 201 -34.60 -0.44 36.29
N HIS B 202 -34.56 0.07 37.53
CA HIS B 202 -35.77 0.53 38.20
C HIS B 202 -35.49 1.90 38.82
N THR B 203 -36.38 2.85 38.55
CA THR B 203 -36.28 4.20 39.10
C THR B 203 -37.65 4.66 39.55
N PRO B 204 -37.72 5.47 40.60
CA PRO B 204 -39.01 6.03 41.02
C PRO B 204 -39.43 7.21 40.16
N ILE B 205 -40.74 7.44 40.13
CA ILE B 205 -41.31 8.53 39.34
C ILE B 205 -42.16 9.49 40.16
N ILE B 206 -42.69 9.05 41.30
CA ILE B 206 -43.56 9.85 42.17
C ILE B 206 -44.85 10.20 41.43
N VAL B 207 -44.77 11.08 40.43
CA VAL B 207 -45.96 11.44 39.67
C VAL B 207 -46.31 10.29 38.73
N ARG B 208 -47.60 9.92 38.71
CA ARG B 208 -48.03 8.82 37.85
C ARG B 208 -48.04 9.24 36.39
N GLU B 209 -48.92 10.20 36.04
CA GLU B 209 -49.06 10.73 34.69
C GLU B 209 -49.08 9.63 33.64
N PRO B 210 -50.14 8.81 33.57
CA PRO B 210 -50.14 7.70 32.62
C PRO B 210 -50.31 8.15 31.18
N GLU B 211 -49.41 9.01 30.71
CA GLU B 211 -49.45 9.53 29.35
C GLU B 211 -48.23 9.15 28.54
N ASP B 212 -47.02 9.36 29.09
CA ASP B 212 -45.79 9.12 28.35
C ASP B 212 -44.69 8.72 29.32
N LEU B 213 -43.64 8.13 28.77
CA LEU B 213 -42.48 7.77 29.57
C LEU B 213 -41.74 9.03 30.03
N PRO B 214 -41.07 8.98 31.17
CA PRO B 214 -40.37 10.16 31.68
C PRO B 214 -39.26 10.62 30.75
N GLN B 215 -39.04 11.93 30.73
CA GLN B 215 -38.00 12.54 29.91
C GLN B 215 -36.68 12.46 30.67
N GLY B 216 -35.97 11.34 30.50
CA GLY B 216 -34.70 11.16 31.17
C GLY B 216 -33.90 10.00 30.63
N PHE B 217 -32.57 10.13 30.67
CA PHE B 217 -31.69 9.08 30.21
C PHE B 217 -31.28 8.19 31.38
N SER B 218 -31.16 6.89 31.10
CA SER B 218 -30.77 5.92 32.12
C SER B 218 -30.13 4.73 31.45
N ALA B 219 -28.93 4.36 31.89
CA ALA B 219 -28.28 3.17 31.37
C ALA B 219 -29.01 1.91 31.83
N LEU B 220 -28.75 0.80 31.13
CA LEU B 220 -29.44 -0.46 31.38
C LEU B 220 -28.39 -1.58 31.41
N GLU B 221 -27.90 -1.91 32.61
CA GLU B 221 -26.86 -2.92 32.71
C GLU B 221 -27.46 -4.33 32.61
N PRO B 222 -26.68 -5.29 32.14
CA PRO B 222 -27.19 -6.67 32.04
C PRO B 222 -27.39 -7.28 33.42
N LEU B 223 -28.30 -8.26 33.47
CA LEU B 223 -28.55 -9.00 34.70
C LEU B 223 -28.10 -10.45 34.63
N VAL B 224 -28.59 -11.22 33.66
CA VAL B 224 -28.20 -12.62 33.52
C VAL B 224 -28.01 -12.91 32.04
N ASP B 225 -27.22 -13.94 31.75
CA ASP B 225 -27.02 -14.42 30.39
C ASP B 225 -27.53 -15.85 30.26
N LEU B 226 -28.32 -16.10 29.22
CA LEU B 226 -28.97 -17.39 29.04
C LEU B 226 -28.37 -18.12 27.85
N PRO B 227 -27.88 -19.34 28.02
CA PRO B 227 -27.23 -20.07 26.92
C PRO B 227 -28.17 -20.90 26.06
N ILE B 228 -29.49 -20.73 26.19
CA ILE B 228 -30.42 -21.51 25.37
C ILE B 228 -30.37 -21.02 23.94
N GLY B 229 -30.26 -21.95 22.99
CA GLY B 229 -30.14 -21.60 21.60
C GLY B 229 -31.30 -22.05 20.74
N ILE B 230 -32.52 -21.89 21.25
CA ILE B 230 -33.73 -22.28 20.53
C ILE B 230 -34.26 -21.09 19.75
N ASN B 231 -34.99 -21.37 18.67
CA ASN B 231 -35.60 -20.33 17.87
C ASN B 231 -36.65 -19.57 18.68
N ILE B 232 -36.67 -18.25 18.49
CA ILE B 232 -37.68 -17.38 19.10
C ILE B 232 -38.26 -16.49 18.03
N THR B 233 -39.60 -16.42 17.97
CA THR B 233 -40.28 -15.58 17.00
C THR B 233 -41.42 -14.75 17.59
N ARG B 234 -41.98 -15.13 18.74
CA ARG B 234 -43.13 -14.43 19.29
C ARG B 234 -42.94 -14.17 20.78
N PHE B 235 -43.65 -13.16 21.27
CA PHE B 235 -43.56 -12.69 22.64
C PHE B 235 -44.93 -12.76 23.31
N GLN B 236 -44.96 -13.27 24.52
CA GLN B 236 -46.19 -13.35 25.30
C GLN B 236 -45.88 -13.05 26.76
N THR B 237 -46.72 -12.24 27.38
CA THR B 237 -46.56 -11.85 28.77
C THR B 237 -47.66 -12.48 29.63
N LEU B 238 -47.58 -12.26 30.93
CA LEU B 238 -48.49 -12.89 31.89
C LEU B 238 -48.93 -11.87 32.92
N LEU B 239 -50.01 -12.19 33.63
CA LEU B 239 -50.58 -11.31 34.64
C LEU B 239 -50.83 -12.10 35.92
N ALA B 240 -51.15 -11.36 36.98
CA ALA B 240 -51.46 -11.95 38.30
C ALA B 240 -52.87 -11.53 38.67
N LEU B 241 -53.80 -12.48 38.65
CA LEU B 241 -55.21 -12.22 38.94
C LEU B 241 -55.75 -13.40 39.74
N HIS B 242 -56.13 -13.17 40.99
CA HIS B 242 -56.55 -14.27 41.84
C HIS B 242 -58.06 -14.53 41.79
N ARG B 243 -58.86 -13.47 41.88
CA ARG B 243 -60.32 -13.57 41.89
C ARG B 243 -60.85 -12.14 41.90
N SER B 244 -62.15 -12.00 41.62
CA SER B 244 -62.78 -10.69 41.66
C SER B 244 -62.76 -10.13 43.08
N TYR B 245 -62.38 -8.87 43.21
CA TYR B 245 -62.27 -8.23 44.52
C TYR B 245 -62.42 -6.72 44.40
N SER B 253 -66.92 -13.39 40.62
CA SER B 253 -67.24 -13.11 39.22
C SER B 253 -66.00 -12.62 38.47
N GLY B 254 -65.21 -13.56 37.98
CA GLY B 254 -64.00 -13.22 37.25
C GLY B 254 -62.84 -12.91 38.18
N TRP B 255 -61.78 -12.38 37.58
CA TRP B 255 -60.55 -12.03 38.28
C TRP B 255 -60.21 -10.57 38.01
N THR B 256 -59.93 -9.82 39.08
CA THR B 256 -59.60 -8.41 38.95
C THR B 256 -58.50 -8.05 39.94
N ALA B 257 -57.74 -7.00 39.59
CA ALA B 257 -56.69 -6.47 40.44
C ALA B 257 -56.57 -4.98 40.17
N GLY B 258 -55.45 -4.38 40.58
CA GLY B 258 -55.23 -2.96 40.38
C GLY B 258 -54.84 -2.62 38.96
N ALA B 259 -54.67 -1.33 38.72
CA ALA B 259 -54.32 -0.83 37.39
C ALA B 259 -52.89 -1.21 37.02
N ALA B 260 -52.67 -1.47 35.74
CA ALA B 260 -51.35 -1.84 35.25
C ALA B 260 -51.20 -1.39 33.81
N ALA B 261 -49.95 -1.25 33.38
CA ALA B 261 -49.64 -0.84 32.01
C ALA B 261 -48.20 -1.18 31.71
N TYR B 262 -47.97 -1.77 30.53
CA TYR B 262 -46.62 -2.12 30.10
C TYR B 262 -46.43 -1.70 28.65
N TYR B 263 -45.20 -1.27 28.33
CA TYR B 263 -44.84 -0.78 27.01
C TYR B 263 -43.90 -1.76 26.34
N VAL B 264 -44.05 -1.92 25.03
CA VAL B 264 -43.25 -2.85 24.24
C VAL B 264 -42.65 -2.10 23.06
N GLY B 265 -41.33 -2.24 22.89
CA GLY B 265 -40.66 -1.63 21.76
C GLY B 265 -39.80 -2.64 21.04
N TYR B 266 -39.46 -2.32 19.80
CA TYR B 266 -38.68 -3.19 18.94
C TYR B 266 -37.32 -2.57 18.64
N LEU B 267 -36.35 -3.43 18.35
CA LEU B 267 -34.98 -3.01 18.08
C LEU B 267 -34.55 -3.47 16.70
N GLN B 268 -33.84 -2.60 16.00
CA GLN B 268 -33.23 -2.91 14.71
C GLN B 268 -31.78 -2.43 14.76
N PRO B 269 -30.91 -3.03 13.94
CA PRO B 269 -29.48 -2.65 14.00
C PRO B 269 -29.28 -1.18 13.71
N ARG B 270 -28.59 -0.51 14.63
CA ARG B 270 -28.34 0.92 14.54
C ARG B 270 -26.96 1.22 15.11
N THR B 271 -26.45 2.40 14.77
CA THR B 271 -25.19 2.89 15.31
C THR B 271 -25.47 3.95 16.36
N PHE B 272 -25.02 3.69 17.58
CA PHE B 272 -25.17 4.63 18.68
C PHE B 272 -23.80 5.08 19.16
N LEU B 273 -23.73 6.33 19.60
CA LEU B 273 -22.53 6.89 20.19
C LEU B 273 -22.78 7.08 21.68
N LEU B 274 -22.00 6.39 22.51
CA LEU B 274 -22.21 6.36 23.95
C LEU B 274 -21.16 7.18 24.66
N LYS B 275 -21.59 7.98 25.63
CA LYS B 275 -20.69 8.79 26.44
C LYS B 275 -20.57 8.14 27.82
N TYR B 276 -19.34 7.80 28.19
CA TYR B 276 -19.03 7.19 29.47
C TYR B 276 -18.39 8.21 30.39
N ASN B 277 -18.85 8.25 31.64
CA ASN B 277 -18.20 9.08 32.65
C ASN B 277 -16.98 8.34 33.22
N GLU B 278 -16.33 8.95 34.20
CA GLU B 278 -15.17 8.30 34.81
C GLU B 278 -15.55 7.07 35.60
N ASN B 279 -16.82 6.89 35.92
CA ASN B 279 -17.29 5.72 36.66
C ASN B 279 -17.82 4.62 35.74
N GLY B 280 -17.72 4.79 34.43
CA GLY B 280 -18.14 3.77 33.49
C GLY B 280 -19.62 3.75 33.16
N THR B 281 -20.41 4.64 33.74
CA THR B 281 -21.84 4.68 33.45
C THR B 281 -22.10 5.54 32.22
N ILE B 282 -23.12 5.14 31.45
CA ILE B 282 -23.51 5.89 30.27
C ILE B 282 -24.42 7.03 30.68
N THR B 283 -23.84 8.20 30.97
CA THR B 283 -24.64 9.34 31.38
C THR B 283 -25.55 9.82 30.26
N ASP B 284 -25.05 9.80 29.02
CA ASP B 284 -25.85 10.23 27.88
C ASP B 284 -25.37 9.53 26.63
N ALA B 285 -26.23 9.46 25.63
CA ALA B 285 -25.90 8.86 24.35
C ALA B 285 -26.67 9.57 23.26
N VAL B 286 -26.15 9.49 22.03
CA VAL B 286 -26.76 10.15 20.89
C VAL B 286 -26.90 9.14 19.76
N ASP B 287 -27.93 9.32 18.95
CA ASP B 287 -28.13 8.50 17.78
C ASP B 287 -27.19 8.95 16.66
N CYS B 288 -27.17 8.17 15.58
CA CYS B 288 -26.39 8.52 14.40
C CYS B 288 -27.25 8.67 13.15
N ALA B 289 -28.56 8.48 13.24
CA ALA B 289 -29.43 8.61 12.08
C ALA B 289 -30.76 9.30 12.38
N LEU B 290 -30.96 9.82 13.59
CA LEU B 290 -32.24 10.42 13.92
C LEU B 290 -32.46 11.74 13.18
N ASP B 291 -31.46 12.60 13.19
CA ASP B 291 -31.56 13.92 12.56
C ASP B 291 -30.16 14.37 12.17
N PRO B 292 -30.04 15.40 11.33
CA PRO B 292 -28.70 15.80 10.87
C PRO B 292 -27.74 16.15 11.99
N LEU B 293 -28.23 16.72 13.09
CA LEU B 293 -27.36 17.01 14.22
C LEU B 293 -26.77 15.73 14.80
N SER B 294 -27.58 14.67 14.87
CA SER B 294 -27.07 13.38 15.35
C SER B 294 -26.00 12.84 14.43
N GLU B 295 -26.19 12.96 13.11
CA GLU B 295 -25.17 12.50 12.18
C GLU B 295 -23.88 13.30 12.34
N THR B 296 -23.98 14.62 12.51
CA THR B 296 -22.79 15.43 12.71
C THR B 296 -22.07 15.05 13.99
N LYS B 297 -22.81 14.84 15.08
CA LYS B 297 -22.19 14.43 16.33
C LYS B 297 -21.52 13.07 16.19
N CYS B 298 -22.19 12.13 15.50
CA CYS B 298 -21.65 10.80 15.32
C CYS B 298 -20.37 10.82 14.49
N THR B 299 -20.35 11.64 13.43
CA THR B 299 -19.14 11.76 12.61
C THR B 299 -18.01 12.44 13.37
N LEU B 300 -18.31 13.50 14.11
CA LEU B 300 -17.30 14.22 14.86
C LEU B 300 -16.93 13.53 16.17
N LYS B 301 -17.70 12.52 16.59
CA LYS B 301 -17.47 11.82 17.85
C LYS B 301 -17.42 12.79 19.03
N SER B 302 -18.36 13.72 19.04
CA SER B 302 -18.46 14.70 20.12
C SER B 302 -19.91 15.11 20.28
N PHE B 303 -20.33 15.33 21.53
CA PHE B 303 -21.69 15.77 21.80
C PHE B 303 -21.91 17.23 21.48
N THR B 304 -20.85 18.00 21.30
CA THR B 304 -20.93 19.40 20.92
C THR B 304 -20.26 19.59 19.56
N VAL B 305 -20.86 20.43 18.73
CA VAL B 305 -20.38 20.68 17.38
C VAL B 305 -20.17 22.17 17.21
N GLU B 306 -18.96 22.56 16.82
CA GLU B 306 -18.68 23.96 16.55
C GLU B 306 -19.34 24.39 15.23
N LYS B 307 -19.55 25.70 15.11
CA LYS B 307 -20.19 26.23 13.91
C LYS B 307 -19.32 25.96 12.69
N GLY B 308 -19.97 25.69 11.57
CA GLY B 308 -19.26 25.42 10.34
C GLY B 308 -20.04 24.42 9.49
N ILE B 309 -19.43 24.07 8.36
CA ILE B 309 -20.00 23.13 7.41
C ILE B 309 -19.31 21.78 7.58
N TYR B 310 -20.10 20.72 7.60
CA TYR B 310 -19.58 19.37 7.80
C TYR B 310 -20.20 18.43 6.77
N GLN B 311 -19.38 17.50 6.28
CA GLN B 311 -19.84 16.46 5.36
C GLN B 311 -20.02 15.18 6.16
N THR B 312 -21.26 14.69 6.21
CA THR B 312 -21.61 13.55 7.06
C THR B 312 -21.60 12.23 6.29
N SER B 313 -22.38 12.13 5.23
CA SER B 313 -22.50 10.89 4.48
C SER B 313 -22.97 11.21 3.06
N ASN B 314 -23.37 10.18 2.33
CA ASN B 314 -23.83 10.33 0.95
C ASN B 314 -25.23 9.76 0.84
N PHE B 315 -26.10 10.48 0.13
CA PHE B 315 -27.47 10.02 -0.08
C PHE B 315 -27.59 9.34 -1.43
N ARG B 316 -28.36 8.25 -1.45
CA ARG B 316 -28.59 7.49 -2.67
C ARG B 316 -30.08 7.15 -2.77
N VAL B 317 -30.63 7.28 -3.97
CA VAL B 317 -32.04 6.94 -4.20
C VAL B 317 -32.16 5.42 -4.23
N GLN B 318 -32.81 4.85 -3.22
CA GLN B 318 -33.00 3.41 -3.19
C GLN B 318 -33.95 2.97 -4.29
N PRO B 319 -33.71 1.81 -4.90
CA PRO B 319 -34.60 1.34 -5.97
C PRO B 319 -36.02 1.13 -5.46
N THR B 320 -36.98 1.50 -6.30
CA THR B 320 -38.39 1.37 -5.93
C THR B 320 -38.86 -0.08 -6.01
N GLU B 321 -38.36 -0.84 -6.98
CA GLU B 321 -38.80 -2.21 -7.19
C GLU B 321 -37.70 -2.94 -7.97
N SER B 322 -38.02 -4.15 -8.42
CA SER B 322 -37.09 -4.96 -9.20
C SER B 322 -37.81 -5.50 -10.42
N ILE B 323 -37.13 -5.46 -11.57
CA ILE B 323 -37.67 -5.97 -12.82
C ILE B 323 -36.67 -6.96 -13.40
N VAL B 324 -37.19 -8.04 -13.98
CA VAL B 324 -36.38 -9.08 -14.61
C VAL B 324 -36.83 -9.23 -16.05
N ARG B 325 -35.90 -9.12 -16.98
CA ARG B 325 -36.19 -9.23 -18.41
C ARG B 325 -35.42 -10.40 -18.99
N PHE B 326 -36.15 -11.33 -19.59
CA PHE B 326 -35.60 -12.54 -20.19
C PHE B 326 -36.29 -12.78 -21.51
N PRO B 327 -35.66 -13.52 -22.43
CA PRO B 327 -36.34 -13.88 -23.68
C PRO B 327 -37.60 -14.69 -23.39
N ASN B 328 -38.64 -14.44 -24.19
CA ASN B 328 -39.94 -15.04 -23.94
C ASN B 328 -40.06 -16.46 -24.47
N ILE B 329 -39.04 -16.96 -25.18
CA ILE B 329 -39.08 -18.34 -25.65
C ILE B 329 -39.05 -19.29 -24.47
N THR B 330 -39.86 -20.35 -24.55
CA THR B 330 -40.10 -21.22 -23.40
C THR B 330 -39.87 -22.70 -23.65
N ASN B 331 -39.47 -23.11 -24.85
CA ASN B 331 -39.24 -24.53 -25.11
C ASN B 331 -38.04 -25.04 -24.32
N LEU B 332 -38.19 -26.22 -23.74
CA LEU B 332 -37.12 -26.80 -22.93
C LEU B 332 -36.00 -27.31 -23.82
N CYS B 333 -34.76 -27.14 -23.34
CA CYS B 333 -33.61 -27.63 -24.07
C CYS B 333 -33.56 -29.16 -24.02
N PRO B 334 -33.07 -29.81 -25.09
CA PRO B 334 -33.01 -31.27 -25.16
C PRO B 334 -31.82 -31.89 -24.43
N PHE B 335 -31.60 -31.45 -23.19
CA PHE B 335 -30.53 -32.04 -22.38
C PHE B 335 -30.88 -33.47 -21.98
N ASP B 336 -32.17 -33.77 -21.83
CA ASP B 336 -32.58 -35.13 -21.50
C ASP B 336 -32.19 -36.11 -22.58
N GLU B 337 -32.29 -35.70 -23.85
CA GLU B 337 -31.87 -36.55 -24.95
C GLU B 337 -30.37 -36.85 -24.88
N VAL B 338 -29.56 -35.83 -24.57
CA VAL B 338 -28.12 -36.03 -24.48
C VAL B 338 -27.77 -36.95 -23.30
N PHE B 339 -28.40 -36.72 -22.15
CA PHE B 339 -28.09 -37.52 -20.96
C PHE B 339 -28.80 -38.86 -20.93
N ASN B 340 -29.69 -39.13 -21.91
CA ASN B 340 -30.45 -40.38 -21.93
C ASN B 340 -30.30 -41.12 -23.25
N ALA B 341 -29.25 -40.82 -24.02
CA ALA B 341 -29.03 -41.51 -25.28
C ALA B 341 -28.74 -42.98 -25.04
N THR B 342 -29.20 -43.82 -25.99
CA THR B 342 -29.00 -45.26 -25.86
C THR B 342 -27.51 -45.61 -25.85
N ARG B 343 -26.73 -44.95 -26.70
CA ARG B 343 -25.31 -45.23 -26.81
C ARG B 343 -24.57 -43.94 -27.12
N PHE B 344 -23.45 -43.73 -26.44
CA PHE B 344 -22.64 -42.52 -26.61
C PHE B 344 -21.56 -42.73 -27.67
N ALA B 345 -21.10 -41.64 -28.24
CA ALA B 345 -20.03 -41.68 -29.22
C ALA B 345 -18.70 -42.01 -28.55
N SER B 346 -17.76 -42.51 -29.35
CA SER B 346 -16.45 -42.85 -28.85
C SER B 346 -15.67 -41.60 -28.47
N VAL B 347 -14.68 -41.78 -27.61
CA VAL B 347 -13.96 -40.64 -27.04
C VAL B 347 -13.15 -39.92 -28.11
N TYR B 348 -12.57 -40.66 -29.06
CA TYR B 348 -11.75 -40.00 -30.08
C TYR B 348 -12.61 -39.18 -31.02
N ALA B 349 -13.86 -39.59 -31.22
CA ALA B 349 -14.79 -38.91 -32.11
C ALA B 349 -15.98 -38.41 -31.30
N TRP B 350 -15.71 -37.77 -30.17
CA TRP B 350 -16.74 -37.30 -29.27
C TRP B 350 -17.77 -36.45 -30.00
N ASN B 351 -19.04 -36.76 -29.79
CA ASN B 351 -20.11 -36.04 -30.46
C ASN B 351 -20.26 -34.63 -29.86
N ARG B 352 -20.57 -33.68 -30.73
CA ARG B 352 -20.81 -32.30 -30.33
C ARG B 352 -22.26 -31.95 -30.60
N LYS B 353 -22.95 -31.44 -29.59
CA LYS B 353 -24.36 -31.12 -29.67
C LYS B 353 -24.55 -29.61 -29.64
N ARG B 354 -25.36 -29.11 -30.56
CA ARG B 354 -25.64 -27.68 -30.68
C ARG B 354 -26.95 -27.38 -29.97
N ILE B 355 -26.90 -26.48 -28.99
CA ILE B 355 -28.06 -26.11 -28.19
C ILE B 355 -28.30 -24.61 -28.34
N SER B 356 -29.51 -24.23 -28.73
CA SER B 356 -29.84 -22.84 -28.95
C SER B 356 -31.33 -22.65 -28.71
N ASN B 357 -31.74 -21.37 -28.68
CA ASN B 357 -33.10 -20.87 -28.58
C ASN B 357 -34.01 -21.76 -27.73
N CYS B 358 -33.57 -22.07 -26.52
CA CYS B 358 -34.36 -22.87 -25.59
C CYS B 358 -33.98 -22.48 -24.17
N VAL B 359 -34.88 -22.82 -23.24
CA VAL B 359 -34.65 -22.60 -21.81
C VAL B 359 -34.20 -23.93 -21.21
N ALA B 360 -33.12 -23.89 -20.43
CA ALA B 360 -32.52 -25.08 -19.85
C ALA B 360 -32.68 -25.02 -18.34
N ASP B 361 -33.29 -26.06 -17.76
CA ASP B 361 -33.42 -26.20 -16.33
C ASP B 361 -32.44 -27.28 -15.87
N TYR B 362 -31.37 -26.86 -15.22
CA TYR B 362 -30.33 -27.80 -14.78
C TYR B 362 -30.70 -28.54 -13.50
N SER B 363 -31.80 -28.15 -12.84
CA SER B 363 -32.20 -28.80 -11.59
C SER B 363 -32.53 -30.28 -11.79
N VAL B 364 -32.92 -30.68 -12.99
CA VAL B 364 -33.21 -32.09 -13.24
C VAL B 364 -31.94 -32.93 -13.09
N LEU B 365 -30.79 -32.37 -13.45
CA LEU B 365 -29.54 -33.09 -13.28
C LEU B 365 -29.22 -33.28 -11.79
N TYR B 366 -29.46 -32.26 -10.98
CA TYR B 366 -29.19 -32.37 -9.54
C TYR B 366 -30.14 -33.35 -8.88
N ASN B 367 -31.43 -33.28 -9.22
CA ASN B 367 -32.42 -34.10 -8.54
C ASN B 367 -32.28 -35.57 -8.93
N LEU B 368 -32.09 -35.85 -10.22
CA LEU B 368 -32.06 -37.22 -10.70
C LEU B 368 -30.62 -37.70 -10.83
N ALA B 369 -30.44 -38.93 -11.33
CA ALA B 369 -29.13 -39.56 -11.47
C ALA B 369 -28.40 -39.54 -10.14
N PRO B 370 -28.79 -40.36 -9.17
CA PRO B 370 -28.24 -40.22 -7.80
C PRO B 370 -26.72 -40.28 -7.73
N PHE B 371 -26.08 -41.09 -8.57
CA PHE B 371 -24.62 -41.17 -8.62
C PHE B 371 -24.13 -40.29 -9.77
N PHE B 372 -23.46 -39.19 -9.42
CA PHE B 372 -22.90 -38.30 -10.43
C PHE B 372 -21.73 -37.55 -9.84
N THR B 373 -20.84 -37.10 -10.73
CA THR B 373 -19.76 -36.18 -10.39
C THR B 373 -20.00 -34.88 -11.16
N PHE B 374 -20.11 -33.77 -10.44
CA PHE B 374 -20.49 -32.49 -11.03
C PHE B 374 -19.52 -31.39 -10.58
N LYS B 375 -18.23 -31.65 -10.73
CA LYS B 375 -17.24 -30.64 -10.37
C LYS B 375 -17.15 -29.62 -11.51
N CYS B 376 -17.33 -28.34 -11.19
CA CYS B 376 -17.51 -27.32 -12.21
C CYS B 376 -16.40 -26.28 -12.13
N TYR B 377 -16.24 -25.55 -13.23
CA TYR B 377 -15.13 -24.65 -13.45
C TYR B 377 -15.66 -23.24 -13.70
N GLY B 378 -15.30 -22.29 -12.85
CA GLY B 378 -15.56 -20.90 -13.10
C GLY B 378 -16.99 -20.45 -12.96
N VAL B 379 -17.87 -21.29 -12.40
CA VAL B 379 -19.27 -20.90 -12.23
C VAL B 379 -19.88 -21.78 -11.14
N SER B 380 -20.68 -21.16 -10.27
CA SER B 380 -21.39 -21.90 -9.23
C SER B 380 -22.57 -22.65 -9.84
N PRO B 381 -22.91 -23.84 -9.32
CA PRO B 381 -24.02 -24.62 -9.90
C PRO B 381 -25.37 -23.91 -9.85
N THR B 382 -25.79 -23.50 -8.65
CA THR B 382 -27.06 -22.79 -8.52
C THR B 382 -27.04 -21.49 -9.31
N LYS B 383 -25.92 -20.76 -9.23
CA LYS B 383 -25.79 -19.55 -10.03
C LYS B 383 -25.73 -19.86 -11.51
N LEU B 384 -25.17 -21.02 -11.90
CA LEU B 384 -25.24 -21.43 -13.30
C LEU B 384 -26.68 -21.59 -13.74
N ASN B 385 -27.52 -22.19 -12.89
CA ASN B 385 -28.95 -22.22 -13.18
C ASN B 385 -29.53 -20.81 -13.24
N ASP B 386 -28.99 -19.89 -12.43
CA ASP B 386 -29.53 -18.54 -12.37
C ASP B 386 -29.15 -17.69 -13.59
N LEU B 387 -27.91 -17.77 -14.05
CA LEU B 387 -27.39 -16.85 -15.03
C LEU B 387 -27.68 -17.32 -16.46
N CYS B 388 -27.27 -16.52 -17.44
CA CYS B 388 -27.58 -16.73 -18.84
C CYS B 388 -26.35 -17.21 -19.61
N PHE B 389 -26.62 -17.76 -20.79
CA PHE B 389 -25.57 -18.29 -21.66
C PHE B 389 -25.93 -17.98 -23.10
N THR B 390 -24.92 -17.99 -23.97
CA THR B 390 -25.14 -17.88 -25.41
C THR B 390 -24.68 -19.13 -26.17
N ASN B 391 -23.41 -19.52 -26.02
CA ASN B 391 -22.84 -20.63 -26.78
C ASN B 391 -22.66 -21.80 -25.82
N VAL B 392 -23.71 -22.60 -25.68
CA VAL B 392 -23.68 -23.82 -24.87
C VAL B 392 -23.53 -25.01 -25.79
N TYR B 393 -22.59 -25.89 -25.47
CA TYR B 393 -22.32 -27.07 -26.28
C TYR B 393 -22.11 -28.26 -25.36
N ALA B 394 -22.78 -29.36 -25.67
CA ALA B 394 -22.70 -30.58 -24.86
C ALA B 394 -21.95 -31.64 -25.65
N ASP B 395 -20.89 -32.18 -25.06
CA ASP B 395 -20.12 -33.25 -25.65
C ASP B 395 -20.26 -34.52 -24.80
N SER B 396 -20.34 -35.67 -25.47
CA SER B 396 -20.58 -36.93 -24.81
C SER B 396 -19.58 -37.97 -25.28
N PHE B 397 -19.05 -38.74 -24.32
CA PHE B 397 -18.13 -39.83 -24.62
C PHE B 397 -18.07 -40.74 -23.41
N VAL B 398 -17.51 -41.93 -23.62
CA VAL B 398 -17.41 -42.96 -22.58
C VAL B 398 -15.95 -43.30 -22.36
N ILE B 399 -15.50 -43.22 -21.11
CA ILE B 399 -14.14 -43.59 -20.72
C ILE B 399 -14.21 -44.37 -19.41
N ARG B 400 -13.11 -45.04 -19.09
CA ARG B 400 -13.03 -45.79 -17.85
C ARG B 400 -12.97 -44.86 -16.65
N GLY B 401 -13.25 -45.41 -15.47
CA GLY B 401 -13.24 -44.61 -14.26
C GLY B 401 -11.86 -44.24 -13.78
N ASP B 402 -10.81 -44.84 -14.33
CA ASP B 402 -9.46 -44.50 -13.93
C ASP B 402 -9.00 -43.17 -14.53
N GLU B 403 -9.49 -42.82 -15.72
CA GLU B 403 -9.07 -41.62 -16.42
C GLU B 403 -10.12 -40.52 -16.42
N VAL B 404 -11.08 -40.58 -15.50
CA VAL B 404 -12.10 -39.53 -15.43
C VAL B 404 -11.46 -38.20 -15.06
N ARG B 405 -10.38 -38.24 -14.28
CA ARG B 405 -9.69 -37.01 -13.89
C ARG B 405 -8.96 -36.35 -15.06
N GLN B 406 -8.71 -37.09 -16.14
CA GLN B 406 -7.98 -36.52 -17.27
C GLN B 406 -8.78 -35.45 -18.00
N ILE B 407 -10.08 -35.35 -17.75
CA ILE B 407 -10.91 -34.32 -18.41
C ILE B 407 -10.81 -33.09 -17.53
N ALA B 408 -9.73 -32.32 -17.76
CA ALA B 408 -9.47 -31.12 -16.98
C ALA B 408 -8.38 -30.31 -17.67
N PRO B 409 -8.47 -28.99 -17.65
CA PRO B 409 -7.41 -28.18 -18.26
C PRO B 409 -6.09 -28.36 -17.56
N GLY B 410 -5.00 -28.29 -18.33
CA GLY B 410 -3.66 -28.38 -17.78
C GLY B 410 -3.37 -29.72 -17.13
N GLN B 411 -3.85 -30.80 -17.72
CA GLN B 411 -3.60 -32.15 -17.22
C GLN B 411 -3.05 -33.00 -18.36
N THR B 412 -2.18 -33.93 -17.99
CA THR B 412 -1.54 -34.80 -18.96
C THR B 412 -2.09 -36.22 -18.83
N GLY B 413 -2.08 -36.93 -19.94
CA GLY B 413 -2.60 -38.29 -19.98
C GLY B 413 -2.88 -38.72 -21.40
N ASN B 414 -3.04 -40.03 -21.56
CA ASN B 414 -3.26 -40.60 -22.88
C ASN B 414 -4.57 -40.11 -23.52
N ILE B 415 -5.71 -40.23 -22.82
CA ILE B 415 -6.93 -39.60 -23.35
C ILE B 415 -6.78 -38.09 -23.38
N ALA B 416 -6.20 -37.51 -22.32
CA ALA B 416 -6.09 -36.05 -22.24
C ALA B 416 -5.30 -35.49 -23.40
N ASP B 417 -4.19 -36.16 -23.77
CA ASP B 417 -3.36 -35.65 -24.85
C ASP B 417 -3.84 -36.08 -26.24
N TYR B 418 -4.51 -37.23 -26.34
CA TYR B 418 -4.77 -37.84 -27.64
C TYR B 418 -6.22 -37.78 -28.08
N ASN B 419 -7.18 -38.01 -27.18
CA ASN B 419 -8.59 -38.08 -27.57
C ASN B 419 -9.30 -36.74 -27.43
N TYR B 420 -9.32 -36.19 -26.21
CA TYR B 420 -10.05 -34.96 -25.92
C TYR B 420 -9.16 -34.03 -25.10
N LYS B 421 -9.10 -32.77 -25.51
CA LYS B 421 -8.27 -31.77 -24.86
C LYS B 421 -9.13 -30.57 -24.48
N LEU B 422 -8.95 -30.06 -23.26
CA LEU B 422 -9.69 -28.92 -22.76
C LEU B 422 -8.80 -27.69 -22.70
N PRO B 423 -9.33 -26.52 -23.08
CA PRO B 423 -8.53 -25.29 -22.99
C PRO B 423 -8.24 -24.93 -21.53
N ASP B 424 -7.13 -24.22 -21.33
CA ASP B 424 -6.72 -23.85 -19.98
C ASP B 424 -7.77 -22.95 -19.34
N ASP B 425 -8.30 -21.99 -20.08
CA ASP B 425 -9.35 -21.10 -19.59
C ASP B 425 -10.75 -21.64 -19.90
N PHE B 426 -10.98 -22.90 -19.56
CA PHE B 426 -12.26 -23.54 -19.84
C PHE B 426 -13.28 -23.17 -18.77
N THR B 427 -14.47 -22.77 -19.21
CA THR B 427 -15.58 -22.46 -18.33
C THR B 427 -16.70 -23.45 -18.60
N GLY B 428 -17.13 -24.16 -17.57
CA GLY B 428 -18.19 -25.13 -17.71
C GLY B 428 -18.03 -26.26 -16.72
N CYS B 429 -19.06 -27.10 -16.66
CA CYS B 429 -19.09 -28.25 -15.76
C CYS B 429 -18.77 -29.52 -16.53
N VAL B 430 -18.35 -30.54 -15.80
CA VAL B 430 -18.17 -31.89 -16.31
C VAL B 430 -19.05 -32.82 -15.49
N ILE B 431 -19.81 -33.67 -16.17
CA ILE B 431 -20.73 -34.60 -15.51
C ILE B 431 -20.32 -36.02 -15.90
N ALA B 432 -20.05 -36.84 -14.88
CA ALA B 432 -19.63 -38.22 -15.08
C ALA B 432 -20.41 -39.13 -14.15
N TRP B 433 -20.77 -40.31 -14.64
CA TRP B 433 -21.47 -41.30 -13.84
C TRP B 433 -21.13 -42.69 -14.35
N ASN B 434 -21.29 -43.68 -13.48
CA ASN B 434 -20.97 -45.05 -13.84
C ASN B 434 -21.94 -45.58 -14.89
N SER B 435 -21.43 -46.42 -15.79
CA SER B 435 -22.23 -47.02 -16.84
C SER B 435 -21.92 -48.50 -17.00
N ASN B 436 -21.57 -49.16 -15.89
CA ASN B 436 -21.30 -50.60 -15.95
C ASN B 436 -22.53 -51.38 -16.35
N LYS B 437 -23.70 -51.00 -15.81
CA LYS B 437 -24.93 -51.71 -16.16
C LYS B 437 -25.33 -51.46 -17.60
N LEU B 438 -25.23 -50.21 -18.06
CA LEU B 438 -25.75 -49.85 -19.37
C LEU B 438 -24.83 -50.29 -20.50
N ASP B 439 -23.51 -50.21 -20.32
CA ASP B 439 -22.56 -50.33 -21.42
C ASP B 439 -21.50 -51.39 -21.12
N SER B 440 -21.94 -52.56 -20.70
CA SER B 440 -21.00 -53.67 -20.47
C SER B 440 -21.75 -54.99 -20.70
N LYS B 441 -21.54 -55.58 -21.87
CA LYS B 441 -22.07 -56.92 -22.12
C LYS B 441 -21.24 -57.96 -21.36
N VAL B 442 -21.86 -59.11 -21.11
CA VAL B 442 -21.20 -60.17 -20.34
C VAL B 442 -19.98 -60.68 -21.09
N SER B 443 -20.06 -60.77 -22.42
CA SER B 443 -18.91 -61.21 -23.20
C SER B 443 -17.86 -60.11 -23.30
N GLY B 444 -18.28 -58.88 -23.50
CA GLY B 444 -17.39 -57.75 -23.61
C GLY B 444 -17.98 -56.69 -24.53
N ASN B 445 -17.65 -55.44 -24.24
CA ASN B 445 -18.09 -54.29 -25.03
C ASN B 445 -16.89 -53.71 -25.75
N TYR B 446 -16.96 -53.65 -27.07
CA TYR B 446 -15.86 -53.19 -27.90
C TYR B 446 -16.20 -51.97 -28.73
N ASN B 447 -17.45 -51.49 -28.67
CA ASN B 447 -17.87 -50.39 -29.54
C ASN B 447 -17.13 -49.10 -29.22
N TYR B 448 -16.79 -48.88 -27.95
CA TYR B 448 -16.07 -47.69 -27.56
C TYR B 448 -14.58 -47.81 -27.89
N LEU B 449 -14.06 -46.83 -28.60
CA LEU B 449 -12.69 -46.83 -29.11
C LEU B 449 -11.96 -45.61 -28.56
N TYR B 450 -10.69 -45.78 -28.20
CA TYR B 450 -9.89 -44.70 -27.67
C TYR B 450 -8.53 -44.65 -28.36
N ARG B 451 -8.03 -43.43 -28.56
CA ARG B 451 -6.79 -43.23 -29.29
C ARG B 451 -5.60 -43.26 -28.33
N LEU B 452 -4.49 -43.82 -28.81
CA LEU B 452 -3.28 -43.96 -28.00
C LEU B 452 -2.02 -43.43 -28.66
N PHE B 453 -1.96 -43.37 -29.99
CA PHE B 453 -0.74 -42.93 -30.68
C PHE B 453 -1.08 -41.84 -31.69
N ARG B 454 -0.24 -40.81 -31.74
CA ARG B 454 -0.34 -39.75 -32.73
C ARG B 454 0.96 -38.97 -32.72
N LYS B 455 1.26 -38.34 -33.86
CA LYS B 455 2.52 -37.61 -33.99
C LYS B 455 2.57 -36.42 -33.04
N SER B 456 1.48 -35.66 -32.93
CA SER B 456 1.45 -34.46 -32.11
C SER B 456 0.15 -34.41 -31.32
N ASN B 457 0.18 -33.68 -30.21
CA ASN B 457 -1.00 -33.54 -29.38
C ASN B 457 -2.02 -32.62 -30.04
N LEU B 458 -3.30 -32.86 -29.72
CA LEU B 458 -4.37 -32.06 -30.29
C LEU B 458 -4.55 -30.76 -29.54
N LYS B 459 -4.95 -29.72 -30.28
CA LYS B 459 -5.32 -28.46 -29.67
C LYS B 459 -6.63 -28.62 -28.90
N PRO B 460 -6.92 -27.74 -27.94
CA PRO B 460 -8.17 -27.84 -27.20
C PRO B 460 -9.38 -27.74 -28.12
N PHE B 461 -10.42 -28.50 -27.79
CA PHE B 461 -11.67 -28.54 -28.55
C PHE B 461 -11.43 -28.93 -30.01
N GLU B 462 -10.54 -29.89 -30.22
CA GLU B 462 -10.25 -30.43 -31.53
C GLU B 462 -10.51 -31.92 -31.54
N ARG B 463 -11.22 -32.39 -32.56
CA ARG B 463 -11.59 -33.79 -32.69
C ARG B 463 -10.80 -34.43 -33.83
N ASP B 464 -10.18 -35.57 -33.56
CA ASP B 464 -9.39 -36.30 -34.55
C ASP B 464 -10.05 -37.64 -34.81
N ILE B 465 -10.37 -37.91 -36.08
CA ILE B 465 -10.95 -39.19 -36.48
C ILE B 465 -9.97 -39.91 -37.38
N SER B 466 -8.68 -39.63 -37.19
CA SER B 466 -7.65 -40.21 -38.05
C SER B 466 -7.57 -41.72 -37.84
N THR B 467 -7.44 -42.45 -38.96
CA THR B 467 -7.26 -43.90 -38.93
C THR B 467 -6.03 -44.34 -39.71
N GLU B 468 -5.16 -43.40 -40.12
CA GLU B 468 -3.97 -43.75 -40.86
C GLU B 468 -2.97 -44.46 -39.96
N ILE B 469 -2.07 -45.22 -40.60
CA ILE B 469 -1.09 -46.01 -39.87
C ILE B 469 -0.11 -45.08 -39.16
N TYR B 470 0.14 -45.36 -37.89
CA TYR B 470 1.05 -44.55 -37.10
C TYR B 470 2.49 -44.66 -37.62
N GLN B 471 3.24 -43.58 -37.50
CA GLN B 471 4.64 -43.56 -37.88
C GLN B 471 5.53 -43.79 -36.66
N ALA B 472 5.39 -44.99 -36.09
CA ALA B 472 6.18 -45.35 -34.91
C ALA B 472 7.67 -45.38 -35.23
N GLY B 473 8.04 -45.95 -36.37
CA GLY B 473 9.42 -46.05 -36.79
C GLY B 473 9.75 -45.11 -37.94
N ASN B 474 11.04 -45.02 -38.23
CA ASN B 474 11.50 -44.16 -39.33
C ASN B 474 11.02 -44.69 -40.68
N LYS B 475 11.04 -46.01 -40.86
CA LYS B 475 10.64 -46.59 -42.13
C LYS B 475 9.14 -46.47 -42.32
N PRO B 476 8.67 -46.05 -43.50
CA PRO B 476 7.23 -46.06 -43.77
C PRO B 476 6.76 -47.43 -44.22
N CYS B 477 5.52 -47.75 -43.85
CA CYS B 477 4.92 -49.03 -44.21
C CYS B 477 3.52 -48.95 -44.79
N ASN B 478 2.82 -47.82 -44.62
CA ASN B 478 1.46 -47.59 -45.16
C ASN B 478 0.50 -48.73 -44.84
N GLY B 479 0.82 -49.53 -43.83
CA GLY B 479 -0.03 -50.62 -43.43
C GLY B 479 0.51 -51.25 -42.16
N VAL B 480 -0.40 -51.87 -41.40
CA VAL B 480 -0.01 -52.46 -40.13
C VAL B 480 0.91 -53.66 -40.38
N ALA B 481 2.04 -53.70 -39.68
CA ALA B 481 3.04 -54.72 -39.91
C ALA B 481 3.74 -55.02 -38.59
N GLY B 482 4.86 -55.74 -38.68
CA GLY B 482 5.53 -56.24 -37.50
C GLY B 482 6.34 -55.25 -36.70
N PHE B 483 7.42 -54.71 -37.28
CA PHE B 483 8.42 -53.99 -36.51
C PHE B 483 7.86 -52.73 -35.83
N ASN B 484 7.49 -51.72 -36.62
CA ASN B 484 6.90 -50.52 -36.02
C ASN B 484 5.96 -49.89 -37.07
N CYS B 485 4.70 -50.29 -37.02
CA CYS B 485 3.63 -49.58 -37.72
C CYS B 485 2.52 -49.15 -36.79
N TYR B 486 2.01 -50.07 -35.97
CA TYR B 486 1.03 -49.78 -34.92
C TYR B 486 -0.26 -49.19 -35.49
N PHE B 487 -1.22 -48.92 -34.61
CA PHE B 487 -2.44 -48.26 -35.03
C PHE B 487 -2.81 -47.17 -34.02
N PRO B 488 -3.26 -46.01 -34.50
CA PRO B 488 -3.42 -44.85 -33.59
C PRO B 488 -4.36 -45.10 -32.42
N LEU B 489 -5.45 -45.84 -32.62
CA LEU B 489 -6.47 -46.00 -31.59
C LEU B 489 -6.70 -47.47 -31.27
N ARG B 490 -6.87 -47.76 -29.98
CA ARG B 490 -7.16 -49.09 -29.48
C ARG B 490 -8.61 -49.16 -29.02
N SER B 491 -9.06 -50.36 -28.69
CA SER B 491 -10.46 -50.60 -28.34
C SER B 491 -10.58 -50.99 -26.87
N TYR B 492 -11.76 -50.69 -26.30
CA TYR B 492 -12.07 -51.10 -24.95
C TYR B 492 -12.72 -52.48 -24.95
N SER B 493 -12.72 -53.12 -23.78
CA SER B 493 -13.27 -54.46 -23.62
C SER B 493 -14.13 -54.52 -22.36
N PHE B 494 -15.05 -53.56 -22.23
CA PHE B 494 -15.84 -53.43 -21.00
C PHE B 494 -16.59 -54.70 -20.66
N ARG B 495 -16.47 -55.13 -19.42
CA ARG B 495 -17.19 -56.27 -18.87
C ARG B 495 -17.64 -55.94 -17.46
N PRO B 496 -18.77 -56.49 -17.02
CA PRO B 496 -19.22 -56.22 -15.65
C PRO B 496 -18.28 -56.73 -14.58
N THR B 497 -17.43 -57.71 -14.90
CA THR B 497 -16.58 -58.34 -13.90
C THR B 497 -15.41 -57.48 -13.44
N TYR B 498 -15.11 -56.39 -14.14
CA TYR B 498 -14.01 -55.54 -13.73
C TYR B 498 -14.33 -54.79 -12.45
N GLY B 499 -13.29 -54.25 -11.83
CA GLY B 499 -13.45 -53.43 -10.65
C GLY B 499 -13.97 -52.05 -10.99
N VAL B 500 -14.23 -51.27 -9.94
CA VAL B 500 -14.80 -49.93 -10.12
C VAL B 500 -13.83 -49.03 -10.89
N GLY B 501 -12.52 -49.24 -10.72
CA GLY B 501 -11.57 -48.42 -11.44
C GLY B 501 -11.63 -48.64 -12.95
N HIS B 502 -11.89 -49.88 -13.36
CA HIS B 502 -11.98 -50.22 -14.77
C HIS B 502 -13.41 -50.18 -15.31
N GLN B 503 -14.39 -49.84 -14.46
CA GLN B 503 -15.77 -49.79 -14.92
C GLN B 503 -15.95 -48.64 -15.91
N PRO B 504 -16.80 -48.81 -16.93
CA PRO B 504 -17.07 -47.72 -17.85
C PRO B 504 -17.80 -46.57 -17.17
N TYR B 505 -17.48 -45.35 -17.62
CA TYR B 505 -18.11 -44.15 -17.09
C TYR B 505 -18.54 -43.26 -18.24
N ARG B 506 -19.79 -42.81 -18.20
CA ARG B 506 -20.32 -41.91 -19.20
C ARG B 506 -20.07 -40.47 -18.76
N VAL B 507 -19.25 -39.76 -19.51
CA VAL B 507 -18.81 -38.41 -19.15
C VAL B 507 -19.41 -37.42 -20.15
N VAL B 508 -20.07 -36.39 -19.62
CA VAL B 508 -20.65 -35.32 -20.42
C VAL B 508 -20.04 -34.00 -19.97
N VAL B 509 -19.51 -33.24 -20.92
CA VAL B 509 -18.87 -31.96 -20.66
C VAL B 509 -19.63 -30.87 -21.37
N LEU B 510 -19.80 -29.73 -20.70
CA LEU B 510 -20.53 -28.59 -21.24
C LEU B 510 -19.57 -27.43 -21.43
N SER B 511 -19.58 -26.85 -22.64
CA SER B 511 -18.77 -25.68 -22.95
C SER B 511 -19.59 -24.42 -22.74
N PHE B 512 -19.04 -23.48 -21.98
CA PHE B 512 -19.78 -22.29 -21.55
C PHE B 512 -18.95 -21.05 -21.82
N GLU B 513 -19.60 -20.02 -22.36
CA GLU B 513 -19.00 -18.69 -22.46
C GLU B 513 -20.04 -17.67 -22.01
N LEU B 514 -19.61 -16.71 -21.19
CA LEU B 514 -20.54 -15.87 -20.43
C LEU B 514 -20.59 -14.44 -20.94
N LEU B 515 -20.18 -14.21 -22.19
CA LEU B 515 -20.32 -12.88 -22.78
C LEU B 515 -21.79 -12.53 -22.98
N HIS B 516 -22.60 -13.52 -23.37
CA HIS B 516 -24.06 -13.47 -23.32
C HIS B 516 -24.64 -12.22 -23.99
N ALA B 517 -24.08 -11.83 -25.12
CA ALA B 517 -24.64 -10.70 -25.85
C ALA B 517 -26.05 -10.98 -26.38
N PRO B 518 -26.29 -12.06 -27.17
CA PRO B 518 -27.68 -12.36 -27.54
C PRO B 518 -28.42 -13.13 -26.46
N ALA B 519 -27.71 -14.00 -25.74
CA ALA B 519 -28.26 -14.77 -24.63
C ALA B 519 -29.49 -15.57 -25.06
N THR B 520 -29.27 -16.49 -26.01
CA THR B 520 -30.36 -17.25 -26.60
C THR B 520 -30.75 -18.49 -25.80
N VAL B 521 -29.96 -18.89 -24.81
CA VAL B 521 -30.24 -20.12 -24.07
C VAL B 521 -30.34 -19.78 -22.58
N CYS B 522 -30.89 -18.61 -22.27
CA CYS B 522 -31.07 -18.18 -20.89
C CYS B 522 -31.86 -19.21 -20.10
N GLY B 523 -31.66 -19.20 -18.78
CA GLY B 523 -32.30 -20.17 -17.91
C GLY B 523 -33.72 -19.79 -17.57
N PRO B 524 -34.33 -20.57 -16.68
CA PRO B 524 -35.74 -20.37 -16.32
C PRO B 524 -35.91 -19.19 -15.37
N LYS B 525 -36.42 -18.08 -15.90
CA LYS B 525 -36.69 -16.89 -15.10
C LYS B 525 -37.92 -16.20 -15.65
N LYS B 526 -38.87 -15.89 -14.76
CA LYS B 526 -40.06 -15.16 -15.17
C LYS B 526 -39.70 -13.73 -15.59
N SER B 527 -40.32 -13.28 -16.67
CA SER B 527 -40.06 -11.94 -17.20
C SER B 527 -41.15 -10.99 -16.72
N THR B 528 -40.75 -9.92 -16.05
CA THR B 528 -41.66 -8.91 -15.57
C THR B 528 -41.69 -7.72 -16.54
N ASN B 529 -42.74 -6.93 -16.43
CA ASN B 529 -42.88 -5.76 -17.30
C ASN B 529 -41.77 -4.76 -17.02
N LEU B 530 -41.19 -4.23 -18.09
CA LEU B 530 -40.11 -3.27 -17.96
C LEU B 530 -40.63 -1.94 -17.43
N VAL B 531 -39.80 -1.27 -16.62
CA VAL B 531 -40.11 0.03 -16.05
C VAL B 531 -39.08 1.02 -16.55
N LYS B 532 -39.55 2.14 -17.10
CA LYS B 532 -38.69 3.13 -17.72
C LYS B 532 -38.70 4.42 -16.92
N ASN B 533 -37.55 5.09 -16.88
CA ASN B 533 -37.38 6.38 -16.20
C ASN B 533 -37.64 6.27 -14.70
N LYS B 534 -37.02 5.25 -14.09
CA LYS B 534 -37.13 5.06 -12.64
C LYS B 534 -35.91 4.29 -12.16
N CYS B 535 -35.48 4.60 -10.94
CA CYS B 535 -34.39 3.87 -10.30
C CYS B 535 -34.93 2.50 -9.88
N VAL B 536 -34.73 1.50 -10.73
CA VAL B 536 -35.26 0.17 -10.52
C VAL B 536 -34.17 -0.86 -10.79
N ASN B 537 -34.08 -1.86 -9.93
CA ASN B 537 -33.14 -2.95 -10.15
C ASN B 537 -33.50 -3.70 -11.43
N PHE B 538 -32.48 -3.94 -12.26
CA PHE B 538 -32.68 -4.60 -13.54
C PHE B 538 -31.88 -5.90 -13.59
N ASN B 539 -32.39 -6.86 -14.34
CA ASN B 539 -31.77 -8.18 -14.51
C ASN B 539 -31.75 -8.56 -15.98
N PHE B 540 -31.27 -7.65 -16.82
CA PHE B 540 -31.25 -7.85 -18.26
C PHE B 540 -30.26 -8.96 -18.60
N ASN B 541 -30.77 -10.16 -18.84
CA ASN B 541 -29.96 -11.31 -19.24
C ASN B 541 -28.82 -11.56 -18.25
N GLY B 542 -29.14 -11.43 -16.96
CA GLY B 542 -28.15 -11.63 -15.92
C GLY B 542 -27.35 -10.41 -15.53
N LEU B 543 -27.61 -9.26 -16.15
CA LEU B 543 -26.90 -8.02 -15.81
C LEU B 543 -27.57 -7.39 -14.59
N LYS B 544 -27.32 -7.96 -13.42
CA LYS B 544 -27.88 -7.42 -12.19
C LYS B 544 -27.26 -6.06 -11.89
N GLY B 545 -28.11 -5.11 -11.54
CA GLY B 545 -27.64 -3.77 -11.23
C GLY B 545 -28.81 -2.85 -10.94
N THR B 546 -28.48 -1.65 -10.49
CA THR B 546 -29.46 -0.64 -10.13
C THR B 546 -29.19 0.62 -10.95
N GLY B 547 -30.26 1.22 -11.47
CA GLY B 547 -30.11 2.42 -12.25
C GLY B 547 -31.44 2.86 -12.83
N VAL B 548 -31.40 3.93 -13.61
CA VAL B 548 -32.57 4.48 -14.28
C VAL B 548 -32.49 4.10 -15.74
N LEU B 549 -33.51 3.42 -16.23
CA LEU B 549 -33.59 3.00 -17.63
C LEU B 549 -34.40 4.00 -18.42
N THR B 550 -33.84 4.47 -19.54
CA THR B 550 -34.50 5.46 -20.38
C THR B 550 -34.28 5.11 -21.84
N GLU B 551 -35.13 5.67 -22.70
CA GLU B 551 -34.98 5.46 -24.13
C GLU B 551 -33.66 6.06 -24.61
N SER B 552 -33.03 5.38 -25.56
CA SER B 552 -31.69 5.72 -26.00
C SER B 552 -31.68 6.14 -27.47
N ASN B 553 -30.79 7.06 -27.79
CA ASN B 553 -30.55 7.47 -29.17
C ASN B 553 -29.41 6.68 -29.83
N LYS B 554 -28.84 5.72 -29.11
CA LYS B 554 -27.76 4.91 -29.67
C LYS B 554 -28.27 4.10 -30.85
N LYS B 555 -27.51 4.09 -31.95
CA LYS B 555 -27.87 3.34 -33.15
C LYS B 555 -27.10 2.02 -33.12
N PHE B 556 -27.63 1.07 -32.35
CA PHE B 556 -27.00 -0.25 -32.26
C PHE B 556 -27.03 -0.94 -33.61
N LEU B 557 -25.89 -1.50 -33.99
CA LEU B 557 -25.83 -2.36 -35.16
C LEU B 557 -26.47 -3.71 -34.85
N PRO B 558 -26.95 -4.42 -35.88
CA PRO B 558 -27.69 -5.67 -35.61
C PRO B 558 -26.91 -6.68 -34.78
N PHE B 559 -25.61 -6.80 -35.00
CA PHE B 559 -24.82 -7.71 -34.19
C PHE B 559 -24.51 -7.16 -32.80
N GLN B 560 -24.48 -5.83 -32.67
CA GLN B 560 -24.19 -5.21 -31.38
C GLN B 560 -25.38 -5.38 -30.43
N GLN B 561 -25.09 -5.82 -29.21
CA GLN B 561 -26.12 -6.04 -28.19
C GLN B 561 -25.89 -5.26 -26.91
N PHE B 562 -24.64 -5.09 -26.49
CA PHE B 562 -24.31 -4.39 -25.26
C PHE B 562 -23.59 -3.09 -25.58
N GLY B 563 -24.07 -2.00 -24.98
CA GLY B 563 -23.33 -0.75 -25.01
C GLY B 563 -22.38 -0.64 -23.84
N ARG B 564 -21.39 0.25 -23.97
CA ARG B 564 -20.42 0.49 -22.91
C ARG B 564 -20.00 1.95 -22.95
N ASP B 565 -19.17 2.32 -21.98
CA ASP B 565 -18.70 3.70 -21.83
C ASP B 565 -17.18 3.73 -21.78
N ILE B 566 -16.63 4.88 -21.39
CA ILE B 566 -15.18 5.04 -21.34
C ILE B 566 -14.56 4.02 -20.37
N ALA B 567 -15.24 3.75 -19.25
CA ALA B 567 -14.72 2.85 -18.22
C ALA B 567 -15.72 1.73 -17.95
N ASP B 568 -15.64 0.68 -18.78
CA ASP B 568 -16.22 -0.65 -18.54
C ASP B 568 -17.55 -0.63 -17.78
N THR B 569 -18.46 0.25 -18.21
CA THR B 569 -19.78 0.31 -17.62
C THR B 569 -20.82 0.15 -18.73
N THR B 570 -21.68 -0.86 -18.60
CA THR B 570 -22.70 -1.14 -19.59
C THR B 570 -23.81 -0.11 -19.44
N ASP B 571 -23.60 1.06 -20.03
CA ASP B 571 -24.58 2.13 -19.96
C ASP B 571 -25.72 1.96 -20.95
N ALA B 572 -25.61 1.02 -21.89
CA ALA B 572 -26.67 0.75 -22.85
C ALA B 572 -26.88 -0.75 -22.96
N VAL B 573 -28.15 -1.17 -22.98
CA VAL B 573 -28.50 -2.58 -23.03
C VAL B 573 -29.61 -2.76 -24.07
N ARG B 574 -29.71 -3.97 -24.60
CA ARG B 574 -30.75 -4.35 -25.55
C ARG B 574 -31.71 -5.30 -24.86
N ASP B 575 -33.00 -5.04 -25.03
CA ASP B 575 -34.03 -5.82 -24.34
C ASP B 575 -34.09 -7.24 -24.91
N PRO B 576 -33.95 -8.28 -24.09
CA PRO B 576 -34.14 -9.65 -24.60
C PRO B 576 -35.54 -9.88 -25.13
N GLN B 577 -36.52 -9.15 -24.62
CA GLN B 577 -37.88 -9.19 -25.15
C GLN B 577 -37.96 -8.35 -26.42
N THR B 578 -39.17 -7.97 -26.83
CA THR B 578 -39.38 -7.11 -27.99
C THR B 578 -38.32 -6.02 -28.05
N LEU B 579 -37.69 -5.90 -29.22
CA LEU B 579 -36.45 -5.14 -29.34
C LEU B 579 -36.64 -3.68 -28.92
N GLU B 580 -35.73 -3.20 -28.10
CA GLU B 580 -35.77 -1.83 -27.60
C GLU B 580 -34.39 -1.47 -27.08
N ILE B 581 -33.73 -0.50 -27.71
CA ILE B 581 -32.42 -0.06 -27.25
C ILE B 581 -32.59 0.85 -26.04
N LEU B 582 -31.92 0.51 -24.95
CA LEU B 582 -32.17 1.14 -23.67
C LEU B 582 -30.86 1.64 -23.07
N ASP B 583 -30.93 2.78 -22.39
CA ASP B 583 -29.80 3.36 -21.69
C ASP B 583 -29.88 3.03 -20.20
N ILE B 584 -28.72 2.85 -19.58
CA ILE B 584 -28.61 2.57 -18.16
C ILE B 584 -27.84 3.71 -17.51
N THR B 585 -28.48 4.38 -16.56
CA THR B 585 -27.86 5.45 -15.80
C THR B 585 -28.16 5.26 -14.32
N PRO B 586 -27.15 5.22 -13.46
CA PRO B 586 -27.43 5.09 -12.02
C PRO B 586 -28.27 6.26 -11.52
N CYS B 587 -29.24 5.93 -10.67
CA CYS B 587 -30.16 6.95 -10.19
C CYS B 587 -29.45 7.93 -9.26
N SER B 588 -30.11 9.07 -9.03
CA SER B 588 -29.49 10.25 -8.44
C SER B 588 -28.82 9.96 -7.10
N PHE B 589 -27.59 10.42 -6.95
CA PHE B 589 -26.82 10.34 -5.72
C PHE B 589 -26.12 11.68 -5.48
N GLY B 590 -25.27 11.71 -4.47
CA GLY B 590 -24.52 12.91 -4.17
C GLY B 590 -24.10 12.95 -2.72
N GLY B 591 -23.43 14.04 -2.37
CA GLY B 591 -22.98 14.24 -1.01
C GLY B 591 -24.02 14.95 -0.15
N VAL B 592 -23.95 14.70 1.15
CA VAL B 592 -24.84 15.31 2.13
C VAL B 592 -23.99 16.13 3.09
N SER B 593 -24.36 17.39 3.28
CA SER B 593 -23.62 18.29 4.15
C SER B 593 -24.58 19.02 5.08
N VAL B 594 -24.06 19.43 6.23
CA VAL B 594 -24.86 20.07 7.27
C VAL B 594 -24.26 21.45 7.57
N ILE B 595 -25.14 22.41 7.83
CA ILE B 595 -24.75 23.82 7.95
C ILE B 595 -25.03 24.30 9.37
N THR B 596 -24.83 23.43 10.34
CA THR B 596 -25.17 23.76 11.72
C THR B 596 -24.41 25.00 12.19
N PRO B 597 -25.06 25.90 12.93
CA PRO B 597 -24.38 27.11 13.40
C PRO B 597 -23.71 26.92 14.75
N GLY B 598 -23.55 25.68 15.17
CA GLY B 598 -22.91 25.39 16.44
C GLY B 598 -23.91 24.85 17.44
N THR B 599 -23.51 23.82 18.18
CA THR B 599 -24.40 23.20 19.15
C THR B 599 -24.77 24.18 20.26
N ASN B 600 -23.81 24.97 20.72
CA ASN B 600 -24.06 25.94 21.79
C ASN B 600 -25.11 26.95 21.37
N THR B 601 -25.00 27.48 20.15
CA THR B 601 -25.91 28.53 19.72
C THR B 601 -27.33 28.02 19.58
N SER B 602 -27.53 26.92 18.86
CA SER B 602 -28.85 26.36 18.65
C SER B 602 -28.72 24.96 18.08
N ASN B 603 -29.80 24.19 18.19
CA ASN B 603 -29.86 22.85 17.61
C ASN B 603 -30.43 22.84 16.20
N GLN B 604 -30.94 23.97 15.71
CA GLN B 604 -31.45 24.04 14.35
C GLN B 604 -30.32 23.87 13.35
N VAL B 605 -30.56 23.05 12.32
CA VAL B 605 -29.54 22.74 11.32
C VAL B 605 -30.14 22.92 9.93
N ALA B 606 -29.24 23.09 8.96
CA ALA B 606 -29.61 23.16 7.55
C ALA B 606 -28.80 22.11 6.79
N VAL B 607 -29.44 21.49 5.81
CA VAL B 607 -28.85 20.37 5.07
C VAL B 607 -28.61 20.83 3.63
N LEU B 608 -27.40 20.59 3.13
CA LEU B 608 -27.03 20.92 1.77
C LEU B 608 -26.77 19.63 1.01
N TYR B 609 -27.60 19.35 0.01
CA TYR B 609 -27.40 18.22 -0.88
C TYR B 609 -26.51 18.68 -2.03
N GLN B 610 -25.38 17.99 -2.21
CA GLN B 610 -24.34 18.46 -3.11
C GLN B 610 -24.62 18.01 -4.54
N GLY B 611 -24.69 18.98 -5.45
CA GLY B 611 -24.76 18.69 -6.88
C GLY B 611 -25.96 17.89 -7.32
N VAL B 612 -27.14 18.24 -6.83
CA VAL B 612 -28.38 17.58 -7.25
C VAL B 612 -29.47 18.64 -7.39
N ASN B 613 -30.24 18.54 -8.47
CA ASN B 613 -31.36 19.44 -8.70
C ASN B 613 -32.47 19.12 -7.71
N CYS B 614 -33.06 20.16 -7.11
CA CYS B 614 -34.05 19.95 -6.07
C CYS B 614 -35.34 19.36 -6.61
N THR B 615 -35.68 19.65 -7.87
CA THR B 615 -36.99 19.26 -8.39
C THR B 615 -37.15 17.75 -8.43
N GLU B 616 -36.21 17.05 -9.04
CA GLU B 616 -36.36 15.61 -9.20
C GLU B 616 -35.99 14.82 -7.95
N VAL B 617 -35.30 15.43 -7.00
CA VAL B 617 -34.97 14.76 -5.75
C VAL B 617 -35.36 15.67 -4.57
N PRO B 618 -36.65 15.82 -4.27
CA PRO B 618 -37.04 16.58 -3.08
C PRO B 618 -37.07 15.70 -1.84
N VAL B 619 -37.49 16.28 -0.71
CA VAL B 619 -37.46 15.56 0.56
C VAL B 619 -38.78 14.87 0.88
N ALA B 620 -39.88 15.28 0.25
CA ALA B 620 -41.20 14.77 0.60
C ALA B 620 -41.57 13.49 -0.13
N ILE B 621 -40.73 12.99 -1.03
CA ILE B 621 -41.05 11.80 -1.79
C ILE B 621 -41.05 10.59 -0.85
N HIS B 622 -42.09 9.75 -0.98
CA HIS B 622 -42.22 8.56 -0.15
C HIS B 622 -41.29 7.42 -0.57
N ALA B 623 -40.45 7.62 -1.59
CA ALA B 623 -39.55 6.57 -2.03
C ALA B 623 -38.47 6.25 -0.99
N ASP B 624 -38.32 7.10 0.03
CA ASP B 624 -37.38 6.87 1.13
C ASP B 624 -35.95 6.71 0.61
N GLN B 625 -35.45 7.82 0.06
CA GLN B 625 -34.11 7.86 -0.53
C GLN B 625 -33.08 7.77 0.59
N LEU B 626 -32.91 6.56 1.12
CA LEU B 626 -31.96 6.23 2.18
C LEU B 626 -32.34 6.87 3.50
N THR B 627 -32.02 6.19 4.61
CA THR B 627 -32.30 6.66 5.96
C THR B 627 -33.78 7.02 6.11
N PRO B 628 -34.68 6.02 6.16
CA PRO B 628 -36.12 6.34 6.18
C PRO B 628 -36.54 7.25 7.33
N THR B 629 -35.99 7.04 8.53
CA THR B 629 -36.34 7.89 9.66
C THR B 629 -35.71 9.28 9.56
N TRP B 630 -34.59 9.40 8.85
CA TRP B 630 -33.90 10.67 8.65
C TRP B 630 -34.54 11.37 7.45
N ARG B 631 -35.40 12.35 7.74
CA ARG B 631 -36.12 13.07 6.70
C ARG B 631 -36.45 14.46 7.20
N VAL B 632 -36.12 15.48 6.40
CA VAL B 632 -36.46 16.85 6.72
C VAL B 632 -37.93 17.09 6.38
N TYR B 633 -38.54 18.04 7.08
CA TYR B 633 -39.95 18.36 6.84
C TYR B 633 -40.14 18.88 5.42
N SER B 634 -41.31 18.58 4.84
CA SER B 634 -41.55 18.91 3.44
C SER B 634 -41.50 20.42 3.21
N THR B 635 -42.11 21.20 4.09
CA THR B 635 -42.13 22.65 3.94
C THR B 635 -41.78 23.32 5.27
N GLY B 636 -40.72 22.83 5.92
CA GLY B 636 -40.21 23.52 7.09
C GLY B 636 -39.62 24.87 6.73
N SER B 637 -38.86 24.92 5.64
CA SER B 637 -38.35 26.16 5.08
C SER B 637 -38.32 26.01 3.57
N ASN B 638 -38.33 27.15 2.88
CA ASN B 638 -38.30 27.12 1.42
C ASN B 638 -37.03 26.43 0.91
N VAL B 639 -37.18 25.60 -0.11
CA VAL B 639 -36.06 24.88 -0.67
C VAL B 639 -35.33 25.79 -1.66
N PHE B 640 -34.05 26.04 -1.40
CA PHE B 640 -33.25 26.92 -2.22
C PHE B 640 -32.30 26.10 -3.08
N GLN B 641 -32.31 26.36 -4.38
CA GLN B 641 -31.45 25.68 -5.34
C GLN B 641 -30.24 26.56 -5.62
N THR B 642 -29.07 26.09 -5.21
CA THR B 642 -27.82 26.81 -5.43
C THR B 642 -26.99 26.09 -6.49
N ARG B 643 -25.99 26.81 -7.00
CA ARG B 643 -25.08 26.19 -7.97
C ARG B 643 -24.25 25.08 -7.34
N ALA B 644 -24.11 25.08 -6.01
CA ALA B 644 -23.40 24.01 -5.32
C ALA B 644 -24.28 22.79 -5.05
N GLY B 645 -25.59 22.91 -5.21
CA GLY B 645 -26.50 21.82 -4.98
C GLY B 645 -27.79 22.33 -4.38
N CYS B 646 -28.49 21.41 -3.70
CA CYS B 646 -29.77 21.71 -3.07
C CYS B 646 -29.56 22.05 -1.61
N LEU B 647 -30.13 23.17 -1.17
CA LEU B 647 -30.02 23.63 0.21
C LEU B 647 -31.38 23.57 0.86
N ILE B 648 -31.47 22.86 1.98
CA ILE B 648 -32.71 22.70 2.73
C ILE B 648 -32.46 23.08 4.18
N GLY B 649 -33.37 23.87 4.75
CA GLY B 649 -33.26 24.31 6.13
C GLY B 649 -32.93 25.78 6.28
N ALA B 650 -32.58 26.47 5.21
CA ALA B 650 -32.24 27.88 5.25
C ALA B 650 -33.03 28.63 4.18
N GLU B 651 -33.37 29.88 4.49
CA GLU B 651 -34.12 30.72 3.57
C GLU B 651 -33.17 31.75 2.96
N TYR B 652 -33.30 31.94 1.65
CA TYR B 652 -32.44 32.90 0.95
C TYR B 652 -32.95 34.32 1.18
N VAL B 653 -32.04 35.19 1.58
CA VAL B 653 -32.37 36.60 1.86
C VAL B 653 -31.63 37.46 0.85
N ASN B 654 -32.19 38.64 0.59
CA ASN B 654 -31.62 39.56 -0.39
C ASN B 654 -30.54 40.45 0.20
N ASN B 655 -30.33 40.42 1.52
CA ASN B 655 -29.32 41.25 2.14
C ASN B 655 -27.95 40.58 2.05
N SER B 656 -26.97 41.34 1.58
CA SER B 656 -25.60 40.83 1.46
C SER B 656 -24.83 41.21 2.71
N TYR B 657 -24.37 40.21 3.46
CA TYR B 657 -23.60 40.39 4.68
C TYR B 657 -22.18 39.88 4.48
N GLU B 658 -21.34 40.07 5.49
CA GLU B 658 -20.03 39.45 5.50
C GLU B 658 -20.19 37.94 5.56
N CYS B 659 -19.27 37.23 4.90
CA CYS B 659 -19.44 35.81 4.74
C CYS B 659 -19.34 35.07 6.07
N ASP B 660 -19.91 33.87 6.06
CA ASP B 660 -20.03 33.01 7.24
C ASP B 660 -19.76 31.59 6.76
N ILE B 661 -20.25 30.61 7.52
CA ILE B 661 -20.18 29.19 7.13
C ILE B 661 -20.43 29.09 5.63
N PRO B 662 -19.47 28.61 4.86
CA PRO B 662 -19.49 28.81 3.41
C PRO B 662 -20.17 27.69 2.63
N ILE B 663 -20.78 28.10 1.52
CA ILE B 663 -21.33 27.20 0.52
C ILE B 663 -20.77 27.64 -0.82
N GLY B 664 -20.66 26.69 -1.74
CA GLY B 664 -20.05 26.99 -3.02
C GLY B 664 -20.82 28.05 -3.80
N ALA B 665 -20.13 28.62 -4.79
CA ALA B 665 -20.70 29.62 -5.69
C ALA B 665 -21.17 30.86 -4.95
N GLY B 666 -20.35 31.34 -4.02
CA GLY B 666 -20.62 32.62 -3.38
C GLY B 666 -21.86 32.66 -2.52
N ILE B 667 -22.09 31.63 -1.72
CA ILE B 667 -23.22 31.57 -0.80
C ILE B 667 -22.68 31.30 0.61
N CYS B 668 -23.06 32.14 1.56
CA CYS B 668 -22.68 31.97 2.95
C CYS B 668 -23.94 31.95 3.80
N ALA B 669 -23.96 31.06 4.79
CA ALA B 669 -25.12 30.87 5.65
C ALA B 669 -24.82 31.37 7.06
N SER B 670 -25.76 32.11 7.64
CA SER B 670 -25.61 32.69 8.97
C SER B 670 -26.87 32.41 9.79
N TYR B 671 -26.69 32.42 11.11
CA TYR B 671 -27.79 32.28 12.05
C TYR B 671 -28.13 33.67 12.57
N GLN B 672 -29.14 34.31 11.96
CA GLN B 672 -29.52 35.66 12.33
C GLN B 672 -31.00 35.74 12.66
N THR B 673 -31.50 36.96 12.87
CA THR B 673 -32.91 37.16 13.19
C THR B 673 -33.77 37.16 11.92
N SER B 686 -37.80 33.58 16.06
CA SER B 686 -37.11 34.85 15.90
C SER B 686 -35.79 34.67 15.16
N GLN B 687 -34.99 33.71 15.62
CA GLN B 687 -33.70 33.41 15.01
C GLN B 687 -33.84 32.21 14.07
N SER B 688 -33.33 32.36 12.85
CA SER B 688 -33.39 31.30 11.86
C SER B 688 -32.12 31.33 11.02
N ILE B 689 -31.81 30.17 10.42
CA ILE B 689 -30.65 30.07 9.55
C ILE B 689 -31.01 30.64 8.18
N ILE B 690 -30.19 31.57 7.69
CA ILE B 690 -30.45 32.26 6.44
C ILE B 690 -29.26 32.08 5.52
N ALA B 691 -29.52 32.10 4.22
CA ALA B 691 -28.50 32.03 3.19
C ALA B 691 -28.54 33.30 2.35
N TYR B 692 -27.38 33.70 1.84
CA TYR B 692 -27.27 34.96 1.11
C TYR B 692 -26.04 34.88 0.21
N THR B 693 -25.85 35.94 -0.58
CA THR B 693 -24.65 36.14 -1.36
C THR B 693 -23.69 37.03 -0.59
N MET B 694 -22.44 36.61 -0.50
CA MET B 694 -21.48 37.32 0.34
C MET B 694 -21.26 38.74 -0.19
N SER B 695 -21.00 39.66 0.74
CA SER B 695 -20.60 41.01 0.40
C SER B 695 -19.09 41.09 0.43
N LEU B 696 -18.48 41.41 -0.72
CA LEU B 696 -17.03 41.45 -0.80
C LEU B 696 -16.44 42.52 0.12
N GLY B 697 -17.07 43.68 0.19
CA GLY B 697 -16.61 44.73 1.06
C GLY B 697 -17.47 45.97 0.89
N ALA B 698 -17.24 46.93 1.78
CA ALA B 698 -17.96 48.19 1.71
C ALA B 698 -17.63 48.92 0.41
N GLU B 699 -18.66 49.45 -0.25
CA GLU B 699 -18.46 50.17 -1.49
C GLU B 699 -17.69 51.46 -1.24
N ASN B 700 -16.73 51.75 -2.11
CA ASN B 700 -15.94 52.96 -2.01
C ASN B 700 -15.73 53.54 -3.39
N SER B 701 -15.57 54.87 -3.46
CA SER B 701 -15.35 55.58 -4.71
C SER B 701 -14.35 56.70 -4.43
N VAL B 702 -13.10 56.50 -4.83
CA VAL B 702 -12.07 57.50 -4.59
C VAL B 702 -12.38 58.74 -5.40
N ALA B 703 -12.35 59.90 -4.74
CA ALA B 703 -12.66 61.17 -5.40
C ALA B 703 -11.46 61.65 -6.21
N TYR B 704 -11.06 60.83 -7.17
CA TYR B 704 -9.91 61.15 -7.99
C TYR B 704 -10.23 62.28 -8.95
N SER B 705 -9.31 63.23 -9.05
CA SER B 705 -9.41 64.33 -10.00
C SER B 705 -8.03 64.95 -10.14
N ASN B 706 -7.70 65.39 -11.35
CA ASN B 706 -6.40 66.00 -11.56
C ASN B 706 -6.31 67.30 -10.76
N ASN B 707 -5.07 67.74 -10.53
CA ASN B 707 -4.73 68.88 -9.67
C ASN B 707 -5.45 68.83 -8.32
N SER B 708 -5.71 67.61 -7.83
CA SER B 708 -6.29 67.42 -6.51
C SER B 708 -5.60 66.24 -5.84
N ILE B 709 -5.07 66.46 -4.64
CA ILE B 709 -4.33 65.45 -3.89
C ILE B 709 -4.82 65.44 -2.45
N ALA B 710 -4.59 64.30 -1.79
CA ALA B 710 -4.92 64.13 -0.38
C ALA B 710 -3.63 63.87 0.39
N ILE B 711 -3.41 64.66 1.43
CA ILE B 711 -2.22 64.57 2.26
C ILE B 711 -2.65 64.34 3.70
N PRO B 712 -2.19 63.29 4.36
CA PRO B 712 -2.59 63.06 5.75
C PRO B 712 -2.04 64.13 6.68
N THR B 713 -2.79 64.41 7.73
CA THR B 713 -2.37 65.36 8.76
C THR B 713 -2.00 64.69 10.07
N ASN B 714 -2.32 63.41 10.24
CA ASN B 714 -2.03 62.69 11.47
C ASN B 714 -1.55 61.30 11.08
N PHE B 715 -1.38 60.43 12.09
CA PHE B 715 -0.92 59.08 11.84
C PHE B 715 -1.30 58.21 13.02
N THR B 716 -1.25 56.89 12.80
CA THR B 716 -1.54 55.91 13.83
C THR B 716 -0.45 54.85 13.82
N ILE B 717 0.13 54.58 15.00
CA ILE B 717 1.12 53.53 15.15
C ILE B 717 0.38 52.23 15.46
N SER B 718 0.29 51.36 14.47
CA SER B 718 -0.49 50.13 14.58
C SER B 718 0.44 48.96 14.84
N VAL B 719 0.07 48.12 15.81
CA VAL B 719 0.81 46.90 16.13
C VAL B 719 -0.11 45.73 15.86
N THR B 720 0.35 44.82 14.99
CA THR B 720 -0.44 43.67 14.59
C THR B 720 0.36 42.39 14.83
N THR B 721 -0.36 41.32 15.19
CA THR B 721 0.27 40.03 15.44
C THR B 721 0.31 39.20 14.16
N GLU B 722 1.18 38.20 14.17
CA GLU B 722 1.30 37.28 13.04
C GLU B 722 1.90 35.98 13.56
N ILE B 723 1.12 34.90 13.50
CA ILE B 723 1.51 33.61 14.03
C ILE B 723 1.94 32.72 12.87
N LEU B 724 3.12 32.12 12.98
CA LEU B 724 3.65 31.25 11.94
C LEU B 724 4.14 29.96 12.57
N PRO B 725 3.69 28.80 12.10
CA PRO B 725 4.25 27.54 12.58
C PRO B 725 5.71 27.39 12.19
N VAL B 726 6.47 26.72 13.05
CA VAL B 726 7.89 26.50 12.85
C VAL B 726 8.23 25.01 12.81
N SER B 727 7.69 24.24 13.75
CA SER B 727 8.00 22.82 13.84
C SER B 727 6.77 22.08 14.34
N MET B 728 6.77 20.77 14.12
CA MET B 728 5.71 19.90 14.60
C MET B 728 6.26 18.98 15.69
N THR B 729 5.42 18.06 16.14
CA THR B 729 5.80 17.10 17.16
C THR B 729 6.64 15.98 16.54
N LYS B 730 7.90 15.89 16.94
CA LYS B 730 8.76 14.82 16.46
C LYS B 730 8.25 13.48 16.98
N THR B 731 8.18 12.48 16.11
CA THR B 731 7.63 11.18 16.46
C THR B 731 8.52 10.07 15.92
N SER B 732 8.46 8.92 16.59
CA SER B 732 9.18 7.73 16.18
C SER B 732 8.23 6.53 16.24
N VAL B 733 8.44 5.58 15.33
CA VAL B 733 7.57 4.42 15.21
C VAL B 733 8.41 3.16 15.34
N ASP B 734 8.01 2.27 16.24
CA ASP B 734 8.66 0.97 16.41
C ASP B 734 7.92 -0.03 15.51
N CYS B 735 8.29 -0.04 14.23
CA CYS B 735 7.56 -0.83 13.24
C CYS B 735 7.58 -2.31 13.56
N THR B 736 8.74 -2.84 13.98
CA THR B 736 8.91 -4.28 14.11
C THR B 736 7.92 -4.88 15.11
N MET B 737 7.49 -4.10 16.10
CA MET B 737 6.47 -4.55 17.03
C MET B 737 5.13 -3.88 16.81
N TYR B 738 5.11 -2.72 16.15
CA TYR B 738 3.83 -2.10 15.79
C TYR B 738 3.05 -3.00 14.85
N ILE B 739 3.73 -3.59 13.87
CA ILE B 739 3.04 -4.47 12.91
C ILE B 739 2.59 -5.74 13.61
N CYS B 740 3.48 -6.37 14.38
CA CYS B 740 3.19 -7.62 15.08
C CYS B 740 3.33 -7.35 16.58
N GLY B 741 2.22 -7.26 17.29
CA GLY B 741 2.24 -6.96 18.70
C GLY B 741 2.43 -8.18 19.58
N ASP B 742 3.64 -8.36 20.10
CA ASP B 742 3.98 -9.45 21.02
C ASP B 742 3.69 -10.81 20.39
N SER B 743 4.38 -11.09 19.28
CA SER B 743 4.23 -12.37 18.59
C SER B 743 5.56 -12.66 17.89
N THR B 744 6.34 -13.59 18.46
CA THR B 744 7.62 -13.95 17.88
C THR B 744 7.45 -14.57 16.50
N GLU B 745 6.43 -15.43 16.34
CA GLU B 745 6.18 -16.04 15.04
C GLU B 745 5.84 -14.99 13.99
N CYS B 746 5.06 -13.97 14.38
CA CYS B 746 4.77 -12.88 13.45
C CYS B 746 6.03 -12.12 13.07
N SER B 747 6.94 -11.92 14.04
CA SER B 747 8.20 -11.25 13.73
C SER B 747 9.04 -12.07 12.76
N ASN B 748 9.11 -13.38 12.95
CA ASN B 748 9.85 -14.23 12.02
C ASN B 748 9.21 -14.21 10.64
N LEU B 749 7.88 -14.22 10.57
CA LEU B 749 7.20 -14.13 9.28
C LEU B 749 7.41 -12.78 8.63
N LEU B 750 7.57 -11.72 9.44
CA LEU B 750 7.83 -10.39 8.92
C LEU B 750 9.25 -10.23 8.41
N LEU B 751 10.21 -10.96 9.00
CA LEU B 751 11.60 -10.82 8.61
C LEU B 751 11.82 -11.07 7.11
N GLN B 752 11.01 -11.95 6.52
CA GLN B 752 11.21 -12.32 5.12
C GLN B 752 10.49 -11.39 4.15
N TYR B 753 10.06 -10.21 4.59
CA TYR B 753 9.55 -9.18 3.68
C TYR B 753 10.63 -8.20 3.23
N GLY B 754 11.88 -8.64 3.18
CA GLY B 754 12.96 -7.76 2.79
C GLY B 754 13.25 -6.70 3.84
N SER B 755 12.91 -5.45 3.54
CA SER B 755 13.15 -4.36 4.48
C SER B 755 12.11 -3.29 4.22
N PHE B 756 11.15 -3.15 5.13
CA PHE B 756 10.09 -2.16 5.03
C PHE B 756 10.16 -1.10 6.11
N CYS B 757 10.47 -1.50 7.35
CA CYS B 757 10.46 -0.55 8.45
C CYS B 757 11.69 0.34 8.45
N THR B 758 12.78 -0.10 7.81
CA THR B 758 14.00 0.69 7.81
C THR B 758 13.82 2.02 7.08
N GLN B 759 13.16 2.00 5.92
CA GLN B 759 12.99 3.24 5.17
C GLN B 759 12.03 4.18 5.88
N LEU B 760 10.96 3.65 6.48
CA LEU B 760 10.05 4.49 7.24
C LEU B 760 10.75 5.11 8.45
N LYS B 761 11.55 4.32 9.15
CA LYS B 761 12.29 4.83 10.30
C LYS B 761 13.28 5.92 9.88
N ARG B 762 13.99 5.69 8.77
CA ARG B 762 14.93 6.69 8.28
C ARG B 762 14.22 7.97 7.88
N ALA B 763 13.08 7.85 7.19
CA ALA B 763 12.31 9.03 6.81
C ALA B 763 11.82 9.80 8.03
N LEU B 764 11.35 9.07 9.05
CA LEU B 764 10.86 9.75 10.25
C LEU B 764 11.99 10.45 10.99
N THR B 765 13.16 9.82 11.08
CA THR B 765 14.30 10.47 11.71
C THR B 765 14.73 11.71 10.94
N GLY B 766 14.75 11.62 9.61
CA GLY B 766 15.05 12.79 8.80
C GLY B 766 14.04 13.90 9.02
N ILE B 767 12.77 13.56 9.13
CA ILE B 767 11.74 14.55 9.41
C ILE B 767 12.03 15.23 10.75
N ALA B 768 12.30 14.44 11.79
CA ALA B 768 12.51 15.00 13.12
C ALA B 768 13.71 15.94 13.15
N VAL B 769 14.83 15.51 12.56
CA VAL B 769 15.98 16.40 12.51
C VAL B 769 15.66 17.61 11.64
N GLU B 770 14.72 17.48 10.71
CA GLU B 770 14.30 18.63 9.92
C GLU B 770 13.57 19.66 10.78
N GLN B 771 12.67 19.24 11.65
CA GLN B 771 12.05 20.24 12.53
C GLN B 771 13.07 20.84 13.51
N ASP B 772 14.02 20.02 13.97
CA ASP B 772 15.07 20.59 14.82
C ASP B 772 15.84 21.68 14.09
N LYS B 773 16.23 21.41 12.84
CA LYS B 773 16.93 22.42 12.05
C LYS B 773 16.05 23.61 11.75
N ASN B 774 14.74 23.38 11.59
CA ASN B 774 13.82 24.49 11.34
C ASN B 774 13.78 25.44 12.53
N THR B 775 13.64 24.88 13.74
CA THR B 775 13.63 25.71 14.93
C THR B 775 14.95 26.45 15.08
N GLN B 776 16.07 25.76 14.84
CA GLN B 776 17.37 26.41 14.95
C GLN B 776 17.51 27.56 13.96
N GLU B 777 17.06 27.36 12.71
CA GLU B 777 17.17 28.40 11.70
C GLU B 777 16.28 29.59 12.04
N VAL B 778 15.06 29.33 12.52
CA VAL B 778 14.14 30.42 12.80
C VAL B 778 14.63 31.24 13.99
N PHE B 779 15.07 30.58 15.06
CA PHE B 779 15.37 31.30 16.30
C PHE B 779 16.84 31.63 16.48
N ALA B 780 17.73 30.67 16.25
CA ALA B 780 19.16 30.89 16.46
C ALA B 780 19.72 31.64 15.25
N GLN B 781 19.74 32.96 15.35
CA GLN B 781 20.26 33.80 14.27
C GLN B 781 21.29 34.81 14.76
N VAL B 782 21.71 34.74 16.02
CA VAL B 782 22.71 35.64 16.57
C VAL B 782 23.79 34.83 17.29
N LYS B 783 24.96 35.45 17.40
CA LYS B 783 26.10 34.83 18.05
C LYS B 783 26.23 35.23 19.52
N GLN B 784 25.59 36.31 19.95
CA GLN B 784 25.64 36.78 21.32
C GLN B 784 24.24 36.83 21.91
N ILE B 785 24.13 36.47 23.18
CA ILE B 785 22.87 36.55 23.91
C ILE B 785 22.84 37.92 24.58
N TYR B 786 22.29 38.89 23.86
CA TYR B 786 22.27 40.26 24.37
C TYR B 786 21.33 40.38 25.57
N LYS B 787 21.76 41.13 26.57
CA LYS B 787 21.00 41.36 27.79
C LYS B 787 20.61 42.83 27.88
N THR B 788 19.34 43.09 28.12
CA THR B 788 18.87 44.46 28.28
C THR B 788 19.43 45.08 29.56
N PRO B 789 19.71 46.37 29.55
CA PRO B 789 20.21 47.04 30.77
C PRO B 789 19.15 47.05 31.85
N PRO B 790 19.55 47.14 33.12
CA PRO B 790 18.56 47.17 34.20
C PRO B 790 17.58 48.33 34.08
N ILE B 791 18.03 49.48 33.60
CA ILE B 791 17.11 50.61 33.36
C ILE B 791 16.25 50.29 32.15
N LYS B 792 14.94 50.48 32.30
CA LYS B 792 13.97 50.10 31.27
C LYS B 792 13.26 51.32 30.70
N TYR B 793 14.01 52.39 30.44
CA TYR B 793 13.47 53.59 29.81
C TYR B 793 14.01 53.68 28.39
N PHE B 794 13.11 53.63 27.41
CA PHE B 794 13.47 53.74 25.99
C PHE B 794 12.58 54.80 25.36
N GLY B 795 12.98 56.07 25.49
CA GLY B 795 12.25 57.16 24.88
C GLY B 795 10.79 57.25 25.29
N GLY B 796 10.45 56.74 26.48
CA GLY B 796 9.07 56.71 26.92
C GLY B 796 8.29 55.49 26.52
N PHE B 797 8.87 54.62 25.68
CA PHE B 797 8.18 53.40 25.27
C PHE B 797 8.19 52.39 26.41
N ASN B 798 7.19 51.52 26.42
CA ASN B 798 7.00 50.52 27.47
C ASN B 798 7.14 49.13 26.83
N PHE B 799 8.20 48.42 27.19
CA PHE B 799 8.47 47.08 26.67
C PHE B 799 8.36 46.00 27.75
N SER B 800 7.74 46.32 28.89
CA SER B 800 7.63 45.36 29.97
C SER B 800 6.77 44.16 29.62
N GLN B 801 5.91 44.28 28.60
CA GLN B 801 5.04 43.19 28.21
C GLN B 801 5.70 42.20 27.26
N ILE B 802 6.88 42.51 26.74
CA ILE B 802 7.60 41.59 25.87
C ILE B 802 8.98 41.22 26.40
N LEU B 803 9.59 42.02 27.25
CA LEU B 803 10.84 41.61 27.88
C LEU B 803 10.56 40.59 28.97
N PRO B 804 11.41 39.58 29.10
CA PRO B 804 11.21 38.58 30.16
C PRO B 804 11.39 39.18 31.55
N ASP B 805 10.69 38.62 32.52
CA ASP B 805 10.80 39.04 33.90
C ASP B 805 11.42 37.93 34.74
N PRO B 806 12.41 38.24 35.56
CA PRO B 806 13.07 37.21 36.39
C PRO B 806 12.27 36.79 37.62
N SER B 807 11.01 37.19 37.73
CA SER B 807 10.17 36.85 38.88
C SER B 807 9.45 35.51 38.71
N LYS B 808 9.67 34.81 37.60
CA LYS B 808 9.00 33.55 37.34
C LYS B 808 10.03 32.48 37.04
N PRO B 809 9.72 31.21 37.34
CA PRO B 809 10.66 30.13 37.01
C PRO B 809 10.98 30.05 35.53
N SER B 810 10.01 30.35 34.67
CA SER B 810 10.22 30.37 33.23
C SER B 810 10.50 31.81 32.80
N LYS B 811 11.66 32.02 32.18
CA LYS B 811 12.07 33.36 31.75
C LYS B 811 11.35 33.73 30.46
N ARG B 812 10.03 33.89 30.59
CA ARG B 812 9.17 34.25 29.47
C ARG B 812 8.41 35.52 29.80
N SER B 813 8.09 36.29 28.76
CA SER B 813 7.35 37.52 28.95
C SER B 813 5.88 37.22 29.24
N PHE B 814 5.13 38.29 29.56
CA PHE B 814 3.71 38.13 29.82
C PHE B 814 2.97 37.62 28.58
N ILE B 815 3.31 38.16 27.40
CA ILE B 815 2.68 37.73 26.16
C ILE B 815 3.06 36.29 25.85
N GLU B 816 4.34 35.94 26.03
CA GLU B 816 4.77 34.57 25.79
C GLU B 816 4.08 33.59 26.73
N ASP B 817 3.96 33.96 28.02
CA ASP B 817 3.26 33.10 28.96
C ASP B 817 1.79 32.96 28.59
N LEU B 818 1.16 34.05 28.16
CA LEU B 818 -0.24 33.97 27.76
C LEU B 818 -0.41 33.06 26.56
N LEU B 819 0.49 33.16 25.58
CA LEU B 819 0.41 32.28 24.42
C LEU B 819 0.61 30.82 24.81
N PHE B 820 1.57 30.56 25.70
CA PHE B 820 1.80 29.19 26.14
C PHE B 820 0.59 28.63 26.87
N ASN B 821 -0.03 29.43 27.73
CA ASN B 821 -1.23 28.99 28.44
C ASN B 821 -2.40 28.77 27.48
N LYS B 822 -2.51 29.61 26.45
CA LYS B 822 -3.58 29.44 25.47
C LYS B 822 -3.40 28.14 24.68
N VAL B 823 -2.17 27.83 24.29
CA VAL B 823 -1.95 26.63 23.46
C VAL B 823 -1.88 25.35 24.30
N THR B 824 -1.56 25.45 25.59
CA THR B 824 -1.40 24.25 26.40
C THR B 824 -2.72 23.54 26.66
N LEU B 825 -3.85 24.14 26.30
CA LEU B 825 -5.14 23.46 26.45
C LEU B 825 -5.19 22.16 25.67
N ALA B 826 -4.44 22.08 24.56
CA ALA B 826 -4.33 20.86 23.76
C ALA B 826 -2.84 20.65 23.45
N ASP B 827 -2.15 19.93 24.32
CA ASP B 827 -0.74 19.65 24.14
C ASP B 827 -0.37 18.37 24.88
N ALA B 828 0.68 17.71 24.41
CA ALA B 828 1.18 16.48 25.01
C ALA B 828 2.44 16.70 25.83
N GLY B 829 2.79 17.96 26.12
CA GLY B 829 4.00 18.27 26.85
C GLY B 829 3.83 18.13 28.36
N PHE B 830 4.86 18.59 29.07
CA PHE B 830 4.96 18.62 30.52
C PHE B 830 5.04 17.23 31.15
N ILE B 831 4.97 16.16 30.36
CA ILE B 831 5.10 14.81 30.89
C ILE B 831 6.23 14.10 30.17
N LYS B 832 6.07 13.91 28.85
CA LYS B 832 7.04 13.21 28.00
C LYS B 832 7.37 11.82 28.54
N GLN B 833 6.49 11.27 29.39
CA GLN B 833 6.68 9.95 29.99
C GLN B 833 8.04 9.86 30.68
N TYR B 834 8.35 10.89 31.47
CA TYR B 834 9.59 10.87 32.26
C TYR B 834 9.58 9.73 33.28
N GLY B 835 8.39 9.33 33.74
CA GLY B 835 8.27 8.23 34.67
C GLY B 835 7.23 7.23 34.18
N ASP B 836 7.13 6.13 34.92
CA ASP B 836 6.18 5.08 34.57
C ASP B 836 4.74 5.58 34.75
N CYS B 837 3.87 5.18 33.83
CA CYS B 837 2.47 5.58 33.87
C CYS B 837 1.57 4.39 34.17
N CYS B 848 -0.96 6.26 29.80
CA CYS B 848 -1.37 7.61 29.42
C CYS B 848 -0.56 8.12 28.24
N ALA B 849 -0.96 9.29 27.72
CA ALA B 849 -0.33 9.90 26.56
C ALA B 849 -0.29 8.94 25.37
N GLN B 850 -1.39 8.20 25.22
CA GLN B 850 -1.54 7.22 24.14
C GLN B 850 -0.42 6.18 24.18
N LYS B 851 0.62 6.41 23.37
CA LYS B 851 1.74 5.49 23.22
C LYS B 851 1.24 4.10 22.87
N PHE B 852 2.01 3.07 23.24
CA PHE B 852 1.72 1.67 22.96
C PHE B 852 1.76 1.41 21.46
N LYS B 853 2.04 0.16 21.07
CA LYS B 853 2.24 -0.20 19.66
C LYS B 853 3.37 0.62 19.04
N GLY B 854 4.36 0.97 19.84
CA GLY B 854 5.55 1.65 19.33
C GLY B 854 5.32 3.03 18.76
N LEU B 855 4.50 3.84 19.43
CA LEU B 855 4.28 5.23 19.05
C LEU B 855 4.86 6.12 20.14
N THR B 856 5.96 6.80 19.82
CA THR B 856 6.68 7.61 20.79
C THR B 856 6.87 9.03 20.23
N VAL B 857 7.07 9.97 21.15
CA VAL B 857 7.27 11.37 20.81
C VAL B 857 8.69 11.75 21.22
N LEU B 858 9.49 12.20 20.27
CA LEU B 858 10.85 12.63 20.56
C LEU B 858 10.85 14.08 21.01
N PRO B 859 11.41 14.40 22.18
CA PRO B 859 11.40 15.78 22.64
C PRO B 859 12.25 16.67 21.74
N PRO B 860 11.89 17.94 21.61
CA PRO B 860 12.68 18.83 20.76
C PRO B 860 14.07 19.06 21.34
N LEU B 861 15.03 19.32 20.44
CA LEU B 861 16.39 19.59 20.87
C LEU B 861 16.46 20.86 21.72
N LEU B 862 15.77 21.91 21.31
CA LEU B 862 15.76 23.17 22.02
C LEU B 862 14.54 23.23 22.94
N THR B 863 14.79 23.36 24.24
CA THR B 863 13.70 23.50 25.19
C THR B 863 13.07 24.89 25.07
N ASP B 864 11.88 25.04 25.66
CA ASP B 864 11.19 26.32 25.60
C ASP B 864 11.98 27.42 26.29
N GLU B 865 12.74 27.08 27.32
CA GLU B 865 13.56 28.07 28.01
C GLU B 865 14.61 28.66 27.06
N MET B 866 15.25 27.81 26.26
CA MET B 866 16.27 28.30 25.34
C MET B 866 15.67 29.12 24.20
N ILE B 867 14.50 28.73 23.71
CA ILE B 867 13.82 29.53 22.70
C ILE B 867 13.46 30.90 23.28
N ALA B 868 12.96 30.92 24.52
CA ALA B 868 12.66 32.20 25.16
C ALA B 868 13.92 33.04 25.35
N GLN B 869 15.04 32.39 25.66
CA GLN B 869 16.30 33.12 25.79
C GLN B 869 16.73 33.73 24.46
N TYR B 870 16.60 32.97 23.37
CA TYR B 870 16.87 33.52 22.05
C TYR B 870 15.97 34.72 21.76
N THR B 871 14.68 34.59 22.06
CA THR B 871 13.75 35.69 21.80
C THR B 871 14.11 36.92 22.62
N SER B 872 14.48 36.73 23.89
CA SER B 872 14.87 37.85 24.73
C SER B 872 16.15 38.51 24.20
N ALA B 873 17.12 37.71 23.75
CA ALA B 873 18.35 38.27 23.21
C ALA B 873 18.06 39.09 21.95
N LEU B 874 17.21 38.57 21.07
CA LEU B 874 16.86 39.31 19.86
C LEU B 874 16.10 40.59 20.19
N LEU B 875 15.19 40.54 21.16
CA LEU B 875 14.48 41.75 21.58
C LEU B 875 15.46 42.79 22.14
N ALA B 876 16.39 42.35 22.99
CA ALA B 876 17.36 43.28 23.54
C ALA B 876 18.23 43.88 22.44
N GLY B 877 18.64 43.06 21.48
CA GLY B 877 19.46 43.57 20.38
C GLY B 877 18.72 44.60 19.55
N THR B 878 17.47 44.29 19.17
CA THR B 878 16.71 45.21 18.33
C THR B 878 16.25 46.44 19.10
N ILE B 879 16.27 46.40 20.44
CA ILE B 879 15.90 47.57 21.22
C ILE B 879 17.09 48.48 21.44
N THR B 880 18.21 47.91 21.89
CA THR B 880 19.38 48.70 22.24
C THR B 880 20.30 48.99 21.07
N SER B 881 20.08 48.37 19.91
CA SER B 881 20.96 48.59 18.77
C SER B 881 20.24 48.79 17.45
N GLY B 882 18.95 48.52 17.36
CA GLY B 882 18.23 48.67 16.10
C GLY B 882 18.53 47.55 15.13
N TRP B 883 19.08 47.89 13.97
CA TRP B 883 19.45 46.91 12.97
C TRP B 883 20.96 46.69 12.87
N THR B 884 21.74 47.39 13.69
CA THR B 884 23.20 47.25 13.61
C THR B 884 23.63 45.84 14.02
N PHE B 885 22.99 45.27 15.03
CA PHE B 885 23.37 43.94 15.49
C PHE B 885 23.03 42.86 14.48
N GLY B 886 22.17 43.15 13.51
CA GLY B 886 21.87 42.21 12.45
C GLY B 886 22.86 42.20 11.31
N ALA B 887 23.81 43.13 11.31
CA ALA B 887 24.82 43.21 10.26
C ALA B 887 26.25 43.14 10.79
N GLY B 888 26.42 43.02 12.11
CA GLY B 888 27.75 42.97 12.69
C GLY B 888 27.72 43.16 14.20
N ALA B 889 28.73 43.85 14.73
CA ALA B 889 28.75 44.13 16.16
C ALA B 889 27.62 45.07 16.54
N ALA B 890 26.97 44.77 17.66
CA ALA B 890 25.87 45.60 18.12
C ALA B 890 26.39 46.97 18.57
N LEU B 891 25.75 48.03 18.07
CA LEU B 891 26.13 49.39 18.40
C LEU B 891 25.00 50.03 19.17
N GLN B 892 25.30 50.56 20.36
CA GLN B 892 24.28 51.20 21.18
C GLN B 892 23.76 52.45 20.48
N ILE B 893 22.48 52.72 20.69
CA ILE B 893 21.81 53.85 20.06
C ILE B 893 20.57 54.20 20.89
N PRO B 894 20.30 55.48 21.14
CA PRO B 894 19.07 55.84 21.84
C PRO B 894 17.85 55.37 21.06
N PHE B 895 16.83 54.91 21.78
CA PHE B 895 15.64 54.39 21.12
C PHE B 895 14.91 55.48 20.33
N ALA B 896 14.92 56.72 20.85
CA ALA B 896 14.29 57.81 20.11
C ALA B 896 14.98 58.03 18.77
N MET B 897 16.31 57.98 18.74
CA MET B 897 17.03 58.14 17.49
C MET B 897 16.73 56.97 16.55
N GLN B 898 16.64 55.75 17.07
CA GLN B 898 16.30 54.61 16.23
C GLN B 898 14.93 54.77 15.59
N MET B 899 13.94 55.22 16.38
CA MET B 899 12.62 55.47 15.82
C MET B 899 12.66 56.59 14.80
N ALA B 900 13.45 57.63 15.06
CA ALA B 900 13.54 58.74 14.11
C ALA B 900 14.11 58.27 12.78
N TYR B 901 15.13 57.42 12.82
CA TYR B 901 15.73 56.96 11.57
C TYR B 901 14.87 55.91 10.87
N ARG B 902 14.08 55.15 11.61
CA ARG B 902 13.07 54.31 10.95
C ARG B 902 12.01 55.16 10.27
N PHE B 903 11.59 56.25 10.93
CA PHE B 903 10.68 57.19 10.30
C PHE B 903 11.27 57.80 9.04
N ASN B 904 12.57 58.13 9.08
CA ASN B 904 13.26 58.58 7.88
C ASN B 904 13.24 57.50 6.81
N GLY B 905 13.38 56.24 7.23
CA GLY B 905 13.33 55.14 6.28
C GLY B 905 11.98 54.99 5.60
N ILE B 906 10.90 55.30 6.30
CA ILE B 906 9.57 55.19 5.71
C ILE B 906 9.21 56.49 5.00
N GLY B 907 10.18 57.39 4.86
CA GLY B 907 9.94 58.62 4.10
C GLY B 907 9.37 59.76 4.88
N VAL B 908 9.39 59.71 6.21
CA VAL B 908 8.91 60.79 7.06
C VAL B 908 10.10 61.44 7.74
N THR B 909 10.16 62.77 7.71
CA THR B 909 11.31 63.47 8.27
C THR B 909 11.42 63.23 9.76
N GLN B 910 12.65 63.35 10.27
CA GLN B 910 12.93 63.00 11.67
C GLN B 910 12.19 63.90 12.65
N ASN B 911 11.94 65.15 12.26
CA ASN B 911 11.34 66.10 13.19
C ASN B 911 9.94 65.69 13.62
N VAL B 912 9.25 64.87 12.83
CA VAL B 912 7.90 64.44 13.20
C VAL B 912 7.93 63.65 14.50
N LEU B 913 8.85 62.68 14.60
CA LEU B 913 8.99 61.92 15.84
C LEU B 913 9.47 62.81 16.97
N TYR B 914 10.47 63.65 16.72
CA TYR B 914 10.99 64.49 17.79
C TYR B 914 10.00 65.54 18.26
N GLU B 915 8.91 65.75 17.52
CA GLU B 915 7.84 66.63 17.97
C GLU B 915 6.63 65.90 18.53
N ASN B 916 6.43 64.63 18.15
CA ASN B 916 5.28 63.86 18.64
C ASN B 916 5.71 62.58 19.35
N GLN B 917 6.86 62.63 20.03
CA GLN B 917 7.37 61.44 20.73
C GLN B 917 6.41 60.98 21.82
N LYS B 918 5.86 61.90 22.60
CA LYS B 918 4.94 61.52 23.66
C LYS B 918 3.71 60.83 23.08
N LEU B 919 3.14 61.40 22.02
CA LEU B 919 1.97 60.81 21.39
C LEU B 919 2.30 59.44 20.81
N ILE B 920 3.46 59.30 20.18
CA ILE B 920 3.83 58.03 19.57
C ILE B 920 4.04 56.96 20.63
N ALA B 921 4.70 57.31 21.73
CA ALA B 921 4.88 56.36 22.82
C ALA B 921 3.55 55.95 23.43
N ASN B 922 2.64 56.91 23.61
CA ASN B 922 1.32 56.58 24.13
C ASN B 922 0.57 55.65 23.19
N GLN B 923 0.64 55.91 21.88
CA GLN B 923 -0.01 55.05 20.90
C GLN B 923 0.57 53.65 20.92
N PHE B 924 1.91 53.54 21.01
CA PHE B 924 2.53 52.22 21.05
C PHE B 924 2.13 51.45 22.30
N ASN B 925 2.11 52.12 23.45
CA ASN B 925 1.70 51.45 24.68
C ASN B 925 0.25 51.01 24.62
N SER B 926 -0.62 51.87 24.07
CA SER B 926 -2.03 51.49 23.93
C SER B 926 -2.18 50.31 22.99
N ALA B 927 -1.42 50.29 21.89
CA ALA B 927 -1.47 49.15 20.97
C ALA B 927 -1.01 47.88 21.63
N ILE B 928 0.06 47.95 22.43
CA ILE B 928 0.54 46.76 23.14
C ILE B 928 -0.52 46.26 24.12
N GLY B 929 -1.16 47.18 24.85
CA GLY B 929 -2.23 46.77 25.74
C GLY B 929 -3.40 46.16 25.01
N LYS B 930 -3.73 46.71 23.84
CA LYS B 930 -4.82 46.15 23.04
C LYS B 930 -4.47 44.75 22.55
N ILE B 931 -3.21 44.53 22.16
CA ILE B 931 -2.78 43.19 21.78
C ILE B 931 -2.89 42.23 22.95
N GLN B 932 -2.49 42.68 24.14
CA GLN B 932 -2.61 41.83 25.33
C GLN B 932 -4.07 41.47 25.59
N ASP B 933 -4.97 42.46 25.50
CA ASP B 933 -6.39 42.19 25.74
C ASP B 933 -6.97 41.25 24.70
N SER B 934 -6.62 41.45 23.43
CA SER B 934 -7.12 40.57 22.38
C SER B 934 -6.62 39.14 22.55
N LEU B 935 -5.35 38.98 22.93
CA LEU B 935 -4.81 37.64 23.13
C LEU B 935 -5.44 36.98 24.36
N SER B 936 -5.71 37.76 25.40
CA SER B 936 -6.34 37.22 26.61
C SER B 936 -7.80 36.86 26.39
N SER B 937 -8.42 37.31 25.31
CA SER B 937 -9.81 36.99 25.05
C SER B 937 -9.98 35.52 24.65
N THR B 938 -11.20 35.03 24.80
CA THR B 938 -11.49 33.64 24.45
C THR B 938 -11.34 33.39 22.96
N ALA B 939 -11.56 34.41 22.13
CA ALA B 939 -11.46 34.28 20.68
C ALA B 939 -9.98 34.18 20.31
N SER B 940 -9.48 32.94 20.36
CA SER B 940 -8.06 32.70 20.09
C SER B 940 -7.76 32.90 18.61
N ALA B 941 -6.70 33.65 18.32
CA ALA B 941 -6.23 33.86 16.96
C ALA B 941 -5.11 32.90 16.56
N LEU B 942 -4.71 32.00 17.46
CA LEU B 942 -3.64 31.05 17.19
C LEU B 942 -4.18 29.84 16.42
N GLY B 943 -4.75 30.13 15.25
CA GLY B 943 -5.34 29.08 14.45
C GLY B 943 -4.32 28.11 13.89
N LYS B 944 -3.15 28.61 13.47
CA LYS B 944 -2.20 27.78 12.75
C LYS B 944 -1.55 26.73 13.67
N LEU B 945 -1.09 27.16 14.84
CA LEU B 945 -0.45 26.22 15.76
C LEU B 945 -1.44 25.16 16.24
N GLN B 946 -2.66 25.59 16.59
CA GLN B 946 -3.69 24.64 17.02
C GLN B 946 -4.03 23.68 15.89
N ASP B 947 -4.11 24.19 14.65
CA ASP B 947 -4.39 23.33 13.51
C ASP B 947 -3.30 22.29 13.31
N VAL B 948 -2.04 22.70 13.45
CA VAL B 948 -0.93 21.76 13.28
C VAL B 948 -0.98 20.68 14.36
N VAL B 949 -1.21 21.10 15.60
CA VAL B 949 -1.27 20.14 16.70
C VAL B 949 -2.43 19.17 16.50
N ASN B 950 -3.60 19.70 16.10
CA ASN B 950 -4.75 18.84 15.87
C ASN B 950 -4.52 17.88 14.71
N HIS B 951 -3.87 18.35 13.65
CA HIS B 951 -3.57 17.49 12.51
C HIS B 951 -2.65 16.35 12.91
N ASN B 952 -1.60 16.65 13.68
CA ASN B 952 -0.72 15.59 14.14
C ASN B 952 -1.46 14.61 15.04
N ALA B 953 -2.30 15.14 15.95
CA ALA B 953 -3.05 14.28 16.86
C ALA B 953 -4.00 13.37 16.10
N GLN B 954 -4.68 13.90 15.08
CA GLN B 954 -5.66 13.09 14.35
C GLN B 954 -4.96 12.10 13.43
N ALA B 955 -3.78 12.45 12.91
CA ALA B 955 -3.00 11.46 12.16
C ALA B 955 -2.60 10.31 13.05
N LEU B 956 -2.12 10.61 14.27
CA LEU B 956 -1.77 9.55 15.21
C LEU B 956 -3.00 8.74 15.60
N ASN B 957 -4.14 9.41 15.76
CA ASN B 957 -5.37 8.70 16.12
C ASN B 957 -5.81 7.76 15.00
N THR B 958 -5.73 8.21 13.75
CA THR B 958 -6.05 7.33 12.64
C THR B 958 -5.10 6.14 12.59
N LEU B 959 -3.80 6.40 12.82
CA LEU B 959 -2.83 5.30 12.80
C LEU B 959 -3.11 4.29 13.90
N VAL B 960 -3.44 4.76 15.10
CA VAL B 960 -3.68 3.84 16.21
C VAL B 960 -5.02 3.11 16.03
N LYS B 961 -6.00 3.74 15.37
CA LYS B 961 -7.28 3.09 15.16
C LYS B 961 -7.27 2.11 14.01
N GLN B 962 -6.38 2.31 13.03
CA GLN B 962 -6.40 1.48 11.82
C GLN B 962 -6.17 0.00 12.10
N LEU B 963 -5.53 -0.34 13.22
CA LEU B 963 -5.23 -1.74 13.47
C LEU B 963 -6.45 -2.55 13.87
N SER B 964 -7.54 -1.89 14.26
CA SER B 964 -8.78 -2.61 14.52
C SER B 964 -9.48 -3.07 13.25
N SER B 965 -8.99 -2.64 12.08
CA SER B 965 -9.56 -3.09 10.82
C SER B 965 -9.28 -4.57 10.61
N LYS B 966 -10.30 -5.32 10.21
CA LYS B 966 -10.16 -6.75 10.04
C LYS B 966 -9.40 -7.10 8.76
N PHE B 967 -9.48 -6.26 7.73
CA PHE B 967 -8.85 -6.51 6.44
C PHE B 967 -9.35 -7.80 5.81
N GLY B 968 -10.61 -8.16 6.07
CA GLY B 968 -11.20 -9.35 5.49
C GLY B 968 -10.74 -10.66 6.09
N ALA B 969 -10.06 -10.62 7.23
CA ALA B 969 -9.54 -11.82 7.86
C ALA B 969 -10.60 -12.43 8.79
N ILE B 970 -10.31 -13.63 9.31
CA ILE B 970 -11.23 -14.27 10.22
C ILE B 970 -11.25 -13.53 11.56
N SER B 971 -10.09 -13.14 12.06
CA SER B 971 -9.99 -12.41 13.31
C SER B 971 -8.87 -11.38 13.20
N SER B 972 -8.97 -10.34 14.04
CA SER B 972 -8.01 -9.25 14.04
C SER B 972 -6.92 -9.41 15.09
N VAL B 973 -6.87 -10.54 15.79
CA VAL B 973 -5.90 -10.78 16.84
C VAL B 973 -4.95 -11.88 16.36
N LEU B 974 -3.65 -11.64 16.50
CA LEU B 974 -2.66 -12.51 15.87
C LEU B 974 -2.63 -13.89 16.51
N ASN B 975 -2.60 -13.97 17.85
CA ASN B 975 -2.45 -15.26 18.50
C ASN B 975 -3.66 -16.16 18.26
N ASP B 976 -4.85 -15.58 18.11
CA ASP B 976 -6.01 -16.38 17.77
C ASP B 976 -5.83 -17.06 16.42
N ILE B 977 -5.34 -16.32 15.42
CA ILE B 977 -5.10 -16.91 14.11
C ILE B 977 -3.99 -17.95 14.18
N PHE B 978 -2.97 -17.70 15.00
CA PHE B 978 -1.85 -18.62 15.08
C PHE B 978 -2.20 -19.90 15.82
N SER B 979 -3.17 -19.85 16.74
CA SER B 979 -3.49 -21.00 17.58
C SER B 979 -4.72 -21.76 17.11
N ARG B 980 -5.79 -21.07 16.73
CA ARG B 980 -7.06 -21.71 16.40
C ARG B 980 -7.26 -21.84 14.89
N LEU B 981 -6.19 -21.71 14.11
CA LEU B 981 -6.27 -21.85 12.67
C LEU B 981 -5.03 -22.61 12.19
N ASP B 982 -5.22 -23.37 11.11
CA ASP B 982 -4.11 -24.18 10.59
C ASP B 982 -3.06 -23.29 9.91
N PRO B 983 -1.78 -23.60 10.07
CA PRO B 983 -0.72 -22.74 9.50
C PRO B 983 -0.84 -22.54 8.00
N PRO B 984 -1.22 -23.56 7.20
CA PRO B 984 -1.18 -23.37 5.73
C PRO B 984 -1.88 -22.12 5.21
N GLU B 985 -3.00 -21.71 5.82
CA GLU B 985 -3.64 -20.47 5.43
C GLU B 985 -3.71 -19.44 6.56
N ALA B 986 -3.41 -19.83 7.80
CA ALA B 986 -3.16 -18.80 8.81
C ALA B 986 -1.96 -17.95 8.43
N GLU B 987 -0.98 -18.55 7.73
CA GLU B 987 0.17 -17.77 7.26
C GLU B 987 -0.25 -16.69 6.28
N VAL B 988 -1.18 -17.01 5.36
CA VAL B 988 -1.60 -15.99 4.41
C VAL B 988 -2.56 -14.99 5.05
N GLN B 989 -3.32 -15.41 6.07
CA GLN B 989 -4.11 -14.45 6.82
C GLN B 989 -3.21 -13.43 7.53
N ILE B 990 -2.15 -13.92 8.17
CA ILE B 990 -1.19 -13.03 8.82
C ILE B 990 -0.48 -12.17 7.76
N ASP B 991 -0.23 -12.75 6.59
CA ASP B 991 0.37 -11.99 5.49
C ASP B 991 -0.52 -10.82 5.09
N ARG B 992 -1.82 -11.07 4.94
CA ARG B 992 -2.73 -10.00 4.56
C ARG B 992 -2.82 -8.94 5.65
N LEU B 993 -2.87 -9.35 6.92
CA LEU B 993 -2.89 -8.38 8.01
C LEU B 993 -1.63 -7.54 8.00
N ILE B 994 -0.47 -8.17 7.79
CA ILE B 994 0.79 -7.43 7.77
C ILE B 994 0.85 -6.47 6.59
N THR B 995 0.39 -6.89 5.42
CA THR B 995 0.36 -5.99 4.27
C THR B 995 -0.57 -4.80 4.52
N GLY B 996 -1.73 -5.02 5.12
CA GLY B 996 -2.60 -3.91 5.47
C GLY B 996 -1.95 -2.96 6.45
N ARG B 997 -1.27 -3.51 7.46
CA ARG B 997 -0.61 -2.67 8.46
C ARG B 997 0.52 -1.86 7.84
N LEU B 998 1.32 -2.46 6.97
CA LEU B 998 2.37 -1.73 6.27
C LEU B 998 1.78 -0.65 5.35
N GLN B 999 0.65 -0.95 4.70
CA GLN B 999 0.02 0.07 3.87
C GLN B 999 -0.45 1.25 4.71
N SER B 1000 -1.05 0.96 5.87
CA SER B 1000 -1.49 2.04 6.75
C SER B 1000 -0.30 2.87 7.25
N LEU B 1001 0.79 2.19 7.64
CA LEU B 1001 1.97 2.91 8.12
C LEU B 1001 2.60 3.74 7.01
N GLN B 1002 2.63 3.22 5.78
CA GLN B 1002 3.17 3.97 4.66
C GLN B 1002 2.32 5.18 4.35
N THR B 1003 0.99 5.04 4.40
CA THR B 1003 0.13 6.20 4.22
C THR B 1003 0.39 7.24 5.29
N TYR B 1004 0.54 6.80 6.54
CA TYR B 1004 0.80 7.74 7.63
C TYR B 1004 2.12 8.47 7.42
N VAL B 1005 3.18 7.75 7.01
CA VAL B 1005 4.47 8.39 6.84
C VAL B 1005 4.46 9.31 5.63
N THR B 1006 3.68 8.98 4.59
CA THR B 1006 3.55 9.90 3.46
C THR B 1006 2.83 11.19 3.87
N GLN B 1007 1.76 11.06 4.67
CA GLN B 1007 1.11 12.26 5.19
C GLN B 1007 2.07 13.07 6.05
N GLN B 1008 2.89 12.39 6.85
CA GLN B 1008 3.87 13.08 7.69
C GLN B 1008 4.90 13.80 6.84
N LEU B 1009 5.33 13.18 5.73
CA LEU B 1009 6.28 13.84 4.84
C LEU B 1009 5.68 15.07 4.19
N ILE B 1010 4.42 14.99 3.77
CA ILE B 1010 3.76 16.16 3.18
C ILE B 1010 3.64 17.28 4.21
N ARG B 1011 3.23 16.93 5.44
CA ARG B 1011 3.13 17.93 6.49
C ARG B 1011 4.50 18.51 6.82
N ALA B 1012 5.54 17.68 6.78
CA ALA B 1012 6.89 18.16 7.06
C ALA B 1012 7.35 19.13 5.98
N ALA B 1013 7.04 18.86 4.72
CA ALA B 1013 7.37 19.81 3.66
C ALA B 1013 6.63 21.13 3.85
N GLU B 1014 5.34 21.06 4.19
CA GLU B 1014 4.57 22.28 4.41
C GLU B 1014 5.13 23.09 5.58
N ILE B 1015 5.46 22.41 6.69
CA ILE B 1015 6.00 23.08 7.86
C ILE B 1015 7.40 23.62 7.58
N ARG B 1016 8.18 22.92 6.76
CA ARG B 1016 9.49 23.43 6.36
C ARG B 1016 9.35 24.72 5.57
N ALA B 1017 8.39 24.77 4.64
CA ALA B 1017 8.15 26.00 3.90
C ALA B 1017 7.71 27.12 4.83
N SER B 1018 6.82 26.80 5.78
CA SER B 1018 6.35 27.80 6.73
C SER B 1018 7.50 28.31 7.59
N ALA B 1019 8.38 27.41 8.03
CA ALA B 1019 9.51 27.81 8.88
C ALA B 1019 10.52 28.63 8.09
N ASN B 1020 10.74 28.31 6.82
CA ASN B 1020 11.61 29.13 5.99
C ASN B 1020 11.03 30.53 5.82
N LEU B 1021 9.72 30.62 5.59
CA LEU B 1021 9.08 31.94 5.52
C LEU B 1021 9.20 32.69 6.83
N ALA B 1022 9.03 31.99 7.95
CA ALA B 1022 9.15 32.61 9.27
C ALA B 1022 10.58 33.11 9.50
N ALA B 1023 11.57 32.33 9.09
CA ALA B 1023 12.96 32.77 9.22
C ALA B 1023 13.25 33.98 8.36
N THR B 1024 12.73 34.01 7.13
CA THR B 1024 12.92 35.17 6.27
C THR B 1024 12.27 36.40 6.87
N LYS B 1025 11.05 36.26 7.40
CA LYS B 1025 10.38 37.38 8.04
C LYS B 1025 11.13 37.83 9.29
N MET B 1026 11.70 36.88 10.03
CA MET B 1026 12.47 37.22 11.21
C MET B 1026 13.72 38.01 10.83
N SER B 1027 14.39 37.61 9.76
CA SER B 1027 15.59 38.29 9.31
C SER B 1027 15.30 39.67 8.71
N GLU B 1028 14.16 39.84 8.05
CA GLU B 1028 13.87 41.07 7.35
C GLU B 1028 13.04 42.06 8.15
N CYS B 1029 12.31 41.61 9.17
CA CYS B 1029 11.47 42.48 9.98
C CYS B 1029 12.07 42.81 11.34
N VAL B 1030 12.68 41.83 11.99
CA VAL B 1030 13.24 42.06 13.33
C VAL B 1030 14.66 42.61 13.24
N LEU B 1031 15.54 41.93 12.50
CA LEU B 1031 16.92 42.36 12.40
C LEU B 1031 17.09 43.60 11.51
N GLY B 1032 16.05 44.03 10.82
CA GLY B 1032 16.16 45.21 9.98
C GLY B 1032 14.79 45.71 9.58
N GLN B 1033 14.80 46.80 8.82
CA GLN B 1033 13.58 47.42 8.33
C GLN B 1033 13.35 46.99 6.89
N SER B 1034 12.14 46.51 6.60
CA SER B 1034 11.80 45.97 5.30
C SER B 1034 10.90 46.94 4.54
N LYS B 1035 11.26 47.21 3.29
CA LYS B 1035 10.46 48.07 2.42
C LYS B 1035 9.43 47.31 1.62
N ARG B 1036 9.37 45.98 1.76
CA ARG B 1036 8.38 45.19 1.04
C ARG B 1036 6.99 45.52 1.55
N VAL B 1037 6.06 45.74 0.60
CA VAL B 1037 4.74 46.22 0.96
C VAL B 1037 3.92 45.07 1.57
N ASP B 1038 3.33 45.33 2.74
CA ASP B 1038 2.46 44.38 3.43
C ASP B 1038 3.17 43.04 3.64
N PHE B 1039 4.45 43.12 4.03
CA PHE B 1039 5.22 41.93 4.39
C PHE B 1039 5.41 41.82 5.90
N CYS B 1040 5.92 42.88 6.53
CA CYS B 1040 6.11 42.92 7.97
C CYS B 1040 4.90 43.64 8.57
N GLY B 1041 3.75 42.99 8.51
CA GLY B 1041 2.51 43.61 8.91
C GLY B 1041 1.90 44.44 7.79
N LYS B 1042 0.81 45.13 8.12
CA LYS B 1042 0.08 45.94 7.16
C LYS B 1042 0.38 47.42 7.41
N GLY B 1043 0.75 48.13 6.36
CA GLY B 1043 1.11 49.52 6.44
C GLY B 1043 2.58 49.75 6.15
N TYR B 1044 3.07 50.90 6.61
CA TYR B 1044 4.47 51.26 6.48
C TYR B 1044 5.24 50.67 7.66
N HIS B 1045 6.02 49.63 7.39
CA HIS B 1045 6.69 48.89 8.45
C HIS B 1045 7.78 49.73 9.10
N LEU B 1046 7.86 49.65 10.43
CA LEU B 1046 8.90 50.31 11.18
C LEU B 1046 9.85 49.32 11.83
N MET B 1047 9.32 48.37 12.60
CA MET B 1047 10.11 47.35 13.26
C MET B 1047 9.18 46.26 13.76
N SER B 1048 9.75 45.10 14.05
CA SER B 1048 8.98 43.95 14.49
C SER B 1048 9.60 43.37 15.76
N PHE B 1049 8.78 42.66 16.53
CA PHE B 1049 9.21 42.00 17.74
C PHE B 1049 8.87 40.52 17.69
N PRO B 1050 9.82 39.64 17.95
CA PRO B 1050 9.51 38.21 18.02
C PRO B 1050 8.97 37.82 19.39
N GLN B 1051 8.12 36.79 19.38
CA GLN B 1051 7.58 36.22 20.61
C GLN B 1051 7.56 34.70 20.47
N SER B 1052 8.07 34.01 21.47
CA SER B 1052 8.09 32.56 21.46
C SER B 1052 6.66 32.02 21.60
N ALA B 1053 6.35 31.00 20.81
CA ALA B 1053 5.06 30.33 20.84
C ALA B 1053 5.28 28.84 20.77
N PRO B 1054 4.36 28.04 21.32
CA PRO B 1054 4.50 26.58 21.22
C PRO B 1054 4.48 26.12 19.78
N HIS B 1055 5.59 25.52 19.35
CA HIS B 1055 5.75 25.02 17.97
C HIS B 1055 5.52 26.12 16.95
N GLY B 1056 6.03 27.32 17.23
CA GLY B 1056 5.87 28.42 16.31
C GLY B 1056 6.50 29.67 16.85
N VAL B 1057 6.26 30.77 16.13
CA VAL B 1057 6.78 32.09 16.50
C VAL B 1057 5.70 33.12 16.22
N VAL B 1058 5.65 34.15 17.06
CA VAL B 1058 4.66 35.21 16.94
C VAL B 1058 5.40 36.53 16.73
N PHE B 1059 5.00 37.27 15.71
CA PHE B 1059 5.62 38.54 15.35
C PHE B 1059 4.68 39.68 15.72
N LEU B 1060 5.23 40.71 16.35
CA LEU B 1060 4.49 41.92 16.69
C LEU B 1060 4.99 43.03 15.76
N HIS B 1061 4.33 43.17 14.61
CA HIS B 1061 4.75 44.13 13.61
C HIS B 1061 4.27 45.53 13.99
N VAL B 1062 5.20 46.47 14.12
CA VAL B 1062 4.87 47.86 14.38
C VAL B 1062 4.89 48.60 13.05
N THR B 1063 3.76 49.18 12.68
CA THR B 1063 3.59 49.79 11.37
C THR B 1063 3.11 51.22 11.52
N TYR B 1064 3.37 52.02 10.48
CA TYR B 1064 2.98 53.42 10.43
C TYR B 1064 1.78 53.56 9.52
N VAL B 1065 0.64 53.97 10.08
CA VAL B 1065 -0.60 54.09 9.31
C VAL B 1065 -1.04 55.55 9.29
N PRO B 1066 -1.06 56.21 8.13
CA PRO B 1066 -1.53 57.59 8.07
C PRO B 1066 -3.02 57.69 8.36
N ALA B 1067 -3.42 58.85 8.85
CA ALA B 1067 -4.81 59.10 9.21
C ALA B 1067 -5.10 60.58 9.11
N GLN B 1068 -6.40 60.91 9.11
CA GLN B 1068 -6.87 62.29 9.05
C GLN B 1068 -6.35 63.00 7.79
N GLU B 1069 -6.80 62.50 6.64
CA GLU B 1069 -6.40 63.06 5.37
C GLU B 1069 -7.10 64.40 5.13
N LYS B 1070 -6.59 65.15 4.16
CA LYS B 1070 -7.15 66.45 3.81
C LYS B 1070 -6.96 66.69 2.32
N ASN B 1071 -8.00 67.16 1.66
CA ASN B 1071 -7.92 67.45 0.23
C ASN B 1071 -7.13 68.72 -0.01
N PHE B 1072 -6.34 68.73 -1.08
CA PHE B 1072 -5.56 69.90 -1.45
C PHE B 1072 -5.49 69.98 -2.97
N THR B 1073 -5.23 71.19 -3.45
CA THR B 1073 -5.00 71.42 -4.88
C THR B 1073 -3.52 71.30 -5.17
N THR B 1074 -3.15 70.31 -5.97
CA THR B 1074 -1.76 70.02 -6.26
C THR B 1074 -1.38 70.46 -7.67
N ALA B 1075 -0.08 70.59 -7.89
CA ALA B 1075 0.46 71.00 -9.18
C ALA B 1075 1.75 70.24 -9.46
N PRO B 1076 1.93 69.75 -10.68
CA PRO B 1076 3.19 69.06 -11.01
C PRO B 1076 4.42 69.94 -10.88
N ALA B 1077 4.30 71.23 -11.19
CA ALA B 1077 5.46 72.12 -11.17
C ALA B 1077 4.96 73.56 -11.01
N ILE B 1078 5.91 74.46 -10.78
CA ILE B 1078 5.63 75.87 -10.60
C ILE B 1078 6.57 76.67 -11.50
N CYS B 1079 6.00 77.60 -12.26
CA CYS B 1079 6.77 78.49 -13.13
C CYS B 1079 6.88 79.86 -12.47
N HIS B 1080 8.12 80.34 -12.30
CA HIS B 1080 8.37 81.60 -11.63
C HIS B 1080 8.93 82.65 -12.59
N ASP B 1081 10.03 82.36 -13.27
CA ASP B 1081 10.66 83.28 -14.20
C ASP B 1081 10.82 82.64 -15.57
N GLY B 1082 9.77 81.98 -16.03
CA GLY B 1082 9.80 81.29 -17.31
C GLY B 1082 10.44 79.93 -17.27
N LYS B 1083 10.88 79.46 -16.10
CA LYS B 1083 11.49 78.15 -15.95
C LYS B 1083 10.75 77.37 -14.87
N ALA B 1084 10.48 76.10 -15.15
CA ALA B 1084 9.72 75.27 -14.23
C ALA B 1084 10.53 74.92 -13.00
N HIS B 1085 9.82 74.72 -11.88
CA HIS B 1085 10.43 74.30 -10.63
C HIS B 1085 9.74 73.03 -10.15
N PHE B 1086 10.53 72.03 -9.79
CA PHE B 1086 10.00 70.77 -9.31
C PHE B 1086 10.45 70.54 -7.87
N PRO B 1087 9.61 69.93 -7.03
CA PRO B 1087 10.00 69.70 -5.63
C PRO B 1087 11.15 68.70 -5.54
N ARG B 1088 11.96 68.87 -4.51
CA ARG B 1088 13.09 67.97 -4.30
C ARG B 1088 12.63 66.63 -3.72
N GLU B 1089 12.04 66.66 -2.53
CA GLU B 1089 11.33 65.50 -2.00
C GLU B 1089 9.97 65.89 -1.43
N GLY B 1090 9.34 66.92 -2.01
CA GLY B 1090 8.09 67.41 -1.48
C GLY B 1090 6.94 67.34 -2.46
N VAL B 1091 5.78 67.84 -2.05
CA VAL B 1091 4.58 67.86 -2.88
C VAL B 1091 4.06 69.29 -2.91
N PHE B 1092 3.80 69.80 -4.11
CA PHE B 1092 3.24 71.13 -4.27
C PHE B 1092 1.75 71.09 -3.95
N VAL B 1093 1.35 71.78 -2.89
CA VAL B 1093 -0.05 71.84 -2.48
C VAL B 1093 -0.41 73.29 -2.20
N SER B 1094 -1.69 73.59 -2.37
CA SER B 1094 -2.23 74.92 -2.10
C SER B 1094 -3.43 74.79 -1.18
N ASN B 1095 -3.44 75.59 -0.12
CA ASN B 1095 -4.59 75.58 0.80
C ASN B 1095 -5.66 76.58 0.37
N GLY B 1096 -6.01 76.50 -0.90
CA GLY B 1096 -6.95 77.43 -1.50
C GLY B 1096 -6.34 78.64 -2.17
N THR B 1097 -5.49 79.37 -1.44
CA THR B 1097 -4.87 80.59 -1.96
C THR B 1097 -3.36 80.51 -2.03
N HIS B 1098 -2.71 80.10 -0.95
CA HIS B 1098 -1.25 80.06 -0.88
C HIS B 1098 -0.75 78.66 -1.19
N TRP B 1099 0.27 78.58 -2.04
CA TRP B 1099 0.90 77.31 -2.37
C TRP B 1099 1.97 76.97 -1.34
N PHE B 1100 2.12 75.67 -1.06
CA PHE B 1100 3.12 75.19 -0.12
C PHE B 1100 3.68 73.87 -0.63
N VAL B 1101 4.88 73.54 -0.16
CA VAL B 1101 5.53 72.28 -0.47
C VAL B 1101 5.61 71.45 0.81
N THR B 1102 5.25 70.18 0.72
CA THR B 1102 5.21 69.32 1.89
C THR B 1102 5.59 67.90 1.48
N GLN B 1103 6.05 67.13 2.47
CA GLN B 1103 6.42 65.75 2.24
C GLN B 1103 5.19 64.90 1.94
N ARG B 1104 5.43 63.73 1.35
CA ARG B 1104 4.34 62.90 0.86
C ARG B 1104 3.43 62.42 2.00
N ASN B 1105 4.03 61.93 3.09
CA ASN B 1105 3.30 61.16 4.08
C ASN B 1105 2.87 61.99 5.29
N PHE B 1106 3.11 63.30 5.27
CA PHE B 1106 2.71 64.14 6.39
C PHE B 1106 2.54 65.57 5.90
N TYR B 1107 1.65 66.31 6.55
CA TYR B 1107 1.36 67.69 6.16
C TYR B 1107 2.26 68.63 6.94
N GLU B 1108 3.32 69.10 6.29
CA GLU B 1108 4.22 70.12 6.84
C GLU B 1108 4.39 71.21 5.79
N PRO B 1109 3.41 72.10 5.66
CA PRO B 1109 3.50 73.15 4.63
C PRO B 1109 4.70 74.04 4.85
N GLN B 1110 5.34 74.43 3.75
CA GLN B 1110 6.51 75.28 3.80
C GLN B 1110 6.52 76.19 2.57
N ILE B 1111 7.23 77.31 2.70
CA ILE B 1111 7.33 78.25 1.59
C ILE B 1111 8.21 77.67 0.50
N ILE B 1112 7.75 77.74 -0.74
CA ILE B 1112 8.53 77.25 -1.86
C ILE B 1112 9.76 78.13 -2.03
N THR B 1113 10.94 77.53 -1.93
CA THR B 1113 12.19 78.25 -2.05
C THR B 1113 13.09 77.51 -3.03
N THR B 1114 14.17 78.19 -3.44
CA THR B 1114 15.15 77.55 -4.30
C THR B 1114 15.87 76.41 -3.60
N ASP B 1115 15.83 76.38 -2.26
CA ASP B 1115 16.43 75.29 -1.51
C ASP B 1115 15.58 74.02 -1.54
N ASN B 1116 14.29 74.15 -1.84
CA ASN B 1116 13.38 73.01 -1.86
C ASN B 1116 13.02 72.57 -3.28
N THR B 1117 13.47 73.30 -4.30
CA THR B 1117 13.10 73.01 -5.68
C THR B 1117 14.34 73.08 -6.56
N PHE B 1118 14.26 72.40 -7.70
CA PHE B 1118 15.33 72.41 -8.69
C PHE B 1118 14.75 72.80 -10.04
N VAL B 1119 15.48 73.65 -10.76
CA VAL B 1119 15.03 74.14 -12.06
C VAL B 1119 15.36 73.11 -13.13
N SER B 1120 14.42 72.88 -14.04
CA SER B 1120 14.63 71.95 -15.15
C SER B 1120 13.85 72.45 -16.35
N GLY B 1121 14.51 73.18 -17.24
CA GLY B 1121 13.89 73.65 -18.45
C GLY B 1121 12.92 74.80 -18.21
N ASN B 1122 12.25 75.18 -19.30
CA ASN B 1122 11.26 76.24 -19.24
C ASN B 1122 9.93 75.69 -18.73
N CYS B 1123 8.93 76.56 -18.63
CA CYS B 1123 7.61 76.20 -18.12
C CYS B 1123 6.56 76.21 -19.23
N ASP B 1124 6.97 75.86 -20.45
CA ASP B 1124 6.04 75.77 -21.57
C ASP B 1124 5.85 74.33 -22.05
N VAL B 1125 6.39 73.35 -21.34
CA VAL B 1125 6.29 71.96 -21.76
C VAL B 1125 5.58 71.08 -20.74
N VAL B 1126 5.61 71.42 -19.45
CA VAL B 1126 4.94 70.63 -18.43
C VAL B 1126 3.47 71.02 -18.38
N ILE B 1127 2.59 70.04 -18.48
CA ILE B 1127 1.15 70.30 -18.43
C ILE B 1127 0.72 70.39 -16.97
N GLY B 1128 -0.22 71.29 -16.71
CA GLY B 1128 -0.73 71.48 -15.36
C GLY B 1128 0.12 72.38 -14.47
N ILE B 1129 1.17 72.99 -15.01
CA ILE B 1129 2.03 73.86 -14.21
C ILE B 1129 1.26 75.11 -13.81
N VAL B 1130 1.47 75.57 -12.59
CA VAL B 1130 0.81 76.75 -12.06
C VAL B 1130 1.82 77.88 -11.94
N ASN B 1131 1.30 79.08 -11.70
CA ASN B 1131 2.12 80.29 -11.57
C ASN B 1131 2.20 80.68 -10.10
N ASN B 1132 3.42 80.78 -9.59
CA ASN B 1132 3.64 81.25 -8.23
C ASN B 1132 5.09 81.68 -8.08
N THR B 1133 5.33 82.53 -7.09
CA THR B 1133 6.68 83.01 -6.82
C THR B 1133 7.46 81.98 -6.01
N VAL B 1134 8.78 81.98 -6.21
CA VAL B 1134 9.68 81.11 -5.48
C VAL B 1134 10.63 81.98 -4.67
N TYR B 1135 10.59 81.83 -3.35
CA TYR B 1135 11.36 82.69 -2.48
C TYR B 1135 12.85 82.40 -2.60
N ASP B 1136 13.65 83.47 -2.70
CA ASP B 1136 15.10 83.37 -2.69
C ASP B 1136 15.61 83.76 -1.31
N PRO B 1137 16.33 82.88 -0.60
CA PRO B 1137 16.72 83.20 0.77
C PRO B 1137 17.96 84.08 0.87
N LEU B 1138 18.34 84.73 -0.22
CA LEU B 1138 19.55 85.55 -0.24
C LEU B 1138 19.26 87.03 -0.50
N GLN B 1139 18.54 87.35 -1.58
CA GLN B 1139 18.39 88.74 -1.98
C GLN B 1139 17.65 89.60 -0.96
N PRO B 1140 16.49 89.19 -0.42
CA PRO B 1140 15.74 90.13 0.45
C PRO B 1140 16.50 90.60 1.68
N GLU B 1141 17.33 89.76 2.27
CA GLU B 1141 18.05 90.12 3.50
C GLU B 1141 19.53 90.36 3.29
N LEU B 1142 20.26 89.44 2.65
CA LEU B 1142 21.69 89.61 2.42
C LEU B 1142 21.93 90.48 1.18
N ASP B 1143 21.37 91.68 1.22
CA ASP B 1143 21.54 92.67 0.16
C ASP B 1143 22.67 93.65 0.45
N SER B 1144 23.39 93.48 1.55
CA SER B 1144 24.48 94.36 1.90
C SER B 1144 25.72 94.07 1.05
N THR C 19 44.10 -44.22 32.06
CA THR C 19 42.85 -44.70 32.65
C THR C 19 42.66 -44.12 34.05
N THR C 20 43.48 -44.57 35.00
CA THR C 20 43.41 -44.11 36.38
C THR C 20 44.16 -42.78 36.49
N ARG C 21 43.43 -41.69 36.71
CA ARG C 21 44.02 -40.38 36.79
C ARG C 21 43.03 -39.44 37.47
N THR C 22 43.53 -38.57 38.34
CA THR C 22 42.66 -37.70 39.12
C THR C 22 42.09 -36.58 38.25
N GLN C 23 41.06 -35.93 38.76
CA GLN C 23 40.34 -34.91 38.00
C GLN C 23 41.23 -33.69 37.75
N LEU C 24 40.85 -32.90 36.76
CA LEU C 24 41.56 -31.68 36.38
C LEU C 24 40.60 -30.51 36.35
N PRO C 25 41.08 -29.31 36.66
CA PRO C 25 40.22 -28.12 36.60
C PRO C 25 40.15 -27.57 35.19
N PRO C 26 38.95 -27.33 34.68
CA PRO C 26 38.82 -26.76 33.33
C PRO C 26 39.41 -25.36 33.25
N ALA C 27 39.94 -25.02 32.09
CA ALA C 27 40.54 -23.71 31.85
C ALA C 27 39.97 -23.11 30.58
N TYR C 28 39.88 -21.78 30.56
CA TYR C 28 39.25 -21.06 29.46
C TYR C 28 40.20 -20.00 28.93
N THR C 29 39.99 -19.61 27.68
CA THR C 29 40.75 -18.56 27.03
C THR C 29 39.82 -17.78 26.11
N ASN C 30 40.32 -16.64 25.61
CA ASN C 30 39.52 -15.77 24.77
C ASN C 30 39.60 -16.22 23.32
N SER C 31 38.43 -16.31 22.66
CA SER C 31 38.36 -16.76 21.28
C SER C 31 38.78 -15.70 20.28
N PHE C 32 38.80 -14.44 20.67
CA PHE C 32 39.15 -13.31 19.78
C PHE C 32 38.19 -13.33 18.58
N THR C 33 38.64 -12.96 17.40
CA THR C 33 37.81 -12.99 16.19
C THR C 33 38.13 -14.30 15.46
N ARG C 34 37.35 -15.32 15.75
CA ARG C 34 37.58 -16.64 15.19
C ARG C 34 36.24 -17.34 14.98
N GLY C 35 36.26 -18.40 14.18
CA GLY C 35 35.07 -19.17 13.93
C GLY C 35 34.15 -18.53 12.90
N VAL C 36 34.71 -18.16 11.76
CA VAL C 36 33.96 -17.55 10.66
C VAL C 36 34.00 -18.49 9.48
N TYR C 37 32.83 -18.88 8.99
CA TYR C 37 32.71 -19.81 7.88
C TYR C 37 31.72 -19.27 6.86
N TYR C 38 31.86 -19.72 5.63
CA TYR C 38 30.96 -19.29 4.57
C TYR C 38 29.57 -19.86 4.83
N PRO C 39 28.54 -19.03 4.97
CA PRO C 39 27.21 -19.56 5.33
C PRO C 39 26.45 -20.17 4.18
N ASP C 40 26.79 -19.85 2.94
CA ASP C 40 26.07 -20.36 1.78
C ASP C 40 27.05 -20.69 0.67
N LYS C 41 26.59 -21.53 -0.26
CA LYS C 41 27.40 -21.93 -1.40
C LYS C 41 27.56 -20.81 -2.42
N VAL C 42 26.81 -19.72 -2.29
CA VAL C 42 26.82 -18.66 -3.29
C VAL C 42 28.09 -17.83 -3.16
N PHE C 43 28.71 -17.52 -4.30
CA PHE C 43 29.88 -16.65 -4.34
C PHE C 43 29.46 -15.20 -4.54
N ARG C 44 30.17 -14.30 -3.88
CA ARG C 44 29.92 -12.87 -4.02
C ARG C 44 31.18 -12.11 -3.65
N SER C 45 31.32 -10.91 -4.21
CA SER C 45 32.50 -10.09 -3.98
C SER C 45 32.11 -8.62 -3.90
N SER C 46 32.90 -7.86 -3.14
CA SER C 46 32.72 -6.42 -3.00
C SER C 46 31.33 -6.05 -2.50
N VAL C 47 30.78 -6.90 -1.63
CA VAL C 47 29.46 -6.68 -1.04
C VAL C 47 29.54 -6.98 0.45
N LEU C 48 28.84 -6.18 1.25
CA LEU C 48 28.79 -6.36 2.70
C LEU C 48 27.50 -7.10 3.05
N HIS C 49 27.51 -8.41 2.81
CA HIS C 49 26.32 -9.23 3.03
C HIS C 49 26.13 -9.53 4.51
N SER C 50 24.87 -9.61 4.93
CA SER C 50 24.52 -9.93 6.30
C SER C 50 23.72 -11.24 6.31
N THR C 51 24.12 -12.16 7.19
CA THR C 51 23.48 -13.47 7.29
C THR C 51 23.07 -13.74 8.72
N GLN C 52 21.99 -14.51 8.88
CA GLN C 52 21.52 -14.97 10.18
C GLN C 52 21.69 -16.48 10.22
N ASP C 53 22.65 -16.93 11.03
CA ASP C 53 22.97 -18.36 11.12
C ASP C 53 23.73 -18.60 12.42
N LEU C 54 24.03 -19.87 12.68
CA LEU C 54 24.82 -20.22 13.86
C LEU C 54 26.27 -19.78 13.67
N PHE C 55 26.81 -19.12 14.68
CA PHE C 55 28.18 -18.62 14.62
C PHE C 55 28.78 -18.63 16.01
N LEU C 56 30.11 -18.63 16.05
CA LEU C 56 30.81 -18.49 17.32
C LEU C 56 30.81 -17.02 17.73
N PRO C 57 30.27 -16.68 18.90
CA PRO C 57 30.27 -15.26 19.31
C PRO C 57 31.69 -14.72 19.44
N PHE C 58 31.86 -13.47 19.05
CA PHE C 58 33.15 -12.82 19.14
C PHE C 58 33.55 -12.63 20.60
N PHE C 59 34.82 -12.89 20.89
CA PHE C 59 35.38 -12.74 22.24
C PHE C 59 34.57 -13.53 23.26
N SER C 60 34.50 -14.84 23.03
CA SER C 60 33.79 -15.77 23.90
C SER C 60 34.77 -16.70 24.59
N ASN C 61 34.46 -17.05 25.83
CA ASN C 61 35.31 -17.95 26.59
C ASN C 61 35.30 -19.34 25.95
N VAL C 62 36.48 -19.80 25.51
CA VAL C 62 36.63 -21.06 24.81
C VAL C 62 37.61 -21.92 25.60
N THR C 63 37.23 -23.18 25.82
CA THR C 63 38.09 -24.10 26.55
C THR C 63 39.32 -24.45 25.72
N TRP C 64 40.44 -24.67 26.41
CA TRP C 64 41.72 -24.98 25.78
C TRP C 64 42.33 -26.23 26.41
N PHE C 65 41.52 -27.29 26.50
CA PHE C 65 41.95 -28.56 27.07
C PHE C 65 43.31 -28.98 26.54
N HIS C 66 44.24 -29.20 27.46
CA HIS C 66 45.64 -29.46 27.14
C HIS C 66 45.89 -30.96 27.10
N VAL C 67 46.58 -31.41 26.06
CA VAL C 67 46.96 -32.81 25.92
C VAL C 67 48.47 -32.94 26.09
N ILE C 68 48.89 -33.24 27.32
CA ILE C 68 50.31 -33.39 27.64
C ILE C 68 50.49 -34.65 28.47
N SER C 69 51.73 -35.11 28.56
CA SER C 69 52.04 -36.30 29.34
C SER C 69 51.70 -36.08 30.80
N GLY C 70 50.65 -36.75 31.28
CA GLY C 70 50.23 -36.57 32.67
C GLY C 70 51.26 -37.17 33.62
N THR C 71 51.64 -36.38 34.63
CA THR C 71 52.60 -36.81 35.65
C THR C 71 53.90 -37.30 35.01
N ASN C 72 54.23 -36.74 33.85
CA ASN C 72 55.43 -37.09 33.10
C ASN C 72 55.49 -38.59 32.81
N GLY C 73 54.40 -39.14 32.30
CA GLY C 73 54.37 -40.53 31.90
C GLY C 73 53.22 -41.35 32.43
N THR C 74 52.19 -40.70 32.95
CA THR C 74 50.99 -41.37 33.44
C THR C 74 49.80 -41.00 32.56
N LYS C 75 48.99 -42.01 32.22
CA LYS C 75 47.85 -41.78 31.35
C LYS C 75 46.85 -40.84 31.99
N ARG C 76 46.34 -39.89 31.20
CA ARG C 76 45.35 -38.94 31.65
C ARG C 76 44.10 -39.05 30.79
N PHE C 77 42.95 -38.81 31.40
CA PHE C 77 41.66 -38.89 30.70
C PHE C 77 41.26 -37.55 30.11
N ASP C 78 42.16 -36.94 29.33
CA ASP C 78 41.88 -35.64 28.75
C ASP C 78 41.00 -35.78 27.51
N ASN C 79 39.89 -36.51 27.65
CA ASN C 79 38.87 -36.60 26.61
C ASN C 79 37.50 -36.56 27.28
N PRO C 80 37.11 -35.41 27.83
CA PRO C 80 35.80 -35.32 28.47
C PRO C 80 34.68 -35.50 27.48
N VAL C 81 33.56 -36.03 27.96
CA VAL C 81 32.38 -36.20 27.12
C VAL C 81 31.56 -34.91 27.20
N LEU C 82 31.94 -33.93 26.39
CA LEU C 82 31.40 -32.58 26.27
C LEU C 82 30.10 -32.59 25.48
N PRO C 83 29.10 -31.84 25.93
CA PRO C 83 27.85 -31.77 25.16
C PRO C 83 28.05 -31.08 23.82
N PHE C 84 27.29 -31.54 22.83
CA PHE C 84 27.34 -30.95 21.50
C PHE C 84 26.49 -29.70 21.39
N ASN C 85 25.37 -29.64 22.11
CA ASN C 85 24.45 -28.51 22.08
C ASN C 85 24.00 -28.20 20.66
N ASP C 86 24.57 -27.17 20.05
CA ASP C 86 24.23 -26.78 18.69
C ASP C 86 25.41 -26.67 17.76
N GLY C 87 26.63 -26.58 18.27
CA GLY C 87 27.79 -26.46 17.40
C GLY C 87 29.06 -26.54 18.21
N VAL C 88 30.15 -26.84 17.50
CA VAL C 88 31.48 -26.97 18.10
C VAL C 88 32.47 -26.22 17.21
N TYR C 89 33.50 -25.67 17.84
CA TYR C 89 34.57 -24.92 17.18
C TYR C 89 35.91 -25.55 17.49
N PHE C 90 36.02 -26.86 17.25
CA PHE C 90 37.25 -27.58 17.53
C PHE C 90 38.45 -26.91 16.84
N ALA C 91 39.54 -26.76 17.58
CA ALA C 91 40.77 -26.19 17.04
C ALA C 91 41.94 -27.04 17.51
N SER C 92 43.10 -26.83 16.89
CA SER C 92 44.30 -27.58 17.23
C SER C 92 45.51 -26.76 16.87
N ILE C 93 46.47 -26.67 17.80
CA ILE C 93 47.70 -25.92 17.58
C ILE C 93 48.86 -26.90 17.69
N GLU C 94 48.59 -28.17 17.38
CA GLU C 94 49.59 -29.21 17.55
C GLU C 94 50.73 -29.05 16.55
N LYS C 95 51.95 -29.33 16.99
CA LYS C 95 53.10 -29.31 16.10
C LYS C 95 53.00 -30.41 15.05
N SER C 96 52.61 -31.62 15.46
CA SER C 96 52.40 -32.75 14.57
C SER C 96 50.99 -33.30 14.78
N ASN C 97 50.64 -34.31 14.00
CA ASN C 97 49.31 -34.88 14.05
C ASN C 97 49.25 -35.94 15.14
N ILE C 98 48.55 -35.62 16.24
CA ILE C 98 48.32 -36.59 17.30
C ILE C 98 46.81 -36.68 17.51
N ILE C 99 46.10 -35.60 17.18
CA ILE C 99 44.65 -35.55 17.37
C ILE C 99 43.96 -36.29 16.23
N ARG C 100 43.15 -37.27 16.57
CA ARG C 100 42.42 -38.07 15.59
C ARG C 100 41.19 -38.66 16.28
N GLY C 101 40.00 -38.23 15.85
CA GLY C 101 38.77 -38.75 16.42
C GLY C 101 37.78 -37.69 16.83
N TRP C 102 36.57 -37.78 16.28
CA TRP C 102 35.49 -36.84 16.58
C TRP C 102 34.18 -37.61 16.76
N ILE C 103 34.22 -38.66 17.59
CA ILE C 103 33.05 -39.50 17.76
C ILE C 103 31.91 -38.70 18.41
N PHE C 104 30.68 -39.04 18.02
CA PHE C 104 29.47 -38.42 18.55
C PHE C 104 28.53 -39.51 19.05
N GLY C 105 27.34 -39.08 19.50
CA GLY C 105 26.34 -40.01 19.96
C GLY C 105 25.43 -39.42 21.02
N THR C 106 24.17 -39.88 21.04
CA THR C 106 23.23 -39.41 22.05
C THR C 106 23.68 -39.80 23.46
N THR C 107 24.12 -41.05 23.62
CA THR C 107 24.64 -41.51 24.91
C THR C 107 25.87 -42.39 24.77
N LEU C 108 26.41 -42.58 23.56
CA LEU C 108 27.65 -43.30 23.33
C LEU C 108 27.57 -44.74 23.86
N ASP C 109 26.66 -45.51 23.28
CA ASP C 109 26.50 -46.91 23.62
C ASP C 109 26.01 -47.66 22.40
N SER C 110 25.89 -48.99 22.54
CA SER C 110 25.44 -49.82 21.44
C SER C 110 23.97 -49.61 21.10
N LYS C 111 23.21 -48.90 21.94
CA LYS C 111 21.80 -48.69 21.66
C LYS C 111 21.60 -47.70 20.52
N THR C 112 22.46 -46.69 20.42
CA THR C 112 22.32 -45.64 19.42
C THR C 112 23.54 -45.60 18.52
N GLN C 113 23.35 -45.10 17.30
CA GLN C 113 24.44 -44.97 16.36
C GLN C 113 25.45 -43.94 16.84
N SER C 114 26.73 -44.20 16.58
CA SER C 114 27.81 -43.32 16.99
C SER C 114 28.70 -43.02 15.79
N LEU C 115 29.36 -41.87 15.84
CA LEU C 115 30.20 -41.39 14.76
C LEU C 115 31.65 -41.82 14.96
N LEU C 116 32.44 -41.67 13.90
CA LEU C 116 33.87 -41.97 13.94
C LEU C 116 34.54 -41.25 12.78
N ILE C 117 35.43 -40.31 13.10
CA ILE C 117 36.14 -39.53 12.10
C ILE C 117 37.63 -39.70 12.39
N VAL C 118 38.31 -40.52 11.60
CA VAL C 118 39.73 -40.78 11.77
C VAL C 118 40.46 -40.36 10.49
N ASN C 119 41.69 -39.89 10.64
CA ASN C 119 42.51 -39.45 9.51
C ASN C 119 43.72 -40.37 9.41
N ASN C 120 43.55 -41.47 8.67
CA ASN C 120 44.66 -42.37 8.38
C ASN C 120 45.44 -41.79 7.20
N ALA C 121 46.30 -42.60 6.57
CA ALA C 121 47.14 -42.12 5.48
C ALA C 121 46.30 -41.51 4.37
N THR C 122 45.30 -42.25 3.87
CA THR C 122 44.42 -41.72 2.84
C THR C 122 42.96 -42.08 3.00
N ASN C 123 42.55 -42.72 4.10
CA ASN C 123 41.15 -43.00 4.35
C ASN C 123 40.59 -42.01 5.37
N VAL C 124 39.26 -41.94 5.43
CA VAL C 124 38.56 -41.16 6.44
C VAL C 124 37.73 -42.05 7.36
N VAL C 125 37.09 -43.08 6.81
CA VAL C 125 36.25 -44.01 7.55
C VAL C 125 35.21 -43.21 8.32
N ILE C 126 34.25 -42.61 7.61
CA ILE C 126 33.17 -41.90 8.26
C ILE C 126 32.11 -42.93 8.62
N LYS C 127 32.27 -43.54 9.78
CA LYS C 127 31.46 -44.69 10.18
C LYS C 127 30.39 -44.26 11.17
N VAL C 128 29.14 -44.58 10.86
CA VAL C 128 28.01 -44.33 11.76
C VAL C 128 27.29 -45.66 11.96
N CYS C 129 27.65 -46.35 13.04
CA CYS C 129 27.05 -47.63 13.39
C CYS C 129 26.91 -47.70 14.90
N GLU C 130 26.02 -48.57 15.37
CA GLU C 130 25.80 -48.74 16.80
C GLU C 130 27.04 -49.35 17.43
N PHE C 131 27.81 -48.52 18.13
CA PHE C 131 29.10 -48.90 18.68
C PHE C 131 29.05 -48.92 20.19
N GLN C 132 29.61 -49.96 20.79
CA GLN C 132 29.92 -49.96 22.22
C GLN C 132 31.38 -49.53 22.36
N PHE C 133 31.62 -48.55 23.22
CA PHE C 133 32.93 -47.93 23.32
C PHE C 133 33.58 -48.23 24.67
N CYS C 134 34.91 -48.31 24.65
CA CYS C 134 35.66 -48.51 25.88
C CYS C 134 35.59 -47.27 26.76
N ASN C 135 35.95 -47.45 28.03
CA ASN C 135 35.93 -46.32 28.96
C ASN C 135 36.91 -45.24 28.54
N ASP C 136 38.12 -45.63 28.12
CA ASP C 136 39.15 -44.70 27.67
C ASP C 136 39.73 -45.18 26.35
N PRO C 137 38.99 -45.04 25.25
CA PRO C 137 39.52 -45.45 23.95
C PRO C 137 40.68 -44.57 23.52
N PHE C 138 41.58 -45.15 22.73
CA PHE C 138 42.75 -44.43 22.25
C PHE C 138 43.26 -45.09 20.98
N LEU C 139 44.11 -44.36 20.27
CA LEU C 139 44.75 -44.82 19.05
C LEU C 139 46.26 -44.88 19.26
N ASP C 140 46.97 -45.23 18.20
CA ASP C 140 48.43 -45.26 18.21
C ASP C 140 48.96 -44.36 17.11
N HIS C 141 49.85 -43.44 17.46
CA HIS C 141 50.38 -42.50 16.48
C HIS C 141 51.39 -43.17 15.54
N LYS C 142 52.06 -44.21 16.01
CA LYS C 142 52.95 -45.00 15.17
C LYS C 142 52.29 -46.32 14.80
N ASN C 143 52.44 -46.71 13.55
CA ASN C 143 51.86 -47.96 13.08
C ASN C 143 52.52 -49.16 13.74
N ASN C 144 51.71 -50.11 14.18
CA ASN C 144 52.23 -51.30 14.84
C ASN C 144 52.90 -52.23 13.84
N LYS C 145 53.86 -53.01 14.32
CA LYS C 145 54.58 -53.94 13.47
C LYS C 145 53.67 -55.06 13.01
N SER C 146 53.88 -55.54 11.78
CA SER C 146 53.09 -56.60 11.17
C SER C 146 51.61 -56.22 11.15
N MET C 148 51.32 -55.15 10.40
CA MET C 148 49.98 -54.58 10.25
C MET C 148 49.53 -53.93 11.56
N GLU C 149 49.22 -52.63 11.50
CA GLU C 149 48.85 -51.90 12.69
C GLU C 149 47.52 -52.40 13.26
N SER C 150 47.42 -52.38 14.58
CA SER C 150 46.22 -52.77 15.30
C SER C 150 45.72 -51.61 16.16
N GLU C 151 45.78 -50.40 15.60
CA GLU C 151 45.40 -49.21 16.35
C GLU C 151 43.90 -49.15 16.60
N PHE C 152 43.10 -49.74 15.72
CA PHE C 152 41.64 -49.66 15.82
C PHE C 152 41.18 -50.50 17.00
N ARG C 153 40.90 -49.84 18.13
CA ARG C 153 40.42 -50.53 19.31
C ARG C 153 39.32 -49.75 20.02
N VAL C 154 38.78 -48.70 19.42
CA VAL C 154 37.75 -47.89 20.09
C VAL C 154 36.46 -48.69 20.25
N TYR C 155 36.12 -49.50 19.26
CA TYR C 155 34.89 -50.27 19.26
C TYR C 155 35.20 -51.77 19.22
N SER C 156 34.20 -52.56 19.60
CA SER C 156 34.34 -54.01 19.58
C SER C 156 33.14 -54.75 18.99
N SER C 157 32.00 -54.09 18.81
CA SER C 157 30.82 -54.76 18.28
C SER C 157 29.94 -53.76 17.56
N ALA C 158 29.32 -54.21 16.47
CA ALA C 158 28.40 -53.39 15.68
C ALA C 158 27.62 -54.29 14.76
N ASN C 159 26.29 -54.15 14.74
CA ASN C 159 25.43 -54.99 13.93
C ASN C 159 24.72 -54.25 12.81
N ASN C 160 24.37 -52.98 13.02
CA ASN C 160 23.67 -52.19 12.01
C ASN C 160 24.53 -51.01 11.60
N CYS C 161 24.75 -50.87 10.29
CA CYS C 161 25.49 -49.75 9.72
C CYS C 161 24.63 -49.08 8.66
N THR C 162 24.55 -47.75 8.71
CA THR C 162 23.68 -46.99 7.83
C THR C 162 24.40 -46.24 6.74
N PHE C 163 25.47 -45.51 7.06
CA PHE C 163 26.18 -44.70 6.09
C PHE C 163 27.67 -45.04 6.09
N GLU C 164 28.27 -44.98 4.91
CA GLU C 164 29.69 -45.23 4.73
C GLU C 164 30.30 -44.13 3.87
N TYR C 165 31.56 -43.81 4.14
CA TYR C 165 32.27 -42.79 3.38
C TYR C 165 33.77 -42.96 3.57
N VAL C 166 34.48 -43.19 2.46
CA VAL C 166 35.94 -43.26 2.46
C VAL C 166 36.45 -42.35 1.35
N SER C 167 37.33 -41.43 1.71
CA SER C 167 37.85 -40.45 0.76
C SER C 167 39.14 -39.86 1.32
N GLN C 168 39.60 -38.78 0.69
CA GLN C 168 40.84 -38.13 1.10
C GLN C 168 40.72 -37.58 2.52
N PRO C 169 41.74 -37.77 3.35
CA PRO C 169 41.65 -37.34 4.75
C PRO C 169 41.52 -35.83 4.88
N PHE C 170 40.87 -35.43 5.98
CA PHE C 170 40.63 -34.01 6.27
C PHE C 170 41.91 -33.25 6.59
N LEU C 171 42.99 -33.95 6.91
CA LEU C 171 44.25 -33.32 7.28
C LEU C 171 45.21 -33.41 6.09
N MET C 172 45.27 -32.33 5.31
CA MET C 172 46.22 -32.25 4.21
C MET C 172 47.58 -31.71 4.64
N ASP C 173 47.72 -31.29 5.89
CA ASP C 173 48.98 -30.76 6.38
C ASP C 173 50.01 -31.89 6.52
N LEU C 174 51.24 -31.58 6.13
CA LEU C 174 52.35 -32.53 6.24
C LEU C 174 53.41 -31.95 7.16
N GLU C 175 53.90 -32.79 8.08
CA GLU C 175 54.90 -32.39 9.05
C GLU C 175 56.30 -32.82 8.68
N GLY C 176 56.47 -33.49 7.53
CA GLY C 176 57.77 -33.96 7.11
C GLY C 176 58.66 -32.92 6.46
N LYS C 177 58.13 -31.71 6.24
CA LYS C 177 58.91 -30.64 5.63
C LYS C 177 60.08 -30.24 6.54
N GLN C 178 59.77 -29.62 7.67
CA GLN C 178 60.76 -29.13 8.62
C GLN C 178 60.02 -28.74 9.89
N GLY C 179 60.77 -28.31 10.90
CA GLY C 179 60.25 -28.03 12.22
C GLY C 179 60.03 -26.55 12.48
N ASN C 180 59.82 -26.24 13.76
CA ASN C 180 59.68 -24.87 14.25
C ASN C 180 58.44 -24.19 13.69
N PHE C 181 57.54 -24.98 13.11
CA PHE C 181 56.26 -24.48 12.59
C PHE C 181 55.17 -25.47 12.96
N LYS C 182 54.12 -24.99 13.60
CA LYS C 182 52.99 -25.81 14.03
C LYS C 182 51.78 -25.53 13.14
N ASN C 183 50.81 -26.43 13.21
CA ASN C 183 49.57 -26.27 12.46
C ASN C 183 48.57 -25.44 13.26
N LEU C 184 47.60 -24.87 12.54
CA LEU C 184 46.51 -24.09 13.11
C LEU C 184 45.18 -24.64 12.62
N ARG C 185 45.02 -25.95 12.69
CA ARG C 185 43.81 -26.59 12.20
C ARG C 185 42.58 -26.09 12.97
N GLU C 186 41.56 -25.69 12.23
CA GLU C 186 40.30 -25.22 12.80
C GLU C 186 39.15 -25.94 12.12
N PHE C 187 38.22 -26.46 12.92
CA PHE C 187 37.06 -27.16 12.41
C PHE C 187 35.83 -26.73 13.18
N VAL C 188 34.76 -26.40 12.45
CA VAL C 188 33.48 -26.05 13.06
C VAL C 188 32.44 -27.07 12.59
N PHE C 189 31.68 -27.60 13.54
CA PHE C 189 30.73 -28.68 13.28
C PHE C 189 29.31 -28.15 13.47
N LYS C 190 28.48 -28.34 12.46
CA LYS C 190 27.08 -27.93 12.49
C LYS C 190 26.22 -29.12 12.10
N ASN C 191 25.23 -29.44 12.94
CA ASN C 191 24.32 -30.55 12.72
C ASN C 191 22.89 -30.07 12.93
N ILE C 192 22.20 -29.76 11.83
CA ILE C 192 20.82 -29.33 11.86
C ILE C 192 20.02 -30.10 10.82
N ASP C 193 18.70 -30.17 11.05
CA ASP C 193 17.69 -30.75 10.17
C ASP C 193 18.18 -31.99 9.42
N GLY C 194 18.82 -32.92 10.13
CA GLY C 194 19.26 -34.15 9.50
C GLY C 194 20.45 -33.99 8.58
N TYR C 195 21.26 -32.96 8.79
CA TYR C 195 22.45 -32.75 7.97
C TYR C 195 23.61 -32.35 8.88
N PHE C 196 24.82 -32.76 8.47
CA PHE C 196 26.03 -32.46 9.22
C PHE C 196 27.05 -31.85 8.26
N LYS C 197 27.62 -30.70 8.65
CA LYS C 197 28.50 -29.94 7.79
C LYS C 197 29.89 -29.82 8.41
N ILE C 198 30.90 -29.79 7.55
CA ILE C 198 32.30 -29.70 7.94
C ILE C 198 32.93 -28.50 7.26
N TYR C 199 33.55 -27.62 8.03
CA TYR C 199 34.30 -26.49 7.51
C TYR C 199 35.69 -26.52 8.12
N SER C 200 36.71 -26.38 7.27
CA SER C 200 38.10 -26.51 7.72
C SER C 200 38.96 -25.42 7.11
N LYS C 201 40.03 -25.09 7.82
CA LYS C 201 41.02 -24.12 7.35
C LYS C 201 42.29 -24.23 8.19
N HIS C 202 43.44 -24.33 7.53
CA HIS C 202 44.72 -24.48 8.22
C HIS C 202 45.70 -23.43 7.73
N THR C 203 46.44 -22.85 8.66
CA THR C 203 47.45 -21.83 8.38
C THR C 203 48.67 -22.09 9.23
N PRO C 204 49.85 -21.67 8.77
CA PRO C 204 51.05 -21.77 9.61
C PRO C 204 51.03 -20.74 10.72
N ILE C 205 51.78 -21.04 11.78
CA ILE C 205 51.91 -20.17 12.95
C ILE C 205 53.39 -19.85 13.15
N ILE C 206 53.68 -18.61 13.50
CA ILE C 206 55.06 -18.17 13.68
C ILE C 206 55.38 -18.04 15.16
N VAL C 207 54.35 -17.81 15.98
CA VAL C 207 54.53 -17.68 17.43
C VAL C 207 54.42 -19.05 18.08
N ARG C 208 55.33 -19.33 19.01
CA ARG C 208 55.35 -20.63 19.67
C ARG C 208 54.47 -20.70 20.91
N GLU C 209 53.93 -19.57 21.36
CA GLU C 209 53.12 -19.56 22.57
C GLU C 209 51.73 -20.10 22.27
N PRO C 210 51.31 -21.19 22.92
CA PRO C 210 49.96 -21.73 22.70
C PRO C 210 48.90 -21.25 23.68
N GLU C 211 49.22 -20.28 24.54
CA GLU C 211 48.26 -19.83 25.55
C GLU C 211 47.04 -19.19 24.90
N ASP C 212 47.24 -18.40 23.84
CA ASP C 212 46.15 -17.69 23.19
C ASP C 212 46.16 -17.99 21.70
N LEU C 213 44.99 -17.92 21.09
CA LEU C 213 44.86 -18.11 19.65
C LEU C 213 45.52 -16.93 18.92
N PRO C 214 46.05 -17.17 17.72
CA PRO C 214 46.68 -16.08 16.97
C PRO C 214 45.68 -14.97 16.66
N GLN C 215 46.17 -13.73 16.71
CA GLN C 215 45.33 -12.57 16.45
C GLN C 215 45.21 -12.38 14.93
N GLY C 216 44.02 -12.62 14.40
CA GLY C 216 43.80 -12.49 12.98
C GLY C 216 42.40 -12.94 12.62
N PHE C 217 42.13 -12.91 11.32
CA PHE C 217 40.83 -13.30 10.78
C PHE C 217 41.02 -14.43 9.79
N SER C 218 40.20 -15.47 9.91
CA SER C 218 40.28 -16.62 9.02
C SER C 218 38.87 -17.04 8.61
N ALA C 219 38.77 -17.66 7.43
CA ALA C 219 37.50 -18.12 6.89
C ALA C 219 37.52 -19.64 6.79
N LEU C 220 36.46 -20.28 7.29
CA LEU C 220 36.36 -21.74 7.31
C LEU C 220 35.53 -22.18 6.10
N GLU C 221 36.23 -22.52 5.01
CA GLU C 221 35.54 -22.96 3.81
C GLU C 221 34.86 -24.31 4.05
N PRO C 222 33.65 -24.50 3.50
CA PRO C 222 33.00 -25.82 3.63
C PRO C 222 33.82 -26.92 2.98
N LEU C 223 33.74 -28.11 3.57
CA LEU C 223 34.47 -29.27 3.09
C LEU C 223 33.56 -30.36 2.54
N VAL C 224 32.58 -30.80 3.32
CA VAL C 224 31.68 -31.87 2.90
C VAL C 224 30.40 -31.76 3.71
N ASP C 225 29.29 -32.18 3.10
CA ASP C 225 28.00 -32.25 3.77
C ASP C 225 27.67 -33.70 4.06
N LEU C 226 27.41 -34.00 5.33
CA LEU C 226 27.12 -35.36 5.77
C LEU C 226 25.61 -35.55 5.89
N PRO C 227 25.03 -36.48 5.15
CA PRO C 227 23.56 -36.59 5.08
C PRO C 227 22.91 -37.44 6.15
N ILE C 228 23.61 -37.83 7.21
CA ILE C 228 22.99 -38.67 8.23
C ILE C 228 22.08 -37.81 9.10
N GLY C 229 21.13 -38.47 9.77
CA GLY C 229 20.20 -37.78 10.64
C GLY C 229 20.21 -38.29 12.07
N ILE C 230 21.40 -38.62 12.58
CA ILE C 230 21.52 -39.12 13.94
C ILE C 230 21.34 -37.98 14.94
N ASN C 231 20.79 -38.30 16.10
CA ASN C 231 20.56 -37.34 17.17
C ASN C 231 21.82 -37.28 18.05
N ILE C 232 22.53 -36.16 18.00
CA ILE C 232 23.77 -35.98 18.75
C ILE C 232 23.51 -35.06 19.93
N THR C 233 23.95 -35.49 21.11
CA THR C 233 23.89 -34.66 22.31
C THR C 233 25.22 -34.53 23.03
N ARG C 234 26.16 -35.43 22.82
CA ARG C 234 27.46 -35.37 23.47
C ARG C 234 28.57 -35.52 22.44
N PHE C 235 29.68 -34.82 22.67
CA PHE C 235 30.82 -34.82 21.77
C PHE C 235 32.04 -35.34 22.52
N GLN C 236 32.77 -36.26 21.88
CA GLN C 236 33.97 -36.85 22.46
C GLN C 236 35.09 -36.84 21.43
N THR C 237 36.30 -36.55 21.88
CA THR C 237 37.48 -36.52 21.03
C THR C 237 38.42 -37.66 21.39
N LEU C 238 39.23 -38.07 20.42
CA LEU C 238 40.16 -39.18 20.59
C LEU C 238 41.58 -38.73 20.25
N LEU C 239 42.55 -39.40 20.86
CA LEU C 239 43.97 -39.14 20.63
C LEU C 239 44.65 -40.44 20.20
N ALA C 240 45.87 -40.30 19.70
CA ALA C 240 46.69 -41.44 19.29
C ALA C 240 47.90 -41.52 20.21
N LEU C 241 48.06 -42.67 20.87
CA LEU C 241 49.16 -42.90 21.81
C LEU C 241 49.74 -44.28 21.52
N HIS C 242 50.88 -44.31 20.85
CA HIS C 242 51.48 -45.58 20.45
C HIS C 242 52.16 -46.29 21.63
N ARG C 243 53.18 -45.65 22.20
CA ARG C 243 53.92 -46.24 23.31
C ARG C 243 54.75 -45.15 23.97
N SER C 244 55.21 -45.44 25.18
CA SER C 244 56.06 -44.52 25.93
C SER C 244 57.50 -44.73 25.47
N TYR C 245 57.85 -44.10 24.35
CA TYR C 245 59.20 -44.20 23.81
C TYR C 245 59.81 -42.82 23.60
N SER C 253 56.92 -47.34 29.77
CA SER C 253 55.77 -47.76 30.56
C SER C 253 54.57 -46.85 30.30
N GLY C 254 53.41 -47.46 30.05
CA GLY C 254 52.20 -46.71 29.80
C GLY C 254 52.14 -46.18 28.38
N TRP C 255 51.09 -45.40 28.13
CA TRP C 255 50.83 -44.82 26.82
C TRP C 255 50.97 -43.31 26.93
N THR C 256 51.83 -42.72 26.10
CA THR C 256 52.06 -41.28 26.14
C THR C 256 52.61 -40.82 24.80
N ALA C 257 52.57 -39.51 24.59
CA ALA C 257 53.09 -38.90 23.38
C ALA C 257 53.63 -37.51 23.76
N GLY C 258 53.84 -36.67 22.75
CA GLY C 258 54.35 -35.32 23.00
C GLY C 258 53.33 -34.39 23.60
N ALA C 259 53.53 -33.09 23.44
CA ALA C 259 52.64 -32.08 23.98
C ALA C 259 51.64 -31.64 22.91
N ALA C 260 50.40 -31.40 23.34
CA ALA C 260 49.34 -31.00 22.43
C ALA C 260 48.31 -30.17 23.18
N ALA C 261 47.52 -29.42 22.43
CA ALA C 261 46.47 -28.59 23.01
C ALA C 261 45.40 -28.37 21.96
N TYR C 262 44.14 -28.49 22.37
CA TYR C 262 43.01 -28.31 21.47
C TYR C 262 41.95 -27.44 22.15
N TYR C 263 41.17 -26.76 21.32
CA TYR C 263 40.16 -25.81 21.77
C TYR C 263 38.78 -26.30 21.35
N VAL C 264 37.80 -26.16 22.24
CA VAL C 264 36.42 -26.52 21.95
C VAL C 264 35.52 -25.33 22.26
N GLY C 265 34.68 -24.96 21.30
CA GLY C 265 33.76 -23.86 21.45
C GLY C 265 32.31 -24.27 21.23
N TYR C 266 31.44 -23.26 21.27
CA TYR C 266 30.02 -23.47 21.07
C TYR C 266 29.47 -22.39 20.17
N LEU C 267 28.35 -22.69 19.51
CA LEU C 267 27.72 -21.79 18.56
C LEU C 267 26.30 -21.47 19.00
N GLN C 268 25.83 -20.29 18.58
CA GLN C 268 24.48 -19.85 18.85
C GLN C 268 24.06 -18.92 17.72
N PRO C 269 22.75 -18.77 17.48
CA PRO C 269 22.31 -17.89 16.39
C PRO C 269 22.75 -16.45 16.61
N ARG C 270 23.51 -15.94 15.65
CA ARG C 270 24.05 -14.58 15.74
C ARG C 270 24.09 -13.99 14.34
N THR C 271 23.48 -12.81 14.18
CA THR C 271 23.55 -12.11 12.90
C THR C 271 24.96 -11.60 12.68
N PHE C 272 25.48 -11.83 11.48
CA PHE C 272 26.85 -11.47 11.14
C PHE C 272 26.88 -10.64 9.87
N LEU C 273 27.81 -9.70 9.81
CA LEU C 273 28.09 -8.91 8.61
C LEU C 273 29.44 -9.35 8.06
N LEU C 274 29.47 -9.68 6.78
CA LEU C 274 30.67 -10.24 6.16
C LEU C 274 31.14 -9.35 5.02
N LYS C 275 32.44 -9.06 5.00
CA LYS C 275 33.05 -8.36 3.89
C LYS C 275 33.58 -9.36 2.88
N TYR C 276 33.52 -8.99 1.60
CA TYR C 276 34.08 -9.78 0.52
C TYR C 276 35.00 -8.89 -0.30
N ASN C 277 36.25 -9.30 -0.46
CA ASN C 277 37.22 -8.51 -1.18
C ASN C 277 36.99 -8.64 -2.69
N GLU C 278 37.87 -8.05 -3.49
CA GLU C 278 37.74 -8.14 -4.94
C GLU C 278 37.88 -9.57 -5.44
N ASN C 279 38.55 -10.44 -4.68
CA ASN C 279 38.72 -11.84 -5.05
C ASN C 279 37.68 -12.74 -4.41
N GLY C 280 36.72 -12.19 -3.67
CA GLY C 280 35.64 -12.98 -3.11
C GLY C 280 35.96 -13.69 -1.81
N THR C 281 37.07 -13.36 -1.16
CA THR C 281 37.45 -13.98 0.10
C THR C 281 37.06 -13.06 1.26
N ILE C 282 36.51 -13.66 2.31
CA ILE C 282 36.08 -12.88 3.47
C ILE C 282 37.31 -12.37 4.22
N THR C 283 37.36 -11.07 4.47
CA THR C 283 38.50 -10.45 5.13
C THR C 283 38.18 -9.83 6.48
N ASP C 284 36.91 -9.56 6.78
CA ASP C 284 36.54 -9.00 8.06
C ASP C 284 35.07 -9.33 8.32
N ALA C 285 34.69 -9.33 9.60
CA ALA C 285 33.32 -9.65 9.97
C ALA C 285 33.05 -9.13 11.38
N VAL C 286 31.83 -8.63 11.57
CA VAL C 286 31.36 -8.19 12.87
C VAL C 286 29.97 -8.78 13.11
N ASP C 287 29.61 -8.92 14.38
CA ASP C 287 28.32 -9.46 14.76
C ASP C 287 27.38 -8.31 15.15
N CYS C 288 26.19 -8.64 15.65
CA CYS C 288 25.20 -7.64 16.03
C CYS C 288 24.83 -7.72 17.51
N ALA C 289 25.59 -8.44 18.32
CA ALA C 289 25.26 -8.56 19.74
C ALA C 289 26.47 -8.41 20.66
N LEU C 290 27.67 -8.20 20.14
CA LEU C 290 28.84 -8.06 20.99
C LEU C 290 28.77 -6.77 21.82
N ASP C 291 28.49 -5.65 21.17
CA ASP C 291 28.46 -4.36 21.82
C ASP C 291 27.63 -3.41 20.96
N PRO C 292 27.18 -2.28 21.51
CA PRO C 292 26.40 -1.34 20.71
C PRO C 292 27.10 -0.86 19.46
N LEU C 293 28.43 -0.74 19.48
CA LEU C 293 29.15 -0.31 18.29
C LEU C 293 28.98 -1.31 17.14
N SER C 294 29.08 -2.60 17.44
CA SER C 294 28.88 -3.61 16.39
C SER C 294 27.45 -3.61 15.88
N GLU C 295 26.49 -3.43 16.78
CA GLU C 295 25.09 -3.35 16.36
C GLU C 295 24.85 -2.16 15.44
N THR C 296 25.46 -1.01 15.77
CA THR C 296 25.36 0.15 14.89
C THR C 296 26.03 -0.11 13.55
N LYS C 297 27.18 -0.78 13.56
CA LYS C 297 27.87 -1.10 12.32
C LYS C 297 27.00 -1.98 11.42
N CYS C 298 26.41 -3.03 11.99
CA CYS C 298 25.65 -3.96 11.16
C CYS C 298 24.24 -3.49 10.87
N THR C 299 23.73 -2.47 11.57
CA THR C 299 22.43 -1.91 11.22
C THR C 299 22.55 -0.84 10.13
N LEU C 300 23.76 -0.39 9.83
CA LEU C 300 24.01 0.54 8.74
C LEU C 300 24.66 -0.11 7.53
N LYS C 301 24.90 -1.43 7.61
CA LYS C 301 25.56 -2.17 6.52
C LYS C 301 26.90 -1.56 6.15
N SER C 302 27.66 -1.13 7.16
CA SER C 302 28.97 -0.54 6.93
C SER C 302 29.85 -0.84 8.14
N PHE C 303 31.16 -0.91 7.88
CA PHE C 303 32.14 -1.18 8.92
C PHE C 303 32.74 0.09 9.53
N THR C 304 32.41 1.26 9.00
CA THR C 304 32.87 2.53 9.56
C THR C 304 31.66 3.44 9.73
N VAL C 305 31.57 4.07 10.90
CA VAL C 305 30.46 4.96 11.22
C VAL C 305 31.02 6.36 11.46
N GLU C 306 30.15 7.35 11.31
CA GLU C 306 30.51 8.74 11.49
C GLU C 306 30.01 9.26 12.83
N LYS C 307 30.52 10.42 13.23
CA LYS C 307 30.11 11.04 14.49
C LYS C 307 28.62 11.40 14.43
N GLY C 308 27.92 11.09 15.49
CA GLY C 308 26.50 11.39 15.57
C GLY C 308 25.78 10.36 16.40
N ILE C 309 24.46 10.52 16.47
CA ILE C 309 23.59 9.61 17.21
C ILE C 309 22.84 8.75 16.22
N TYR C 310 22.81 7.45 16.48
CA TYR C 310 22.10 6.49 15.65
C TYR C 310 21.11 5.71 16.52
N GLN C 311 19.91 5.51 15.99
CA GLN C 311 18.85 4.80 16.72
C GLN C 311 18.78 3.39 16.17
N THR C 312 19.43 2.46 16.85
CA THR C 312 19.35 1.06 16.46
C THR C 312 17.97 0.50 16.80
N SER C 313 17.56 -0.51 16.03
CA SER C 313 16.22 -1.06 16.16
C SER C 313 16.16 -2.04 17.33
N ASN C 314 14.95 -2.60 17.54
CA ASN C 314 14.66 -3.65 18.52
C ASN C 314 15.19 -3.35 19.91
N PHE C 315 15.35 -4.39 20.72
CA PHE C 315 15.71 -4.28 22.14
C PHE C 315 14.71 -3.45 22.94
N ARG C 316 14.97 -3.31 24.24
CA ARG C 316 14.07 -2.65 25.17
C ARG C 316 12.68 -3.29 25.16
N VAL C 317 12.63 -4.60 25.01
CA VAL C 317 11.41 -5.38 25.12
C VAL C 317 11.71 -6.50 26.10
N GLN C 318 11.33 -6.30 27.36
CA GLN C 318 11.68 -7.27 28.40
C GLN C 318 10.99 -8.60 28.16
N PRO C 319 11.65 -9.72 28.44
CA PRO C 319 10.98 -11.02 28.38
C PRO C 319 9.82 -11.11 29.36
N THR C 320 9.06 -12.18 29.23
CA THR C 320 7.80 -12.33 29.95
C THR C 320 7.70 -13.71 30.58
N GLU C 321 6.94 -13.78 31.68
CA GLU C 321 6.66 -15.03 32.38
C GLU C 321 5.24 -15.46 32.06
N SER C 322 4.77 -16.52 32.73
CA SER C 322 3.45 -17.09 32.47
C SER C 322 2.61 -17.07 33.74
N ILE C 323 1.31 -16.83 33.56
CA ILE C 323 0.35 -16.82 34.65
C ILE C 323 -1.04 -17.03 34.06
N VAL C 324 -1.94 -17.60 34.86
CA VAL C 324 -3.31 -17.82 34.42
C VAL C 324 -4.21 -17.84 35.64
N ARG C 325 -5.37 -17.21 35.53
CA ARG C 325 -6.36 -17.17 36.60
C ARG C 325 -7.74 -17.46 36.03
N PHE C 326 -8.56 -18.13 36.83
CA PHE C 326 -9.92 -18.48 36.45
C PHE C 326 -10.78 -18.46 37.70
N PRO C 327 -12.11 -18.32 37.55
CA PRO C 327 -12.98 -18.25 38.74
C PRO C 327 -12.89 -19.49 39.60
N ASN C 328 -13.55 -19.40 40.76
CA ASN C 328 -13.42 -20.44 41.79
C ASN C 328 -13.92 -21.80 41.31
N ILE C 329 -14.99 -21.81 40.50
CA ILE C 329 -15.58 -23.02 39.97
C ILE C 329 -16.14 -23.87 41.11
N THR C 330 -17.46 -23.78 41.31
CA THR C 330 -18.10 -24.43 42.44
C THR C 330 -19.24 -25.36 42.04
N ASN C 331 -19.91 -25.10 40.92
CA ASN C 331 -21.07 -25.88 40.50
C ASN C 331 -20.59 -27.18 39.85
N LEU C 332 -20.14 -28.10 40.70
CA LEU C 332 -19.66 -29.38 40.22
C LEU C 332 -20.82 -30.24 39.70
N CYS C 333 -20.55 -30.99 38.63
CA CYS C 333 -21.56 -31.86 38.06
C CYS C 333 -21.84 -33.03 38.99
N PRO C 334 -23.08 -33.57 38.98
CA PRO C 334 -23.47 -34.64 39.90
C PRO C 334 -23.09 -36.05 39.40
N PHE C 335 -21.82 -36.22 39.04
CA PHE C 335 -21.31 -37.56 38.75
C PHE C 335 -21.25 -38.43 40.00
N ASP C 336 -21.29 -37.81 41.18
CA ASP C 336 -21.29 -38.59 42.41
C ASP C 336 -22.57 -39.43 42.54
N GLU C 337 -23.69 -38.89 42.08
CA GLU C 337 -24.94 -39.65 42.10
C GLU C 337 -24.84 -40.89 41.22
N VAL C 338 -24.25 -40.74 40.02
CA VAL C 338 -24.11 -41.87 39.12
C VAL C 338 -23.13 -42.90 39.69
N PHE C 339 -21.99 -42.44 40.21
CA PHE C 339 -20.97 -43.36 40.71
C PHE C 339 -21.47 -44.10 41.95
N ASN C 340 -22.15 -43.39 42.86
CA ASN C 340 -22.58 -43.96 44.13
C ASN C 340 -24.04 -44.40 44.11
N ALA C 341 -24.60 -44.68 42.94
CA ALA C 341 -25.94 -45.20 42.87
C ALA C 341 -26.01 -46.61 43.47
N THR C 342 -27.14 -46.90 44.11
CA THR C 342 -27.29 -48.18 44.80
C THR C 342 -27.30 -49.34 43.82
N ARG C 343 -28.28 -49.35 42.90
CA ARG C 343 -28.40 -50.41 41.91
C ARG C 343 -28.44 -49.79 40.52
N PHE C 344 -27.62 -50.32 39.61
CA PHE C 344 -27.60 -49.85 38.23
C PHE C 344 -28.69 -50.53 37.43
N ALA C 345 -29.21 -49.80 36.44
CA ALA C 345 -30.22 -50.37 35.55
C ALA C 345 -29.63 -51.49 34.71
N SER C 346 -30.47 -52.46 34.40
CA SER C 346 -30.02 -53.61 33.61
C SER C 346 -29.70 -53.17 32.18
N VAL C 347 -28.92 -54.03 31.49
CA VAL C 347 -28.40 -53.67 30.18
C VAL C 347 -29.51 -53.58 29.15
N TYR C 348 -30.59 -54.34 29.31
CA TYR C 348 -31.68 -54.27 28.33
C TYR C 348 -32.41 -52.93 28.42
N ALA C 349 -32.53 -52.39 29.63
CA ALA C 349 -33.21 -51.12 29.85
C ALA C 349 -32.22 -50.08 30.37
N TRP C 350 -31.05 -50.01 29.74
CA TRP C 350 -29.99 -49.10 30.15
C TRP C 350 -30.50 -47.68 30.28
N ASN C 351 -30.43 -47.14 31.50
CA ASN C 351 -30.90 -45.79 31.76
C ASN C 351 -29.95 -44.77 31.15
N ARG C 352 -30.52 -43.71 30.60
CA ARG C 352 -29.75 -42.61 30.02
C ARG C 352 -29.87 -41.41 30.93
N LYS C 353 -28.74 -40.89 31.38
CA LYS C 353 -28.68 -39.73 32.27
C LYS C 353 -27.97 -38.59 31.56
N ARG C 354 -28.62 -37.43 31.51
CA ARG C 354 -28.05 -36.24 30.90
C ARG C 354 -27.64 -35.27 31.99
N ILE C 355 -26.40 -34.78 31.90
CA ILE C 355 -25.83 -33.87 32.89
C ILE C 355 -25.50 -32.56 32.19
N SER C 356 -25.96 -31.45 32.78
CA SER C 356 -25.78 -30.15 32.16
C SER C 356 -25.74 -29.07 33.23
N ASN C 357 -25.25 -27.89 32.83
CA ASN C 357 -25.25 -26.69 33.66
C ASN C 357 -24.40 -26.87 34.91
N CYS C 358 -23.18 -27.37 34.71
CA CYS C 358 -22.25 -27.59 35.82
C CYS C 358 -20.85 -27.76 35.23
N VAL C 359 -19.92 -28.21 36.07
CA VAL C 359 -18.56 -28.53 35.65
C VAL C 359 -18.29 -29.98 36.02
N ALA C 360 -17.77 -30.74 35.06
CA ALA C 360 -17.55 -32.18 35.21
C ALA C 360 -16.05 -32.42 35.40
N ASP C 361 -15.66 -32.73 36.63
CA ASP C 361 -14.26 -33.00 36.95
C ASP C 361 -14.02 -34.50 36.85
N TYR C 362 -13.10 -34.90 35.97
CA TYR C 362 -12.80 -36.30 35.74
C TYR C 362 -11.72 -36.85 36.67
N SER C 363 -11.05 -35.99 37.44
CA SER C 363 -10.04 -36.48 38.37
C SER C 363 -10.65 -37.32 39.48
N VAL C 364 -11.89 -37.05 39.85
CA VAL C 364 -12.56 -37.83 40.89
C VAL C 364 -12.68 -39.29 40.46
N LEU C 365 -13.09 -39.51 39.21
CA LEU C 365 -13.19 -40.89 38.71
C LEU C 365 -11.82 -41.54 38.61
N TYR C 366 -10.80 -40.78 38.20
CA TYR C 366 -9.47 -41.35 38.03
C TYR C 366 -8.84 -41.71 39.37
N ASN C 367 -9.15 -40.98 40.44
CA ASN C 367 -8.47 -41.14 41.72
C ASN C 367 -9.22 -42.03 42.69
N LEU C 368 -10.35 -42.62 42.30
CA LEU C 368 -11.15 -43.44 43.20
C LEU C 368 -11.48 -44.78 42.55
N ALA C 369 -11.70 -45.78 43.41
CA ALA C 369 -12.01 -47.16 43.02
C ALA C 369 -11.00 -47.64 41.98
N PRO C 370 -9.75 -47.90 42.39
CA PRO C 370 -8.67 -48.04 41.41
C PRO C 370 -8.87 -49.14 40.37
N PHE C 371 -9.67 -50.15 40.68
CA PHE C 371 -9.85 -51.28 39.77
C PHE C 371 -10.94 -51.01 38.74
N PHE C 372 -10.69 -50.02 37.88
CA PHE C 372 -11.59 -49.74 36.76
C PHE C 372 -10.78 -49.68 35.47
N THR C 373 -11.46 -49.97 34.36
CA THR C 373 -10.86 -49.89 33.04
C THR C 373 -11.31 -48.63 32.33
N PHE C 374 -10.38 -48.01 31.59
CA PHE C 374 -10.65 -46.76 30.85
C PHE C 374 -10.26 -47.01 29.39
N LYS C 375 -11.16 -47.62 28.64
CA LYS C 375 -10.94 -47.89 27.22
C LYS C 375 -11.64 -46.82 26.36
N CYS C 376 -11.27 -45.57 26.59
CA CYS C 376 -11.89 -44.47 25.86
C CYS C 376 -11.44 -44.48 24.40
N TYR C 377 -12.33 -43.99 23.53
CA TYR C 377 -12.08 -43.96 22.09
C TYR C 377 -12.22 -42.54 21.57
N GLY C 378 -11.23 -42.10 20.79
CA GLY C 378 -11.30 -40.84 20.08
C GLY C 378 -10.79 -39.63 20.82
N VAL C 379 -10.47 -39.75 22.11
CA VAL C 379 -10.01 -38.60 22.89
C VAL C 379 -9.24 -39.11 24.10
N SER C 380 -8.18 -38.40 24.45
CA SER C 380 -7.26 -38.65 25.56
C SER C 380 -7.77 -37.95 26.83
N PRO C 381 -7.60 -38.59 28.00
CA PRO C 381 -8.07 -37.97 29.24
C PRO C 381 -7.44 -36.61 29.53
N THR C 382 -6.15 -36.45 29.23
CA THR C 382 -5.51 -35.15 29.45
C THR C 382 -6.12 -34.08 28.57
N LYS C 383 -6.33 -34.39 27.29
CA LYS C 383 -7.01 -33.48 26.40
C LYS C 383 -8.52 -33.51 26.58
N LEU C 384 -9.04 -34.45 27.39
CA LEU C 384 -10.40 -34.31 27.89
C LEU C 384 -10.47 -33.24 28.98
N ASN C 385 -9.42 -33.13 29.78
CA ASN C 385 -9.40 -32.16 30.87
C ASN C 385 -9.09 -30.75 30.38
N ASP C 386 -8.12 -30.61 29.47
CA ASP C 386 -7.68 -29.27 29.10
C ASP C 386 -8.77 -28.49 28.36
N LEU C 387 -9.38 -29.11 27.35
CA LEU C 387 -10.53 -28.55 26.66
C LEU C 387 -11.79 -29.24 27.17
N CYS C 388 -12.93 -28.96 26.54
CA CYS C 388 -14.17 -29.57 26.99
C CYS C 388 -15.17 -29.59 25.83
N PHE C 389 -16.42 -29.91 26.15
CA PHE C 389 -17.44 -30.26 25.17
C PHE C 389 -18.80 -29.81 25.72
N THR C 390 -19.88 -30.38 25.21
CA THR C 390 -21.22 -30.07 25.72
C THR C 390 -22.09 -31.32 25.69
N ASN C 391 -23.24 -31.21 26.37
CA ASN C 391 -24.28 -32.25 26.38
C ASN C 391 -23.73 -33.58 26.90
N VAL C 392 -23.37 -33.56 28.18
CA VAL C 392 -22.90 -34.77 28.84
C VAL C 392 -24.02 -35.79 28.91
N TYR C 393 -23.79 -36.98 28.35
CA TYR C 393 -24.72 -38.10 28.43
C TYR C 393 -24.02 -39.25 29.15
N ALA C 394 -24.67 -39.81 30.16
CA ALA C 394 -24.13 -40.90 30.94
C ALA C 394 -25.09 -42.08 30.92
N ASP C 395 -24.58 -43.27 30.59
CA ASP C 395 -25.34 -44.51 30.62
C ASP C 395 -24.85 -45.39 31.76
N SER C 396 -25.64 -46.40 32.09
CA SER C 396 -25.31 -47.31 33.17
C SER C 396 -25.92 -48.67 32.91
N PHE C 397 -25.07 -49.70 32.90
CA PHE C 397 -25.54 -51.08 32.76
C PHE C 397 -24.49 -52.02 33.31
N VAL C 398 -24.90 -53.26 33.59
CA VAL C 398 -24.04 -54.27 34.19
C VAL C 398 -24.03 -55.49 33.27
N ILE C 399 -22.82 -55.95 32.93
CA ILE C 399 -22.63 -57.10 32.05
C ILE C 399 -21.49 -57.95 32.59
N ARG C 400 -21.32 -59.12 31.98
CA ARG C 400 -20.24 -60.03 32.36
C ARG C 400 -18.92 -59.61 31.71
N GLY C 401 -17.84 -60.23 32.16
CA GLY C 401 -16.51 -59.95 31.63
C GLY C 401 -16.23 -60.58 30.28
N ASP C 402 -17.07 -61.51 29.84
CA ASP C 402 -16.89 -62.07 28.50
C ASP C 402 -17.39 -61.10 27.43
N GLU C 403 -18.20 -60.11 27.80
CA GLU C 403 -18.76 -59.15 26.87
C GLU C 403 -18.40 -57.71 27.20
N VAL C 404 -17.39 -57.50 28.06
CA VAL C 404 -16.97 -56.12 28.33
C VAL C 404 -16.34 -55.49 27.09
N ARG C 405 -15.61 -56.29 26.31
CA ARG C 405 -15.06 -55.79 25.05
C ARG C 405 -16.13 -55.48 24.03
N GLN C 406 -17.32 -56.08 24.15
CA GLN C 406 -18.40 -55.82 23.21
C GLN C 406 -18.90 -54.38 23.25
N ILE C 407 -18.60 -53.65 24.32
CA ILE C 407 -18.99 -52.23 24.41
C ILE C 407 -17.85 -51.45 23.76
N ALA C 408 -17.93 -51.35 22.43
CA ALA C 408 -16.92 -50.66 21.64
C ALA C 408 -17.50 -50.37 20.27
N PRO C 409 -17.13 -49.25 19.65
CA PRO C 409 -17.65 -48.95 18.31
C PRO C 409 -17.20 -50.00 17.30
N GLY C 410 -18.09 -50.32 16.37
CA GLY C 410 -17.77 -51.26 15.30
C GLY C 410 -17.45 -52.65 15.78
N GLN C 411 -18.20 -53.16 16.74
CA GLN C 411 -18.01 -54.51 17.26
C GLN C 411 -19.34 -55.23 17.33
N THR C 412 -19.28 -56.56 17.24
CA THR C 412 -20.46 -57.41 17.24
C THR C 412 -20.39 -58.40 18.38
N GLY C 413 -21.53 -58.61 19.04
CA GLY C 413 -21.64 -59.56 20.13
C GLY C 413 -23.09 -59.67 20.55
N ASN C 414 -23.34 -60.61 21.46
CA ASN C 414 -24.70 -60.81 21.94
C ASN C 414 -25.22 -59.54 22.62
N ILE C 415 -24.46 -59.03 23.60
CA ILE C 415 -24.84 -57.79 24.25
C ILE C 415 -24.73 -56.63 23.27
N ALA C 416 -23.67 -56.59 22.48
CA ALA C 416 -23.45 -55.48 21.56
C ALA C 416 -24.56 -55.38 20.52
N ASP C 417 -25.00 -56.51 19.98
CA ASP C 417 -26.01 -56.50 18.93
C ASP C 417 -27.43 -56.61 19.45
N TYR C 418 -27.62 -56.89 20.74
CA TYR C 418 -28.96 -57.07 21.30
C TYR C 418 -29.33 -56.05 22.36
N ASN C 419 -28.50 -55.87 23.38
CA ASN C 419 -28.86 -55.05 24.53
C ASN C 419 -28.43 -53.60 24.35
N TYR C 420 -27.13 -53.35 24.17
CA TYR C 420 -26.59 -52.01 24.04
C TYR C 420 -25.71 -51.94 22.80
N LYS C 421 -25.98 -50.95 21.95
CA LYS C 421 -25.23 -50.75 20.71
C LYS C 421 -24.65 -49.35 20.68
N LEU C 422 -23.39 -49.25 20.23
CA LEU C 422 -22.70 -47.96 20.13
C LEU C 422 -22.60 -47.52 18.67
N PRO C 423 -22.61 -46.22 18.43
CA PRO C 423 -22.49 -45.73 17.05
C PRO C 423 -21.09 -45.99 16.49
N ASP C 424 -21.02 -46.07 15.16
CA ASP C 424 -19.73 -46.25 14.50
C ASP C 424 -18.82 -45.08 14.77
N ASP C 425 -19.35 -43.85 14.70
CA ASP C 425 -18.62 -42.64 15.05
C ASP C 425 -19.01 -42.28 16.48
N PHE C 426 -18.34 -42.93 17.44
CA PHE C 426 -18.61 -42.73 18.86
C PHE C 426 -17.48 -41.92 19.48
N THR C 427 -17.84 -40.84 20.17
CA THR C 427 -16.88 -39.98 20.86
C THR C 427 -17.24 -40.01 22.34
N GLY C 428 -16.61 -40.93 23.07
CA GLY C 428 -16.88 -41.05 24.49
C GLY C 428 -15.99 -42.10 25.11
N CYS C 429 -16.11 -42.23 26.44
CA CYS C 429 -15.28 -43.12 27.22
C CYS C 429 -16.16 -44.18 27.88
N VAL C 430 -15.58 -45.36 28.08
CA VAL C 430 -16.27 -46.49 28.72
C VAL C 430 -15.51 -46.85 29.99
N ILE C 431 -16.24 -47.00 31.09
CA ILE C 431 -15.67 -47.33 32.39
C ILE C 431 -16.37 -48.58 32.91
N ALA C 432 -15.58 -49.59 33.30
CA ALA C 432 -16.11 -50.82 33.85
C ALA C 432 -15.28 -51.23 35.06
N TRP C 433 -15.95 -51.77 36.08
CA TRP C 433 -15.28 -52.19 37.30
C TRP C 433 -16.07 -53.32 37.95
N ASN C 434 -15.36 -54.18 38.66
CA ASN C 434 -15.92 -55.44 39.12
C ASN C 434 -16.96 -55.24 40.23
N SER C 435 -18.11 -55.91 40.07
CA SER C 435 -19.21 -55.81 41.01
C SER C 435 -19.53 -57.15 41.65
N ASN C 436 -18.54 -58.04 41.74
CA ASN C 436 -18.75 -59.32 42.41
C ASN C 436 -19.07 -59.12 43.88
N LYS C 437 -18.38 -58.19 44.53
CA LYS C 437 -18.64 -57.92 45.95
C LYS C 437 -19.95 -57.19 46.15
N LEU C 438 -20.43 -56.48 45.12
CA LEU C 438 -21.61 -55.63 45.26
C LEU C 438 -22.87 -56.28 44.72
N ASP C 439 -22.80 -56.93 43.56
CA ASP C 439 -23.97 -57.43 42.86
C ASP C 439 -23.83 -58.91 42.55
N SER C 440 -23.44 -59.70 43.55
CA SER C 440 -23.38 -61.15 43.43
C SER C 440 -23.74 -61.75 44.78
N LYS C 441 -25.01 -62.10 44.96
CA LYS C 441 -25.46 -62.71 46.19
C LYS C 441 -24.90 -64.13 46.31
N VAL C 442 -24.74 -64.58 47.56
CA VAL C 442 -24.18 -65.91 47.81
C VAL C 442 -25.09 -66.99 47.22
N SER C 443 -26.40 -66.86 47.45
CA SER C 443 -27.34 -67.81 46.86
C SER C 443 -27.38 -67.67 45.35
N GLY C 444 -27.30 -66.46 44.84
CA GLY C 444 -27.35 -66.19 43.40
C GLY C 444 -28.11 -64.91 43.14
N ASN C 445 -27.67 -64.18 42.13
CA ASN C 445 -28.27 -62.90 41.75
C ASN C 445 -28.98 -63.07 40.40
N TYR C 446 -30.28 -62.81 40.39
CA TYR C 446 -31.08 -62.92 39.17
C TYR C 446 -31.77 -61.60 38.83
N ASN C 447 -31.46 -60.52 39.56
CA ASN C 447 -32.13 -59.24 39.30
C ASN C 447 -31.79 -58.70 37.93
N TYR C 448 -30.54 -58.87 37.50
CA TYR C 448 -30.12 -58.34 36.21
C TYR C 448 -30.71 -59.16 35.06
N LEU C 449 -31.21 -58.46 34.05
CA LEU C 449 -31.81 -59.07 32.88
C LEU C 449 -31.12 -58.56 31.63
N TYR C 450 -31.06 -59.41 30.61
CA TYR C 450 -30.44 -59.03 29.34
C TYR C 450 -31.21 -59.70 28.20
N ARG C 451 -31.48 -58.93 27.14
CA ARG C 451 -32.19 -59.45 25.99
C ARG C 451 -31.20 -60.05 24.99
N LEU C 452 -31.57 -61.22 24.46
CA LEU C 452 -30.76 -61.91 23.45
C LEU C 452 -31.58 -62.38 22.26
N PHE C 453 -32.85 -61.99 22.18
CA PHE C 453 -33.72 -62.42 21.09
C PHE C 453 -34.50 -61.21 20.59
N ARG C 454 -34.35 -60.91 19.30
CA ARG C 454 -35.04 -59.77 18.69
C ARG C 454 -35.06 -59.97 17.18
N LYS C 455 -36.10 -59.43 16.55
CA LYS C 455 -36.28 -59.64 15.11
C LYS C 455 -35.14 -59.05 14.30
N SER C 456 -34.70 -57.84 14.64
CA SER C 456 -33.64 -57.16 13.91
C SER C 456 -32.66 -56.54 14.90
N ASN C 457 -31.42 -56.37 14.45
CA ASN C 457 -30.41 -55.74 15.28
C ASN C 457 -30.78 -54.29 15.54
N LEU C 458 -30.64 -53.87 16.81
CA LEU C 458 -31.04 -52.53 17.20
C LEU C 458 -30.08 -51.50 16.62
N LYS C 459 -30.63 -50.32 16.31
CA LYS C 459 -29.82 -49.21 15.85
C LYS C 459 -28.95 -48.69 17.01
N PRO C 460 -27.86 -48.00 16.71
CA PRO C 460 -27.03 -47.44 17.78
C PRO C 460 -27.82 -46.47 18.64
N PHE C 461 -27.53 -46.48 19.94
CA PHE C 461 -28.19 -45.62 20.92
C PHE C 461 -29.71 -45.80 20.90
N GLU C 462 -30.14 -47.05 20.81
CA GLU C 462 -31.56 -47.39 20.84
C GLU C 462 -31.82 -48.40 21.94
N ARG C 463 -32.89 -48.16 22.70
CA ARG C 463 -33.26 -49.01 23.83
C ARG C 463 -34.60 -49.67 23.55
N ASP C 464 -34.67 -50.98 23.78
CA ASP C 464 -35.89 -51.76 23.61
C ASP C 464 -36.21 -52.47 24.92
N ILE C 465 -37.45 -52.32 25.38
CA ILE C 465 -37.91 -52.95 26.61
C ILE C 465 -39.13 -53.83 26.37
N SER C 466 -39.37 -54.22 25.11
CA SER C 466 -40.53 -55.03 24.78
C SER C 466 -40.41 -56.42 25.39
N THR C 467 -41.51 -56.91 25.96
CA THR C 467 -41.59 -58.24 26.53
C THR C 467 -42.36 -59.21 25.66
N GLU C 468 -42.61 -58.86 24.40
CA GLU C 468 -43.37 -59.72 23.51
C GLU C 468 -42.59 -61.00 23.22
N ILE C 469 -43.33 -62.11 23.12
CA ILE C 469 -42.69 -63.39 22.83
C ILE C 469 -42.11 -63.35 21.43
N TYR C 470 -40.83 -63.74 21.32
CA TYR C 470 -40.13 -63.67 20.05
C TYR C 470 -40.69 -64.68 19.06
N GLN C 471 -40.77 -64.28 17.79
CA GLN C 471 -41.53 -64.99 16.77
C GLN C 471 -40.64 -65.54 15.65
N ALA C 472 -39.51 -66.15 16.01
CA ALA C 472 -38.63 -66.73 15.01
C ALA C 472 -39.33 -67.78 14.18
N GLY C 473 -40.11 -68.66 14.83
CA GLY C 473 -40.82 -69.69 14.10
C GLY C 473 -41.95 -69.14 13.26
N ASN C 474 -42.40 -69.95 12.31
CA ASN C 474 -43.50 -69.56 11.43
C ASN C 474 -44.86 -69.67 12.11
N LYS C 475 -44.91 -70.24 13.31
CA LYS C 475 -46.18 -70.41 14.01
C LYS C 475 -46.28 -69.38 15.13
N PRO C 476 -47.15 -68.39 15.02
CA PRO C 476 -47.36 -67.47 16.16
C PRO C 476 -47.91 -68.22 17.37
N CYS C 477 -47.50 -67.79 18.54
CA CYS C 477 -47.86 -68.50 19.76
C CYS C 477 -48.49 -67.59 20.82
N ASN C 478 -48.04 -66.35 20.93
CA ASN C 478 -48.46 -65.40 21.97
C ASN C 478 -48.15 -65.90 23.37
N GLY C 479 -47.20 -66.82 23.51
CA GLY C 479 -46.83 -67.38 24.80
C GLY C 479 -45.77 -68.45 24.61
N VAL C 480 -45.34 -69.01 25.73
CA VAL C 480 -44.34 -70.08 25.68
C VAL C 480 -45.00 -71.35 25.16
N ALA C 481 -44.52 -71.84 24.02
CA ALA C 481 -45.07 -73.04 23.40
C ALA C 481 -44.01 -74.07 23.05
N GLY C 482 -42.84 -73.64 22.59
CA GLY C 482 -41.83 -74.59 22.16
C GLY C 482 -40.64 -73.88 21.55
N PHE C 483 -39.94 -74.61 20.68
CA PHE C 483 -38.75 -74.07 20.05
C PHE C 483 -39.06 -72.91 19.11
N ASN C 484 -40.27 -72.87 18.54
CA ASN C 484 -40.63 -71.83 17.59
C ASN C 484 -40.76 -70.46 18.24
N CYS C 485 -40.76 -70.37 19.56
CA CYS C 485 -40.89 -69.11 20.27
C CYS C 485 -39.81 -68.99 21.32
N TYR C 486 -39.38 -67.75 21.58
CA TYR C 486 -38.33 -67.48 22.55
C TYR C 486 -38.74 -66.30 23.42
N PHE C 487 -38.22 -66.29 24.66
CA PHE C 487 -38.46 -65.17 25.55
C PHE C 487 -37.47 -64.06 25.25
N PRO C 488 -37.93 -62.81 25.08
CA PRO C 488 -37.04 -61.75 24.59
C PRO C 488 -35.81 -61.51 25.45
N LEU C 489 -35.92 -61.61 26.76
CA LEU C 489 -34.82 -61.31 27.67
C LEU C 489 -34.72 -62.38 28.74
N ARG C 490 -33.49 -62.77 29.07
CA ARG C 490 -33.23 -63.75 30.11
C ARG C 490 -32.30 -63.16 31.15
N SER C 491 -32.25 -63.80 32.32
CA SER C 491 -31.57 -63.26 33.49
C SER C 491 -30.22 -63.93 33.70
N TYR C 492 -29.36 -63.23 34.44
CA TYR C 492 -28.05 -63.75 34.83
C TYR C 492 -28.17 -64.49 36.17
N SER C 493 -27.11 -65.21 36.53
CA SER C 493 -27.06 -66.03 37.74
C SER C 493 -25.74 -65.80 38.47
N PHE C 494 -25.39 -64.54 38.70
CA PHE C 494 -24.11 -64.20 39.32
C PHE C 494 -23.99 -64.85 40.70
N ARG C 495 -22.82 -65.43 40.96
CA ARG C 495 -22.47 -66.01 42.24
C ARG C 495 -21.02 -65.68 42.55
N PRO C 496 -20.67 -65.56 43.84
CA PRO C 496 -19.26 -65.29 44.19
C PRO C 496 -18.31 -66.38 43.73
N THR C 497 -18.76 -67.64 43.71
CA THR C 497 -17.90 -68.75 43.32
C THR C 497 -17.62 -68.79 41.81
N TYR C 498 -18.31 -67.98 41.02
CA TYR C 498 -18.10 -67.99 39.58
C TYR C 498 -16.75 -67.37 39.23
N GLY C 499 -16.27 -67.69 38.03
CA GLY C 499 -14.98 -67.21 37.59
C GLY C 499 -14.98 -65.72 37.31
N VAL C 500 -13.76 -65.19 37.18
CA VAL C 500 -13.59 -63.75 36.96
C VAL C 500 -14.19 -63.32 35.63
N GLY C 501 -14.10 -64.18 34.60
CA GLY C 501 -14.74 -63.87 33.33
C GLY C 501 -16.25 -63.80 33.42
N HIS C 502 -16.83 -64.64 34.28
CA HIS C 502 -18.27 -64.67 34.49
C HIS C 502 -18.74 -63.67 35.53
N GLN C 503 -17.82 -62.96 36.18
CA GLN C 503 -18.20 -62.02 37.22
C GLN C 503 -18.88 -60.79 36.61
N PRO C 504 -19.84 -60.20 37.30
CA PRO C 504 -20.50 -58.99 36.77
C PRO C 504 -19.59 -57.78 36.87
N TYR C 505 -19.68 -56.93 35.85
CA TYR C 505 -18.93 -55.68 35.80
C TYR C 505 -19.90 -54.52 35.55
N ARG C 506 -19.88 -53.54 36.45
CA ARG C 506 -20.72 -52.36 36.30
C ARG C 506 -20.08 -51.44 35.27
N VAL C 507 -20.81 -51.17 34.19
CA VAL C 507 -20.27 -50.41 33.06
C VAL C 507 -21.03 -49.10 32.94
N VAL C 508 -20.29 -47.99 32.95
CA VAL C 508 -20.84 -46.66 32.73
C VAL C 508 -20.22 -46.10 31.47
N VAL C 509 -21.06 -45.74 30.50
CA VAL C 509 -20.60 -45.25 29.20
C VAL C 509 -21.02 -43.79 29.06
N LEU C 510 -20.07 -42.94 28.71
CA LEU C 510 -20.31 -41.52 28.53
C LEU C 510 -20.33 -41.20 27.05
N SER C 511 -21.37 -40.47 26.61
CA SER C 511 -21.52 -40.06 25.23
C SER C 511 -21.43 -38.55 25.13
N PHE C 512 -20.59 -38.08 24.21
CA PHE C 512 -20.32 -36.65 24.05
C PHE C 512 -20.96 -36.17 22.76
N GLU C 513 -21.95 -35.30 22.88
CA GLU C 513 -22.67 -34.72 21.74
C GLU C 513 -22.31 -33.24 21.65
N LEU C 514 -21.50 -32.88 20.66
CA LEU C 514 -21.02 -31.51 20.51
C LEU C 514 -22.08 -30.67 19.79
N LEU C 515 -23.16 -30.40 20.51
CA LEU C 515 -24.20 -29.52 20.00
C LEU C 515 -23.68 -28.08 19.93
N HIS C 516 -24.03 -27.39 18.85
CA HIS C 516 -23.40 -26.11 18.54
C HIS C 516 -23.86 -25.01 19.49
N ALA C 517 -25.17 -24.92 19.76
CA ALA C 517 -25.70 -23.73 20.40
C ALA C 517 -25.35 -23.65 21.89
N PRO C 518 -25.79 -24.58 22.76
CA PRO C 518 -25.71 -24.31 24.21
C PRO C 518 -24.30 -24.19 24.77
N ALA C 519 -23.50 -25.25 24.62
CA ALA C 519 -22.15 -25.30 25.20
C ALA C 519 -22.16 -24.93 26.67
N THR C 520 -23.15 -25.45 27.41
CA THR C 520 -23.40 -24.98 28.77
C THR C 520 -22.58 -25.72 29.82
N VAL C 521 -22.21 -26.97 29.55
CA VAL C 521 -21.57 -27.82 30.55
C VAL C 521 -20.32 -28.46 29.95
N CYS C 522 -19.22 -28.41 30.70
CA CYS C 522 -18.00 -29.11 30.33
C CYS C 522 -17.06 -29.11 31.53
N GLY C 523 -15.81 -29.55 31.31
CA GLY C 523 -14.88 -29.82 32.37
C GLY C 523 -14.25 -28.56 32.94
N PRO C 524 -13.36 -28.77 33.92
CA PRO C 524 -12.78 -27.63 34.65
C PRO C 524 -11.65 -26.93 33.90
N LYS C 525 -11.03 -25.96 34.57
CA LYS C 525 -9.89 -25.22 34.04
C LYS C 525 -9.10 -24.68 35.22
N LYS C 526 -7.92 -25.24 35.44
CA LYS C 526 -7.13 -24.90 36.63
C LYS C 526 -6.58 -23.49 36.55
N SER C 527 -6.50 -22.84 37.70
CA SER C 527 -5.93 -21.51 37.83
C SER C 527 -4.69 -21.55 38.72
N THR C 528 -3.72 -20.72 38.38
CA THR C 528 -2.45 -20.67 39.10
C THR C 528 -2.47 -19.52 40.11
N ASN C 529 -1.32 -19.27 40.74
CA ASN C 529 -1.22 -18.20 41.71
C ASN C 529 -1.14 -16.85 40.99
N LEU C 530 -1.21 -15.78 41.78
CA LEU C 530 -1.19 -14.41 41.28
C LEU C 530 0.12 -13.75 41.62
N VAL C 531 0.71 -13.06 40.64
CA VAL C 531 1.93 -12.29 40.83
C VAL C 531 1.70 -10.88 40.30
N LYS C 532 2.38 -9.91 40.90
CA LYS C 532 2.21 -8.51 40.55
C LYS C 532 3.56 -7.86 40.30
N ASN C 533 3.52 -6.75 39.56
CA ASN C 533 4.71 -5.95 39.24
C ASN C 533 5.76 -6.77 38.48
N LYS C 534 5.32 -7.68 37.62
CA LYS C 534 6.22 -8.47 36.81
C LYS C 534 5.63 -8.62 35.41
N CYS C 535 6.50 -8.52 34.40
CA CYS C 535 6.09 -8.68 33.01
C CYS C 535 5.72 -10.15 32.78
N VAL C 536 4.43 -10.45 32.74
CA VAL C 536 3.94 -11.81 32.65
C VAL C 536 2.88 -11.90 31.56
N ASN C 537 2.65 -13.12 31.07
CA ASN C 537 1.55 -13.39 30.16
C ASN C 537 0.34 -13.82 30.98
N PHE C 538 -0.70 -13.00 30.96
CA PHE C 538 -1.91 -13.23 31.75
C PHE C 538 -3.02 -13.78 30.86
N ASN C 539 -3.77 -14.73 31.38
CA ASN C 539 -4.94 -15.30 30.71
C ASN C 539 -6.11 -15.20 31.69
N PHE C 540 -6.80 -14.07 31.66
CA PHE C 540 -7.89 -13.79 32.60
C PHE C 540 -9.22 -14.04 31.89
N ASN C 541 -9.85 -15.17 32.22
CA ASN C 541 -11.15 -15.55 31.66
C ASN C 541 -11.12 -15.56 30.13
N GLY C 542 -10.02 -16.07 29.58
CA GLY C 542 -9.85 -16.16 28.14
C GLY C 542 -9.18 -14.95 27.50
N LEU C 543 -8.92 -13.90 28.26
CA LEU C 543 -8.22 -12.73 27.73
C LEU C 543 -6.72 -12.95 27.88
N LYS C 544 -6.04 -13.12 26.75
CA LYS C 544 -4.60 -13.39 26.73
C LYS C 544 -3.85 -12.11 26.38
N GLY C 545 -2.82 -11.81 27.15
CA GLY C 545 -2.02 -10.63 26.91
C GLY C 545 -0.78 -10.64 27.77
N THR C 546 0.10 -9.67 27.50
CA THR C 546 1.36 -9.52 28.21
C THR C 546 1.43 -8.13 28.81
N GLY C 547 1.82 -8.04 30.08
CA GLY C 547 1.91 -6.76 30.74
C GLY C 547 2.28 -6.93 32.19
N VAL C 548 2.16 -5.82 32.93
CA VAL C 548 2.48 -5.78 34.36
C VAL C 548 1.17 -5.61 35.13
N LEU C 549 0.93 -6.51 36.07
CA LEU C 549 -0.28 -6.48 36.89
C LEU C 549 0.02 -5.63 38.12
N THR C 550 -0.69 -4.51 38.27
CA THR C 550 -0.49 -3.60 39.38
C THR C 550 -1.83 -3.16 39.95
N GLU C 551 -1.80 -2.70 41.19
CA GLU C 551 -3.00 -2.22 41.85
C GLU C 551 -3.52 -0.97 41.14
N SER C 552 -4.85 -0.88 41.02
CA SER C 552 -5.51 0.21 40.32
C SER C 552 -6.53 0.86 41.22
N ASN C 553 -6.61 2.19 41.17
CA ASN C 553 -7.58 2.94 41.94
C ASN C 553 -8.91 3.12 41.20
N LYS C 554 -8.98 2.71 39.94
CA LYS C 554 -10.23 2.82 39.19
C LYS C 554 -11.26 1.83 39.72
N LYS C 555 -12.52 2.24 39.68
CA LYS C 555 -13.63 1.44 40.18
C LYS C 555 -14.45 0.94 39.00
N PHE C 556 -14.56 -0.38 38.89
CA PHE C 556 -15.38 -1.01 37.86
C PHE C 556 -16.84 -1.00 38.29
N LEU C 557 -17.66 -1.75 37.56
CA LEU C 557 -19.05 -1.98 37.89
C LEU C 557 -19.32 -3.47 38.02
N PRO C 558 -20.34 -3.87 38.80
CA PRO C 558 -20.52 -5.30 39.08
C PRO C 558 -20.62 -6.18 37.83
N PHE C 559 -21.31 -5.71 36.80
CA PHE C 559 -21.37 -6.47 35.55
C PHE C 559 -20.10 -6.33 34.74
N GLN C 560 -19.41 -5.19 34.85
CA GLN C 560 -18.21 -4.95 34.08
C GLN C 560 -17.09 -5.89 34.51
N GLN C 561 -16.38 -6.43 33.53
CA GLN C 561 -15.26 -7.34 33.78
C GLN C 561 -13.94 -6.82 33.24
N PHE C 562 -13.93 -6.20 32.06
CA PHE C 562 -12.72 -5.73 31.42
C PHE C 562 -12.65 -4.21 31.48
N GLY C 563 -11.54 -3.67 30.98
CA GLY C 563 -11.36 -2.24 30.89
C GLY C 563 -10.60 -1.83 29.66
N ARG C 564 -10.97 -0.71 29.05
CA ARG C 564 -10.33 -0.21 27.85
C ARG C 564 -9.95 1.25 28.05
N ASP C 565 -9.39 1.85 27.00
CA ASP C 565 -8.94 3.23 27.04
C ASP C 565 -9.29 3.89 25.71
N ILE C 566 -8.70 5.06 25.46
CA ILE C 566 -8.97 5.78 24.22
C ILE C 566 -8.50 4.96 23.02
N ALA C 567 -7.32 4.36 23.12
CA ALA C 567 -6.76 3.55 22.05
C ALA C 567 -7.44 2.20 21.87
N ASP C 568 -8.54 1.94 22.59
CA ASP C 568 -9.28 0.68 22.48
C ASP C 568 -8.37 -0.52 22.77
N THR C 569 -7.61 -0.42 23.86
CA THR C 569 -6.72 -1.47 24.29
C THR C 569 -7.02 -1.81 25.75
N THR C 570 -6.74 -3.06 26.12
CA THR C 570 -7.00 -3.51 27.48
C THR C 570 -6.14 -2.73 28.46
N ASP C 571 -6.80 -2.12 29.45
CA ASP C 571 -6.12 -1.31 30.46
C ASP C 571 -6.24 -1.90 31.86
N ALA C 572 -7.46 -2.27 32.28
CA ALA C 572 -7.68 -2.86 33.59
C ALA C 572 -8.58 -4.08 33.43
N VAL C 573 -8.35 -5.08 34.28
CA VAL C 573 -9.09 -6.33 34.23
C VAL C 573 -9.43 -6.77 35.65
N ARG C 574 -10.67 -7.24 35.83
CA ARG C 574 -11.11 -7.73 37.13
C ARG C 574 -10.57 -9.13 37.39
N ASP C 575 -10.28 -9.41 38.66
CA ASP C 575 -9.78 -10.72 39.04
C ASP C 575 -10.87 -11.78 38.82
N PRO C 576 -10.50 -12.96 38.30
CA PRO C 576 -11.50 -14.02 38.14
C PRO C 576 -11.95 -14.63 39.45
N GLN C 577 -11.01 -14.90 40.36
CA GLN C 577 -11.38 -15.52 41.64
C GLN C 577 -11.99 -14.51 42.60
N THR C 578 -11.21 -13.51 43.00
CA THR C 578 -11.66 -12.46 43.89
C THR C 578 -12.06 -11.24 43.08
N LEU C 579 -12.29 -10.11 43.75
CA LEU C 579 -12.91 -8.95 43.12
C LEU C 579 -12.00 -7.73 43.03
N GLU C 580 -10.69 -7.91 43.22
CA GLU C 580 -9.80 -6.75 43.09
C GLU C 580 -9.64 -6.37 41.63
N ILE C 581 -9.29 -5.10 41.40
CA ILE C 581 -9.14 -4.55 40.06
C ILE C 581 -7.66 -4.24 39.85
N LEU C 582 -7.11 -4.72 38.74
CA LEU C 582 -5.69 -4.55 38.43
C LEU C 582 -5.53 -3.94 37.05
N ASP C 583 -4.49 -3.12 36.91
CA ASP C 583 -4.19 -2.47 35.64
C ASP C 583 -3.29 -3.34 34.78
N ILE C 584 -3.15 -2.95 33.52
CA ILE C 584 -2.29 -3.62 32.56
C ILE C 584 -1.37 -2.56 31.97
N THR C 585 -0.16 -2.45 32.48
CA THR C 585 0.85 -1.50 32.07
C THR C 585 1.82 -2.15 31.08
N PRO C 586 2.15 -1.46 29.98
CA PRO C 586 3.14 -1.99 29.05
C PRO C 586 4.49 -2.19 29.72
N CYS C 587 5.20 -3.22 29.28
CA CYS C 587 6.40 -3.66 29.98
C CYS C 587 7.58 -2.71 29.72
N SER C 588 7.94 -2.52 28.46
CA SER C 588 9.07 -1.64 28.12
C SER C 588 9.02 -1.18 26.67
N PHE C 589 9.14 0.13 26.46
CA PHE C 589 9.13 0.74 25.13
C PHE C 589 10.29 1.73 25.07
N GLY C 590 11.47 1.27 24.69
CA GLY C 590 12.60 2.17 24.63
C GLY C 590 13.23 2.35 23.26
N GLY C 591 13.25 1.30 22.45
CA GLY C 591 13.85 1.36 21.13
C GLY C 591 15.31 1.75 21.07
N VAL C 592 15.93 1.93 22.24
CA VAL C 592 17.32 2.33 22.46
C VAL C 592 17.80 3.44 21.54
N SER C 593 19.10 3.74 21.61
CA SER C 593 19.78 4.75 20.80
C SER C 593 21.26 4.66 21.07
N VAL C 594 22.07 4.97 20.05
CA VAL C 594 23.51 4.81 20.11
C VAL C 594 24.17 6.15 19.79
N ILE C 595 25.16 6.54 20.60
CA ILE C 595 25.89 7.79 20.43
C ILE C 595 27.36 7.44 20.28
N THR C 596 27.92 7.68 19.11
CA THR C 596 29.32 7.36 18.86
C THR C 596 30.02 8.52 18.16
N PRO C 597 31.30 8.75 18.47
CA PRO C 597 32.08 9.78 17.78
C PRO C 597 32.61 9.37 16.40
N GLY C 598 32.39 8.15 15.97
CA GLY C 598 32.97 7.67 14.73
C GLY C 598 34.00 6.59 14.97
N THR C 599 34.14 5.69 14.00
CA THR C 599 35.05 4.56 14.15
C THR C 599 36.50 5.00 14.17
N ASN C 600 36.87 6.01 13.38
CA ASN C 600 38.26 6.44 13.31
C ASN C 600 38.74 6.98 14.66
N THR C 601 37.90 7.74 15.35
CA THR C 601 38.25 8.36 16.62
C THR C 601 37.57 7.59 17.73
N SER C 602 38.32 6.68 18.37
CA SER C 602 37.88 5.91 19.53
C SER C 602 36.75 4.93 19.20
N ASN C 603 36.63 3.88 20.00
CA ASN C 603 35.58 2.89 19.82
C ASN C 603 34.60 2.84 20.98
N GLN C 604 34.89 3.51 22.09
CA GLN C 604 33.94 3.55 23.19
C GLN C 604 32.69 4.31 22.80
N VAL C 605 31.55 3.85 23.31
CA VAL C 605 30.24 4.31 22.84
C VAL C 605 29.35 4.60 24.03
N ALA C 606 28.38 5.50 23.83
CA ALA C 606 27.37 5.82 24.83
C ALA C 606 26.00 5.38 24.31
N VAL C 607 25.17 4.89 25.21
CA VAL C 607 23.87 4.32 24.86
C VAL C 607 22.78 5.16 25.51
N LEU C 608 21.76 5.50 24.72
CA LEU C 608 20.63 6.29 25.19
C LEU C 608 19.35 5.47 25.07
N TYR C 609 18.55 5.46 26.13
CA TYR C 609 17.26 4.78 26.14
C TYR C 609 16.15 5.82 26.06
N GLN C 610 15.24 5.64 25.10
CA GLN C 610 14.21 6.63 24.84
C GLN C 610 13.06 6.46 25.83
N GLY C 611 12.75 7.52 26.57
CA GLY C 611 11.58 7.52 27.44
C GLY C 611 11.58 6.48 28.53
N VAL C 612 12.74 6.22 29.13
CA VAL C 612 12.88 5.29 30.23
C VAL C 612 13.54 6.01 31.39
N ASN C 613 12.87 6.03 32.54
CA ASN C 613 13.46 6.64 33.72
C ASN C 613 14.65 5.82 34.22
N CYS C 614 15.72 6.51 34.58
CA CYS C 614 16.93 5.83 35.03
C CYS C 614 16.76 5.16 36.39
N THR C 615 15.71 5.51 37.14
CA THR C 615 15.52 4.94 38.46
C THR C 615 15.25 3.44 38.39
N GLU C 616 14.43 3.00 37.43
CA GLU C 616 14.03 1.61 37.33
C GLU C 616 14.79 0.85 36.25
N VAL C 617 15.90 1.39 35.77
CA VAL C 617 16.70 0.69 34.76
C VAL C 617 17.11 -0.71 35.22
N PRO C 618 17.64 -0.90 36.45
CA PRO C 618 17.90 -2.29 36.88
C PRO C 618 16.68 -3.18 36.83
N VAL C 619 15.51 -2.64 37.19
CA VAL C 619 14.27 -3.38 36.99
C VAL C 619 13.94 -3.46 35.49
N ALA C 620 14.20 -2.37 34.75
CA ALA C 620 13.88 -2.35 33.34
C ALA C 620 14.73 -3.35 32.55
N ILE C 621 16.00 -3.46 32.89
CA ILE C 621 16.88 -4.43 32.22
C ILE C 621 16.61 -5.82 32.78
N HIS C 622 16.64 -6.81 31.89
CA HIS C 622 16.43 -8.21 32.28
C HIS C 622 17.79 -8.81 32.63
N ALA C 623 18.22 -8.52 33.86
CA ALA C 623 19.58 -8.85 34.27
C ALA C 623 19.84 -10.35 34.25
N ASP C 624 18.86 -11.15 34.66
CA ASP C 624 19.05 -12.59 34.80
C ASP C 624 19.20 -13.31 33.47
N GLN C 625 18.93 -12.66 32.35
CA GLN C 625 19.03 -13.32 31.04
C GLN C 625 19.92 -12.61 30.05
N LEU C 626 20.14 -11.31 30.18
CA LEU C 626 20.95 -10.58 29.22
C LEU C 626 22.41 -11.02 29.31
N THR C 627 23.11 -10.92 28.17
CA THR C 627 24.48 -11.38 28.10
C THR C 627 25.41 -10.50 28.93
N PRO C 628 26.52 -11.07 29.43
CA PRO C 628 27.48 -10.24 30.17
C PRO C 628 28.07 -9.09 29.37
N THR C 629 28.14 -9.23 28.04
CA THR C 629 28.63 -8.13 27.22
C THR C 629 27.70 -6.92 27.30
N TRP C 630 26.42 -7.15 27.55
CA TRP C 630 25.44 -6.10 27.75
C TRP C 630 25.25 -5.76 29.22
N ARG C 631 26.03 -6.36 30.10
CA ARG C 631 25.88 -6.15 31.54
C ARG C 631 26.50 -4.82 31.95
N VAL C 632 26.65 -4.63 33.27
CA VAL C 632 27.06 -3.37 33.86
C VAL C 632 26.05 -2.33 33.40
N TYR C 633 26.51 -1.22 32.83
CA TYR C 633 25.68 -0.15 32.28
C TYR C 633 24.68 0.41 33.29
N SER C 634 24.84 0.10 34.57
CA SER C 634 23.92 0.58 35.59
C SER C 634 24.66 1.16 36.78
N THR C 635 25.88 0.67 37.03
CA THR C 635 26.69 1.11 38.16
C THR C 635 28.12 1.49 37.79
N GLY C 636 28.66 0.98 36.67
CA GLY C 636 30.01 1.33 36.27
C GLY C 636 30.15 2.80 35.92
N SER C 637 29.52 3.21 34.84
CA SER C 637 29.48 4.61 34.46
C SER C 637 28.34 5.32 35.18
N ASN C 638 28.56 6.59 35.50
CA ASN C 638 27.55 7.38 36.20
C ASN C 638 26.35 7.58 35.29
N VAL C 639 25.22 6.94 35.64
CA VAL C 639 24.03 7.02 34.82
C VAL C 639 23.41 8.41 34.98
N PHE C 640 23.13 9.06 33.85
CA PHE C 640 22.52 10.37 33.82
C PHE C 640 21.10 10.26 33.29
N GLN C 641 20.17 10.94 33.95
CA GLN C 641 18.77 10.95 33.55
C GLN C 641 18.46 12.25 32.80
N THR C 642 17.94 12.12 31.59
CA THR C 642 17.56 13.26 30.77
C THR C 642 16.07 13.21 30.49
N ARG C 643 15.51 14.36 30.11
CA ARG C 643 14.11 14.41 29.75
C ARG C 643 13.82 13.56 28.51
N ALA C 644 14.79 13.45 27.61
CA ALA C 644 14.64 12.55 26.47
C ALA C 644 14.58 11.10 26.92
N GLY C 645 15.39 10.74 27.90
CA GLY C 645 15.40 9.37 28.40
C GLY C 645 16.64 9.12 29.24
N CYS C 646 16.95 7.85 29.41
CA CYS C 646 18.10 7.43 30.20
C CYS C 646 19.35 7.37 29.32
N LEU C 647 20.33 8.21 29.63
CA LEU C 647 21.58 8.26 28.90
C LEU C 647 22.65 7.56 29.72
N ILE C 648 23.28 6.55 29.12
CA ILE C 648 24.22 5.68 29.83
C ILE C 648 25.51 5.60 29.02
N GLY C 649 26.63 5.82 29.68
CA GLY C 649 27.94 5.74 29.05
C GLY C 649 28.65 7.07 28.90
N ALA C 650 28.02 8.18 29.28
CA ALA C 650 28.64 9.50 29.19
C ALA C 650 28.47 10.21 30.52
N GLU C 651 29.48 11.03 30.86
CA GLU C 651 29.52 11.71 32.15
C GLU C 651 29.03 13.14 31.98
N TYR C 652 28.01 13.51 32.75
CA TYR C 652 27.49 14.86 32.70
C TYR C 652 28.47 15.84 33.33
N VAL C 653 28.67 16.98 32.67
CA VAL C 653 29.57 18.02 33.13
C VAL C 653 28.81 19.35 33.15
N ASN C 654 29.03 20.13 34.22
CA ASN C 654 28.33 21.39 34.36
C ASN C 654 28.79 22.43 33.36
N ASN C 655 29.92 22.23 32.71
CA ASN C 655 30.40 23.17 31.70
C ASN C 655 29.49 23.11 30.48
N SER C 656 29.17 24.29 29.94
CA SER C 656 28.30 24.40 28.77
C SER C 656 29.16 24.66 27.53
N TYR C 657 29.05 23.79 26.53
CA TYR C 657 29.80 23.91 25.30
C TYR C 657 28.82 23.98 24.12
N GLU C 658 29.35 24.28 22.95
CA GLU C 658 28.55 24.26 21.73
C GLU C 658 28.12 22.84 21.41
N CYS C 659 26.90 22.70 20.90
CA CYS C 659 26.34 21.37 20.65
C CYS C 659 27.12 20.64 19.56
N ASP C 660 27.42 19.37 19.81
CA ASP C 660 28.11 18.51 18.85
C ASP C 660 27.21 17.39 18.36
N ILE C 661 26.66 16.59 19.28
CA ILE C 661 25.72 15.52 18.92
C ILE C 661 24.40 15.79 19.63
N PRO C 662 23.33 16.11 18.89
CA PRO C 662 22.06 16.45 19.54
C PRO C 662 21.42 15.22 20.17
N ILE C 663 21.21 15.28 21.48
CA ILE C 663 20.56 14.21 22.22
C ILE C 663 19.09 14.53 22.48
N GLY C 664 18.79 15.75 22.90
CA GLY C 664 17.43 16.15 23.17
C GLY C 664 17.28 16.91 24.46
N ALA C 665 16.22 17.72 24.54
CA ALA C 665 15.93 18.52 25.75
C ALA C 665 17.10 19.41 26.14
N GLY C 666 17.76 19.99 25.14
CA GLY C 666 18.86 20.89 25.41
C GLY C 666 20.12 20.24 25.91
N ILE C 667 20.30 18.95 25.64
CA ILE C 667 21.48 18.21 26.08
C ILE C 667 22.20 17.66 24.85
N CYS C 668 23.50 17.88 24.78
CA CYS C 668 24.32 17.38 23.70
C CYS C 668 25.53 16.63 24.26
N ALA C 669 26.00 15.65 23.50
CA ALA C 669 27.15 14.84 23.89
C ALA C 669 28.29 15.06 22.91
N SER C 670 29.52 14.94 23.41
CA SER C 670 30.70 15.16 22.59
C SER C 670 31.87 14.38 23.15
N TYR C 671 32.88 14.18 22.30
CA TYR C 671 34.10 13.48 22.67
C TYR C 671 35.17 14.51 22.99
N GLN C 672 35.51 14.64 24.27
CA GLN C 672 36.48 15.62 24.72
C GLN C 672 37.31 15.01 25.84
N THR C 673 38.31 15.78 26.30
CA THR C 673 39.18 15.33 27.38
C THR C 673 38.45 15.34 28.73
N SER C 686 41.53 9.62 29.98
CA SER C 686 41.94 10.87 29.36
C SER C 686 40.82 11.45 28.51
N GLN C 687 40.36 10.67 27.53
CA GLN C 687 39.29 11.08 26.63
C GLN C 687 38.06 10.22 26.89
N SER C 688 36.90 10.87 27.00
CA SER C 688 35.67 10.18 27.31
C SER C 688 34.49 10.97 26.76
N ILE C 689 33.34 10.31 26.68
CA ILE C 689 32.12 10.95 26.22
C ILE C 689 31.54 11.79 27.36
N ILE C 690 31.23 13.05 27.07
CA ILE C 690 30.69 13.98 28.05
C ILE C 690 29.36 14.51 27.56
N ALA C 691 28.37 14.54 28.44
CA ALA C 691 27.07 15.11 28.16
C ALA C 691 26.94 16.45 28.86
N TYR C 692 26.36 17.43 28.17
CA TYR C 692 26.30 18.78 28.69
C TYR C 692 25.09 19.49 28.11
N THR C 693 24.67 20.56 28.79
CA THR C 693 23.67 21.45 28.24
C THR C 693 24.32 22.40 27.25
N MET C 694 23.84 22.36 26.00
CA MET C 694 24.46 23.15 24.95
C MET C 694 24.33 24.64 25.25
N SER C 695 25.37 25.39 24.87
CA SER C 695 25.44 26.83 25.14
C SER C 695 24.82 27.59 23.97
N LEU C 696 23.87 28.46 24.27
CA LEU C 696 23.24 29.27 23.24
C LEU C 696 24.24 30.23 22.60
N GLY C 697 25.10 30.83 23.40
CA GLY C 697 26.09 31.75 22.88
C GLY C 697 26.75 32.52 24.01
N ALA C 698 27.64 33.43 23.61
CA ALA C 698 28.36 34.25 24.58
C ALA C 698 27.45 35.35 25.13
N GLU C 699 27.50 35.54 26.44
CA GLU C 699 26.72 36.59 27.08
C GLU C 699 27.23 37.96 26.64
N ASN C 700 26.30 38.87 26.36
CA ASN C 700 26.64 40.21 25.93
C ASN C 700 25.69 41.21 26.58
N SER C 701 26.18 42.43 26.79
CA SER C 701 25.39 43.49 27.38
C SER C 701 25.73 44.79 26.66
N VAL C 702 24.74 45.37 25.98
CA VAL C 702 24.94 46.59 25.21
C VAL C 702 24.85 47.78 26.15
N ALA C 703 25.86 48.67 26.08
CA ALA C 703 25.91 49.84 26.95
C ALA C 703 24.92 50.88 26.43
N TYR C 704 23.65 50.64 26.71
CA TYR C 704 22.59 51.56 26.33
C TYR C 704 22.53 52.74 27.28
N SER C 705 22.33 53.93 26.74
CA SER C 705 22.23 55.14 27.54
C SER C 705 21.49 56.20 26.71
N ASN C 706 21.04 57.25 27.40
CA ASN C 706 20.30 58.32 26.75
C ASN C 706 21.16 59.02 25.68
N ASN C 707 22.25 59.64 26.11
CA ASN C 707 23.14 60.34 25.19
C ASN C 707 24.39 59.50 24.90
N SER C 708 24.17 58.36 24.25
CA SER C 708 25.27 57.47 23.90
C SER C 708 24.97 56.76 22.59
N ILE C 709 25.97 56.72 21.71
CA ILE C 709 25.85 56.05 20.43
C ILE C 709 27.22 55.53 20.02
N ALA C 710 27.23 54.43 19.28
CA ALA C 710 28.47 53.80 18.81
C ALA C 710 28.50 53.90 17.29
N ILE C 711 29.43 54.69 16.78
CA ILE C 711 29.62 54.90 15.35
C ILE C 711 30.87 54.15 14.92
N PRO C 712 30.77 53.19 14.01
CA PRO C 712 31.98 52.47 13.57
C PRO C 712 32.94 53.40 12.85
N THR C 713 34.24 53.16 13.05
CA THR C 713 35.28 53.95 12.42
C THR C 713 36.00 53.21 11.30
N ASN C 714 35.81 51.89 11.20
CA ASN C 714 36.46 51.08 10.18
C ASN C 714 35.43 50.09 9.64
N PHE C 715 35.89 49.20 8.76
CA PHE C 715 34.98 48.23 8.16
C PHE C 715 35.79 47.03 7.68
N THR C 716 35.08 45.93 7.47
CA THR C 716 35.66 44.70 6.96
C THR C 716 34.82 44.21 5.79
N ILE C 717 35.47 43.91 4.68
CA ILE C 717 34.80 43.34 3.51
C ILE C 717 34.76 41.83 3.67
N SER C 718 33.57 41.29 3.86
CA SER C 718 33.38 39.87 4.15
C SER C 718 32.81 39.17 2.93
N VAL C 719 33.43 38.05 2.56
CA VAL C 719 32.95 37.20 1.47
C VAL C 719 32.55 35.86 2.06
N THR C 720 31.28 35.51 1.91
CA THR C 720 30.73 34.28 2.47
C THR C 720 30.09 33.44 1.37
N THR C 721 30.27 32.14 1.46
CA THR C 721 29.72 31.22 0.48
C THR C 721 28.32 30.78 0.89
N GLU C 722 27.55 30.34 -0.09
CA GLU C 722 26.20 29.83 0.15
C GLU C 722 25.88 28.81 -0.94
N ILE C 723 25.68 27.56 -0.53
CA ILE C 723 25.42 26.46 -1.46
C ILE C 723 23.93 26.17 -1.45
N LEU C 724 23.34 26.07 -2.63
CA LEU C 724 21.92 25.79 -2.77
C LEU C 724 21.73 24.71 -3.82
N PRO C 725 21.08 23.59 -3.50
CA PRO C 725 20.76 22.61 -4.54
C PRO C 725 19.82 23.20 -5.58
N VAL C 726 20.01 22.77 -6.83
CA VAL C 726 19.22 23.26 -7.95
C VAL C 726 18.44 22.13 -8.61
N SER C 727 19.13 21.03 -8.94
CA SER C 727 18.51 19.90 -9.59
C SER C 727 19.07 18.62 -9.00
N MET C 728 18.39 17.51 -9.26
CA MET C 728 18.86 16.22 -8.79
C MET C 728 18.96 15.23 -9.95
N THR C 729 19.23 13.97 -9.66
CA THR C 729 19.43 13.00 -10.72
C THR C 729 18.10 12.68 -11.40
N LYS C 730 18.09 12.74 -12.72
CA LYS C 730 16.92 12.37 -13.50
C LYS C 730 16.93 10.87 -13.73
N THR C 731 15.86 10.20 -13.33
CA THR C 731 15.80 8.74 -13.38
C THR C 731 14.57 8.30 -14.16
N SER C 732 14.68 7.13 -14.78
CA SER C 732 13.57 6.48 -15.45
C SER C 732 13.52 5.03 -15.02
N VAL C 733 12.32 4.46 -15.04
CA VAL C 733 12.07 3.11 -14.54
C VAL C 733 11.51 2.27 -15.68
N ASP C 734 12.12 1.12 -15.93
CA ASP C 734 11.60 0.13 -16.87
C ASP C 734 10.79 -0.87 -16.05
N CYS C 735 9.56 -0.47 -15.71
CA CYS C 735 8.74 -1.27 -14.81
C CYS C 735 8.42 -2.63 -15.41
N THR C 736 8.17 -2.68 -16.73
CA THR C 736 7.75 -3.93 -17.35
C THR C 736 8.75 -5.06 -17.10
N MET C 737 10.02 -4.73 -16.92
CA MET C 737 11.02 -5.74 -16.60
C MET C 737 11.56 -5.61 -15.18
N TYR C 738 11.44 -4.45 -14.55
CA TYR C 738 11.82 -4.32 -13.14
C TYR C 738 10.92 -5.17 -12.26
N ILE C 739 9.60 -5.12 -12.50
CA ILE C 739 8.69 -5.95 -11.74
C ILE C 739 8.98 -7.43 -11.97
N CYS C 740 9.22 -7.79 -13.24
CA CYS C 740 9.63 -9.15 -13.57
C CYS C 740 10.24 -9.13 -14.96
N GLY C 741 11.50 -9.57 -15.07
CA GLY C 741 12.23 -9.57 -16.33
C GLY C 741 12.43 -10.97 -16.84
N ASP C 742 12.60 -11.09 -18.15
CA ASP C 742 12.81 -12.38 -18.82
C ASP C 742 11.68 -13.36 -18.51
N SER C 743 10.44 -12.85 -18.50
CA SER C 743 9.27 -13.68 -18.24
C SER C 743 8.10 -13.08 -19.02
N THR C 744 7.84 -13.63 -20.21
CA THR C 744 6.78 -13.10 -21.05
C THR C 744 5.41 -13.31 -20.42
N GLU C 745 5.19 -14.47 -19.81
CA GLU C 745 3.90 -14.75 -19.19
C GLU C 745 3.63 -13.83 -18.00
N CYS C 746 4.68 -13.47 -17.25
CA CYS C 746 4.50 -12.51 -16.18
C CYS C 746 4.06 -11.15 -16.71
N SER C 747 4.64 -10.71 -17.83
CA SER C 747 4.19 -9.47 -18.44
C SER C 747 2.76 -9.59 -18.94
N ASN C 748 2.39 -10.75 -19.48
CA ASN C 748 1.02 -10.97 -19.94
C ASN C 748 0.03 -10.86 -18.79
N LEU C 749 0.35 -11.45 -17.64
CA LEU C 749 -0.55 -11.36 -16.50
C LEU C 749 -0.52 -9.97 -15.86
N LEU C 750 0.60 -9.26 -15.98
CA LEU C 750 0.67 -7.89 -15.49
C LEU C 750 -0.16 -6.95 -16.36
N LEU C 751 -0.32 -7.29 -17.64
CA LEU C 751 -1.16 -6.48 -18.52
C LEU C 751 -2.59 -6.37 -17.99
N GLN C 752 -3.04 -7.36 -17.22
CA GLN C 752 -4.36 -7.32 -16.63
C GLN C 752 -4.47 -6.30 -15.49
N TYR C 753 -3.36 -5.72 -15.07
CA TYR C 753 -3.37 -4.76 -13.96
C TYR C 753 -3.75 -3.36 -14.42
N GLY C 754 -4.04 -3.17 -15.69
CA GLY C 754 -4.41 -1.86 -16.20
C GLY C 754 -3.21 -0.97 -16.41
N SER C 755 -3.51 0.28 -16.76
CA SER C 755 -2.48 1.27 -17.05
C SER C 755 -2.02 1.87 -15.73
N PHE C 756 -1.10 1.18 -15.06
CA PHE C 756 -0.44 1.71 -13.86
C PHE C 756 0.94 2.24 -14.15
N CYS C 757 1.68 1.62 -15.07
CA CYS C 757 2.98 2.13 -15.46
C CYS C 757 2.88 3.42 -16.27
N THR C 758 1.71 3.72 -16.81
CA THR C 758 1.56 4.94 -17.61
C THR C 758 1.75 6.18 -16.75
N GLN C 759 1.05 6.26 -15.61
CA GLN C 759 1.18 7.45 -14.78
C GLN C 759 2.49 7.47 -14.01
N LEU C 760 3.07 6.31 -13.69
CA LEU C 760 4.40 6.29 -13.11
C LEU C 760 5.43 6.85 -14.07
N LYS C 761 5.38 6.41 -15.33
CA LYS C 761 6.28 6.94 -16.35
C LYS C 761 6.06 8.42 -16.56
N ARG C 762 4.78 8.85 -16.56
CA ARG C 762 4.48 10.26 -16.73
C ARG C 762 5.02 11.08 -15.56
N ALA C 763 4.89 10.57 -14.33
CA ALA C 763 5.41 11.29 -13.17
C ALA C 763 6.93 11.40 -13.23
N LEU C 764 7.61 10.31 -13.60
CA LEU C 764 9.07 10.37 -13.71
C LEU C 764 9.51 11.34 -14.79
N THR C 765 8.83 11.33 -15.95
CA THR C 765 9.15 12.26 -17.01
C THR C 765 8.91 13.70 -16.58
N GLY C 766 7.81 13.95 -15.86
CA GLY C 766 7.56 15.28 -15.36
C GLY C 766 8.61 15.73 -14.37
N ILE C 767 9.07 14.81 -13.51
CA ILE C 767 10.13 15.14 -12.57
C ILE C 767 11.41 15.49 -13.31
N ALA C 768 11.76 14.72 -14.34
CA ALA C 768 12.96 15.02 -15.11
C ALA C 768 12.86 16.37 -15.81
N VAL C 769 11.70 16.66 -16.40
CA VAL C 769 11.50 17.95 -17.06
C VAL C 769 11.58 19.08 -16.05
N GLU C 770 11.04 18.86 -14.84
CA GLU C 770 11.13 19.85 -13.78
C GLU C 770 12.58 20.10 -13.38
N GLN C 771 13.38 19.04 -13.29
CA GLN C 771 14.79 19.20 -12.96
C GLN C 771 15.51 20.00 -14.03
N ASP C 772 15.22 19.73 -15.31
CA ASP C 772 15.83 20.51 -16.38
C ASP C 772 15.42 21.97 -16.31
N LYS C 773 14.12 22.22 -16.06
CA LYS C 773 13.62 23.58 -15.99
C LYS C 773 14.20 24.34 -14.80
N ASN C 774 14.50 23.64 -13.71
CA ASN C 774 15.12 24.29 -12.56
C ASN C 774 16.44 24.95 -12.94
N THR C 775 17.32 24.19 -13.60
CA THR C 775 18.58 24.76 -14.07
C THR C 775 18.34 25.83 -15.13
N GLN C 776 17.44 25.56 -16.07
CA GLN C 776 17.14 26.52 -17.13
C GLN C 776 16.70 27.86 -16.56
N GLU C 777 16.00 27.85 -15.42
CA GLU C 777 15.51 29.08 -14.81
C GLU C 777 16.54 29.73 -13.90
N VAL C 778 17.28 28.94 -13.13
CA VAL C 778 18.24 29.53 -12.19
C VAL C 778 19.45 30.09 -12.91
N PHE C 779 19.87 29.49 -14.02
CA PHE C 779 21.11 29.91 -14.67
C PHE C 779 20.89 30.76 -15.90
N ALA C 780 20.03 30.31 -16.82
CA ALA C 780 19.80 31.03 -18.08
C ALA C 780 18.91 32.24 -17.81
N GLN C 781 19.50 33.25 -17.19
CA GLN C 781 18.81 34.51 -16.90
C GLN C 781 19.36 35.67 -17.71
N VAL C 782 20.26 35.41 -18.65
CA VAL C 782 20.86 36.45 -19.48
C VAL C 782 20.65 36.09 -20.94
N LYS C 783 20.22 37.08 -21.73
CA LYS C 783 19.99 36.87 -23.16
C LYS C 783 21.27 36.93 -23.98
N GLN C 784 22.38 37.37 -23.39
CA GLN C 784 23.65 37.46 -24.08
C GLN C 784 24.75 36.85 -23.23
N ILE C 785 25.75 36.29 -23.90
CA ILE C 785 26.89 35.67 -23.22
C ILE C 785 28.00 36.71 -23.24
N TYR C 786 28.06 37.52 -22.18
CA TYR C 786 29.07 38.55 -22.08
C TYR C 786 30.45 37.94 -21.86
N LYS C 787 31.46 38.55 -22.46
CA LYS C 787 32.84 38.10 -22.36
C LYS C 787 33.67 39.17 -21.67
N THR C 788 34.47 38.75 -20.69
CA THR C 788 35.33 39.69 -19.99
C THR C 788 36.42 40.22 -20.92
N PRO C 789 36.84 41.47 -20.75
CA PRO C 789 37.89 42.03 -21.60
C PRO C 789 39.21 41.34 -21.36
N PRO C 790 40.13 41.38 -22.33
CA PRO C 790 41.44 40.74 -22.13
C PRO C 790 42.21 41.30 -20.94
N ILE C 791 42.09 42.60 -20.68
CA ILE C 791 42.75 43.20 -19.51
C ILE C 791 41.92 42.90 -18.28
N LYS C 792 42.54 42.30 -17.27
CA LYS C 792 41.84 41.85 -16.06
C LYS C 792 42.10 42.77 -14.88
N TYR C 793 42.17 44.08 -15.12
CA TYR C 793 42.33 45.06 -14.05
C TYR C 793 40.99 45.74 -13.81
N PHE C 794 40.46 45.58 -12.59
CA PHE C 794 39.18 46.18 -12.20
C PHE C 794 39.40 46.93 -10.88
N GLY C 795 39.89 48.16 -10.98
CA GLY C 795 40.08 48.99 -9.79
C GLY C 795 40.99 48.38 -8.76
N GLY C 796 41.90 47.50 -9.16
CA GLY C 796 42.76 46.81 -8.24
C GLY C 796 42.19 45.53 -7.68
N PHE C 797 40.93 45.22 -7.95
CA PHE C 797 40.33 43.98 -7.48
C PHE C 797 40.86 42.81 -8.30
N ASN C 798 40.93 41.63 -7.67
CA ASN C 798 41.44 40.42 -8.29
C ASN C 798 40.30 39.42 -8.41
N PHE C 799 39.98 39.04 -9.65
CA PHE C 799 38.92 38.07 -9.93
C PHE C 799 39.45 36.83 -10.64
N SER C 800 40.75 36.57 -10.56
CA SER C 800 41.32 35.44 -11.27
C SER C 800 40.80 34.10 -10.78
N GLN C 801 40.34 34.03 -9.53
CA GLN C 801 39.87 32.76 -8.98
C GLN C 801 38.44 32.43 -9.41
N ILE C 802 37.70 33.39 -9.95
CA ILE C 802 36.32 33.14 -10.33
C ILE C 802 36.06 33.27 -11.82
N LEU C 803 36.87 34.02 -12.56
CA LEU C 803 36.72 34.03 -14.01
C LEU C 803 37.33 32.77 -14.61
N PRO C 804 36.73 32.24 -15.67
CA PRO C 804 37.29 31.04 -16.31
C PRO C 804 38.60 31.35 -17.02
N ASP C 805 39.40 30.30 -17.21
CA ASP C 805 40.64 30.42 -17.94
C ASP C 805 40.69 29.41 -19.08
N PRO C 806 41.30 29.76 -20.21
CA PRO C 806 41.37 28.83 -21.34
C PRO C 806 42.47 27.78 -21.21
N SER C 807 43.16 27.72 -20.08
CA SER C 807 44.23 26.75 -19.88
C SER C 807 43.73 25.38 -19.43
N LYS C 808 42.43 25.11 -19.57
CA LYS C 808 41.85 23.84 -19.19
C LYS C 808 40.85 23.39 -20.25
N PRO C 809 40.66 22.09 -20.43
CA PRO C 809 39.65 21.62 -21.38
C PRO C 809 38.24 22.08 -21.04
N SER C 810 37.92 22.17 -19.76
CA SER C 810 36.64 22.70 -19.30
C SER C 810 36.84 24.15 -18.87
N LYS C 811 36.08 25.06 -19.47
CA LYS C 811 36.23 26.48 -19.17
C LYS C 811 35.61 26.80 -17.82
N ARG C 812 36.27 26.41 -16.74
CA ARG C 812 35.79 26.63 -15.38
C ARG C 812 36.87 27.32 -14.57
N SER C 813 36.45 28.05 -13.54
CA SER C 813 37.37 28.75 -12.68
C SER C 813 37.97 27.80 -11.64
N PHE C 814 38.89 28.34 -10.84
CA PHE C 814 39.51 27.54 -9.78
C PHE C 814 38.48 27.09 -8.75
N ILE C 815 37.57 28.00 -8.37
CA ILE C 815 36.55 27.66 -7.38
C ILE C 815 35.62 26.59 -7.92
N GLU C 816 35.23 26.70 -9.19
CA GLU C 816 34.36 25.70 -9.78
C GLU C 816 35.05 24.34 -9.83
N ASP C 817 36.34 24.32 -10.16
CA ASP C 817 37.08 23.06 -10.17
C ASP C 817 37.16 22.46 -8.77
N LEU C 818 37.39 23.30 -7.76
CA LEU C 818 37.42 22.82 -6.38
C LEU C 818 36.08 22.22 -5.98
N LEU C 819 34.98 22.89 -6.33
CA LEU C 819 33.66 22.37 -6.00
C LEU C 819 33.41 21.04 -6.71
N PHE C 820 33.77 20.95 -7.98
CA PHE C 820 33.57 19.70 -8.72
C PHE C 820 34.37 18.57 -8.11
N ASN C 821 35.63 18.83 -7.74
CA ASN C 821 36.45 17.80 -7.11
C ASN C 821 35.87 17.42 -5.74
N LYS C 822 35.32 18.37 -5.02
CA LYS C 822 34.73 18.08 -3.72
C LYS C 822 33.50 17.18 -3.86
N VAL C 823 32.68 17.41 -4.89
CA VAL C 823 31.43 16.66 -5.04
C VAL C 823 31.61 15.38 -5.87
N THR C 824 32.68 15.28 -6.66
CA THR C 824 32.84 14.16 -7.58
C THR C 824 33.03 12.81 -6.89
N LEU C 825 32.96 12.75 -5.56
CA LEU C 825 33.03 11.46 -4.88
C LEU C 825 31.87 10.57 -5.28
N ALA C 826 30.66 11.14 -5.36
CA ALA C 826 29.48 10.42 -5.84
C ALA C 826 28.84 11.23 -6.95
N ASP C 827 28.53 10.57 -8.06
CA ASP C 827 27.91 11.23 -9.20
C ASP C 827 27.08 10.20 -9.97
N ALA C 828 26.61 10.60 -11.14
CA ALA C 828 25.83 9.69 -11.98
C ALA C 828 26.68 8.52 -12.45
N GLY C 829 27.94 8.77 -12.79
CA GLY C 829 28.82 7.72 -13.26
C GLY C 829 29.75 8.19 -14.37
N PHE C 830 29.42 9.33 -14.98
CA PHE C 830 30.18 10.00 -16.04
C PHE C 830 30.17 9.22 -17.34
N ILE C 831 29.59 8.03 -17.39
CA ILE C 831 29.48 7.24 -18.61
C ILE C 831 28.15 6.50 -18.60
N LYS C 832 27.45 6.55 -19.73
CA LYS C 832 26.17 5.86 -19.87
C LYS C 832 26.04 5.17 -21.23
N GLN C 833 27.16 4.82 -21.87
CA GLN C 833 27.15 4.30 -23.23
C GLN C 833 27.26 2.79 -23.30
N TYR C 834 27.19 2.09 -22.15
CA TYR C 834 27.18 0.63 -22.06
C TYR C 834 28.51 0.01 -22.48
N GLY C 835 29.48 0.81 -22.92
CA GLY C 835 30.72 0.24 -23.42
C GLY C 835 31.50 -0.51 -22.36
N ASP C 836 31.65 0.09 -21.18
CA ASP C 836 32.42 -0.50 -20.09
C ASP C 836 31.59 -1.41 -19.19
N CYS C 837 30.27 -1.46 -19.38
CA CYS C 837 29.39 -2.22 -18.48
C CYS C 837 29.31 -3.66 -18.98
N LEU C 838 30.40 -4.40 -18.74
CA LEU C 838 30.53 -5.79 -19.15
C LEU C 838 30.30 -5.96 -20.64
N ASP C 845 30.45 -1.03 -10.81
CA ASP C 845 29.62 -2.23 -10.71
C ASP C 845 28.32 -1.95 -9.97
N LEU C 846 28.19 -0.72 -9.47
CA LEU C 846 26.98 -0.32 -8.77
C LEU C 846 25.91 0.21 -9.72
N ILE C 847 26.31 1.07 -10.67
CA ILE C 847 25.37 1.57 -11.66
C ILE C 847 24.91 0.46 -12.60
N CYS C 848 25.80 -0.48 -12.90
CA CYS C 848 25.44 -1.57 -13.82
C CYS C 848 24.35 -2.44 -13.23
N ALA C 849 24.41 -2.72 -11.93
CA ALA C 849 23.38 -3.55 -11.30
C ALA C 849 22.03 -2.86 -11.35
N GLN C 850 21.99 -1.56 -11.08
CA GLN C 850 20.73 -0.83 -11.18
C GLN C 850 20.22 -0.79 -12.62
N LYS C 851 21.12 -0.60 -13.58
CA LYS C 851 20.72 -0.58 -14.98
C LYS C 851 20.13 -1.91 -15.41
N PHE C 852 20.71 -3.02 -14.94
CA PHE C 852 20.20 -4.34 -15.28
C PHE C 852 18.81 -4.60 -14.71
N LYS C 853 18.34 -3.76 -13.78
CA LYS C 853 16.99 -3.86 -13.25
C LYS C 853 16.09 -2.77 -13.81
N GLY C 854 16.45 -2.18 -14.94
CA GLY C 854 15.65 -1.13 -15.55
C GLY C 854 15.59 0.15 -14.77
N LEU C 855 16.72 0.59 -14.22
CA LEU C 855 16.81 1.83 -13.45
C LEU C 855 17.91 2.68 -14.11
N THR C 856 17.53 3.45 -15.12
CA THR C 856 18.47 4.26 -15.88
C THR C 856 18.46 5.71 -15.39
N VAL C 857 19.47 6.45 -15.81
CA VAL C 857 19.64 7.86 -15.45
C VAL C 857 19.65 8.68 -16.72
N LEU C 858 18.77 9.67 -16.79
CA LEU C 858 18.71 10.56 -17.95
C LEU C 858 19.72 11.69 -17.78
N PRO C 859 20.60 11.92 -18.76
CA PRO C 859 21.56 13.01 -18.63
C PRO C 859 20.87 14.35 -18.65
N PRO C 860 21.41 15.35 -17.94
CA PRO C 860 20.78 16.68 -17.93
C PRO C 860 20.86 17.33 -19.30
N LEU C 861 19.87 18.18 -19.59
CA LEU C 861 19.85 18.90 -20.86
C LEU C 861 21.04 19.85 -20.98
N LEU C 862 21.37 20.54 -19.90
CA LEU C 862 22.48 21.48 -19.88
C LEU C 862 23.72 20.78 -19.34
N THR C 863 24.77 20.74 -20.15
CA THR C 863 26.03 20.16 -19.71
C THR C 863 26.74 21.11 -18.75
N ASP C 864 27.78 20.59 -18.10
CA ASP C 864 28.55 21.41 -17.17
C ASP C 864 29.22 22.57 -17.88
N GLU C 865 29.62 22.38 -19.14
CA GLU C 865 30.26 23.46 -19.88
C GLU C 865 29.30 24.63 -20.10
N MET C 866 28.04 24.34 -20.43
CA MET C 866 27.08 25.41 -20.64
C MET C 866 26.73 26.13 -19.34
N ILE C 867 26.66 25.40 -18.23
CA ILE C 867 26.43 26.04 -16.94
C ILE C 867 27.61 26.93 -16.58
N ALA C 868 28.84 26.46 -16.86
CA ALA C 868 30.01 27.29 -16.63
C ALA C 868 29.99 28.53 -17.52
N GLN C 869 29.53 28.39 -18.76
CA GLN C 869 29.42 29.55 -19.64
C GLN C 869 28.40 30.55 -19.11
N TYR C 870 27.27 30.07 -18.60
CA TYR C 870 26.30 30.96 -17.98
C TYR C 870 26.90 31.70 -16.78
N THR C 871 27.64 30.98 -15.93
CA THR C 871 28.26 31.62 -14.78
C THR C 871 29.29 32.66 -15.21
N SER C 872 30.07 32.35 -16.26
CA SER C 872 31.05 33.30 -16.76
C SER C 872 30.37 34.53 -17.33
N ALA C 873 29.27 34.35 -18.06
CA ALA C 873 28.52 35.48 -18.58
C ALA C 873 27.96 36.34 -17.46
N LEU C 874 27.45 35.71 -16.40
CA LEU C 874 26.94 36.46 -15.25
C LEU C 874 28.07 37.23 -14.57
N LEU C 875 29.25 36.62 -14.44
CA LEU C 875 30.40 37.31 -13.86
C LEU C 875 30.77 38.51 -14.72
N ALA C 876 30.83 38.33 -16.03
CA ALA C 876 31.18 39.44 -16.91
C ALA C 876 30.16 40.57 -16.82
N GLY C 877 28.88 40.22 -16.77
CA GLY C 877 27.85 41.24 -16.64
C GLY C 877 27.93 41.99 -15.32
N THR C 878 28.14 41.28 -14.23
CA THR C 878 28.19 41.93 -12.92
C THR C 878 29.50 42.66 -12.68
N ILE C 879 30.55 42.37 -13.45
CA ILE C 879 31.82 43.06 -13.27
C ILE C 879 31.94 44.26 -14.19
N THR C 880 31.64 44.09 -15.48
CA THR C 880 31.81 45.17 -16.45
C THR C 880 30.59 46.06 -16.56
N SER C 881 29.45 45.70 -15.96
CA SER C 881 28.23 46.47 -16.11
C SER C 881 27.47 46.70 -14.81
N GLY C 882 27.80 46.02 -13.73
CA GLY C 882 27.07 46.17 -12.49
C GLY C 882 25.70 45.54 -12.55
N TRP C 883 24.66 46.30 -12.19
CA TRP C 883 23.29 45.83 -12.24
C TRP C 883 22.55 46.27 -13.49
N THR C 884 23.19 47.06 -14.35
CA THR C 884 22.50 47.57 -15.54
C THR C 884 22.17 46.45 -16.51
N PHE C 885 23.06 45.46 -16.64
CA PHE C 885 22.83 44.38 -17.58
C PHE C 885 21.64 43.52 -17.18
N GLY C 886 21.23 43.55 -15.92
CA GLY C 886 20.07 42.79 -15.48
C GLY C 886 18.75 43.45 -15.74
N ALA C 887 18.74 44.68 -16.27
CA ALA C 887 17.51 45.41 -16.54
C ALA C 887 17.51 45.98 -17.96
N GLY C 888 18.25 45.36 -18.87
CA GLY C 888 18.32 45.84 -20.23
C GLY C 888 19.69 45.65 -20.85
N ALA C 889 20.05 46.53 -21.78
CA ALA C 889 21.36 46.45 -22.40
C ALA C 889 22.45 46.74 -21.39
N ALA C 890 23.54 45.99 -21.46
CA ALA C 890 24.65 46.17 -20.53
C ALA C 890 25.35 47.50 -20.79
N LEU C 891 25.55 48.27 -19.73
CA LEU C 891 26.23 49.57 -19.82
C LEU C 891 27.56 49.46 -19.08
N GLN C 892 28.65 49.74 -19.78
CA GLN C 892 29.97 49.66 -19.16
C GLN C 892 30.13 50.73 -18.09
N ILE C 893 30.91 50.39 -17.06
CA ILE C 893 31.17 51.30 -15.95
C ILE C 893 32.42 50.82 -15.22
N PRO C 894 33.33 51.72 -14.85
CA PRO C 894 34.50 51.28 -14.08
C PRO C 894 34.08 50.62 -12.77
N PHE C 895 34.84 49.59 -12.38
CA PHE C 895 34.46 48.82 -11.19
C PHE C 895 34.51 49.67 -9.94
N ALA C 896 35.45 50.63 -9.88
CA ALA C 896 35.50 51.54 -8.75
C ALA C 896 34.21 52.34 -8.63
N MET C 897 33.69 52.82 -9.77
CA MET C 897 32.44 53.57 -9.74
C MET C 897 31.28 52.68 -9.30
N GLN C 898 31.26 51.43 -9.78
CA GLN C 898 30.20 50.52 -9.38
C GLN C 898 30.24 50.26 -7.87
N MET C 899 31.42 50.05 -7.32
CA MET C 899 31.53 49.83 -5.88
C MET C 899 31.16 51.09 -5.09
N ALA C 900 31.51 52.26 -5.63
CA ALA C 900 31.12 53.50 -4.96
C ALA C 900 29.61 53.67 -4.93
N TYR C 901 28.95 53.32 -6.02
CA TYR C 901 27.50 53.44 -6.06
C TYR C 901 26.83 52.39 -5.19
N ARG C 902 27.42 51.20 -5.07
CA ARG C 902 26.92 50.22 -4.13
C ARG C 902 27.08 50.70 -2.69
N PHE C 903 28.21 51.35 -2.38
CA PHE C 903 28.38 51.95 -1.06
C PHE C 903 27.34 53.02 -0.81
N ASN C 904 27.06 53.85 -1.81
CA ASN C 904 25.98 54.82 -1.70
C ASN C 904 24.65 54.13 -1.45
N GLY C 905 24.46 52.96 -2.05
CA GLY C 905 23.25 52.19 -1.81
C GLY C 905 23.13 51.69 -0.39
N ILE C 906 24.25 51.28 0.22
CA ILE C 906 24.21 50.78 1.60
C ILE C 906 24.29 51.94 2.58
N GLY C 907 24.28 53.16 2.08
CA GLY C 907 24.27 54.33 2.95
C GLY C 907 25.63 54.89 3.32
N VAL C 908 26.67 54.53 2.59
CA VAL C 908 28.02 55.04 2.83
C VAL C 908 28.40 55.96 1.68
N THR C 909 28.91 57.14 1.99
CA THR C 909 29.23 58.11 0.96
C THR C 909 30.32 57.58 0.04
N GLN C 910 30.32 58.07 -1.20
CA GLN C 910 31.22 57.54 -2.21
C GLN C 910 32.69 57.81 -1.89
N ASN C 911 32.98 58.91 -1.20
CA ASN C 911 34.37 59.26 -0.93
C ASN C 911 35.08 58.24 -0.06
N VAL C 912 34.33 57.44 0.71
CA VAL C 912 34.95 56.42 1.54
C VAL C 912 35.70 55.41 0.68
N LEU C 913 35.05 54.88 -0.35
CA LEU C 913 35.72 53.97 -1.25
C LEU C 913 36.81 54.68 -2.05
N TYR C 914 36.54 55.88 -2.54
CA TYR C 914 37.53 56.58 -3.33
C TYR C 914 38.75 56.98 -2.52
N GLU C 915 38.69 56.89 -1.19
CA GLU C 915 39.85 57.12 -0.35
C GLU C 915 40.46 55.83 0.23
N ASN C 916 39.69 54.74 0.29
CA ASN C 916 40.20 53.47 0.81
C ASN C 916 40.13 52.36 -0.23
N GLN C 917 40.26 52.71 -1.51
CA GLN C 917 40.18 51.71 -2.57
C GLN C 917 41.25 50.65 -2.44
N LYS C 918 42.49 51.04 -2.14
CA LYS C 918 43.56 50.07 -2.00
C LYS C 918 43.26 49.09 -0.86
N LEU C 919 42.83 49.62 0.28
CA LEU C 919 42.53 48.77 1.42
C LEU C 919 41.37 47.83 1.12
N ILE C 920 40.33 48.34 0.44
CA ILE C 920 39.17 47.52 0.15
C ILE C 920 39.52 46.43 -0.85
N ALA C 921 40.32 46.75 -1.86
CA ALA C 921 40.77 45.73 -2.80
C ALA C 921 41.60 44.66 -2.11
N ASN C 922 42.51 45.08 -1.22
CA ASN C 922 43.31 44.11 -0.49
C ASN C 922 42.43 43.21 0.38
N GLN C 923 41.44 43.79 1.05
CA GLN C 923 40.54 43.00 1.88
C GLN C 923 39.73 42.01 1.05
N PHE C 924 39.24 42.46 -0.12
CA PHE C 924 38.48 41.56 -0.98
C PHE C 924 39.35 40.42 -1.50
N ASN C 925 40.58 40.71 -1.90
CA ASN C 925 41.47 39.67 -2.38
C ASN C 925 41.81 38.68 -1.27
N SER C 926 42.05 39.19 -0.05
CA SER C 926 42.32 38.31 1.08
C SER C 926 41.11 37.42 1.38
N ALA C 927 39.90 37.99 1.31
CA ALA C 927 38.71 37.20 1.54
C ALA C 927 38.53 36.12 0.49
N ILE C 928 38.81 36.45 -0.78
CA ILE C 928 38.71 35.46 -1.85
C ILE C 928 39.71 34.34 -1.62
N GLY C 929 40.95 34.69 -1.25
CA GLY C 929 41.93 33.68 -0.94
C GLY C 929 41.53 32.81 0.23
N LYS C 930 40.94 33.41 1.26
CA LYS C 930 40.48 32.65 2.41
C LYS C 930 39.36 31.69 2.03
N ILE C 931 38.44 32.13 1.17
CA ILE C 931 37.38 31.25 0.69
C ILE C 931 37.96 30.09 -0.10
N GLN C 932 38.94 30.39 -0.96
CA GLN C 932 39.60 29.33 -1.72
C GLN C 932 40.28 28.31 -0.81
N ASP C 933 40.99 28.79 0.22
CA ASP C 933 41.65 27.90 1.15
C ASP C 933 40.65 27.07 1.93
N SER C 934 39.54 27.67 2.36
CA SER C 934 38.51 26.93 3.09
C SER C 934 37.89 25.85 2.22
N LEU C 935 37.62 26.16 0.96
CA LEU C 935 37.06 25.16 0.05
C LEU C 935 38.07 24.05 -0.23
N SER C 936 39.34 24.40 -0.38
CA SER C 936 40.38 23.40 -0.62
C SER C 936 40.67 22.54 0.61
N SER C 937 40.22 22.95 1.79
CA SER C 937 40.46 22.18 2.99
C SER C 937 39.65 20.88 2.97
N THR C 938 40.07 19.93 3.81
CA THR C 938 39.41 18.64 3.87
C THR C 938 37.98 18.76 4.38
N ALA C 939 37.70 19.76 5.21
CA ALA C 939 36.37 19.96 5.77
C ALA C 939 35.44 20.46 4.68
N SER C 940 34.70 19.54 4.06
CA SER C 940 33.82 19.88 2.96
C SER C 940 32.59 20.61 3.48
N ALA C 941 32.30 21.77 2.88
CA ALA C 941 31.13 22.57 3.23
C ALA C 941 29.94 22.30 2.31
N LEU C 942 30.11 21.47 1.29
CA LEU C 942 29.03 21.15 0.35
C LEU C 942 28.18 20.00 0.86
N GLY C 943 27.65 20.16 2.07
CA GLY C 943 26.86 19.09 2.66
C GLY C 943 25.55 18.84 1.93
N LYS C 944 24.92 19.89 1.42
CA LYS C 944 23.59 19.75 0.85
C LYS C 944 23.61 18.99 -0.47
N LEU C 945 24.56 19.31 -1.36
CA LEU C 945 24.62 18.62 -2.64
C LEU C 945 24.94 17.13 -2.45
N GLN C 946 25.92 16.83 -1.60
CA GLN C 946 26.23 15.45 -1.30
C GLN C 946 25.07 14.74 -0.62
N ASP C 947 24.31 15.45 0.22
CA ASP C 947 23.14 14.87 0.85
C ASP C 947 22.09 14.51 -0.19
N VAL C 948 21.88 15.39 -1.17
CA VAL C 948 20.91 15.10 -2.24
C VAL C 948 21.34 13.88 -3.03
N VAL C 949 22.63 13.83 -3.40
CA VAL C 949 23.13 12.70 -4.17
C VAL C 949 23.00 11.41 -3.37
N ASN C 950 23.33 11.46 -2.07
CA ASN C 950 23.22 10.28 -1.23
C ASN C 950 21.77 9.84 -1.09
N HIS C 951 20.84 10.79 -0.98
CA HIS C 951 19.43 10.44 -0.88
C HIS C 951 18.96 9.73 -2.15
N ASN C 952 19.33 10.25 -3.32
CA ASN C 952 18.94 9.61 -4.56
C ASN C 952 19.54 8.21 -4.68
N ALA C 953 20.83 8.09 -4.36
CA ALA C 953 21.49 6.79 -4.45
C ALA C 953 20.88 5.79 -3.48
N GLN C 954 20.54 6.24 -2.27
CA GLN C 954 19.94 5.36 -1.28
C GLN C 954 18.55 4.93 -1.72
N ALA C 955 17.78 5.84 -2.31
CA ALA C 955 16.47 5.47 -2.82
C ALA C 955 16.59 4.41 -3.91
N LEU C 956 17.53 4.60 -4.83
CA LEU C 956 17.73 3.60 -5.88
C LEU C 956 18.19 2.26 -5.28
N ASN C 957 19.09 2.30 -4.31
CA ASN C 957 19.60 1.08 -3.70
C ASN C 957 18.50 0.31 -2.97
N THR C 958 17.65 1.03 -2.22
CA THR C 958 16.57 0.34 -1.52
C THR C 958 15.51 -0.16 -2.51
N LEU C 959 15.28 0.55 -3.60
CA LEU C 959 14.37 0.04 -4.62
C LEU C 959 14.90 -1.25 -5.23
N VAL C 960 16.21 -1.32 -5.48
CA VAL C 960 16.81 -2.54 -5.99
C VAL C 960 16.70 -3.66 -4.96
N LYS C 961 17.01 -3.35 -3.70
CA LYS C 961 17.00 -4.37 -2.65
C LYS C 961 15.60 -4.86 -2.32
N GLN C 962 14.56 -4.09 -2.63
CA GLN C 962 13.19 -4.55 -2.41
C GLN C 962 12.83 -5.76 -3.24
N LEU C 963 13.60 -6.07 -4.28
CA LEU C 963 13.31 -7.23 -5.12
C LEU C 963 13.55 -8.55 -4.40
N SER C 964 14.36 -8.55 -3.34
CA SER C 964 14.67 -9.79 -2.63
C SER C 964 13.56 -10.24 -1.68
N SER C 965 12.59 -9.38 -1.41
CA SER C 965 11.52 -9.72 -0.47
C SER C 965 10.66 -10.84 -1.04
N LYS C 966 10.28 -11.77 -0.17
CA LYS C 966 9.44 -12.90 -0.59
C LYS C 966 8.02 -12.44 -0.91
N PHE C 967 7.54 -11.40 -0.23
CA PHE C 967 6.19 -10.88 -0.41
C PHE C 967 5.12 -11.92 -0.12
N GLY C 968 5.42 -12.87 0.75
CA GLY C 968 4.49 -13.92 1.11
C GLY C 968 4.40 -15.07 0.13
N ALA C 969 5.19 -15.06 -0.93
CA ALA C 969 5.17 -16.13 -1.91
C ALA C 969 6.22 -17.19 -1.58
N ILE C 970 6.25 -18.25 -2.38
CA ILE C 970 7.22 -19.33 -2.16
C ILE C 970 8.63 -18.81 -2.39
N SER C 971 8.84 -18.07 -3.47
CA SER C 971 10.18 -17.56 -3.79
C SER C 971 10.04 -16.20 -4.46
N SER C 972 11.12 -15.43 -4.39
CA SER C 972 11.15 -14.09 -4.96
C SER C 972 11.58 -14.09 -6.42
N VAL C 973 11.94 -15.24 -6.98
CA VAL C 973 12.35 -15.34 -8.37
C VAL C 973 11.18 -15.86 -9.18
N LEU C 974 10.92 -15.24 -10.33
CA LEU C 974 9.75 -15.58 -11.13
C LEU C 974 9.91 -16.92 -11.82
N ASN C 975 11.13 -17.25 -12.26
CA ASN C 975 11.33 -18.46 -13.05
C ASN C 975 10.99 -19.71 -12.26
N ASP C 976 11.47 -19.80 -11.02
CA ASP C 976 11.19 -20.98 -10.20
C ASP C 976 9.71 -21.09 -9.89
N ILE C 977 9.08 -19.98 -9.49
CA ILE C 977 7.66 -20.01 -9.14
C ILE C 977 6.79 -20.28 -10.37
N PHE C 978 7.29 -20.00 -11.57
CA PHE C 978 6.57 -20.38 -12.79
C PHE C 978 6.77 -21.85 -13.14
N SER C 979 7.98 -22.37 -12.95
CA SER C 979 8.32 -23.72 -13.37
C SER C 979 8.04 -24.75 -12.28
N ARG C 980 7.52 -24.35 -11.13
CA ARG C 980 7.30 -25.26 -10.02
C ARG C 980 5.84 -25.32 -9.57
N LEU C 981 5.17 -24.18 -9.48
CA LEU C 981 3.84 -24.12 -8.88
C LEU C 981 2.76 -24.30 -9.94
N ASP C 982 1.65 -24.91 -9.53
CA ASP C 982 0.59 -25.23 -10.47
C ASP C 982 -0.18 -23.95 -10.84
N PRO C 983 -0.57 -23.81 -12.10
CA PRO C 983 -1.04 -22.50 -12.62
C PRO C 983 -2.15 -21.87 -11.79
N PRO C 984 -3.25 -22.59 -11.48
CA PRO C 984 -4.41 -21.89 -10.88
C PRO C 984 -4.10 -21.20 -9.55
N GLU C 985 -3.21 -21.78 -8.75
CA GLU C 985 -2.75 -21.14 -7.52
C GLU C 985 -1.43 -20.40 -7.68
N ALA C 986 -0.62 -20.76 -8.68
CA ALA C 986 0.54 -19.93 -9.01
C ALA C 986 0.12 -18.54 -9.42
N GLU C 987 -1.11 -18.40 -9.95
CA GLU C 987 -1.62 -17.08 -10.32
C GLU C 987 -1.68 -16.16 -9.10
N VAL C 988 -2.28 -16.63 -8.01
CA VAL C 988 -2.37 -15.79 -6.81
C VAL C 988 -1.00 -15.67 -6.15
N GLN C 989 -0.20 -16.74 -6.20
CA GLN C 989 1.14 -16.67 -5.62
C GLN C 989 1.97 -15.58 -6.29
N ILE C 990 1.85 -15.44 -7.59
CA ILE C 990 2.56 -14.41 -8.32
C ILE C 990 1.87 -13.05 -8.21
N ASP C 991 0.54 -13.04 -8.07
CA ASP C 991 -0.18 -11.79 -7.87
C ASP C 991 0.25 -11.10 -6.59
N ARG C 992 0.49 -11.86 -5.53
CA ARG C 992 0.99 -11.27 -4.30
C ARG C 992 2.33 -10.58 -4.51
N LEU C 993 3.23 -11.26 -5.22
CA LEU C 993 4.55 -10.68 -5.51
C LEU C 993 4.44 -9.43 -6.38
N ILE C 994 3.56 -9.47 -7.38
CA ILE C 994 3.37 -8.32 -8.26
C ILE C 994 2.82 -7.14 -7.48
N THR C 995 1.84 -7.39 -6.60
CA THR C 995 1.31 -6.32 -5.78
C THR C 995 2.38 -5.72 -4.89
N GLY C 996 3.21 -6.56 -4.27
CA GLY C 996 4.27 -6.04 -3.42
C GLY C 996 5.26 -5.19 -4.19
N ARG C 997 5.72 -5.70 -5.34
CA ARG C 997 6.68 -4.94 -6.15
C ARG C 997 6.07 -3.63 -6.64
N LEU C 998 4.80 -3.67 -7.05
CA LEU C 998 4.14 -2.48 -7.56
C LEU C 998 3.97 -1.44 -6.44
N GLN C 999 3.65 -1.90 -5.23
CA GLN C 999 3.56 -0.98 -4.10
C GLN C 999 4.91 -0.37 -3.77
N SER C 1000 5.98 -1.17 -3.84
CA SER C 1000 7.31 -0.61 -3.61
C SER C 1000 7.66 0.45 -4.64
N LEU C 1001 7.35 0.18 -5.92
CA LEU C 1001 7.60 1.16 -6.96
C LEU C 1001 6.79 2.43 -6.74
N GLN C 1002 5.52 2.28 -6.34
CA GLN C 1002 4.68 3.44 -6.08
C GLN C 1002 5.23 4.26 -4.92
N THR C 1003 5.69 3.61 -3.86
CA THR C 1003 6.28 4.33 -2.74
C THR C 1003 7.54 5.07 -3.18
N TYR C 1004 8.37 4.42 -4.00
CA TYR C 1004 9.56 5.09 -4.52
C TYR C 1004 9.18 6.33 -5.34
N VAL C 1005 8.15 6.21 -6.17
CA VAL C 1005 7.73 7.34 -6.99
C VAL C 1005 7.20 8.47 -6.10
N THR C 1006 6.47 8.13 -5.05
CA THR C 1006 5.97 9.17 -4.13
C THR C 1006 7.12 9.88 -3.43
N GLN C 1007 8.11 9.12 -2.96
CA GLN C 1007 9.28 9.73 -2.34
C GLN C 1007 10.01 10.63 -3.33
N GLN C 1008 10.14 10.18 -4.59
CA GLN C 1008 10.79 10.99 -5.61
C GLN C 1008 10.01 12.27 -5.86
N LEU C 1009 8.68 12.20 -5.87
CA LEU C 1009 7.87 13.39 -6.07
C LEU C 1009 8.06 14.38 -4.92
N ILE C 1010 8.09 13.89 -3.69
CA ILE C 1010 8.28 14.76 -2.54
C ILE C 1010 9.65 15.42 -2.60
N ARG C 1011 10.69 14.64 -2.91
CA ARG C 1011 12.03 15.20 -3.03
C ARG C 1011 12.12 16.19 -4.18
N ALA C 1012 11.40 15.92 -5.27
CA ALA C 1012 11.38 16.84 -6.39
C ALA C 1012 10.71 18.16 -6.01
N ALA C 1013 9.64 18.10 -5.23
CA ALA C 1013 9.01 19.32 -4.75
C ALA C 1013 9.97 20.12 -3.87
N GLU C 1014 10.68 19.44 -2.97
CA GLU C 1014 11.65 20.13 -2.13
C GLU C 1014 12.77 20.76 -2.96
N ILE C 1015 13.27 20.02 -3.95
CA ILE C 1015 14.34 20.53 -4.80
C ILE C 1015 13.83 21.69 -5.65
N ARG C 1016 12.58 21.63 -6.09
CA ARG C 1016 12.01 22.74 -6.85
C ARG C 1016 11.89 23.99 -5.99
N ALA C 1017 11.48 23.84 -4.72
CA ALA C 1017 11.45 24.99 -3.83
C ALA C 1017 12.85 25.56 -3.62
N SER C 1018 13.84 24.69 -3.43
CA SER C 1018 15.21 25.15 -3.27
C SER C 1018 15.72 25.86 -4.52
N ALA C 1019 15.35 25.35 -5.70
CA ALA C 1019 15.79 25.95 -6.95
C ALA C 1019 15.11 27.29 -7.18
N ASN C 1020 13.83 27.41 -6.81
CA ASN C 1020 13.17 28.70 -6.88
C ASN C 1020 13.83 29.72 -5.96
N LEU C 1021 14.19 29.29 -4.75
CA LEU C 1021 14.90 30.18 -3.84
C LEU C 1021 16.25 30.57 -4.42
N ALA C 1022 16.96 29.62 -5.03
CA ALA C 1022 18.27 29.91 -5.61
C ALA C 1022 18.14 30.88 -6.78
N ALA C 1023 17.12 30.70 -7.62
CA ALA C 1023 16.90 31.62 -8.73
C ALA C 1023 16.56 33.02 -8.23
N THR C 1024 15.73 33.11 -7.19
CA THR C 1024 15.41 34.41 -6.61
C THR C 1024 16.66 35.07 -6.04
N LYS C 1025 17.49 34.30 -5.34
CA LYS C 1025 18.72 34.87 -4.78
C LYS C 1025 19.66 35.32 -5.88
N MET C 1026 19.81 34.52 -6.93
CA MET C 1026 20.65 34.92 -8.06
C MET C 1026 20.16 36.22 -8.67
N SER C 1027 18.85 36.31 -8.92
CA SER C 1027 18.28 37.50 -9.53
C SER C 1027 18.46 38.73 -8.65
N GLU C 1028 18.26 38.57 -7.33
CA GLU C 1028 18.23 39.72 -6.44
C GLU C 1028 19.59 40.12 -5.91
N CYS C 1029 20.59 39.25 -5.97
CA CYS C 1029 21.93 39.56 -5.47
C CYS C 1029 22.97 39.70 -6.55
N VAL C 1030 22.90 38.88 -7.61
CA VAL C 1030 23.90 38.97 -8.68
C VAL C 1030 23.50 40.05 -9.68
N LEU C 1031 22.25 40.03 -10.13
CA LEU C 1031 21.78 41.00 -11.11
C LEU C 1031 21.46 42.35 -10.49
N GLY C 1032 21.50 42.48 -9.18
CA GLY C 1032 21.21 43.74 -8.53
C GLY C 1032 21.64 43.71 -7.09
N GLN C 1033 21.46 44.85 -6.43
CA GLN C 1033 21.80 45.01 -5.03
C GLN C 1033 20.53 44.94 -4.19
N SER C 1034 20.52 44.07 -3.18
CA SER C 1034 19.33 43.80 -2.39
C SER C 1034 19.44 44.47 -1.03
N LYS C 1035 18.40 45.19 -0.64
CA LYS C 1035 18.32 45.82 0.67
C LYS C 1035 17.73 44.89 1.72
N ARG C 1036 17.35 43.67 1.36
CA ARG C 1036 16.84 42.72 2.33
C ARG C 1036 17.94 42.32 3.30
N VAL C 1037 17.60 42.28 4.58
CA VAL C 1037 18.59 42.02 5.62
C VAL C 1037 18.90 40.53 5.67
N ASP C 1038 20.19 40.20 5.63
CA ASP C 1038 20.68 38.83 5.76
C ASP C 1038 20.10 37.92 4.68
N PHE C 1039 19.82 38.47 3.50
CA PHE C 1039 19.36 37.66 2.37
C PHE C 1039 20.52 37.26 1.47
N CYS C 1040 21.31 38.23 1.03
CA CYS C 1040 22.51 37.96 0.24
C CYS C 1040 23.72 38.02 1.19
N GLY C 1041 23.88 36.95 1.96
CA GLY C 1041 24.96 36.88 2.92
C GLY C 1041 24.66 37.63 4.20
N LYS C 1042 25.64 37.66 5.09
CA LYS C 1042 25.52 38.30 6.39
C LYS C 1042 26.18 39.66 6.35
N GLY C 1043 25.44 40.70 6.71
CA GLY C 1043 25.93 42.06 6.68
C GLY C 1043 25.22 42.89 5.63
N TYR C 1044 25.78 44.06 5.38
CA TYR C 1044 25.25 44.95 4.34
C TYR C 1044 25.70 44.44 2.98
N HIS C 1045 24.78 43.88 2.21
CA HIS C 1045 25.14 43.28 0.94
C HIS C 1045 25.62 44.33 -0.05
N LEU C 1046 26.65 43.98 -0.83
CA LEU C 1046 27.16 44.84 -1.87
C LEU C 1046 26.92 44.24 -3.26
N MET C 1047 27.41 43.03 -3.52
CA MET C 1047 27.28 42.38 -4.81
C MET C 1047 27.81 40.96 -4.68
N SER C 1048 27.20 40.04 -5.43
CA SER C 1048 27.46 38.62 -5.28
C SER C 1048 28.01 38.03 -6.57
N PHE C 1049 28.56 36.82 -6.45
CA PHE C 1049 29.10 36.07 -7.57
C PHE C 1049 28.43 34.70 -7.65
N PRO C 1050 27.93 34.31 -8.82
CA PRO C 1050 27.48 32.92 -8.99
C PRO C 1050 28.62 32.02 -9.40
N GLN C 1051 28.62 30.81 -8.84
CA GLN C 1051 29.63 29.80 -9.16
C GLN C 1051 28.93 28.48 -9.42
N SER C 1052 29.31 27.81 -10.51
CA SER C 1052 28.70 26.54 -10.88
C SER C 1052 29.08 25.46 -9.88
N ALA C 1053 28.10 24.63 -9.53
CA ALA C 1053 28.31 23.51 -8.62
C ALA C 1053 27.59 22.29 -9.19
N PRO C 1054 28.05 21.09 -8.87
CA PRO C 1054 27.36 19.88 -9.34
C PRO C 1054 25.97 19.77 -8.71
N HIS C 1055 24.95 19.82 -9.56
CA HIS C 1055 23.55 19.75 -9.12
C HIS C 1055 23.23 20.88 -8.14
N GLY C 1056 23.75 22.06 -8.41
CA GLY C 1056 23.49 23.19 -7.55
C GLY C 1056 24.24 24.43 -8.00
N VAL C 1057 24.20 25.46 -7.16
CA VAL C 1057 24.89 26.72 -7.41
C VAL C 1057 25.46 27.22 -6.10
N VAL C 1058 26.61 27.89 -6.20
CA VAL C 1058 27.30 28.45 -5.04
C VAL C 1058 27.43 29.95 -5.23
N PHE C 1059 27.00 30.70 -4.22
CA PHE C 1059 27.03 32.16 -4.26
C PHE C 1059 28.16 32.67 -3.37
N LEU C 1060 28.85 33.70 -3.84
CA LEU C 1060 29.88 34.38 -3.07
C LEU C 1060 29.38 35.79 -2.77
N HIS C 1061 28.79 35.95 -1.58
CA HIS C 1061 28.20 37.22 -1.18
C HIS C 1061 29.28 38.12 -0.59
N VAL C 1062 29.47 39.29 -1.18
CA VAL C 1062 30.39 40.30 -0.69
C VAL C 1062 29.59 41.30 0.13
N THR C 1063 29.93 41.46 1.40
CA THR C 1063 29.16 42.28 2.31
C THR C 1063 30.07 43.28 3.01
N TYR C 1064 29.46 44.38 3.45
CA TYR C 1064 30.15 45.44 4.17
C TYR C 1064 29.86 45.29 5.65
N VAL C 1065 30.87 44.95 6.43
CA VAL C 1065 30.72 44.69 7.86
C VAL C 1065 31.40 45.81 8.62
N PRO C 1066 30.67 46.63 9.37
CA PRO C 1066 31.30 47.68 10.18
C PRO C 1066 32.15 47.09 11.29
N ALA C 1067 33.18 47.84 11.68
CA ALA C 1067 34.08 47.39 12.72
C ALA C 1067 34.74 48.59 13.37
N GLN C 1068 35.35 48.35 14.54
CA GLN C 1068 36.07 49.37 15.29
C GLN C 1068 35.17 50.56 15.64
N GLU C 1069 34.16 50.27 16.45
CA GLU C 1069 33.23 51.31 16.90
C GLU C 1069 33.79 52.04 18.11
N LYS C 1070 33.25 53.23 18.34
CA LYS C 1070 33.65 54.06 19.47
C LYS C 1070 32.43 54.69 20.11
N ASN C 1071 32.43 54.80 21.43
CA ASN C 1071 31.35 55.48 22.12
C ASN C 1071 31.36 56.96 21.80
N PHE C 1072 30.17 57.54 21.71
CA PHE C 1072 30.03 58.96 21.41
C PHE C 1072 28.78 59.50 22.09
N THR C 1073 28.87 60.73 22.57
CA THR C 1073 27.70 61.42 23.11
C THR C 1073 26.91 62.04 21.97
N THR C 1074 25.61 61.74 21.92
CA THR C 1074 24.77 62.15 20.81
C THR C 1074 23.55 62.90 21.33
N ALA C 1075 23.01 63.77 20.48
CA ALA C 1075 21.81 64.53 20.78
C ALA C 1075 20.86 64.49 19.60
N PRO C 1076 19.56 64.35 19.86
CA PRO C 1076 18.59 64.32 18.76
C PRO C 1076 18.57 65.58 17.92
N ALA C 1077 18.81 66.74 18.52
CA ALA C 1077 18.73 68.01 17.79
C ALA C 1077 19.67 69.02 18.42
N ILE C 1078 19.95 70.08 17.67
CA ILE C 1078 20.85 71.14 18.08
C ILE C 1078 20.09 72.46 18.03
N CYS C 1079 20.18 73.23 19.11
CA CYS C 1079 19.53 74.54 19.20
C CYS C 1079 20.57 75.64 19.01
N HIS C 1080 20.31 76.55 18.07
CA HIS C 1080 21.23 77.64 17.77
C HIS C 1080 20.65 79.00 18.13
N ASP C 1081 19.49 79.35 17.59
CA ASP C 1081 18.87 80.65 17.81
C ASP C 1081 17.40 80.49 18.14
N GLY C 1082 17.10 79.57 19.06
CA GLY C 1082 15.74 79.29 19.42
C GLY C 1082 14.98 78.41 18.46
N LYS C 1083 15.63 77.91 17.41
CA LYS C 1083 15.02 77.01 16.45
C LYS C 1083 15.83 75.72 16.38
N ALA C 1084 15.13 74.60 16.41
CA ALA C 1084 15.80 73.30 16.45
C ALA C 1084 16.40 72.97 15.08
N HIS C 1085 17.55 72.29 15.12
CA HIS C 1085 18.23 71.82 13.92
C HIS C 1085 18.31 70.30 13.96
N PHE C 1086 17.97 69.66 12.85
CA PHE C 1086 18.03 68.21 12.76
C PHE C 1086 18.96 67.80 11.60
N PRO C 1087 19.73 66.74 11.76
CA PRO C 1087 20.65 66.34 10.68
C PRO C 1087 19.87 65.93 9.44
N ARG C 1088 20.45 66.25 8.27
CA ARG C 1088 19.79 65.90 7.02
C ARG C 1088 19.94 64.41 6.71
N GLU C 1089 21.17 63.90 6.75
CA GLU C 1089 21.43 62.50 6.43
C GLU C 1089 22.48 61.89 7.35
N GLY C 1090 22.61 62.40 8.57
CA GLY C 1090 23.59 61.88 9.50
C GLY C 1090 23.14 61.92 10.94
N VAL C 1091 24.09 61.82 11.87
CA VAL C 1091 23.83 61.88 13.30
C VAL C 1091 24.70 62.96 13.93
N PHE C 1092 24.26 63.47 15.07
CA PHE C 1092 25.02 64.45 15.82
C PHE C 1092 25.91 63.72 16.81
N VAL C 1093 27.22 63.96 16.70
CA VAL C 1093 28.22 63.24 17.49
C VAL C 1093 29.13 64.26 18.16
N SER C 1094 29.37 64.07 19.46
CA SER C 1094 30.27 64.92 20.23
C SER C 1094 31.42 64.07 20.76
N ASN C 1095 32.65 64.53 20.53
CA ASN C 1095 33.82 63.82 21.03
C ASN C 1095 34.17 64.20 22.47
N GLY C 1096 33.44 65.13 23.07
CA GLY C 1096 33.67 65.52 24.44
C GLY C 1096 33.66 67.02 24.64
N THR C 1097 34.13 67.76 23.64
CA THR C 1097 34.15 69.21 23.69
C THR C 1097 33.32 69.85 22.59
N HIS C 1098 33.47 69.40 21.36
CA HIS C 1098 32.76 69.96 20.21
C HIS C 1098 31.65 69.01 19.77
N TRP C 1099 30.84 69.49 18.82
CA TRP C 1099 29.75 68.72 18.25
C TRP C 1099 29.96 68.59 16.75
N PHE C 1100 29.70 67.40 16.22
CA PHE C 1100 29.91 67.11 14.81
C PHE C 1100 28.76 66.29 14.26
N VAL C 1101 28.61 66.35 12.93
CA VAL C 1101 27.64 65.54 12.21
C VAL C 1101 28.40 64.57 11.32
N THR C 1102 27.95 63.32 11.29
CA THR C 1102 28.64 62.29 10.53
C THR C 1102 27.63 61.26 10.04
N GLN C 1103 28.02 60.55 8.98
CA GLN C 1103 27.17 59.51 8.43
C GLN C 1103 27.06 58.35 9.42
N ARG C 1104 25.96 57.60 9.31
CA ARG C 1104 25.66 56.56 10.29
C ARG C 1104 26.68 55.43 10.26
N ASN C 1105 27.04 54.95 9.07
CA ASN C 1105 27.82 53.73 8.94
C ASN C 1105 29.32 53.96 8.97
N PHE C 1106 29.79 55.20 9.06
CA PHE C 1106 31.21 55.48 9.08
C PHE C 1106 31.44 56.78 9.84
N TYR C 1107 32.54 56.83 10.59
CA TYR C 1107 32.88 58.02 11.36
C TYR C 1107 33.57 59.02 10.44
N GLU C 1108 32.83 60.01 9.97
CA GLU C 1108 33.36 61.10 9.16
C GLU C 1108 32.89 62.42 9.77
N PRO C 1109 33.47 62.83 10.89
CA PRO C 1109 32.99 64.03 11.57
C PRO C 1109 33.15 65.27 10.70
N GLN C 1110 32.16 66.17 10.81
CA GLN C 1110 32.17 67.42 10.06
C GLN C 1110 31.54 68.50 10.92
N ILE C 1111 31.93 69.75 10.67
CA ILE C 1111 31.39 70.86 11.44
C ILE C 1111 29.93 71.07 11.10
N ILE C 1112 29.14 71.42 12.10
CA ILE C 1112 27.71 71.65 11.89
C ILE C 1112 27.54 72.93 11.07
N THR C 1113 26.73 72.84 10.03
CA THR C 1113 26.48 73.98 9.15
C THR C 1113 25.04 73.93 8.66
N THR C 1114 24.57 75.08 8.17
CA THR C 1114 23.21 75.16 7.65
C THR C 1114 23.01 74.29 6.41
N ASP C 1115 24.10 73.90 5.74
CA ASP C 1115 24.01 73.01 4.60
C ASP C 1115 23.93 71.54 4.99
N ASN C 1116 24.13 71.22 6.28
CA ASN C 1116 24.04 69.85 6.77
C ASN C 1116 22.80 69.59 7.61
N THR C 1117 22.03 70.62 7.96
CA THR C 1117 20.88 70.46 8.83
C THR C 1117 19.73 71.32 8.30
N PHE C 1118 18.52 70.95 8.70
CA PHE C 1118 17.31 71.69 8.35
C PHE C 1118 16.58 72.11 9.61
N VAL C 1119 16.04 73.31 9.58
CA VAL C 1119 15.36 73.90 10.74
C VAL C 1119 13.90 73.44 10.74
N SER C 1120 13.43 73.01 11.92
CA SER C 1120 12.03 72.61 12.07
C SER C 1120 11.61 72.90 13.50
N GLY C 1121 10.71 73.87 13.67
CA GLY C 1121 10.18 74.20 14.97
C GLY C 1121 11.19 74.93 15.85
N ASN C 1122 10.87 74.96 17.14
CA ASN C 1122 11.71 75.58 18.16
C ASN C 1122 12.33 74.52 19.05
N CYS C 1123 13.06 74.96 20.06
CA CYS C 1123 13.81 74.08 20.94
C CYS C 1123 13.06 73.74 22.22
N ASP C 1124 11.82 74.18 22.38
CA ASP C 1124 11.05 73.94 23.59
C ASP C 1124 10.18 72.70 23.51
N VAL C 1125 10.26 71.93 22.42
CA VAL C 1125 9.41 70.76 22.25
C VAL C 1125 10.20 69.47 22.13
N VAL C 1126 11.44 69.49 21.66
CA VAL C 1126 12.25 68.29 21.48
C VAL C 1126 13.03 68.03 22.76
N ILE C 1127 12.88 66.83 23.31
CA ILE C 1127 13.60 66.44 24.52
C ILE C 1127 14.99 65.95 24.13
N GLY C 1128 15.98 66.31 24.94
CA GLY C 1128 17.35 65.93 24.68
C GLY C 1128 18.11 66.87 23.76
N ILE C 1129 17.50 67.97 23.34
CA ILE C 1129 18.19 68.92 22.47
C ILE C 1129 19.33 69.58 23.24
N VAL C 1130 20.44 69.82 22.55
CA VAL C 1130 21.66 70.36 23.15
C VAL C 1130 22.04 71.64 22.43
N ASN C 1131 22.33 72.68 23.19
CA ASN C 1131 22.76 73.95 22.61
C ASN C 1131 24.11 73.78 21.92
N ASN C 1132 24.21 74.34 20.71
CA ASN C 1132 25.46 74.37 19.97
C ASN C 1132 25.31 75.34 18.80
N THR C 1133 26.40 75.99 18.44
CA THR C 1133 26.38 76.94 17.34
C THR C 1133 26.34 76.21 16.01
N VAL C 1134 25.70 76.84 15.02
CA VAL C 1134 25.66 76.36 13.65
C VAL C 1134 26.25 77.43 12.75
N TYR C 1135 27.23 77.05 11.93
CA TYR C 1135 27.98 78.00 11.15
C TYR C 1135 27.33 78.19 9.79
N ASP C 1136 26.98 79.44 9.47
CA ASP C 1136 26.47 79.78 8.16
C ASP C 1136 27.63 80.24 7.29
N PRO C 1137 27.94 79.54 6.20
CA PRO C 1137 29.16 79.85 5.45
C PRO C 1137 29.02 81.01 4.49
N LEU C 1138 27.99 81.84 4.65
CA LEU C 1138 27.72 82.92 3.72
C LEU C 1138 28.00 84.30 4.31
N GLN C 1139 27.37 84.65 5.43
CA GLN C 1139 27.48 86.00 5.97
C GLN C 1139 28.90 86.40 6.39
N PRO C 1140 29.66 85.56 7.12
CA PRO C 1140 30.95 86.05 7.64
C PRO C 1140 32.02 86.16 6.57
N GLU C 1141 31.87 85.45 5.44
CA GLU C 1141 32.86 85.51 4.37
C GLU C 1141 32.45 86.44 3.24
N LEU C 1142 31.23 86.30 2.75
CA LEU C 1142 30.75 87.15 1.65
C LEU C 1142 30.12 88.42 2.20
N ASP C 1143 30.97 89.23 2.83
CA ASP C 1143 30.57 90.51 3.40
C ASP C 1143 30.70 91.66 2.40
N SER C 1144 31.23 91.40 1.21
CA SER C 1144 31.41 92.43 0.20
C SER C 1144 30.42 92.25 -0.95
N THR D 7 -35.47 -84.92 17.06
CA THR D 7 -35.60 -84.01 18.20
C THR D 7 -34.81 -84.51 19.40
N ASN D 8 -34.67 -85.84 19.47
CA ASN D 8 -33.99 -86.55 20.56
C ASN D 8 -34.32 -85.96 21.93
N MET D 9 -33.33 -85.91 22.82
CA MET D 9 -33.54 -85.43 24.18
C MET D 9 -32.88 -84.08 24.44
N LEU D 10 -31.85 -83.73 23.67
CA LEU D 10 -31.19 -82.44 23.85
C LEU D 10 -32.15 -81.28 23.56
N GLU D 11 -32.96 -81.41 22.51
CA GLU D 11 -33.94 -80.35 22.21
C GLU D 11 -34.97 -80.22 23.32
N ALA D 12 -35.42 -81.34 23.89
CA ALA D 12 -36.35 -81.29 25.00
C ALA D 12 -35.73 -80.59 26.20
N LEU D 13 -34.47 -80.91 26.52
CA LEU D 13 -33.80 -80.24 27.62
C LEU D 13 -33.66 -78.75 27.34
N GLN D 14 -33.31 -78.37 26.10
CA GLN D 14 -33.19 -76.96 25.77
C GLN D 14 -34.51 -76.23 25.93
N GLN D 15 -35.60 -76.84 25.48
CA GLN D 15 -36.92 -76.22 25.62
C GLN D 15 -37.30 -76.05 27.08
N ARG D 16 -37.09 -77.11 27.89
CA ARG D 16 -37.42 -77.04 29.30
C ARG D 16 -36.61 -75.98 30.02
N LEU D 17 -35.30 -75.91 29.72
CA LEU D 17 -34.45 -74.90 30.34
C LEU D 17 -34.87 -73.50 29.93
N GLN D 18 -35.22 -73.31 28.65
CA GLN D 18 -35.67 -72.00 28.20
C GLN D 18 -36.94 -71.58 28.93
N PHE D 19 -37.91 -72.49 29.04
CA PHE D 19 -39.17 -72.15 29.72
C PHE D 19 -38.92 -71.85 31.19
N TYR D 20 -38.09 -72.65 31.85
CA TYR D 20 -37.87 -72.45 33.28
C TYR D 20 -37.05 -71.20 33.56
N HIS D 21 -36.11 -70.86 32.68
CA HIS D 21 -35.37 -69.61 32.86
C HIS D 21 -36.23 -68.39 32.54
N GLY D 22 -37.17 -68.52 31.60
CA GLY D 22 -38.16 -67.46 31.43
C GLY D 22 -39.02 -67.29 32.66
N GLN D 23 -39.39 -68.40 33.30
CA GLN D 23 -40.10 -68.33 34.58
C GLN D 23 -39.25 -67.66 35.65
N VAL D 24 -37.95 -67.95 35.66
CA VAL D 24 -37.04 -67.28 36.60
C VAL D 24 -37.03 -65.79 36.35
N ALA D 25 -36.97 -65.38 35.08
CA ALA D 25 -36.99 -63.95 34.75
C ALA D 25 -38.30 -63.30 35.18
N ARG D 26 -39.42 -63.99 34.98
CA ARG D 26 -40.70 -63.45 35.41
C ARG D 26 -40.75 -63.31 36.93
N ALA D 27 -40.22 -64.30 37.65
CA ALA D 27 -40.19 -64.22 39.11
C ALA D 27 -39.30 -63.07 39.59
N ALA D 28 -38.17 -62.85 38.91
CA ALA D 28 -37.32 -61.71 39.23
C ALA D 28 -38.03 -60.40 38.97
N LEU D 29 -38.78 -60.33 37.87
CA LEU D 29 -39.55 -59.12 37.57
C LEU D 29 -40.62 -58.86 38.63
N GLU D 30 -41.30 -59.91 39.08
CA GLU D 30 -42.32 -59.78 40.12
C GLU D 30 -41.72 -59.65 41.51
N ASN D 31 -40.40 -59.80 41.65
CA ASN D 31 -39.70 -59.57 42.91
C ASN D 31 -40.18 -60.50 44.02
N ASN D 32 -40.39 -61.77 43.67
CA ASN D 32 -40.73 -62.81 44.64
C ASN D 32 -39.44 -63.58 44.94
N SER D 33 -38.86 -63.33 46.11
CA SER D 33 -37.55 -63.88 46.43
C SER D 33 -37.61 -65.41 46.55
N GLY D 34 -38.55 -65.92 47.35
CA GLY D 34 -38.61 -67.36 47.57
C GLY D 34 -38.97 -68.13 46.31
N LYS D 35 -39.93 -67.64 45.53
CA LYS D 35 -40.32 -68.30 44.30
C LYS D 35 -39.18 -68.30 43.28
N ALA D 36 -38.49 -67.16 43.16
CA ALA D 36 -37.34 -67.08 42.27
C ALA D 36 -36.22 -68.02 42.71
N ARG D 37 -36.00 -68.13 44.03
CA ARG D 37 -34.99 -69.06 44.53
C ARG D 37 -35.38 -70.51 44.23
N ARG D 38 -36.67 -70.83 44.37
CA ARG D 38 -37.13 -72.18 44.05
C ARG D 38 -36.89 -72.51 42.58
N PHE D 39 -37.27 -71.59 41.68
CA PHE D 39 -36.97 -71.80 40.27
C PHE D 39 -35.47 -71.84 39.99
N GLY D 40 -34.67 -71.11 40.76
CA GLY D 40 -33.22 -71.18 40.59
C GLY D 40 -32.67 -72.55 40.95
N ARG D 41 -33.17 -73.12 42.05
CA ARG D 41 -32.78 -74.49 42.40
C ARG D 41 -33.22 -75.49 41.33
N ILE D 42 -34.43 -75.30 40.78
CA ILE D 42 -34.89 -76.17 39.71
C ILE D 42 -33.97 -76.05 38.49
N VAL D 43 -33.58 -74.83 38.13
CA VAL D 43 -32.70 -74.63 36.99
C VAL D 43 -31.33 -75.24 37.25
N LYS D 44 -30.84 -75.14 38.49
CA LYS D 44 -29.57 -75.79 38.84
C LYS D 44 -29.65 -77.30 38.69
N GLN D 45 -30.76 -77.89 39.14
CA GLN D 45 -30.95 -79.33 38.99
C GLN D 45 -30.99 -79.72 37.52
N TYR D 46 -31.68 -78.94 36.70
CA TYR D 46 -31.75 -79.24 35.27
C TYR D 46 -30.40 -79.05 34.59
N GLU D 47 -29.61 -78.07 35.02
CA GLU D 47 -28.25 -77.91 34.49
C GLU D 47 -27.38 -79.10 34.85
N ASP D 48 -27.50 -79.58 36.09
CA ASP D 48 -26.78 -80.79 36.49
C ASP D 48 -27.21 -81.99 35.67
N ALA D 49 -28.51 -82.10 35.39
CA ALA D 49 -29.01 -83.18 34.54
C ALA D 49 -28.45 -83.08 33.12
N ILE D 50 -28.36 -81.85 32.60
CA ILE D 50 -27.79 -81.65 31.26
C ILE D 50 -26.33 -82.07 31.24
N LYS D 51 -25.56 -81.68 32.27
CA LYS D 51 -24.17 -82.07 32.34
C LYS D 51 -24.03 -83.59 32.45
N LEU D 52 -24.92 -84.22 33.21
CA LEU D 52 -24.91 -85.68 33.33
C LEU D 52 -25.20 -86.34 31.99
N TYR D 53 -26.18 -85.81 31.25
CA TYR D 53 -26.53 -86.42 29.97
C TYR D 53 -25.44 -86.21 28.93
N LYS D 54 -24.75 -85.07 28.97
CA LYS D 54 -23.67 -84.82 28.02
C LYS D 54 -22.52 -85.79 28.23
N ALA D 55 -22.23 -86.15 29.50
CA ALA D 55 -21.17 -87.09 29.79
C ALA D 55 -21.51 -88.51 29.37
N GLY D 56 -22.77 -88.79 29.02
CA GLY D 56 -23.19 -90.10 28.59
C GLY D 56 -23.92 -90.92 29.64
N LYS D 57 -23.94 -90.46 30.88
CA LYS D 57 -24.65 -91.17 31.92
C LYS D 57 -26.16 -91.11 31.68
N PRO D 58 -26.91 -92.14 32.06
CA PRO D 58 -28.35 -92.16 31.79
C PRO D 58 -29.08 -91.07 32.55
N VAL D 59 -29.81 -90.24 31.81
CA VAL D 59 -30.60 -89.17 32.42
C VAL D 59 -31.93 -89.74 32.90
N PRO D 60 -32.36 -89.44 34.12
CA PRO D 60 -33.65 -89.94 34.60
C PRO D 60 -34.81 -89.08 34.10
N TYR D 61 -36.02 -89.60 34.34
CA TYR D 61 -37.25 -88.92 33.95
C TYR D 61 -38.10 -88.53 35.15
N ASP D 62 -38.35 -89.46 36.07
CA ASP D 62 -39.22 -89.17 37.21
C ASP D 62 -38.53 -88.29 38.24
N GLU D 63 -37.19 -88.31 38.29
CA GLU D 63 -36.46 -87.49 39.26
C GLU D 63 -36.67 -86.01 38.98
N LEU D 64 -36.65 -85.62 37.71
CA LEU D 64 -36.89 -84.23 37.36
C LEU D 64 -38.35 -83.86 37.61
N PRO D 65 -38.62 -82.57 37.88
CA PRO D 65 -40.02 -82.15 38.06
C PRO D 65 -40.84 -82.38 36.80
N VAL D 66 -42.13 -82.65 37.00
CA VAL D 66 -43.02 -82.94 35.88
C VAL D 66 -43.13 -81.71 34.98
N PRO D 67 -42.91 -81.83 33.68
CA PRO D 67 -42.98 -80.67 32.79
C PRO D 67 -44.40 -80.17 32.66
N PRO D 68 -44.59 -78.89 32.35
CA PRO D 68 -45.94 -78.38 32.08
C PRO D 68 -46.44 -78.82 30.71
N GLY D 69 -47.59 -78.30 30.30
CA GLY D 69 -48.16 -78.68 29.02
C GLY D 69 -47.44 -78.06 27.83
N PHE D 70 -46.20 -78.47 27.62
CA PHE D 70 -45.41 -77.95 26.50
C PHE D 70 -45.94 -78.49 25.18
N GLY D 71 -45.85 -77.65 24.15
CA GLY D 71 -46.32 -78.04 22.83
C GLY D 71 -45.29 -78.82 22.03
N THR E 7 16.89 -59.40 -27.77
CA THR E 7 15.53 -59.16 -28.24
C THR E 7 14.56 -60.17 -27.65
N ASN E 8 15.13 -61.20 -27.00
CA ASN E 8 14.43 -62.31 -26.34
C ASN E 8 13.06 -62.61 -26.93
N MET E 9 12.04 -62.71 -26.08
CA MET E 9 10.68 -62.97 -26.52
C MET E 9 9.69 -61.87 -26.16
N LEU E 10 10.02 -61.00 -25.21
CA LEU E 10 9.07 -59.97 -24.78
C LEU E 10 8.74 -59.00 -25.91
N GLU E 11 9.75 -58.64 -26.72
CA GLU E 11 9.51 -57.72 -27.82
C GLU E 11 8.52 -58.33 -28.83
N ALA E 12 8.74 -59.60 -29.19
CA ALA E 12 7.82 -60.26 -30.12
C ALA E 12 6.43 -60.39 -29.51
N LEU E 13 6.35 -60.70 -28.22
CA LEU E 13 5.05 -60.86 -27.57
C LEU E 13 4.29 -59.54 -27.54
N GLN E 14 4.98 -58.44 -27.24
CA GLN E 14 4.28 -57.15 -27.19
C GLN E 14 3.93 -56.67 -28.60
N GLN E 15 4.73 -57.01 -29.60
CA GLN E 15 4.34 -56.72 -30.98
C GLN E 15 3.07 -57.49 -31.36
N ARG E 16 3.01 -58.76 -30.95
CA ARG E 16 1.80 -59.55 -31.16
C ARG E 16 0.60 -58.91 -30.46
N LEU E 17 0.81 -58.47 -29.22
CA LEU E 17 -0.27 -57.80 -28.48
C LEU E 17 -0.78 -56.57 -29.23
N GLN E 18 0.14 -55.71 -29.68
CA GLN E 18 -0.28 -54.50 -30.37
C GLN E 18 -0.99 -54.83 -31.68
N PHE E 19 -0.48 -55.82 -32.42
CA PHE E 19 -1.08 -56.16 -33.71
C PHE E 19 -2.49 -56.71 -33.53
N TYR E 20 -2.71 -57.56 -32.53
CA TYR E 20 -4.05 -58.09 -32.33
C TYR E 20 -4.98 -57.09 -31.63
N HIS E 21 -4.43 -56.11 -30.89
CA HIS E 21 -5.28 -55.00 -30.47
C HIS E 21 -5.73 -54.16 -31.67
N GLY E 22 -4.84 -53.97 -32.63
CA GLY E 22 -5.26 -53.31 -33.87
C GLY E 22 -6.34 -54.10 -34.59
N GLN E 23 -6.20 -55.43 -34.63
CA GLN E 23 -7.25 -56.26 -35.21
C GLN E 23 -8.55 -56.17 -34.42
N VAL E 24 -8.46 -56.07 -33.09
CA VAL E 24 -9.65 -55.89 -32.27
C VAL E 24 -10.35 -54.60 -32.64
N ALA E 25 -9.58 -53.53 -32.85
CA ALA E 25 -10.16 -52.27 -33.31
C ALA E 25 -10.82 -52.43 -34.68
N ARG E 26 -10.17 -53.18 -35.58
CA ARG E 26 -10.75 -53.45 -36.88
C ARG E 26 -12.12 -54.12 -36.74
N ALA E 27 -12.18 -55.18 -35.94
CA ALA E 27 -13.43 -55.92 -35.78
C ALA E 27 -14.49 -55.06 -35.11
N ALA E 28 -14.10 -54.26 -34.12
CA ALA E 28 -15.06 -53.39 -33.44
C ALA E 28 -15.64 -52.36 -34.39
N LEU E 29 -14.81 -51.76 -35.25
CA LEU E 29 -15.32 -50.78 -36.20
C LEU E 29 -16.15 -51.45 -37.29
N GLU E 30 -15.84 -52.70 -37.65
CA GLU E 30 -16.61 -53.40 -38.66
C GLU E 30 -18.02 -53.73 -38.19
N ASN E 31 -18.31 -53.58 -36.91
CA ASN E 31 -19.64 -53.81 -36.32
C ASN E 31 -20.10 -55.25 -36.47
N ASN E 32 -19.17 -56.21 -36.50
CA ASN E 32 -19.49 -57.62 -36.49
C ASN E 32 -19.09 -58.20 -35.13
N SER E 33 -20.05 -58.80 -34.44
CA SER E 33 -19.87 -59.14 -33.03
C SER E 33 -18.90 -60.31 -32.85
N GLY E 34 -19.22 -61.46 -33.46
CA GLY E 34 -18.48 -62.67 -33.17
C GLY E 34 -17.00 -62.58 -33.48
N LYS E 35 -16.64 -61.84 -34.53
CA LYS E 35 -15.25 -61.76 -34.93
C LYS E 35 -14.45 -60.99 -33.88
N ALA E 36 -15.06 -59.93 -33.35
CA ALA E 36 -14.46 -59.18 -32.23
C ALA E 36 -14.39 -60.04 -30.97
N ARG E 37 -15.43 -60.85 -30.70
CA ARG E 37 -15.38 -61.70 -29.52
C ARG E 37 -14.29 -62.76 -29.59
N ARG E 38 -14.10 -63.37 -30.76
CA ARG E 38 -12.99 -64.31 -30.89
C ARG E 38 -11.65 -63.60 -30.78
N PHE E 39 -11.55 -62.37 -31.28
CA PHE E 39 -10.34 -61.60 -31.00
C PHE E 39 -10.17 -61.36 -29.50
N GLY E 40 -11.26 -61.15 -28.77
CA GLY E 40 -11.15 -60.94 -27.34
C GLY E 40 -10.61 -62.15 -26.60
N ARG E 41 -11.12 -63.34 -26.97
CA ARG E 41 -10.58 -64.56 -26.40
C ARG E 41 -9.11 -64.76 -26.76
N ILE E 42 -8.75 -64.50 -28.02
CA ILE E 42 -7.35 -64.66 -28.43
C ILE E 42 -6.45 -63.70 -27.65
N VAL E 43 -6.87 -62.45 -27.51
CA VAL E 43 -6.01 -61.48 -26.85
C VAL E 43 -5.89 -61.79 -25.36
N LYS E 44 -6.99 -62.21 -24.71
CA LYS E 44 -6.88 -62.54 -23.29
C LYS E 44 -6.00 -63.76 -23.10
N GLN E 45 -6.03 -64.73 -24.02
CA GLN E 45 -5.06 -65.80 -23.99
C GLN E 45 -3.64 -65.26 -24.15
N TYR E 46 -3.47 -64.20 -24.96
CA TYR E 46 -2.16 -63.58 -25.07
C TYR E 46 -1.68 -62.97 -23.76
N GLU E 47 -2.54 -62.24 -23.05
CA GLU E 47 -2.06 -61.70 -21.76
C GLU E 47 -1.83 -62.82 -20.75
N ASP E 48 -2.59 -63.92 -20.85
CA ASP E 48 -2.28 -65.08 -20.01
C ASP E 48 -0.89 -65.60 -20.32
N ALA E 49 -0.53 -65.68 -21.60
CA ALA E 49 0.82 -66.08 -21.98
C ALA E 49 1.85 -65.08 -21.47
N ILE E 50 1.53 -63.79 -21.51
CA ILE E 50 2.45 -62.77 -21.02
C ILE E 50 2.74 -62.98 -19.54
N LYS E 51 1.69 -63.13 -18.74
CA LYS E 51 1.89 -63.29 -17.30
C LYS E 51 2.54 -64.63 -16.98
N LEU E 52 2.35 -65.64 -17.83
CA LEU E 52 3.06 -66.91 -17.63
C LEU E 52 4.55 -66.74 -17.93
N TYR E 53 4.88 -66.02 -18.99
CA TYR E 53 6.29 -65.88 -19.40
C TYR E 53 7.06 -64.97 -18.45
N LYS E 54 6.45 -63.86 -18.02
CA LYS E 54 7.11 -62.96 -17.09
C LYS E 54 7.33 -63.60 -15.73
N ALA E 55 6.48 -64.54 -15.34
CA ALA E 55 6.63 -65.23 -14.06
C ALA E 55 7.82 -66.19 -14.04
N GLY E 56 8.43 -66.45 -15.19
CA GLY E 56 9.57 -67.35 -15.29
C GLY E 56 9.25 -68.66 -15.99
N LYS E 57 7.98 -69.04 -16.07
CA LYS E 57 7.62 -70.27 -16.75
C LYS E 57 7.85 -70.12 -18.26
N PRO E 58 8.23 -71.21 -18.94
CA PRO E 58 8.43 -71.13 -20.39
C PRO E 58 7.15 -70.77 -21.12
N VAL E 59 7.29 -70.00 -22.18
CA VAL E 59 6.15 -69.56 -22.99
C VAL E 59 5.88 -70.56 -24.10
N PRO E 60 4.66 -71.07 -24.22
CA PRO E 60 4.34 -71.95 -25.35
C PRO E 60 4.34 -71.20 -26.67
N TYR E 61 4.62 -71.94 -27.74
CA TYR E 61 4.65 -71.39 -29.09
C TYR E 61 3.55 -71.95 -29.97
N ASP E 62 3.39 -73.28 -30.00
CA ASP E 62 2.35 -73.88 -30.82
C ASP E 62 0.95 -73.71 -30.21
N GLU E 63 0.87 -73.46 -28.90
CA GLU E 63 -0.44 -73.26 -28.27
C GLU E 63 -1.14 -72.02 -28.82
N LEU E 64 -0.39 -70.92 -28.98
CA LEU E 64 -0.96 -69.72 -29.55
C LEU E 64 -1.14 -69.87 -31.05
N PRO E 65 -2.13 -69.19 -31.64
CA PRO E 65 -2.38 -69.36 -33.08
C PRO E 65 -1.21 -68.89 -33.92
N VAL E 66 -1.10 -69.46 -35.12
CA VAL E 66 0.07 -69.23 -35.97
C VAL E 66 0.19 -67.75 -36.28
N PRO E 67 1.37 -67.15 -36.12
CA PRO E 67 1.50 -65.72 -36.38
C PRO E 67 1.45 -65.42 -37.86
N PRO E 68 1.04 -64.20 -38.24
CA PRO E 68 1.14 -63.78 -39.64
C PRO E 68 2.58 -63.46 -40.02
N GLY E 69 2.78 -62.91 -41.22
CA GLY E 69 4.11 -62.57 -41.67
C GLY E 69 4.65 -61.32 -40.99
N PHE E 70 4.91 -61.41 -39.68
CA PHE E 70 5.42 -60.28 -38.93
C PHE E 70 6.86 -59.97 -39.34
N GLY E 71 7.23 -58.70 -39.21
CA GLY E 71 8.58 -58.26 -39.55
C GLY E 71 9.49 -58.14 -38.34
#